data_4ABO
#
_entry.id   4ABO
#
_cell.length_a   1.000
_cell.length_b   1.000
_cell.length_c   1.000
_cell.angle_alpha   90.00
_cell.angle_beta   90.00
_cell.angle_gamma   90.00
#
_symmetry.space_group_name_H-M   'P 1'
#
loop_
_entity.id
_entity.type
_entity.pdbx_description
1 polymer 'TUBULIN BETA CHAIN'
2 polymer 'TUBULIN ALPHA-1A CHAIN'
3 polymer 'MICROTUBULE INTEGRITY PROTEIN MAL3'
4 non-polymer "5'-GUANOSINE-DIPHOSPHATE-MONOTHIOPHOSPHATE"
5 non-polymer "GUANOSINE-5'-TRIPHOSPHATE"
#
loop_
_entity_poly.entity_id
_entity_poly.type
_entity_poly.pdbx_seq_one_letter_code
_entity_poly.pdbx_strand_id
1 'polypeptide(L)'
;MREIVHIQAGQCGNQIGAKFWEVISDEHGIDPTGSYHGDSDLQLERINVYYNEAAGNKYVPRAILVDLEPGTMDSVRSGP
FGQIFRPDNFVFGQSGAGNNWAKGHYTEGAELVDSVLDVVRKESESCDCLQGFQLTHSLGGGTGSGMGTLLISKIREEYP
DRIMNTFSVVPSPKVSDTVVEPYNATLSVHQLVENTDETYCIDNEALYDICFRTLKLTTPTYGDLNHLVSATMSGVTTCL
RFPGQLNADLRKLAVNMVPFPRLHFFMPGFAPLTSRGSQQYRALTVPELTQQMFDAKNMMAACDPRHGRYLTVAAVFRGR
MSMKEVDEQMLNVQNKNSSYFVEWIPNNVKTAVCDIPPRGLKMSATFIGNSTAIQELFKRISEQFTAMFRRKAFLHWYTG
EGMDEMEFTEAESNMNDLVSEYQQYQDATADEQGEFEEEGEEDEA
;
A,C,E,G
2 'polypeptide(L)'
;MRECISIHVGQAGVQIGNACWELYCLEHGIQPDGQMPSDKTIGGGDDSFNTFFSETGAGKHVPRAVFVDLEPTVIDEVRT
GTYRQLFHPEQLITGKEDAANNYARGHYTIGKEIIDLVLDRIRKLADQCTGLQGFSVFHSFGGGTGSGFTSLLMERLSVD
YGKKSKLEFSIYPAPQVSTAVVEPYNSILTTHTTLEHSDCAFMVDNEAIYDICRRNLDIERPTYTNLNRLIGQIVSSITA
SLRFDGALNVDLTEFQTNLVPYPRGHFPLATYAPVISAEKAYHEQLSVAEITNACFEPANQMVKCDPRHGKYMACCLLYR
GDVVPKDVNAAIATIKTKRTIQFVDWCPTGFKVGINYEPPTVVPGGDLAKVQRAVCMLSNTTAIAEAWARLDHKFDLMYA
KRAFVHWYVGEGMEEGEFSEAREDMAALEKDYEEVGVDSVEGEGEEEGEEY
;
B,D,F,H
3 'polypeptide(L)'
;GAMGSESRQELLAWINQVTSLGLTRIEDCGKGYAMIQIFDSIYQDIPLKKVNFECNNEYQYINNWKVLQQVFLKKGIDKV
VDPERLSRCKMQDNLEFVQWAKRFWDQYYPGGDYDALARRGNRGPANTRVMNSSAGATGPSRRRQ
;
I
#
# COMPACT_ATOMS: atom_id res chain seq x y z
CA ARG A 2 -28.72 24.58 24.78
C ARG A 2 -29.11 25.82 25.57
N GLU A 3 -30.38 26.21 25.48
CA GLU A 3 -30.88 27.41 26.18
C GLU A 3 -32.40 27.43 26.40
N ILE A 4 -32.86 28.44 27.12
CA ILE A 4 -34.28 28.66 27.43
C ILE A 4 -34.45 30.15 27.80
N VAL A 5 -35.67 30.66 27.70
CA VAL A 5 -35.93 32.05 28.08
C VAL A 5 -37.22 32.18 28.91
N HIS A 6 -37.02 32.32 30.21
CA HIS A 6 -38.09 32.43 31.17
C HIS A 6 -39.06 33.52 30.80
N ILE A 7 -40.30 33.40 31.27
CA ILE A 7 -41.34 34.40 31.01
C ILE A 7 -42.24 34.62 32.24
N GLN A 8 -42.11 35.80 32.86
CA GLN A 8 -42.87 36.19 34.06
C GLN A 8 -44.18 36.90 33.76
N ALA A 9 -45.17 36.18 33.25
CA ALA A 9 -46.46 36.78 32.93
C ALA A 9 -47.34 37.11 34.13
N GLY A 10 -47.86 38.34 34.16
CA GLY A 10 -48.71 38.75 35.26
C GLY A 10 -47.95 39.08 36.51
N GLN A 11 -48.66 39.28 37.62
CA GLN A 11 -48.02 39.61 38.90
C GLN A 11 -47.50 38.32 39.49
N CYS A 12 -48.41 37.38 39.73
CA CYS A 12 -48.01 36.11 40.30
C CYS A 12 -46.80 35.59 39.57
N GLY A 13 -47.03 35.19 38.31
CA GLY A 13 -45.95 34.68 37.50
C GLY A 13 -44.71 35.53 37.71
N ASN A 14 -44.94 36.80 38.01
CA ASN A 14 -43.85 37.72 38.23
C ASN A 14 -43.28 37.53 39.64
N GLN A 15 -44.13 37.67 40.65
CA GLN A 15 -43.73 37.51 42.04
C GLN A 15 -42.83 36.28 42.13
N ILE A 16 -43.29 35.20 41.52
CA ILE A 16 -42.56 33.93 41.48
C ILE A 16 -41.23 34.08 40.73
N GLY A 17 -41.23 34.91 39.70
CA GLY A 17 -40.01 35.13 38.96
C GLY A 17 -38.94 35.48 39.97
N ALA A 18 -39.25 36.43 40.84
CA ALA A 18 -38.32 36.86 41.85
C ALA A 18 -37.83 35.70 42.68
N LYS A 19 -38.69 34.72 42.92
CA LYS A 19 -38.27 33.58 43.74
C LYS A 19 -37.56 32.54 42.89
N PHE A 20 -38.00 32.37 41.66
CA PHE A 20 -37.34 31.40 40.79
C PHE A 20 -35.93 31.87 40.48
N TRP A 21 -35.76 33.17 40.40
CA TRP A 21 -34.45 33.70 40.11
C TRP A 21 -33.65 33.90 41.38
N GLU A 22 -34.36 34.10 42.48
CA GLU A 22 -33.72 34.25 43.77
C GLU A 22 -32.90 32.98 43.91
N VAL A 23 -33.60 31.85 43.81
CA VAL A 23 -33.00 30.53 43.92
C VAL A 23 -31.93 30.31 42.86
N ILE A 24 -32.39 29.85 41.70
CA ILE A 24 -31.56 29.55 40.56
C ILE A 24 -30.22 30.26 40.55
N SER A 25 -30.20 31.56 40.85
CA SER A 25 -28.96 32.31 40.86
C SER A 25 -27.97 31.69 41.85
N ASP A 26 -28.39 31.55 43.10
CA ASP A 26 -27.58 30.95 44.16
C ASP A 26 -27.15 29.55 43.74
N GLU A 27 -28.00 28.90 42.93
CA GLU A 27 -27.75 27.56 42.41
C GLU A 27 -26.90 27.76 41.15
N HIS A 28 -26.27 28.92 41.08
CA HIS A 28 -25.41 29.27 39.96
C HIS A 28 -24.49 30.42 40.35
N GLY A 29 -24.36 30.64 41.65
CA GLY A 29 -23.48 31.70 42.17
C GLY A 29 -23.49 33.08 41.53
N ILE A 30 -24.68 33.56 41.18
CA ILE A 30 -24.80 34.87 40.57
C ILE A 30 -25.45 35.85 41.55
N ASP A 31 -24.62 36.75 42.08
CA ASP A 31 -25.06 37.77 43.04
C ASP A 31 -25.83 38.85 42.27
N PRO A 32 -26.70 39.61 42.97
CA PRO A 32 -27.49 40.66 42.33
C PRO A 32 -27.00 41.03 40.94
N THR A 33 -26.01 41.90 40.86
CA THR A 33 -25.46 42.29 39.57
C THR A 33 -24.10 41.61 39.42
N GLY A 34 -23.61 41.08 40.55
CA GLY A 34 -22.32 40.40 40.55
C GLY A 34 -22.24 39.32 39.48
N SER A 35 -21.17 38.53 39.54
CA SER A 35 -20.98 37.47 38.57
C SER A 35 -21.11 36.10 39.17
N TYR A 36 -20.20 35.23 38.77
CA TYR A 36 -20.18 33.86 39.23
C TYR A 36 -19.22 33.66 40.42
N HIS A 37 -19.78 33.68 41.63
CA HIS A 37 -19.00 33.47 42.85
C HIS A 37 -18.95 31.97 43.12
N GLY A 38 -19.73 31.24 42.31
CA GLY A 38 -19.84 29.80 42.39
C GLY A 38 -18.85 29.07 43.27
N ASP A 39 -19.36 28.44 44.32
CA ASP A 39 -18.53 27.69 45.23
C ASP A 39 -17.73 26.69 44.42
N SER A 40 -18.29 26.26 43.30
CA SER A 40 -17.63 25.30 42.42
C SER A 40 -17.26 25.91 41.08
N ASP A 41 -17.05 25.05 40.09
CA ASP A 41 -16.67 25.47 38.74
C ASP A 41 -17.64 24.87 37.74
N LEU A 42 -18.49 23.97 38.22
CA LEU A 42 -19.48 23.30 37.39
C LEU A 42 -20.77 24.08 37.21
N GLN A 43 -21.04 24.99 38.15
CA GLN A 43 -22.25 25.81 38.09
C GLN A 43 -22.09 26.93 37.06
N LEU A 44 -21.21 26.72 36.09
CA LEU A 44 -20.92 27.74 35.09
C LEU A 44 -20.84 27.27 33.65
N GLU A 45 -20.35 26.05 33.45
CA GLU A 45 -20.21 25.50 32.12
C GLU A 45 -21.53 25.38 31.35
N ARG A 46 -22.64 25.49 32.06
CA ARG A 46 -23.94 25.35 31.43
C ARG A 46 -24.91 26.51 31.73
N ILE A 47 -24.45 27.52 32.47
CA ILE A 47 -25.34 28.64 32.81
C ILE A 47 -26.11 29.17 31.62
N ASN A 48 -25.39 29.48 30.55
CA ASN A 48 -25.98 30.02 29.32
C ASN A 48 -27.47 29.78 29.24
N VAL A 49 -27.90 28.55 29.54
CA VAL A 49 -29.31 28.20 29.52
C VAL A 49 -30.24 29.31 30.06
N TYR A 50 -29.73 30.13 30.98
CA TYR A 50 -30.53 31.20 31.57
C TYR A 50 -29.93 32.61 31.58
N TYR A 51 -28.74 32.79 31.05
CA TYR A 51 -28.13 34.12 31.07
C TYR A 51 -27.51 34.58 29.75
N ASN A 52 -26.81 35.71 29.79
CA ASN A 52 -26.14 36.26 28.62
C ASN A 52 -24.85 36.96 28.98
N GLU A 53 -23.86 36.85 28.10
CA GLU A 53 -22.55 37.47 28.32
C GLU A 53 -22.46 38.87 27.71
N ALA A 54 -22.21 39.87 28.57
CA ALA A 54 -22.07 41.25 28.12
C ALA A 54 -20.80 41.84 28.71
N ALA A 55 -20.84 42.14 29.99
CA ALA A 55 -19.69 42.71 30.68
C ALA A 55 -18.61 41.65 30.88
N GLY A 56 -18.75 40.87 31.94
CA GLY A 56 -17.78 39.83 32.25
C GLY A 56 -17.96 39.40 33.69
N ASN A 57 -18.93 40.04 34.33
CA ASN A 57 -19.29 39.80 35.72
C ASN A 57 -20.80 39.95 35.78
N LYS A 58 -21.38 40.34 34.65
CA LYS A 58 -22.81 40.55 34.56
C LYS A 58 -23.50 39.58 33.62
N TYR A 59 -23.89 38.44 34.17
CA TYR A 59 -24.61 37.43 33.42
C TYR A 59 -26.05 37.76 33.77
N VAL A 60 -26.77 38.36 32.83
CA VAL A 60 -28.15 38.76 33.10
C VAL A 60 -29.21 37.73 32.76
N PRO A 61 -30.11 37.46 33.70
CA PRO A 61 -31.18 36.50 33.47
C PRO A 61 -31.92 36.83 32.18
N ARG A 62 -32.11 35.81 31.37
CA ARG A 62 -32.78 35.96 30.09
C ARG A 62 -34.24 35.55 30.19
N ALA A 63 -35.01 36.40 30.88
CA ALA A 63 -36.43 36.18 31.08
C ALA A 63 -37.21 37.39 30.59
N ILE A 64 -38.53 37.31 30.66
CA ILE A 64 -39.34 38.45 30.25
C ILE A 64 -40.29 38.76 31.39
N LEU A 65 -40.51 40.04 31.64
CA LEU A 65 -41.41 40.47 32.72
C LEU A 65 -42.57 41.23 32.11
N VAL A 66 -43.67 40.50 31.93
CA VAL A 66 -44.88 41.03 31.32
C VAL A 66 -45.96 41.29 32.37
N ASP A 67 -46.45 42.54 32.40
CA ASP A 67 -47.48 42.92 33.36
C ASP A 67 -48.08 44.30 33.07
N LEU A 68 -49.39 44.43 33.26
CA LEU A 68 -50.12 45.66 33.01
C LEU A 68 -50.32 46.50 34.28
N GLU A 69 -49.63 46.12 35.34
CA GLU A 69 -49.73 46.81 36.63
C GLU A 69 -48.31 47.23 36.99
N PRO A 70 -48.02 48.54 36.89
CA PRO A 70 -46.67 48.96 37.24
C PRO A 70 -46.22 48.50 38.64
N GLY A 71 -46.84 49.05 39.68
CA GLY A 71 -46.51 48.69 41.06
C GLY A 71 -45.84 47.33 41.26
N THR A 72 -46.36 46.31 40.59
CA THR A 72 -45.80 44.96 40.72
C THR A 72 -44.33 44.92 40.33
N MET A 73 -44.07 44.94 39.02
CA MET A 73 -42.70 44.90 38.52
C MET A 73 -41.84 45.97 39.20
N ASP A 74 -42.50 46.99 39.73
CA ASP A 74 -41.82 48.08 40.43
C ASP A 74 -41.61 47.75 41.90
N SER A 75 -41.88 46.49 42.25
CA SER A 75 -41.69 46.00 43.61
C SER A 75 -40.62 44.92 43.47
N VAL A 76 -40.66 44.25 42.32
CA VAL A 76 -39.71 43.21 42.00
C VAL A 76 -38.42 43.86 41.54
N ARG A 77 -38.54 45.04 40.95
CA ARG A 77 -37.36 45.75 40.46
C ARG A 77 -36.81 46.70 41.52
N SER A 78 -37.54 46.90 42.61
CA SER A 78 -37.10 47.80 43.67
C SER A 78 -36.70 47.08 44.95
N GLY A 79 -36.58 45.75 44.88
CA GLY A 79 -36.22 44.99 46.06
C GLY A 79 -34.85 44.33 45.97
N PRO A 80 -34.74 43.04 46.36
CA PRO A 80 -33.46 42.31 46.31
C PRO A 80 -32.88 42.18 44.90
N PHE A 81 -32.81 40.96 44.41
CA PHE A 81 -32.26 40.69 43.07
C PHE A 81 -32.91 41.50 41.96
N GLY A 82 -33.89 42.33 42.32
CA GLY A 82 -34.58 43.12 41.33
C GLY A 82 -33.73 43.92 40.35
N GLN A 83 -32.49 44.22 40.72
CA GLN A 83 -31.64 45.01 39.84
C GLN A 83 -30.65 44.23 38.99
N ILE A 84 -31.06 43.04 38.52
CA ILE A 84 -30.20 42.21 37.69
C ILE A 84 -30.78 42.08 36.29
N PHE A 85 -32.09 42.29 36.17
CA PHE A 85 -32.76 42.22 34.89
C PHE A 85 -32.41 43.48 34.11
N ARG A 86 -32.06 43.34 32.83
CA ARG A 86 -31.77 44.50 32.00
C ARG A 86 -33.15 45.13 31.85
N PRO A 87 -33.26 46.47 32.00
CA PRO A 87 -34.55 47.16 31.87
C PRO A 87 -35.33 46.78 30.62
N ASP A 88 -34.60 46.43 29.58
CA ASP A 88 -35.19 46.03 28.32
C ASP A 88 -36.19 44.88 28.55
N ASN A 89 -35.92 44.09 29.59
CA ASN A 89 -36.76 42.94 29.95
C ASN A 89 -38.16 43.31 30.44
N PHE A 90 -38.26 44.45 31.11
CA PHE A 90 -39.54 44.92 31.64
C PHE A 90 -40.54 45.38 30.58
N VAL A 91 -41.47 44.51 30.20
CA VAL A 91 -42.47 44.91 29.23
C VAL A 91 -43.74 45.18 30.03
N PHE A 92 -43.84 46.41 30.52
CA PHE A 92 -44.97 46.85 31.32
C PHE A 92 -46.13 47.37 30.49
N GLY A 93 -47.28 47.53 31.13
CA GLY A 93 -48.46 48.06 30.48
C GLY A 93 -49.14 48.91 31.51
N GLN A 94 -48.68 50.16 31.67
CA GLN A 94 -49.23 51.05 32.68
C GLN A 94 -50.75 51.21 32.63
N SER A 95 -51.38 50.59 31.64
CA SER A 95 -52.82 50.64 31.48
C SER A 95 -53.50 50.17 32.78
N GLY A 96 -54.80 49.91 32.70
CA GLY A 96 -55.50 49.41 33.88
C GLY A 96 -55.41 47.90 33.81
N ALA A 97 -54.52 47.29 34.58
CA ALA A 97 -54.35 45.84 34.55
C ALA A 97 -55.58 45.06 35.05
N GLY A 98 -56.77 45.55 34.70
CA GLY A 98 -58.01 44.90 35.13
C GLY A 98 -57.92 43.41 35.26
N ASN A 99 -58.63 42.87 36.24
CA ASN A 99 -58.62 41.43 36.50
C ASN A 99 -59.40 40.59 35.50
N ASN A 100 -59.49 41.10 34.28
CA ASN A 100 -60.24 40.42 33.25
C ASN A 100 -59.38 39.73 32.20
N TRP A 101 -59.61 38.43 32.02
CA TRP A 101 -58.88 37.63 31.04
C TRP A 101 -58.99 38.32 29.71
N ALA A 102 -60.17 38.85 29.45
CA ALA A 102 -60.45 39.54 28.22
C ALA A 102 -59.73 40.85 28.17
N LYS A 103 -59.48 41.47 29.31
CA LYS A 103 -58.81 42.76 29.30
C LYS A 103 -57.31 42.66 29.08
N GLY A 104 -56.76 41.47 29.29
CA GLY A 104 -55.33 41.29 29.08
C GLY A 104 -55.02 40.36 27.92
N HIS A 105 -56.04 39.96 27.17
CA HIS A 105 -55.83 39.07 26.06
C HIS A 105 -56.34 39.65 24.77
N TYR A 106 -57.37 40.48 24.83
CA TYR A 106 -57.93 41.08 23.61
C TYR A 106 -57.85 42.59 23.50
N THR A 107 -58.05 43.26 24.62
CA THR A 107 -58.07 44.70 24.57
C THR A 107 -56.86 45.42 25.07
N GLU A 108 -56.46 45.14 26.29
CA GLU A 108 -55.31 45.84 26.82
C GLU A 108 -54.02 45.13 26.49
N GLY A 109 -53.95 43.83 26.76
CA GLY A 109 -52.74 43.09 26.50
C GLY A 109 -52.35 43.01 25.04
N ALA A 110 -53.34 42.84 24.18
CA ALA A 110 -53.08 42.72 22.75
C ALA A 110 -52.21 43.83 22.21
N GLU A 111 -52.20 44.98 22.87
CA GLU A 111 -51.38 46.08 22.40
C GLU A 111 -49.94 45.87 22.82
N LEU A 112 -49.76 45.63 24.12
CA LEU A 112 -48.45 45.43 24.71
C LEU A 112 -47.72 44.19 24.18
N VAL A 113 -48.44 43.33 23.48
CA VAL A 113 -47.89 42.09 22.94
C VAL A 113 -46.72 42.29 21.98
N ASP A 114 -46.94 43.06 20.91
CA ASP A 114 -45.92 43.30 19.92
C ASP A 114 -44.63 43.81 20.56
N SER A 115 -44.75 44.67 21.57
CA SER A 115 -43.59 45.21 22.26
C SER A 115 -42.97 44.15 23.17
N VAL A 116 -43.58 42.96 23.21
CA VAL A 116 -43.07 41.87 24.01
C VAL A 116 -42.39 40.96 23.02
N LEU A 117 -43.17 40.41 22.09
CA LEU A 117 -42.62 39.50 21.08
C LEU A 117 -41.29 40.02 20.57
N ASP A 118 -41.22 41.35 20.47
CA ASP A 118 -40.05 42.06 20.01
C ASP A 118 -38.86 41.54 20.81
N VAL A 119 -38.98 41.63 22.12
CA VAL A 119 -37.92 41.18 23.00
C VAL A 119 -37.77 39.67 23.02
N VAL A 120 -38.90 38.94 23.11
CA VAL A 120 -38.83 37.48 23.14
C VAL A 120 -38.02 36.97 21.93
N ARG A 121 -37.83 37.85 20.94
CA ARG A 121 -37.05 37.52 19.74
C ARG A 121 -35.63 37.99 19.95
N LYS A 122 -35.47 39.12 20.62
CA LYS A 122 -34.14 39.62 20.89
C LYS A 122 -33.41 38.61 21.76
N GLU A 123 -34.15 37.95 22.64
CA GLU A 123 -33.58 36.97 23.56
C GLU A 123 -33.41 35.61 22.91
N SER A 124 -34.33 35.24 22.03
CA SER A 124 -34.28 33.95 21.36
C SER A 124 -33.10 33.93 20.39
N GLU A 125 -32.95 35.02 19.64
CA GLU A 125 -31.87 35.17 18.67
C GLU A 125 -30.58 35.57 19.39
N SER A 126 -30.55 35.35 20.68
CA SER A 126 -29.38 35.66 21.49
C SER A 126 -28.23 34.95 20.81
N CYS A 127 -28.03 33.70 21.20
CA CYS A 127 -26.96 32.89 20.63
C CYS A 127 -27.22 31.39 20.74
N ASP A 128 -26.20 30.63 20.34
CA ASP A 128 -26.22 29.17 20.34
C ASP A 128 -27.56 28.63 19.83
N CYS A 129 -28.07 27.60 20.50
CA CYS A 129 -29.33 26.97 20.11
C CYS A 129 -30.37 27.03 21.22
N LEU A 130 -31.55 27.50 20.85
CA LEU A 130 -32.67 27.61 21.79
C LEU A 130 -33.37 26.27 21.96
N GLN A 131 -33.75 26.01 23.20
CA GLN A 131 -34.44 24.77 23.57
C GLN A 131 -35.96 25.03 23.70
N GLY A 132 -36.28 25.97 24.58
CA GLY A 132 -37.68 26.36 24.85
C GLY A 132 -37.74 27.54 25.82
N PHE A 133 -38.97 27.86 26.21
CA PHE A 133 -39.25 28.97 27.13
C PHE A 133 -40.04 28.50 28.35
N GLN A 134 -39.65 29.05 29.49
CA GLN A 134 -40.31 28.81 30.78
C GLN A 134 -41.36 29.90 30.97
N LEU A 135 -42.53 29.49 31.41
CA LEU A 135 -43.66 30.42 31.58
C LEU A 135 -44.31 30.25 32.95
N THR A 136 -44.28 31.34 33.68
CA THR A 136 -44.89 31.43 35.02
C THR A 136 -46.05 32.42 34.98
N HIS A 137 -47.09 32.06 35.71
CA HIS A 137 -48.30 32.88 35.79
C HIS A 137 -49.39 32.14 36.55
N SER A 138 -50.47 32.85 36.75
CA SER A 138 -51.65 32.34 37.45
C SER A 138 -52.84 32.43 36.51
N LEU A 139 -53.63 31.37 36.51
CA LEU A 139 -54.80 31.29 35.65
C LEU A 139 -56.01 31.91 36.32
N GLY A 140 -55.77 32.86 37.21
CA GLY A 140 -56.86 33.51 37.90
C GLY A 140 -56.77 35.03 37.92
N GLY A 141 -56.50 35.61 36.75
CA GLY A 141 -56.38 37.06 36.63
C GLY A 141 -56.17 37.53 35.18
N GLY A 142 -55.99 38.82 35.01
CA GLY A 142 -55.79 39.37 33.67
C GLY A 142 -54.41 39.11 33.13
N THR A 143 -53.46 39.93 33.55
CA THR A 143 -52.07 39.80 33.09
C THR A 143 -51.51 38.39 33.16
N GLY A 144 -52.20 37.51 33.85
CA GLY A 144 -51.70 36.15 33.99
C GLY A 144 -52.26 35.22 32.94
N SER A 145 -53.53 34.89 33.09
CA SER A 145 -54.18 33.96 32.18
C SER A 145 -54.39 34.51 30.78
N GLY A 146 -54.88 35.74 30.69
CA GLY A 146 -55.12 36.33 29.38
C GLY A 146 -53.88 36.70 28.62
N MET A 147 -53.20 37.75 29.08
CA MET A 147 -52.00 38.22 28.40
C MET A 147 -50.84 37.24 28.31
N GLY A 148 -50.70 36.37 29.30
CA GLY A 148 -49.62 35.40 29.28
C GLY A 148 -49.99 34.25 28.38
N THR A 149 -51.29 33.98 28.31
CA THR A 149 -51.78 32.89 27.49
C THR A 149 -51.73 33.33 26.05
N LEU A 150 -51.55 34.62 25.83
CA LEU A 150 -51.44 35.14 24.47
C LEU A 150 -49.98 35.05 24.10
N LEU A 151 -49.13 35.51 25.00
CA LEU A 151 -47.71 35.48 24.79
C LEU A 151 -47.28 34.17 24.24
N ILE A 152 -47.89 33.09 24.70
CA ILE A 152 -47.49 31.78 24.22
C ILE A 152 -48.09 31.47 22.85
N SER A 153 -49.36 31.75 22.68
CA SER A 153 -50.03 31.49 21.41
C SER A 153 -49.24 32.11 20.26
N LYS A 154 -48.48 33.15 20.59
CA LYS A 154 -47.65 33.86 19.63
C LYS A 154 -46.29 33.17 19.57
N ILE A 155 -45.75 32.85 20.73
CA ILE A 155 -44.47 32.16 20.80
C ILE A 155 -44.54 30.87 19.95
N ARG A 156 -45.59 30.07 20.19
CA ARG A 156 -45.82 28.79 19.48
C ARG A 156 -46.15 28.90 18.01
N GLU A 157 -46.01 30.09 17.45
CA GLU A 157 -46.31 30.32 16.05
C GLU A 157 -45.00 30.75 15.46
N GLU A 158 -44.15 31.25 16.34
CA GLU A 158 -42.83 31.75 15.98
C GLU A 158 -41.75 30.67 16.04
N TYR A 159 -41.94 29.66 16.88
CA TYR A 159 -40.95 28.59 16.94
C TYR A 159 -41.62 27.29 17.37
N PRO A 160 -42.52 26.76 16.52
CA PRO A 160 -43.21 25.50 16.84
C PRO A 160 -42.24 24.33 16.99
N ASP A 161 -40.96 24.67 17.10
CA ASP A 161 -39.88 23.72 17.28
C ASP A 161 -39.43 23.70 18.74
N ARG A 162 -39.02 24.86 19.24
CA ARG A 162 -38.58 24.94 20.61
C ARG A 162 -39.75 24.60 21.53
N ILE A 163 -39.45 24.01 22.68
CA ILE A 163 -40.49 23.61 23.64
C ILE A 163 -41.10 24.75 24.44
N MET A 164 -42.13 24.41 25.22
CA MET A 164 -42.86 25.36 26.04
C MET A 164 -43.38 24.79 27.36
N ASN A 165 -42.58 24.96 28.41
CA ASN A 165 -42.98 24.49 29.72
C ASN A 165 -43.82 25.59 30.30
N THR A 166 -44.90 25.21 30.94
CA THR A 166 -45.77 26.20 31.54
C THR A 166 -45.98 25.87 33.00
N PHE A 167 -45.72 26.85 33.86
CA PHE A 167 -45.92 26.74 35.28
C PHE A 167 -47.15 27.57 35.63
N SER A 168 -48.28 26.89 35.78
CA SER A 168 -49.54 27.52 36.10
C SER A 168 -50.00 27.32 37.54
N VAL A 169 -50.53 28.39 38.11
CA VAL A 169 -51.02 28.35 39.46
C VAL A 169 -52.54 28.19 39.39
N VAL A 170 -52.96 27.02 38.92
CA VAL A 170 -54.37 26.70 38.81
C VAL A 170 -55.11 27.13 40.09
N PRO A 171 -56.31 27.70 39.94
CA PRO A 171 -57.16 28.17 41.02
C PRO A 171 -57.39 27.13 42.10
N SER A 172 -56.82 27.42 43.28
CA SER A 172 -56.94 26.53 44.42
C SER A 172 -58.40 26.31 44.75
N PRO A 173 -58.74 25.11 45.24
CA PRO A 173 -60.14 24.80 45.59
C PRO A 173 -60.71 25.57 46.79
N LYS A 174 -60.71 24.92 47.96
CA LYS A 174 -61.24 25.50 49.20
C LYS A 174 -61.63 26.99 49.11
N VAL A 175 -60.66 27.86 48.85
CA VAL A 175 -60.93 29.29 48.75
C VAL A 175 -60.27 29.92 47.53
N SER A 176 -61.03 30.71 46.78
CA SER A 176 -60.50 31.36 45.59
C SER A 176 -60.05 32.79 45.88
N ASP A 177 -58.78 33.07 45.61
CA ASP A 177 -58.21 34.37 45.88
C ASP A 177 -58.67 35.44 44.92
N THR A 178 -59.74 35.13 44.20
CA THR A 178 -60.38 36.03 43.24
C THR A 178 -61.82 35.56 43.07
N VAL A 179 -62.62 36.28 42.29
CA VAL A 179 -64.01 35.90 42.14
C VAL A 179 -64.40 35.30 40.81
N VAL A 180 -63.88 35.84 39.73
CA VAL A 180 -64.21 35.33 38.42
C VAL A 180 -63.31 34.15 38.10
N GLU A 181 -62.27 34.01 38.92
CA GLU A 181 -61.30 32.93 38.82
C GLU A 181 -61.56 31.90 37.72
N PRO A 182 -62.66 31.11 37.80
CA PRO A 182 -62.95 30.11 36.76
C PRO A 182 -63.08 30.69 35.36
N TYR A 183 -63.37 31.98 35.29
CA TYR A 183 -63.48 32.69 34.03
C TYR A 183 -62.07 32.88 33.49
N ASN A 184 -61.24 33.59 34.25
CA ASN A 184 -59.85 33.81 33.84
C ASN A 184 -59.14 32.46 33.65
N ALA A 185 -59.56 31.45 34.40
CA ALA A 185 -58.92 30.13 34.32
C ALA A 185 -59.33 29.33 33.10
N THR A 186 -60.57 28.88 33.10
CA THR A 186 -61.06 28.09 31.99
C THR A 186 -60.56 28.65 30.68
N LEU A 187 -60.52 29.97 30.59
CA LEU A 187 -60.06 30.64 29.38
C LEU A 187 -58.57 30.49 29.08
N SER A 188 -57.77 30.37 30.13
CA SER A 188 -56.34 30.23 29.91
C SER A 188 -55.93 28.78 29.70
N VAL A 189 -56.55 27.85 30.42
CA VAL A 189 -56.23 26.42 30.26
C VAL A 189 -56.47 26.03 28.80
N HIS A 190 -57.53 26.58 28.26
CA HIS A 190 -57.94 26.41 26.87
C HIS A 190 -56.69 26.65 26.00
N GLN A 191 -56.13 27.85 26.12
CA GLN A 191 -54.93 28.30 25.37
C GLN A 191 -53.72 27.40 25.62
N LEU A 192 -53.64 26.87 26.83
CA LEU A 192 -52.55 25.99 27.25
C LEU A 192 -52.60 24.64 26.53
N VAL A 193 -53.74 23.95 26.64
CA VAL A 193 -53.98 22.63 26.04
C VAL A 193 -53.70 22.67 24.56
N GLU A 194 -53.35 23.85 24.05
CA GLU A 194 -53.15 23.98 22.63
C GLU A 194 -51.98 24.79 22.14
N ASN A 195 -50.98 24.95 23.01
CA ASN A 195 -49.77 25.67 22.65
C ASN A 195 -48.60 25.11 23.44
N THR A 196 -48.45 25.42 24.72
CA THR A 196 -47.34 24.86 25.51
C THR A 196 -47.43 23.32 25.49
N ASP A 197 -46.31 22.62 25.65
CA ASP A 197 -46.35 21.16 25.62
C ASP A 197 -45.87 20.46 26.89
N GLU A 198 -45.81 21.21 27.98
CA GLU A 198 -45.41 20.73 29.31
C GLU A 198 -45.89 21.79 30.30
N THR A 199 -46.85 21.42 31.14
CA THR A 199 -47.39 22.35 32.12
C THR A 199 -47.28 21.79 33.52
N TYR A 200 -46.76 22.60 34.43
CA TYR A 200 -46.64 22.17 35.82
C TYR A 200 -47.56 23.03 36.72
N CYS A 201 -48.73 22.47 37.02
CA CYS A 201 -49.78 23.11 37.82
C CYS A 201 -49.56 23.04 39.32
N ILE A 202 -49.46 24.22 39.92
CA ILE A 202 -49.24 24.36 41.35
C ILE A 202 -50.47 25.00 42.00
N ASP A 203 -50.76 24.60 43.24
CA ASP A 203 -51.93 25.10 43.98
C ASP A 203 -51.58 25.74 45.31
N ASN A 204 -51.77 27.06 45.40
CA ASN A 204 -51.46 27.79 46.60
C ASN A 204 -51.85 27.09 47.90
N GLU A 205 -52.89 26.24 47.86
CA GLU A 205 -53.33 25.53 49.06
C GLU A 205 -52.78 24.10 49.16
N ALA A 206 -52.28 23.58 48.05
CA ALA A 206 -51.69 22.26 48.09
C ALA A 206 -50.33 22.52 48.71
N LEU A 207 -49.84 23.74 48.52
CA LEU A 207 -48.56 24.20 49.04
C LEU A 207 -48.69 24.45 50.52
N TYR A 208 -49.63 25.30 50.91
CA TYR A 208 -49.83 25.59 52.31
C TYR A 208 -49.71 24.26 53.01
N ASP A 209 -50.68 23.38 52.76
CA ASP A 209 -50.68 22.06 53.36
C ASP A 209 -49.26 21.53 53.41
N ILE A 210 -48.74 21.18 52.25
CA ILE A 210 -47.40 20.64 52.11
C ILE A 210 -46.33 21.52 52.76
N CYS A 211 -46.72 22.74 53.11
CA CYS A 211 -45.78 23.69 53.71
C CYS A 211 -46.04 23.95 55.18
N PHE A 212 -47.21 23.54 55.67
CA PHE A 212 -47.56 23.73 57.07
C PHE A 212 -47.58 22.41 57.84
N ARG A 213 -47.52 21.29 57.12
CA ARG A 213 -47.50 20.01 57.79
C ARG A 213 -46.26 19.19 57.41
N THR A 214 -45.65 19.51 56.27
CA THR A 214 -44.46 18.81 55.82
C THR A 214 -43.24 19.68 56.12
N LEU A 215 -43.54 20.85 56.66
CA LEU A 215 -42.59 21.85 57.11
C LEU A 215 -43.45 22.42 58.22
N LYS A 216 -43.17 22.07 59.46
CA LYS A 216 -43.96 22.54 60.58
C LYS A 216 -44.17 24.05 60.50
N LEU A 217 -43.73 24.67 59.41
CA LEU A 217 -43.85 26.10 59.17
C LEU A 217 -45.25 26.62 59.52
N THR A 218 -45.32 27.48 60.54
CA THR A 218 -46.59 28.04 61.01
C THR A 218 -47.07 29.30 60.28
N THR A 219 -46.14 30.10 59.77
CA THR A 219 -46.50 31.31 59.03
C THR A 219 -45.96 31.27 57.61
N PRO A 220 -46.56 30.42 56.76
CA PRO A 220 -46.13 30.30 55.38
C PRO A 220 -46.50 31.48 54.51
N THR A 221 -45.62 32.47 54.49
CA THR A 221 -45.87 33.66 53.69
C THR A 221 -45.85 33.24 52.21
N TYR A 222 -46.30 34.14 51.32
CA TYR A 222 -46.27 33.81 49.91
C TYR A 222 -44.84 33.51 49.51
N GLY A 223 -43.94 34.42 49.86
CA GLY A 223 -42.54 34.24 49.53
C GLY A 223 -42.14 32.78 49.62
N ASP A 224 -42.63 32.14 50.67
CA ASP A 224 -42.35 30.73 50.91
C ASP A 224 -42.92 29.90 49.77
N LEU A 225 -44.24 29.80 49.72
CA LEU A 225 -44.89 29.02 48.67
C LEU A 225 -44.07 29.15 47.41
N ASN A 226 -43.94 30.40 46.96
CA ASN A 226 -43.17 30.72 45.77
C ASN A 226 -41.83 29.99 45.83
N HIS A 227 -41.13 30.20 46.93
CA HIS A 227 -39.84 29.59 47.15
C HIS A 227 -39.86 28.08 46.94
N LEU A 228 -40.86 27.42 47.49
CA LEU A 228 -40.98 25.97 47.36
C LEU A 228 -41.14 25.59 45.88
N VAL A 229 -42.05 26.28 45.22
CA VAL A 229 -42.32 26.06 43.80
C VAL A 229 -41.03 26.18 42.99
N SER A 230 -40.43 27.35 43.12
CA SER A 230 -39.17 27.70 42.41
C SER A 230 -38.11 26.62 42.63
N ALA A 231 -38.28 25.90 43.71
CA ALA A 231 -37.36 24.81 44.10
C ALA A 231 -37.49 23.63 43.13
N THR A 232 -38.71 23.43 42.69
CA THR A 232 -39.06 22.33 41.78
C THR A 232 -38.66 22.64 40.33
N MET A 233 -38.95 23.86 39.91
CA MET A 233 -38.66 24.28 38.53
C MET A 233 -37.15 24.37 38.30
N SER A 234 -36.39 24.33 39.39
CA SER A 234 -34.92 24.37 39.33
C SER A 234 -34.39 22.95 39.13
N GLY A 235 -35.09 22.03 39.76
CA GLY A 235 -34.76 20.59 39.69
C GLY A 235 -35.02 20.08 38.28
N VAL A 236 -36.10 20.60 37.72
CA VAL A 236 -36.53 20.26 36.36
C VAL A 236 -35.47 20.65 35.34
N THR A 237 -35.60 21.89 34.91
CA THR A 237 -34.70 22.49 33.90
C THR A 237 -33.26 22.49 34.39
N THR A 238 -32.79 23.69 34.66
CA THR A 238 -31.42 23.98 35.11
C THR A 238 -30.67 22.73 35.52
N CYS A 239 -31.28 21.98 36.42
CA CYS A 239 -30.70 20.75 36.93
C CYS A 239 -30.19 19.87 35.79
N LEU A 240 -31.11 19.35 34.99
CA LEU A 240 -30.74 18.48 33.89
C LEU A 240 -29.71 19.05 32.95
N ARG A 241 -29.47 20.34 33.07
CA ARG A 241 -28.47 20.98 32.24
C ARG A 241 -27.16 20.89 32.98
N PHE A 242 -27.09 19.82 33.78
CA PHE A 242 -25.91 19.48 34.57
C PHE A 242 -25.57 18.07 34.12
N PRO A 243 -24.38 17.59 34.51
CA PRO A 243 -23.98 16.24 34.12
C PRO A 243 -24.83 15.23 34.86
N GLY A 244 -24.61 13.95 34.60
CA GLY A 244 -25.36 12.91 35.27
C GLY A 244 -25.08 11.55 34.67
N GLN A 245 -25.21 10.50 35.46
CA GLN A 245 -24.96 9.17 34.94
C GLN A 245 -25.96 9.00 33.81
N LEU A 246 -27.19 9.42 34.08
CA LEU A 246 -28.27 9.35 33.11
C LEU A 246 -29.01 10.67 33.10
N ASN A 247 -28.59 11.59 32.26
CA ASN A 247 -29.24 12.88 32.21
C ASN A 247 -30.25 12.98 31.10
N ALA A 248 -31.21 13.86 31.31
CA ALA A 248 -32.26 14.12 30.34
C ALA A 248 -32.30 15.63 30.17
N ASP A 249 -33.28 16.12 29.43
CA ASP A 249 -33.43 17.56 29.18
C ASP A 249 -34.82 17.79 28.61
N LEU A 250 -35.44 18.89 29.00
CA LEU A 250 -36.78 19.24 28.57
C LEU A 250 -37.41 18.26 27.60
N ARG A 251 -36.77 18.03 26.46
CA ARG A 251 -37.35 17.08 25.54
C ARG A 251 -37.49 15.70 26.15
N LYS A 252 -36.39 15.05 26.55
CA LYS A 252 -36.50 13.72 27.15
C LYS A 252 -37.73 13.79 28.03
N LEU A 253 -37.74 14.74 28.94
CA LEU A 253 -38.86 14.95 29.86
C LEU A 253 -40.15 15.02 29.08
N ALA A 254 -40.13 15.74 27.97
CA ALA A 254 -41.32 15.86 27.17
C ALA A 254 -41.58 14.56 26.41
N VAL A 255 -40.57 14.09 25.69
CA VAL A 255 -40.72 12.88 24.91
C VAL A 255 -40.87 11.59 25.68
N ASN A 256 -40.98 11.67 27.00
CA ASN A 256 -41.14 10.47 27.83
C ASN A 256 -42.37 10.64 28.66
N MET A 257 -42.89 11.86 28.67
CA MET A 257 -44.02 12.15 29.52
C MET A 257 -45.33 12.44 28.85
N VAL A 258 -45.30 12.72 27.56
CA VAL A 258 -46.55 13.03 26.91
C VAL A 258 -46.95 11.96 25.92
N PRO A 259 -47.83 11.05 26.33
CA PRO A 259 -48.25 9.99 25.43
C PRO A 259 -49.15 10.58 24.35
N PHE A 260 -49.99 11.52 24.72
CA PHE A 260 -50.90 12.08 23.72
C PHE A 260 -50.96 13.61 23.69
N PRO A 261 -50.56 14.19 22.55
CA PRO A 261 -50.47 15.59 22.13
C PRO A 261 -51.22 16.68 22.86
N ARG A 262 -52.22 16.35 23.67
CA ARG A 262 -52.95 17.41 24.38
C ARG A 262 -51.93 18.42 24.90
N LEU A 263 -50.89 17.89 25.52
CA LEU A 263 -49.80 18.64 26.12
C LEU A 263 -49.72 18.07 27.50
N HIS A 264 -50.89 17.80 28.06
CA HIS A 264 -50.96 17.23 29.38
C HIS A 264 -50.21 18.03 30.42
N PHE A 265 -50.78 18.04 31.61
CA PHE A 265 -50.24 18.78 32.70
C PHE A 265 -49.76 17.82 33.73
N PHE A 266 -48.70 18.22 34.41
CA PHE A 266 -48.06 17.41 35.42
C PHE A 266 -48.31 17.96 36.79
N MET A 267 -47.60 17.43 37.77
CA MET A 267 -47.74 17.87 39.14
C MET A 267 -46.38 17.62 39.73
N PRO A 268 -45.62 18.69 39.94
CA PRO A 268 -44.27 18.59 40.52
C PRO A 268 -44.21 18.30 42.02
N GLY A 269 -43.15 17.59 42.42
CA GLY A 269 -42.95 17.23 43.82
C GLY A 269 -41.47 17.21 44.12
N PHE A 270 -41.07 17.87 45.20
CA PHE A 270 -39.66 17.92 45.57
C PHE A 270 -39.35 16.74 46.50
N ALA A 271 -38.07 16.44 46.66
CA ALA A 271 -37.67 15.32 47.51
C ALA A 271 -37.46 15.64 48.98
N PRO A 272 -36.24 16.04 49.38
CA PRO A 272 -36.09 16.30 50.80
C PRO A 272 -36.96 17.45 51.23
N LEU A 273 -38.10 17.16 51.84
CA LEU A 273 -38.94 18.22 52.30
C LEU A 273 -39.16 18.04 53.79
N THR A 274 -38.08 18.25 54.55
CA THR A 274 -38.12 18.07 56.00
C THR A 274 -37.99 19.41 56.73
N SER A 275 -38.67 19.56 57.86
CA SER A 275 -38.62 20.79 58.65
C SER A 275 -37.18 21.06 59.06
N ARG A 276 -36.83 22.33 59.27
CA ARG A 276 -35.45 22.68 59.59
C ARG A 276 -34.68 21.85 60.63
N GLY A 277 -34.46 22.41 61.81
CA GLY A 277 -33.73 21.69 62.86
C GLY A 277 -33.98 20.20 62.99
N SER A 278 -34.82 19.83 63.94
CA SER A 278 -35.20 18.44 64.21
C SER A 278 -35.19 17.49 63.04
N GLN A 279 -36.33 17.42 62.35
CA GLN A 279 -36.53 16.57 61.20
C GLN A 279 -35.28 16.17 60.42
N GLN A 280 -34.30 17.09 60.33
CA GLN A 280 -33.00 16.91 59.65
C GLN A 280 -32.50 15.52 60.01
N TYR A 281 -33.32 14.56 59.59
CA TYR A 281 -33.14 13.16 59.82
C TYR A 281 -32.16 12.54 58.88
N ARG A 282 -31.96 13.18 57.74
CA ARG A 282 -31.02 12.66 56.76
C ARG A 282 -31.50 11.35 56.20
N ALA A 283 -32.67 10.88 56.61
CA ALA A 283 -33.18 9.64 56.04
C ALA A 283 -33.38 10.04 54.59
N LEU A 284 -32.30 10.00 53.83
CA LEU A 284 -32.34 10.38 52.44
C LEU A 284 -31.52 9.36 51.67
N THR A 285 -31.36 8.14 52.21
CA THR A 285 -30.54 7.14 51.50
C THR A 285 -31.05 7.07 50.06
N VAL A 286 -32.37 7.07 49.87
CA VAL A 286 -33.06 7.04 48.58
C VAL A 286 -34.47 6.50 48.75
N PRO A 287 -34.61 5.35 49.42
CA PRO A 287 -35.98 4.86 49.58
C PRO A 287 -36.76 5.95 50.27
N GLU A 288 -36.05 6.86 50.91
CA GLU A 288 -36.71 7.92 51.63
C GLU A 288 -37.20 8.98 50.69
N LEU A 289 -36.48 9.19 49.58
CA LEU A 289 -36.91 10.17 48.59
C LEU A 289 -38.10 9.67 47.80
N THR A 290 -38.08 8.41 47.39
CA THR A 290 -39.20 7.86 46.67
C THR A 290 -40.35 7.75 47.64
N GLN A 291 -40.05 7.51 48.91
CA GLN A 291 -41.11 7.43 49.88
C GLN A 291 -41.80 8.77 49.73
N GLN A 292 -41.03 9.83 49.91
CA GLN A 292 -41.53 11.20 49.80
C GLN A 292 -42.31 11.33 48.48
N MET A 293 -41.62 11.83 47.46
CA MET A 293 -42.16 12.06 46.13
C MET A 293 -43.46 11.33 45.76
N PHE A 294 -43.51 10.03 45.99
CA PHE A 294 -44.69 9.28 45.62
C PHE A 294 -45.87 9.20 46.56
N ASP A 295 -45.85 9.97 47.64
CA ASP A 295 -46.99 9.94 48.56
C ASP A 295 -48.04 10.93 48.03
N ALA A 296 -49.23 10.90 48.61
CA ALA A 296 -50.27 11.82 48.18
C ALA A 296 -49.73 13.19 48.53
N LYS A 297 -49.95 13.61 49.77
CA LYS A 297 -49.43 14.90 50.19
C LYS A 297 -48.02 14.94 49.67
N ASN A 298 -47.59 16.13 49.28
CA ASN A 298 -46.26 16.38 48.73
C ASN A 298 -46.35 16.59 47.24
N MET A 299 -47.57 16.52 46.71
CA MET A 299 -47.79 16.77 45.29
C MET A 299 -48.31 18.20 45.18
N MET A 300 -47.47 19.13 44.72
CA MET A 300 -47.86 20.52 44.63
C MET A 300 -49.24 20.73 44.04
N ALA A 301 -49.75 19.70 43.37
CA ALA A 301 -51.08 19.77 42.77
C ALA A 301 -52.10 19.71 43.89
N ALA A 302 -53.37 19.92 43.57
CA ALA A 302 -54.41 19.88 44.58
C ALA A 302 -54.88 18.46 44.69
N CYS A 303 -55.14 17.86 43.55
CA CYS A 303 -55.62 16.50 43.52
C CYS A 303 -54.60 15.53 44.09
N ASP A 304 -55.09 14.37 44.46
CA ASP A 304 -54.26 13.32 45.02
C ASP A 304 -54.10 12.15 44.04
N PRO A 305 -52.85 11.84 43.69
CA PRO A 305 -52.51 10.77 42.75
C PRO A 305 -53.32 9.52 43.06
N ARG A 306 -53.40 9.18 44.33
CA ARG A 306 -54.12 8.00 44.77
C ARG A 306 -55.53 7.96 44.20
N HIS A 307 -55.93 9.06 43.55
CA HIS A 307 -57.27 9.16 42.96
C HIS A 307 -57.29 8.98 41.45
N GLY A 308 -56.22 8.40 40.90
CA GLY A 308 -56.15 8.19 39.47
C GLY A 308 -54.78 7.78 38.98
N ARG A 309 -54.75 6.76 38.11
CA ARG A 309 -53.51 6.23 37.55
C ARG A 309 -52.55 7.30 37.07
N TYR A 310 -51.36 6.86 36.69
CA TYR A 310 -50.35 7.74 36.16
C TYR A 310 -50.10 7.28 34.73
N LEU A 311 -49.57 8.16 33.89
CA LEU A 311 -49.26 7.79 32.53
C LEU A 311 -47.77 7.77 32.50
N THR A 312 -47.18 8.77 33.10
CA THR A 312 -45.74 8.87 33.12
C THR A 312 -45.29 9.53 34.41
N VAL A 313 -44.05 9.28 34.74
CA VAL A 313 -43.46 9.83 35.93
C VAL A 313 -42.01 10.06 35.61
N ALA A 314 -41.44 11.11 36.19
CA ALA A 314 -40.05 11.43 35.92
C ALA A 314 -39.37 11.84 37.18
N ALA A 315 -38.68 10.91 37.82
CA ALA A 315 -37.98 11.24 39.04
C ALA A 315 -36.67 11.81 38.57
N VAL A 316 -36.58 13.12 38.55
CA VAL A 316 -35.35 13.75 38.12
C VAL A 316 -34.49 13.98 39.39
N PHE A 317 -33.72 12.95 39.79
CA PHE A 317 -32.87 13.05 40.96
C PHE A 317 -31.63 13.85 40.61
N ARG A 318 -31.00 14.44 41.62
CA ARG A 318 -29.78 15.23 41.43
C ARG A 318 -28.91 15.21 42.67
N GLY A 319 -28.14 14.13 42.81
CA GLY A 319 -27.25 13.95 43.96
C GLY A 319 -26.69 12.54 43.82
N ARG A 320 -25.38 12.37 43.96
CA ARG A 320 -24.73 11.06 43.81
C ARG A 320 -25.43 9.86 44.49
N MET A 321 -25.86 8.93 43.64
CA MET A 321 -26.55 7.71 44.07
C MET A 321 -26.32 6.55 43.10
N SER A 322 -26.67 5.35 43.55
CA SER A 322 -26.49 4.14 42.77
C SER A 322 -27.57 3.91 41.74
N MET A 323 -27.14 3.89 40.48
CA MET A 323 -28.05 3.66 39.37
C MET A 323 -28.76 2.35 39.60
N LYS A 324 -28.38 1.69 40.68
CA LYS A 324 -28.99 0.43 41.07
C LYS A 324 -30.06 0.70 42.10
N GLU A 325 -29.72 1.40 43.19
CA GLU A 325 -30.71 1.69 44.21
C GLU A 325 -31.75 2.69 43.73
N VAL A 326 -31.51 3.23 42.55
CA VAL A 326 -32.43 4.18 41.95
C VAL A 326 -33.29 3.37 41.02
N ASP A 327 -32.67 2.80 40.01
CA ASP A 327 -33.38 1.99 39.05
C ASP A 327 -34.20 0.92 39.74
N GLU A 328 -33.70 0.42 40.87
CA GLU A 328 -34.39 -0.62 41.61
C GLU A 328 -35.66 -0.13 42.30
N GLN A 329 -35.47 0.78 43.26
CA GLN A 329 -36.58 1.33 44.02
C GLN A 329 -37.77 1.58 43.10
N MET A 330 -37.55 2.39 42.07
CA MET A 330 -38.57 2.74 41.08
C MET A 330 -39.46 1.57 40.74
N LEU A 331 -38.86 0.39 40.69
CA LEU A 331 -39.58 -0.83 40.36
C LEU A 331 -40.60 -1.24 41.42
N ASN A 332 -40.12 -1.58 42.61
CA ASN A 332 -41.02 -1.99 43.68
C ASN A 332 -42.14 -0.98 43.69
N VAL A 333 -41.79 0.30 43.62
CA VAL A 333 -42.78 1.35 43.61
C VAL A 333 -43.80 1.07 42.52
N GLN A 334 -43.32 0.64 41.36
CA GLN A 334 -44.20 0.34 40.23
C GLN A 334 -45.00 -0.93 40.42
N ASN A 335 -44.61 -1.74 41.40
CA ASN A 335 -45.33 -2.98 41.66
C ASN A 335 -46.22 -2.93 42.91
N LYS A 336 -45.80 -2.16 43.91
CA LYS A 336 -46.60 -2.04 45.12
C LYS A 336 -47.88 -1.28 44.76
N ASN A 337 -47.80 -0.47 43.70
CA ASN A 337 -48.93 0.33 43.29
C ASN A 337 -49.37 0.07 41.86
N SER A 338 -49.19 -1.16 41.40
CA SER A 338 -49.59 -1.55 40.05
C SER A 338 -50.99 -1.03 39.80
N SER A 339 -51.79 -1.04 40.86
CA SER A 339 -53.17 -0.57 40.82
C SER A 339 -53.19 0.74 40.04
N TYR A 340 -52.63 1.78 40.63
CA TYR A 340 -52.61 3.06 39.95
C TYR A 340 -51.24 3.42 39.39
N PHE A 341 -51.12 3.19 38.09
CA PHE A 341 -49.88 3.44 37.38
C PHE A 341 -50.07 3.10 35.92
N VAL A 342 -51.33 2.86 35.53
CA VAL A 342 -51.71 2.52 34.14
C VAL A 342 -50.85 1.34 33.65
N GLU A 343 -51.41 0.49 32.82
CA GLU A 343 -50.68 -0.68 32.37
C GLU A 343 -50.08 -0.66 30.98
N TRP A 344 -50.80 -0.10 30.01
CA TRP A 344 -50.29 -0.07 28.65
C TRP A 344 -48.95 0.63 28.45
N ILE A 345 -48.24 0.83 29.55
CA ILE A 345 -46.91 1.42 29.52
C ILE A 345 -46.14 0.54 30.48
N PRO A 346 -45.38 -0.40 29.94
CA PRO A 346 -44.59 -1.29 30.79
C PRO A 346 -43.74 -0.57 31.86
N ASN A 347 -43.11 0.55 31.49
CA ASN A 347 -42.30 1.29 32.44
C ASN A 347 -42.66 2.76 32.44
N ASN A 348 -43.73 3.09 33.15
CA ASN A 348 -44.22 4.47 33.24
C ASN A 348 -43.12 5.40 33.65
N VAL A 349 -42.43 5.02 34.70
CA VAL A 349 -41.37 5.84 35.24
C VAL A 349 -40.20 6.13 34.32
N LYS A 350 -39.74 7.37 34.38
CA LYS A 350 -38.60 7.84 33.60
C LYS A 350 -37.58 8.27 34.63
N THR A 351 -36.65 7.39 34.94
CA THR A 351 -35.62 7.69 35.91
C THR A 351 -34.61 8.59 35.25
N ALA A 352 -34.27 9.67 35.95
CA ALA A 352 -33.31 10.64 35.46
C ALA A 352 -32.35 10.81 36.60
N VAL A 353 -31.08 11.05 36.29
CA VAL A 353 -30.10 11.21 37.36
C VAL A 353 -28.95 12.16 37.11
N CYS A 354 -29.04 13.32 37.75
CA CYS A 354 -28.01 14.34 37.67
C CYS A 354 -26.91 13.88 38.61
N ASP A 355 -25.99 14.78 38.92
CA ASP A 355 -24.91 14.46 39.84
C ASP A 355 -24.93 15.48 40.96
N ILE A 356 -24.48 16.70 40.68
CA ILE A 356 -24.48 17.75 41.69
C ILE A 356 -25.90 17.97 42.20
N PRO A 357 -26.08 18.04 43.52
CA PRO A 357 -27.39 18.25 44.14
C PRO A 357 -27.69 19.72 44.46
N PRO A 358 -28.84 19.98 45.09
CA PRO A 358 -29.18 21.36 45.43
C PRO A 358 -28.14 21.91 46.39
N ARG A 359 -27.37 22.88 45.89
CA ARG A 359 -26.29 23.51 46.64
C ARG A 359 -26.04 22.95 48.04
N GLY A 360 -26.88 23.32 49.00
CA GLY A 360 -26.65 22.87 50.37
C GLY A 360 -27.11 21.48 50.80
N LEU A 361 -27.73 20.74 49.91
CA LEU A 361 -28.24 19.42 50.26
C LEU A 361 -27.39 18.27 49.72
N LYS A 362 -27.57 17.08 50.31
CA LYS A 362 -26.82 15.90 49.89
C LYS A 362 -27.49 15.13 48.76
N MET A 363 -28.81 15.04 48.81
CA MET A 363 -29.54 14.30 47.79
C MET A 363 -31.00 14.73 47.70
N SER A 364 -31.42 15.05 46.48
CA SER A 364 -32.79 15.48 46.17
C SER A 364 -33.27 14.79 44.90
N ALA A 365 -34.53 15.02 44.54
CA ALA A 365 -35.13 14.41 43.34
C ALA A 365 -36.48 15.02 43.00
N THR A 366 -36.49 15.78 41.92
CA THR A 366 -37.72 16.42 41.47
C THR A 366 -38.62 15.37 40.86
N PHE A 367 -39.91 15.52 41.09
CA PHE A 367 -40.90 14.59 40.60
C PHE A 367 -41.84 15.32 39.66
N ILE A 368 -42.03 14.76 38.48
CA ILE A 368 -42.89 15.38 37.50
C ILE A 368 -43.88 14.31 37.10
N GLY A 369 -45.05 14.31 37.74
CA GLY A 369 -46.04 13.30 37.43
C GLY A 369 -47.13 13.67 36.45
N ASN A 370 -47.40 12.76 35.53
CA ASN A 370 -48.45 12.97 34.54
C ASN A 370 -49.63 12.09 34.88
N SER A 371 -50.19 12.26 36.06
CA SER A 371 -51.30 11.41 36.43
C SER A 371 -52.65 11.88 35.96
N THR A 372 -53.52 10.88 35.76
CA THR A 372 -54.87 11.05 35.29
C THR A 372 -55.70 11.67 36.39
N ALA A 373 -55.09 11.81 37.54
CA ALA A 373 -55.78 12.40 38.68
C ALA A 373 -56.13 13.84 38.44
N ILE A 374 -55.29 14.55 37.68
CA ILE A 374 -55.54 15.94 37.44
C ILE A 374 -56.82 16.15 36.68
N GLN A 375 -57.54 15.08 36.47
CA GLN A 375 -58.83 15.15 35.82
C GLN A 375 -59.71 15.90 36.84
N GLU A 376 -59.68 15.41 38.06
CA GLU A 376 -60.43 15.98 39.15
C GLU A 376 -60.00 17.38 39.57
N LEU A 377 -59.59 18.19 38.61
CA LEU A 377 -59.23 19.58 38.94
C LEU A 377 -59.81 20.45 37.87
N PHE A 378 -59.65 20.01 36.63
CA PHE A 378 -60.20 20.75 35.52
C PHE A 378 -61.69 20.57 35.65
N LYS A 379 -62.09 19.48 36.33
CA LYS A 379 -63.49 19.22 36.58
C LYS A 379 -63.92 20.40 37.42
N ARG A 380 -63.28 20.51 38.58
CA ARG A 380 -63.53 21.58 39.52
C ARG A 380 -63.71 22.87 38.76
N ILE A 381 -62.61 23.38 38.22
CA ILE A 381 -62.63 24.60 37.46
C ILE A 381 -63.85 24.63 36.57
N SER A 382 -63.93 23.68 35.65
CA SER A 382 -65.04 23.61 34.71
C SER A 382 -66.39 23.72 35.40
N GLU A 383 -66.52 23.12 36.57
CA GLU A 383 -67.79 23.22 37.29
C GLU A 383 -68.06 24.70 37.62
N GLN A 384 -67.20 25.28 38.44
CA GLN A 384 -67.32 26.68 38.85
C GLN A 384 -67.78 27.57 37.72
N PHE A 385 -67.25 27.31 36.53
CA PHE A 385 -67.61 28.09 35.35
C PHE A 385 -69.11 27.99 35.16
N THR A 386 -69.56 26.86 34.62
CA THR A 386 -70.97 26.61 34.39
C THR A 386 -71.91 27.17 35.46
N ALA A 387 -71.65 26.86 36.73
CA ALA A 387 -72.49 27.31 37.83
C ALA A 387 -72.67 28.82 37.79
N MET A 388 -71.68 29.52 37.24
CA MET A 388 -71.74 30.97 37.15
C MET A 388 -71.95 31.46 35.74
N PHE A 389 -71.49 30.66 34.79
CA PHE A 389 -71.67 31.07 33.43
C PHE A 389 -73.16 31.07 33.26
N ARG A 390 -73.80 29.95 33.61
CA ARG A 390 -75.24 29.85 33.47
C ARG A 390 -75.94 31.19 33.69
N ARG A 391 -75.50 31.96 34.68
CA ARG A 391 -76.13 33.24 34.96
C ARG A 391 -75.34 34.42 34.43
N LYS A 392 -74.31 34.14 33.64
CA LYS A 392 -73.46 35.17 33.03
C LYS A 392 -72.89 36.14 34.05
N ALA A 393 -72.78 35.66 35.29
CA ALA A 393 -72.29 36.42 36.43
C ALA A 393 -71.54 37.67 36.07
N PHE A 394 -70.22 37.69 36.24
CA PHE A 394 -69.48 38.90 35.91
C PHE A 394 -69.03 38.82 34.46
N LEU A 395 -69.98 38.59 33.58
CA LEU A 395 -69.64 38.48 32.19
C LEU A 395 -69.54 39.82 31.50
N HIS A 396 -70.31 40.81 31.95
CA HIS A 396 -70.27 42.12 31.30
C HIS A 396 -68.86 42.76 31.29
N TRP A 397 -68.02 42.34 32.23
CA TRP A 397 -66.66 42.85 32.31
C TRP A 397 -65.79 42.24 31.24
N TYR A 398 -66.29 41.19 30.62
CA TYR A 398 -65.55 40.52 29.55
C TYR A 398 -66.07 41.08 28.23
N THR A 399 -67.33 40.78 27.95
CA THR A 399 -67.95 41.25 26.72
C THR A 399 -67.72 42.75 26.53
N GLY A 400 -68.05 43.53 27.55
CA GLY A 400 -67.85 44.98 27.49
C GLY A 400 -66.42 45.35 27.12
N GLU A 401 -65.57 44.34 27.08
CA GLU A 401 -64.18 44.54 26.73
C GLU A 401 -63.93 43.95 25.35
N GLY A 402 -65.00 43.74 24.60
CA GLY A 402 -64.83 43.16 23.28
C GLY A 402 -64.48 41.70 23.45
N MET A 403 -65.49 40.90 23.74
CA MET A 403 -65.32 39.46 23.90
C MET A 403 -66.48 38.84 23.15
N ASP A 404 -66.70 37.55 23.36
CA ASP A 404 -67.78 36.85 22.67
C ASP A 404 -68.48 35.86 23.62
N GLU A 405 -69.78 35.68 23.42
CA GLU A 405 -70.56 34.76 24.24
C GLU A 405 -70.25 33.34 23.81
N MET A 406 -69.61 33.23 22.66
CA MET A 406 -69.22 31.94 22.10
C MET A 406 -67.75 31.62 22.50
N GLU A 407 -67.03 32.64 22.95
CA GLU A 407 -65.65 32.48 23.38
C GLU A 407 -65.60 31.64 24.67
N PHE A 408 -66.42 32.03 25.63
CA PHE A 408 -66.50 31.32 26.89
C PHE A 408 -66.99 29.92 26.64
N THR A 409 -67.97 29.79 25.74
CA THR A 409 -68.51 28.48 25.42
C THR A 409 -67.35 27.60 24.98
N GLU A 410 -66.65 28.11 23.99
CA GLU A 410 -65.49 27.45 23.43
C GLU A 410 -64.56 26.86 24.48
N ALA A 411 -63.91 27.73 25.22
CA ALA A 411 -62.98 27.32 26.26
C ALA A 411 -63.53 26.23 27.17
N GLU A 412 -64.61 26.51 27.87
CA GLU A 412 -65.17 25.50 28.75
C GLU A 412 -65.20 24.16 28.07
N SER A 413 -65.94 24.09 26.97
CA SER A 413 -66.06 22.85 26.22
C SER A 413 -64.67 22.26 26.07
N ASN A 414 -63.83 22.91 25.27
CA ASN A 414 -62.46 22.47 25.06
C ASN A 414 -61.89 21.90 26.33
N MET A 415 -61.57 22.78 27.27
CA MET A 415 -61.02 22.34 28.54
C MET A 415 -61.88 21.29 29.21
N ASN A 416 -63.18 21.34 28.95
CA ASN A 416 -64.12 20.38 29.52
C ASN A 416 -63.93 19.00 28.88
N ASP A 417 -63.69 18.99 27.58
CA ASP A 417 -63.44 17.76 26.84
C ASP A 417 -62.12 17.20 27.36
N LEU A 418 -61.18 18.11 27.59
CA LEU A 418 -59.86 17.78 28.07
C LEU A 418 -59.94 16.88 29.32
N VAL A 419 -61.01 17.05 30.09
CA VAL A 419 -61.27 16.25 31.29
C VAL A 419 -61.63 14.86 30.81
N SER A 420 -62.57 14.83 29.87
CA SER A 420 -63.04 13.61 29.28
C SER A 420 -61.86 12.69 28.94
N GLU A 421 -61.14 13.10 27.92
CA GLU A 421 -59.98 12.38 27.38
C GLU A 421 -59.15 11.72 28.48
N TYR A 422 -58.68 12.56 29.38
CA TYR A 422 -57.80 12.15 30.49
C TYR A 422 -58.33 10.91 31.22
N GLN A 423 -59.63 10.71 31.14
CA GLN A 423 -60.29 9.57 31.79
C GLN A 423 -60.14 8.30 30.93
N GLN A 424 -59.98 8.57 29.64
CA GLN A 424 -59.84 7.51 28.62
C GLN A 424 -58.66 6.58 28.92
N TYR A 425 -57.86 7.00 29.88
CA TYR A 425 -56.64 6.24 30.25
C TYR A 425 -56.74 5.72 31.68
N GLN A 426 -57.45 6.46 32.51
CA GLN A 426 -57.71 6.04 33.89
C GLN A 426 -58.47 4.71 33.80
N ASP A 427 -58.96 4.42 32.59
CA ASP A 427 -59.71 3.20 32.30
C ASP A 427 -59.07 2.42 31.14
CA ARG B 2 -5.59 -6.62 11.06
C ARG B 2 -6.26 -5.87 12.21
N GLU B 3 -6.55 -4.59 12.01
CA GLU B 3 -7.18 -3.80 13.06
C GLU B 3 -8.70 -3.89 13.04
N CYS B 4 -9.32 -3.14 13.94
CA CYS B 4 -10.77 -3.11 14.07
C CYS B 4 -11.17 -1.78 14.70
N ILE B 5 -11.64 -0.83 13.89
CA ILE B 5 -12.05 0.46 14.43
C ILE B 5 -13.24 0.23 15.36
N SER B 6 -13.62 1.27 16.10
CA SER B 6 -14.73 1.19 17.02
C SER B 6 -15.45 2.52 17.08
N ILE B 7 -16.78 2.45 17.01
CA ILE B 7 -17.60 3.64 17.07
C ILE B 7 -18.56 3.55 18.24
N HIS B 8 -18.23 4.28 19.30
CA HIS B 8 -19.05 4.29 20.50
C HIS B 8 -20.16 5.31 20.34
N VAL B 9 -21.38 4.83 20.11
CA VAL B 9 -22.51 5.73 19.90
C VAL B 9 -23.53 5.74 21.04
N GLY B 10 -23.95 6.96 21.40
CA GLY B 10 -24.92 7.15 22.47
C GLY B 10 -24.20 7.40 23.78
N GLN B 11 -24.75 8.24 24.65
CA GLN B 11 -24.09 8.49 25.92
C GLN B 11 -23.57 7.18 26.47
N ALA B 12 -24.46 6.23 26.66
CA ALA B 12 -24.07 4.94 27.21
C ALA B 12 -22.89 4.32 26.46
N GLY B 13 -23.08 4.08 25.17
CA GLY B 13 -22.02 3.49 24.36
C GLY B 13 -20.71 4.24 24.52
N VAL B 14 -20.82 5.46 25.04
CA VAL B 14 -19.69 6.32 25.27
C VAL B 14 -19.13 6.12 26.69
N GLN B 15 -20.02 5.89 27.65
CA GLN B 15 -19.64 5.65 29.04
C GLN B 15 -18.92 4.30 29.07
N ILE B 16 -19.56 3.33 28.45
CA ILE B 16 -19.03 1.98 28.33
C ILE B 16 -17.73 2.14 27.55
N GLY B 17 -17.74 3.03 26.58
CA GLY B 17 -16.58 3.26 25.76
C GLY B 17 -15.42 3.76 26.60
N ASN B 18 -15.65 4.80 27.38
CA ASN B 18 -14.60 5.35 28.23
C ASN B 18 -14.03 4.23 29.09
N ALA B 19 -14.91 3.31 29.49
CA ALA B 19 -14.54 2.17 30.36
C ALA B 19 -13.68 1.14 29.65
N CYS B 20 -14.22 0.58 28.57
CA CYS B 20 -13.50 -0.39 27.76
C CYS B 20 -12.22 0.25 27.32
N TRP B 21 -12.29 1.54 27.05
CA TRP B 21 -11.11 2.24 26.61
C TRP B 21 -10.10 2.40 27.72
N GLU B 22 -10.61 2.40 28.95
CA GLU B 22 -9.74 2.53 30.11
C GLU B 22 -8.99 1.22 30.27
N LEU B 23 -9.72 0.16 30.54
CA LEU B 23 -9.12 -1.15 30.73
C LEU B 23 -7.98 -1.33 29.75
N TYR B 24 -8.15 -0.84 28.53
CA TYR B 24 -7.12 -1.00 27.52
C TYR B 24 -5.73 -0.54 27.91
N CYS B 25 -5.48 0.75 27.86
CA CYS B 25 -4.18 1.28 28.20
C CYS B 25 -3.67 0.63 29.48
N LEU B 26 -4.60 0.41 30.40
CA LEU B 26 -4.30 -0.20 31.70
C LEU B 26 -3.51 -1.51 31.60
N GLU B 27 -3.77 -2.27 30.55
CA GLU B 27 -3.10 -3.55 30.34
C GLU B 27 -2.16 -3.49 29.15
N HIS B 28 -1.77 -2.28 28.77
CA HIS B 28 -0.86 -2.08 27.66
C HIS B 28 0.23 -1.05 28.03
N GLY B 29 0.26 -0.70 29.31
CA GLY B 29 1.26 0.23 29.81
C GLY B 29 1.34 1.60 29.14
N ILE B 30 0.18 2.10 28.70
CA ILE B 30 0.11 3.42 28.08
C ILE B 30 -0.69 4.38 28.95
N GLN B 31 0.02 5.15 29.76
CA GLN B 31 -0.63 6.12 30.65
C GLN B 31 -1.64 6.97 29.90
N PRO B 32 -2.50 7.66 30.65
CA PRO B 32 -3.53 8.51 30.06
C PRO B 32 -2.94 9.56 29.12
N ASP B 33 -1.61 9.73 29.18
CA ASP B 33 -0.92 10.70 28.33
C ASP B 33 -0.63 10.16 26.93
N GLY B 34 -1.14 8.98 26.64
CA GLY B 34 -0.93 8.34 25.35
C GLY B 34 0.37 7.54 25.26
N GLN B 35 1.41 7.96 25.99
CA GLN B 35 2.74 7.35 25.91
C GLN B 35 2.81 6.10 26.76
N MET B 36 3.43 5.06 26.21
CA MET B 36 3.84 3.86 26.97
C MET B 36 5.36 3.81 26.94
N PRO B 37 5.98 3.22 27.97
CA PRO B 37 7.41 2.89 27.93
C PRO B 37 7.75 1.40 27.75
N ASP B 47 4.09 -4.78 15.67
CA ASP B 47 2.69 -4.38 15.86
C ASP B 47 2.01 -4.82 17.20
N SER B 48 1.74 -6.13 17.36
CA SER B 48 1.00 -6.73 18.50
C SER B 48 -0.47 -6.22 18.64
N PHE B 49 -0.58 -5.00 19.18
CA PHE B 49 -1.84 -4.35 19.60
C PHE B 49 -2.22 -3.18 18.72
N ASN B 50 -1.43 -2.98 17.68
CA ASN B 50 -1.65 -1.97 16.67
C ASN B 50 -3.02 -2.05 16.00
N THR B 51 -3.73 -3.15 16.21
CA THR B 51 -5.05 -3.33 15.62
C THR B 51 -6.12 -2.60 16.42
N PHE B 52 -5.68 -1.65 17.25
CA PHE B 52 -6.60 -0.88 18.07
C PHE B 52 -5.97 0.45 18.49
N PHE B 53 -4.73 0.66 18.08
CA PHE B 53 -4.01 1.89 18.41
C PHE B 53 -3.02 2.26 17.32
N SER B 54 -3.07 3.52 16.89
CA SER B 54 -2.17 4.03 15.83
C SER B 54 -1.01 4.82 16.44
N GLU B 55 0.22 4.49 16.03
CA GLU B 55 1.42 5.07 16.65
C GLU B 55 1.74 6.51 16.16
N THR B 56 0.70 7.35 16.14
CA THR B 56 0.86 8.74 15.70
C THR B 56 2.26 9.25 16.00
N GLY B 57 3.24 8.77 15.26
CA GLY B 57 4.62 9.18 15.45
C GLY B 57 5.42 8.17 16.25
N ALA B 58 6.03 8.62 17.34
CA ALA B 58 5.94 10.03 17.73
C ALA B 58 6.02 10.17 19.25
N GLY B 59 5.67 9.10 19.96
CA GLY B 59 5.69 9.11 21.41
C GLY B 59 4.32 8.88 22.01
N LYS B 60 3.29 9.08 21.19
CA LYS B 60 1.91 8.93 21.64
C LYS B 60 1.25 7.69 21.06
N HIS B 61 -0.03 7.50 21.37
CA HIS B 61 -0.77 6.35 20.88
C HIS B 61 -2.11 6.77 20.28
N VAL B 62 -2.89 7.54 21.04
CA VAL B 62 -4.19 8.00 20.58
C VAL B 62 -5.20 6.86 20.53
N PRO B 63 -6.42 7.18 20.12
CA PRO B 63 -7.49 6.17 20.03
C PRO B 63 -7.76 5.76 18.60
N ARG B 64 -8.12 4.50 18.39
CA ARG B 64 -8.40 3.98 17.06
C ARG B 64 -9.91 3.85 16.97
N ALA B 65 -10.62 4.87 17.44
CA ALA B 65 -12.06 4.86 17.44
C ALA B 65 -12.66 6.25 17.41
N VAL B 66 -13.98 6.32 17.54
CA VAL B 66 -14.64 7.61 17.56
C VAL B 66 -15.78 7.63 18.56
N PHE B 67 -16.27 8.84 18.85
CA PHE B 67 -17.35 9.02 19.81
C PHE B 67 -18.48 9.92 19.29
N VAL B 68 -19.68 9.34 19.19
CA VAL B 68 -20.84 10.07 18.67
C VAL B 68 -21.99 10.25 19.68
N ASP B 69 -22.29 11.73 20.39
CA ASP B 69 -23.49 11.91 21.23
C ASP B 69 -24.08 13.24 20.83
N LEU B 70 -25.40 13.33 20.87
CA LEU B 70 -26.05 14.56 20.44
C LEU B 70 -26.15 15.66 21.57
N GLU B 71 -26.07 15.26 22.85
CA GLU B 71 -25.82 16.17 23.97
C GLU B 71 -24.32 16.16 24.32
N PRO B 72 -23.74 17.32 24.59
CA PRO B 72 -22.31 17.42 24.89
C PRO B 72 -21.94 16.80 26.22
N THR B 73 -22.76 17.00 27.25
CA THR B 73 -22.56 16.50 28.63
C THR B 73 -21.57 15.36 28.82
N VAL B 74 -21.80 14.27 28.07
CA VAL B 74 -21.13 12.99 28.31
C VAL B 74 -19.76 12.84 27.65
N ILE B 75 -19.65 13.32 26.41
CA ILE B 75 -18.38 13.39 25.72
C ILE B 75 -17.53 14.48 26.34
N ASP B 76 -18.18 15.52 26.85
CA ASP B 76 -17.49 16.56 27.56
C ASP B 76 -16.68 16.04 28.73
N GLU B 77 -17.32 15.24 29.57
CA GLU B 77 -16.65 14.65 30.74
C GLU B 77 -15.36 13.88 30.38
N VAL B 78 -15.32 13.22 29.21
CA VAL B 78 -14.12 12.56 28.69
C VAL B 78 -12.99 13.53 28.52
N ARG B 79 -13.27 14.69 27.93
CA ARG B 79 -12.26 15.74 27.77
C ARG B 79 -12.10 16.61 29.01
N THR B 80 -12.39 16.06 30.18
CA THR B 80 -12.03 16.65 31.48
C THR B 80 -11.07 15.74 32.28
N GLY B 81 -11.48 14.47 32.40
CA GLY B 81 -10.80 13.51 33.25
C GLY B 81 -9.73 12.73 32.53
N THR B 82 -8.53 12.70 33.12
CA THR B 82 -7.34 12.07 32.55
C THR B 82 -7.75 10.91 31.68
N TYR B 83 -7.17 10.91 30.48
CA TYR B 83 -7.69 10.25 29.27
C TYR B 83 -8.04 11.40 28.37
N ARG B 84 -8.30 12.55 28.98
CA ARG B 84 -8.44 13.79 28.25
C ARG B 84 -7.31 13.88 27.23
N GLN B 85 -6.15 13.39 27.64
CA GLN B 85 -4.97 13.44 26.80
C GLN B 85 -4.93 12.32 25.75
N LEU B 86 -5.80 11.34 25.88
CA LEU B 86 -5.68 10.08 25.13
C LEU B 86 -6.17 10.14 23.71
N PHE B 87 -7.38 10.63 23.53
CA PHE B 87 -7.95 10.74 22.20
C PHE B 87 -7.49 12.00 21.52
N HIS B 88 -7.77 12.12 20.22
CA HIS B 88 -7.54 13.37 19.50
C HIS B 88 -8.74 14.32 19.65
N PRO B 89 -8.46 15.59 19.89
CA PRO B 89 -9.53 16.54 20.14
C PRO B 89 -10.57 16.29 19.08
N GLU B 90 -10.14 15.87 17.89
CA GLU B 90 -11.10 15.68 16.83
C GLU B 90 -12.05 14.52 17.05
N GLN B 91 -11.55 13.35 17.38
CA GLN B 91 -12.37 12.14 17.27
C GLN B 91 -13.63 12.04 18.15
N LEU B 92 -13.85 13.02 19.02
CA LEU B 92 -15.04 13.06 19.89
C LEU B 92 -16.06 14.09 19.44
N ILE B 93 -17.20 13.29 18.04
CA ILE B 93 -18.29 13.97 17.34
C ILE B 93 -19.44 14.28 18.29
N THR B 94 -19.98 15.50 18.17
CA THR B 94 -21.09 15.96 18.99
C THR B 94 -22.04 16.83 18.18
N GLY B 95 -23.30 16.82 18.57
CA GLY B 95 -24.30 17.64 17.91
C GLY B 95 -25.00 18.43 18.99
N LYS B 96 -24.36 19.53 19.41
CA LYS B 96 -24.88 20.42 20.45
C LYS B 96 -26.39 20.41 20.59
N GLU B 97 -27.05 20.10 19.48
CA GLU B 97 -28.49 20.06 19.40
C GLU B 97 -29.15 19.24 20.48
N ASP B 98 -30.08 18.38 20.08
CA ASP B 98 -30.82 17.60 21.04
C ASP B 98 -30.74 16.08 20.84
N ALA B 99 -30.62 15.37 21.94
CA ALA B 99 -30.54 13.91 21.91
C ALA B 99 -31.89 13.28 21.53
N ALA B 100 -32.86 13.42 22.43
CA ALA B 100 -34.21 12.90 22.24
C ALA B 100 -34.28 11.41 22.38
N ASN B 101 -34.94 10.94 23.42
CA ASN B 101 -34.99 9.50 23.60
C ASN B 101 -35.90 8.82 22.63
N ASN B 102 -35.80 9.24 21.37
CA ASN B 102 -36.61 8.64 20.35
C ASN B 102 -35.85 8.38 19.06
N TYR B 103 -35.93 7.11 18.66
CA TYR B 103 -35.31 6.59 17.46
C TYR B 103 -35.43 7.62 16.34
N ALA B 104 -36.60 7.67 15.73
CA ALA B 104 -36.89 8.60 14.63
C ALA B 104 -36.00 9.82 14.57
N ARG B 105 -36.17 10.70 15.54
CA ARG B 105 -35.40 11.92 15.63
C ARG B 105 -33.91 11.65 15.51
N GLY B 106 -33.42 10.68 16.27
CA GLY B 106 -32.00 10.39 16.20
C GLY B 106 -31.55 9.78 14.88
N HIS B 107 -32.40 8.94 14.29
CA HIS B 107 -32.05 8.30 13.03
C HIS B 107 -32.26 9.31 11.91
N TYR B 108 -33.54 9.60 11.65
CA TYR B 108 -33.94 10.53 10.59
C TYR B 108 -33.59 11.98 10.96
N THR B 109 -34.60 12.81 11.10
CA THR B 109 -34.47 14.22 11.45
C THR B 109 -33.11 14.70 11.93
N ILE B 110 -32.87 14.74 13.24
CA ILE B 110 -31.60 15.24 13.72
C ILE B 110 -30.39 14.36 13.38
N GLY B 111 -30.29 13.21 14.00
CA GLY B 111 -29.16 12.33 13.76
C GLY B 111 -28.57 12.38 12.35
N LYS B 112 -29.40 12.66 11.36
CA LYS B 112 -28.96 12.73 9.98
C LYS B 112 -27.83 13.74 9.77
N GLU B 113 -28.11 14.99 10.13
CA GLU B 113 -27.14 16.07 9.99
C GLU B 113 -25.69 15.72 10.34
N ILE B 114 -25.51 14.92 11.38
CA ILE B 114 -24.17 14.56 11.85
C ILE B 114 -23.51 13.42 11.09
N ILE B 115 -24.29 12.39 10.77
CA ILE B 115 -23.81 11.20 10.09
C ILE B 115 -22.67 11.41 9.12
N ASP B 116 -22.87 12.24 8.10
CA ASP B 116 -21.81 12.52 7.13
C ASP B 116 -20.52 12.63 7.92
N LEU B 117 -20.41 13.74 8.64
CA LEU B 117 -19.28 14.04 9.47
C LEU B 117 -18.82 12.80 10.22
N VAL B 118 -19.75 12.10 10.85
CA VAL B 118 -19.42 10.89 11.59
C VAL B 118 -18.65 9.98 10.65
N LEU B 119 -19.31 9.54 9.59
CA LEU B 119 -18.71 8.67 8.61
C LEU B 119 -17.30 9.13 8.28
N ASP B 120 -17.19 10.39 7.85
CA ASP B 120 -15.91 10.95 7.49
C ASP B 120 -14.77 10.46 8.37
N ARG B 121 -14.98 10.38 9.67
CA ARG B 121 -13.93 9.90 10.55
C ARG B 121 -13.68 8.41 10.37
N ILE B 122 -14.76 7.64 10.26
CA ILE B 122 -14.63 6.20 10.10
C ILE B 122 -14.22 5.86 8.68
N ARG B 123 -13.85 6.88 7.92
CA ARG B 123 -13.38 6.75 6.54
C ARG B 123 -12.00 7.41 6.50
N LYS B 124 -11.78 8.30 7.46
CA LYS B 124 -10.51 9.02 7.61
C LYS B 124 -9.62 8.19 8.52
N LEU B 125 -10.24 7.51 9.48
CA LEU B 125 -9.54 6.66 10.45
C LEU B 125 -9.41 5.26 9.83
N ALA B 126 -10.27 4.95 8.88
CA ALA B 126 -10.26 3.65 8.22
C ALA B 126 -9.22 3.59 7.12
N ASP B 127 -8.78 4.76 6.67
CA ASP B 127 -7.79 4.87 5.62
C ASP B 127 -6.39 4.79 6.19
N GLN B 128 -6.12 5.68 7.14
CA GLN B 128 -4.83 5.77 7.81
C GLN B 128 -4.19 4.42 8.17
N CYS B 129 -5.01 3.45 8.56
CA CYS B 129 -4.52 2.12 8.95
C CYS B 129 -3.89 1.25 7.84
N THR B 130 -3.75 -0.05 8.14
CA THR B 130 -3.17 -1.03 7.21
C THR B 130 -4.06 -2.28 7.19
N GLY B 131 -4.75 -2.50 6.08
CA GLY B 131 -5.62 -3.67 5.98
C GLY B 131 -6.33 -3.96 7.29
N LEU B 132 -7.48 -3.30 7.50
CA LEU B 132 -8.27 -3.48 8.72
C LEU B 132 -9.19 -4.70 8.61
N GLN B 133 -9.95 -4.96 9.66
CA GLN B 133 -10.87 -6.11 9.67
C GLN B 133 -12.32 -5.70 9.92
N GLY B 134 -12.51 -4.54 10.55
CA GLY B 134 -13.87 -4.11 10.83
C GLY B 134 -13.98 -3.04 11.90
N PHE B 135 -15.23 -2.73 12.26
CA PHE B 135 -15.53 -1.71 13.27
C PHE B 135 -16.34 -2.24 14.45
N SER B 136 -15.73 -2.27 15.62
CA SER B 136 -16.44 -2.72 16.80
C SER B 136 -17.29 -1.51 17.20
N VAL B 137 -18.59 -1.62 16.98
CA VAL B 137 -19.56 -0.56 17.29
C VAL B 137 -20.12 -0.69 18.72
N PHE B 138 -20.21 0.42 19.46
CA PHE B 138 -20.74 0.36 20.83
C PHE B 138 -21.97 1.23 21.01
N HIS B 139 -23.14 0.60 21.09
CA HIS B 139 -24.37 1.37 21.25
C HIS B 139 -25.31 0.77 22.30
N SER B 140 -26.28 1.57 22.73
CA SER B 140 -27.25 1.15 23.74
C SER B 140 -28.68 0.99 23.27
N PHE B 141 -28.89 0.02 22.41
CA PHE B 141 -30.20 -0.31 21.88
C PHE B 141 -31.35 0.64 22.13
N GLY B 142 -31.78 0.76 23.39
CA GLY B 142 -32.91 1.62 23.70
C GLY B 142 -32.65 3.08 24.04
N GLY B 143 -32.05 3.81 23.13
CA GLY B 143 -31.78 5.21 23.38
C GLY B 143 -32.20 6.01 22.16
N GLY B 144 -31.81 7.27 22.11
CA GLY B 144 -32.14 8.09 20.96
C GLY B 144 -30.95 8.10 20.03
N THR B 145 -29.81 8.57 20.54
CA THR B 145 -28.59 8.63 19.76
C THR B 145 -28.01 7.25 19.58
N GLY B 146 -28.35 6.34 20.50
CA GLY B 146 -27.82 5.00 20.39
C GLY B 146 -28.56 4.04 19.47
N SER B 147 -29.87 4.12 19.47
CA SER B 147 -30.69 3.26 18.63
C SER B 147 -30.72 3.84 17.23
N GLY B 148 -31.42 4.97 17.11
CA GLY B 148 -31.57 5.64 15.84
C GLY B 148 -30.27 5.83 15.09
N PHE B 149 -29.55 6.90 15.42
CA PHE B 149 -28.28 7.19 14.76
C PHE B 149 -27.56 5.97 14.21
N THR B 150 -26.97 5.19 15.09
CA THR B 150 -26.23 4.00 14.67
C THR B 150 -26.97 3.32 13.56
N SER B 151 -28.25 3.07 13.81
CA SER B 151 -29.07 2.42 12.81
C SER B 151 -28.60 2.82 11.43
N LEU B 152 -28.46 4.12 11.19
CA LEU B 152 -28.00 4.55 9.88
C LEU B 152 -26.48 4.58 9.74
N LEU B 153 -25.77 4.59 10.86
CA LEU B 153 -24.32 4.58 10.81
C LEU B 153 -23.90 3.21 10.31
N MET B 154 -24.34 2.17 11.01
CA MET B 154 -24.05 0.81 10.59
C MET B 154 -24.62 0.66 9.21
N GLU B 155 -25.73 1.35 8.98
CA GLU B 155 -26.43 1.31 7.71
C GLU B 155 -25.48 1.76 6.64
N ARG B 156 -24.98 2.99 6.76
CA ARG B 156 -24.04 3.54 5.78
C ARG B 156 -22.69 2.80 5.68
N LEU B 157 -22.40 1.94 6.66
CA LEU B 157 -21.16 1.14 6.67
C LEU B 157 -21.31 -0.11 5.80
N SER B 158 -22.36 -0.87 6.06
CA SER B 158 -22.64 -2.07 5.31
C SER B 158 -22.56 -1.86 3.81
N VAL B 159 -22.63 -0.60 3.39
CA VAL B 159 -22.56 -0.30 1.96
C VAL B 159 -21.18 0.21 1.56
N ASP B 160 -20.57 0.99 2.45
CA ASP B 160 -19.27 1.55 2.16
C ASP B 160 -18.13 0.58 2.40
N TYR B 161 -18.39 -0.47 3.17
CA TYR B 161 -17.36 -1.48 3.43
C TYR B 161 -18.00 -2.84 3.59
N GLY B 162 -18.96 -3.19 2.72
CA GLY B 162 -19.60 -4.49 2.86
C GLY B 162 -18.57 -5.60 3.06
N LYS B 163 -17.37 -5.34 2.55
CA LYS B 163 -16.25 -6.27 2.60
C LYS B 163 -15.47 -6.29 3.90
N LYS B 164 -16.17 -6.29 5.04
CA LYS B 164 -15.50 -6.31 6.34
C LYS B 164 -16.40 -6.89 7.42
N SER B 165 -15.95 -6.75 8.66
CA SER B 165 -16.71 -7.23 9.80
C SER B 165 -17.43 -6.10 10.48
N LYS B 166 -18.67 -6.37 10.85
CA LYS B 166 -19.52 -5.40 11.54
C LYS B 166 -20.06 -6.04 12.81
N LEU B 167 -19.22 -6.08 13.84
CA LEU B 167 -19.62 -6.66 15.09
C LEU B 167 -20.05 -5.51 15.97
N GLU B 168 -21.34 -5.44 16.27
CA GLU B 168 -21.83 -4.38 17.11
C GLU B 168 -22.09 -4.90 18.51
N PHE B 169 -21.45 -4.26 19.46
CA PHE B 169 -21.57 -4.62 20.86
C PHE B 169 -22.67 -3.80 21.53
N SER B 170 -23.84 -4.42 21.70
CA SER B 170 -24.99 -3.75 22.28
C SER B 170 -25.29 -4.04 23.77
N ILE B 171 -26.08 -3.15 24.37
CA ILE B 171 -26.50 -3.22 25.75
C ILE B 171 -28.01 -3.14 25.65
N TYR B 172 -28.62 -4.25 25.28
CA TYR B 172 -30.04 -4.31 25.07
C TYR B 172 -30.86 -4.28 26.36
N PRO B 173 -32.03 -3.59 26.33
CA PRO B 173 -33.08 -3.34 27.33
C PRO B 173 -33.21 -4.28 28.52
N ALA B 174 -33.05 -3.75 29.72
CA ALA B 174 -33.18 -4.55 30.93
C ALA B 174 -34.57 -5.17 30.90
N PRO B 175 -34.65 -6.48 31.11
CA PRO B 175 -35.91 -7.25 31.10
C PRO B 175 -37.10 -6.71 31.90
N GLN B 176 -36.83 -5.96 32.98
CA GLN B 176 -37.91 -5.41 33.79
C GLN B 176 -37.52 -4.05 34.32
N VAL B 177 -36.23 -3.81 34.34
CA VAL B 177 -35.68 -2.56 34.84
C VAL B 177 -35.24 -1.66 33.71
N SER B 178 -36.16 -1.33 32.80
CA SER B 178 -35.79 -0.44 31.71
C SER B 178 -35.78 0.96 32.27
N THR B 179 -35.40 1.93 31.45
CA THR B 179 -35.36 3.30 31.91
C THR B 179 -36.36 4.11 31.10
N ALA B 180 -35.98 4.46 29.88
CA ALA B 180 -36.85 5.24 29.00
C ALA B 180 -38.22 4.61 29.01
N VAL B 181 -39.23 5.44 28.82
CA VAL B 181 -40.59 4.97 28.82
C VAL B 181 -40.90 4.27 27.53
N VAL B 182 -40.24 4.71 26.48
CA VAL B 182 -40.42 4.15 25.15
C VAL B 182 -39.49 3.00 24.77
N GLU B 183 -38.31 2.95 25.38
CA GLU B 183 -37.29 1.91 25.15
C GLU B 183 -37.58 0.94 24.01
N PRO B 184 -38.65 0.12 24.11
CA PRO B 184 -38.93 -0.82 23.02
C PRO B 184 -39.07 -0.17 21.65
N TYR B 185 -39.77 0.95 21.57
CA TYR B 185 -39.90 1.62 20.30
C TYR B 185 -38.50 1.78 19.75
N ASN B 186 -37.60 2.29 20.58
CA ASN B 186 -36.22 2.51 20.17
C ASN B 186 -35.39 1.27 19.91
N SER B 187 -35.80 0.12 20.45
CA SER B 187 -35.03 -1.11 20.31
C SER B 187 -35.59 -2.09 19.31
N ILE B 188 -36.84 -1.92 18.93
CA ILE B 188 -37.38 -2.80 17.93
C ILE B 188 -36.96 -2.15 16.63
N LEU B 189 -36.61 -0.88 16.73
CA LEU B 189 -36.20 -0.09 15.57
C LEU B 189 -34.73 -0.11 15.28
N THR B 190 -33.91 -0.33 16.29
CA THR B 190 -32.48 -0.40 16.05
C THR B 190 -32.13 -1.81 15.61
N THR B 191 -32.99 -2.75 15.95
CA THR B 191 -32.75 -4.14 15.60
C THR B 191 -33.05 -4.39 14.12
N HIS B 192 -34.21 -3.90 13.67
CA HIS B 192 -34.65 -4.12 12.29
C HIS B 192 -33.83 -3.40 11.25
N THR B 193 -33.30 -2.24 11.62
CA THR B 193 -32.52 -1.43 10.71
C THR B 193 -31.05 -1.88 10.68
N THR B 194 -30.57 -2.44 11.79
CA THR B 194 -29.19 -2.88 11.86
C THR B 194 -29.06 -4.35 11.45
N LEU B 195 -30.12 -5.11 11.66
CA LEU B 195 -30.16 -6.55 11.35
C LEU B 195 -29.56 -6.93 10.02
N GLU B 196 -29.95 -6.17 9.00
CA GLU B 196 -29.49 -6.43 7.64
C GLU B 196 -28.17 -5.70 7.35
N HIS B 197 -27.41 -5.42 8.41
CA HIS B 197 -26.16 -4.71 8.27
C HIS B 197 -24.99 -5.17 9.15
N SER B 198 -25.30 -5.80 10.28
CA SER B 198 -24.25 -6.26 11.19
C SER B 198 -23.75 -7.65 10.82
N ASP B 199 -22.59 -7.98 11.37
CA ASP B 199 -21.97 -9.27 11.14
C ASP B 199 -22.26 -10.18 12.31
N CYS B 200 -22.00 -9.65 13.50
CA CYS B 200 -22.24 -10.37 14.76
C CYS B 200 -22.54 -9.30 15.77
N ALA B 201 -23.68 -9.41 16.44
CA ALA B 201 -24.03 -8.43 17.45
C ALA B 201 -23.90 -9.01 18.84
N PHE B 202 -22.93 -8.53 19.60
CA PHE B 202 -22.73 -9.01 20.96
C PHE B 202 -23.76 -8.33 21.85
N MET B 203 -24.23 -9.05 22.85
CA MET B 203 -25.22 -8.49 23.74
C MET B 203 -24.88 -8.67 25.20
N VAL B 204 -25.03 -7.58 25.94
CA VAL B 204 -24.76 -7.53 27.37
C VAL B 204 -25.94 -6.81 28.04
N ASP B 205 -26.70 -7.56 28.82
CA ASP B 205 -27.89 -7.07 29.48
C ASP B 205 -27.56 -6.27 30.72
N ASN B 206 -27.94 -5.00 30.74
CA ASN B 206 -27.66 -4.14 31.88
C ASN B 206 -28.12 -4.71 33.23
N GLU B 207 -29.37 -5.17 33.31
CA GLU B 207 -29.89 -5.74 34.57
C GLU B 207 -29.18 -7.03 34.97
N ALA B 208 -29.22 -8.02 34.08
CA ALA B 208 -28.58 -9.30 34.33
C ALA B 208 -27.10 -9.18 34.71
N ILE B 209 -26.56 -7.97 34.64
CA ILE B 209 -25.17 -7.74 35.03
C ILE B 209 -25.21 -7.31 36.49
N TYR B 210 -26.30 -6.67 36.89
CA TYR B 210 -26.44 -6.23 38.27
C TYR B 210 -26.45 -7.46 39.15
N ASP B 211 -27.19 -8.46 38.72
CA ASP B 211 -27.28 -9.68 39.49
C ASP B 211 -25.87 -10.10 39.80
N ILE B 212 -25.04 -10.13 38.78
CA ILE B 212 -23.65 -10.52 38.96
C ILE B 212 -22.97 -9.66 40.02
N CYS B 213 -23.39 -8.39 40.10
CA CYS B 213 -22.81 -7.47 41.07
C CYS B 213 -23.37 -7.66 42.47
N ARG B 214 -24.52 -8.31 42.53
CA ARG B 214 -25.18 -8.58 43.78
C ARG B 214 -24.78 -9.99 44.25
N ARG B 215 -24.97 -10.96 43.36
CA ARG B 215 -24.70 -12.37 43.64
C ARG B 215 -23.27 -12.87 43.48
N ASN B 216 -22.53 -12.29 42.54
CA ASN B 216 -21.16 -12.75 42.33
C ASN B 216 -20.10 -11.70 42.56
N LEU B 217 -20.24 -10.93 43.62
CA LEU B 217 -19.26 -9.88 43.89
C LEU B 217 -19.73 -9.12 45.11
N ASP B 218 -21.04 -9.21 45.35
CA ASP B 218 -21.66 -8.57 46.50
C ASP B 218 -21.43 -7.06 46.59
N ILE B 219 -22.45 -6.30 46.24
CA ILE B 219 -22.44 -4.84 46.30
C ILE B 219 -23.78 -4.31 45.81
N GLU B 220 -24.48 -3.59 46.67
CA GLU B 220 -25.78 -3.03 46.27
C GLU B 220 -25.52 -1.60 45.85
N ARG B 221 -24.24 -1.27 45.74
CA ARG B 221 -23.76 0.05 45.33
C ARG B 221 -23.05 -0.06 43.96
N PRO B 222 -23.76 -0.58 42.94
CA PRO B 222 -23.08 -0.66 41.65
C PRO B 222 -23.34 0.57 40.80
N THR B 223 -22.31 1.39 40.64
CA THR B 223 -22.44 2.59 39.83
C THR B 223 -22.34 2.15 38.37
N TYR B 224 -22.93 2.93 37.47
CA TYR B 224 -22.86 2.60 36.06
C TYR B 224 -21.40 2.36 35.77
N THR B 225 -20.55 3.16 36.40
CA THR B 225 -19.12 3.05 36.22
C THR B 225 -18.58 1.63 36.50
N ASN B 226 -19.43 0.77 37.02
CA ASN B 226 -19.00 -0.59 37.28
C ASN B 226 -19.38 -1.50 36.15
N LEU B 227 -20.67 -1.53 35.83
CA LEU B 227 -21.14 -2.36 34.75
C LEU B 227 -20.21 -2.12 33.59
N ASN B 228 -19.79 -0.87 33.46
CA ASN B 228 -18.88 -0.51 32.39
C ASN B 228 -17.52 -1.21 32.53
N ARG B 229 -17.04 -1.33 33.77
CA ARG B 229 -15.77 -1.98 34.05
C ARG B 229 -15.88 -3.43 33.67
N LEU B 230 -17.08 -3.95 33.82
CA LEU B 230 -17.34 -5.33 33.51
C LEU B 230 -17.32 -5.54 32.03
N ILE B 231 -18.28 -4.98 31.31
CA ILE B 231 -18.25 -5.15 29.86
C ILE B 231 -16.84 -4.75 29.46
N GLY B 232 -16.36 -3.70 30.12
CA GLY B 232 -15.03 -3.20 29.87
C GLY B 232 -14.03 -4.31 29.99
N GLN B 233 -14.46 -5.42 30.58
CA GLN B 233 -13.60 -6.60 30.75
C GLN B 233 -13.90 -7.59 29.65
N ILE B 234 -15.14 -8.08 29.62
CA ILE B 234 -15.56 -9.04 28.61
C ILE B 234 -15.14 -8.58 27.22
N VAL B 235 -15.19 -7.27 26.99
CA VAL B 235 -14.80 -6.71 25.71
C VAL B 235 -13.31 -6.84 25.50
N SER B 236 -12.55 -6.63 26.57
CA SER B 236 -11.11 -6.70 26.47
C SER B 236 -10.67 -8.06 26.01
N SER B 237 -11.51 -9.05 26.32
CA SER B 237 -11.26 -10.44 25.96
C SER B 237 -11.55 -10.69 24.48
N ILE B 238 -12.43 -9.87 23.92
CA ILE B 238 -12.79 -9.97 22.53
C ILE B 238 -11.61 -9.45 21.72
N THR B 239 -11.60 -8.14 21.48
CA THR B 239 -10.55 -7.51 20.68
C THR B 239 -9.20 -7.55 21.35
N ALA B 240 -8.93 -6.55 22.18
CA ALA B 240 -7.65 -6.42 22.87
C ALA B 240 -6.74 -7.65 22.75
N SER B 241 -6.91 -8.56 23.72
CA SER B 241 -6.11 -9.78 23.83
C SER B 241 -6.16 -10.73 22.65
N LEU B 242 -7.30 -10.85 22.00
CA LEU B 242 -7.42 -11.77 20.88
C LEU B 242 -6.58 -11.30 19.69
N ARG B 243 -6.72 -10.03 19.34
CA ARG B 243 -5.95 -9.45 18.25
C ARG B 243 -4.50 -9.49 18.67
N PHE B 244 -4.29 -9.98 19.89
CA PHE B 244 -2.97 -10.12 20.52
C PHE B 244 -2.55 -11.60 20.41
N ASP B 245 -1.31 -11.83 19.99
CA ASP B 245 -0.74 -13.17 19.82
C ASP B 245 -1.12 -14.13 20.93
N GLY B 246 -1.06 -15.42 20.64
CA GLY B 246 -1.42 -16.41 21.64
C GLY B 246 -1.24 -17.82 21.12
N ALA B 247 -1.61 -18.80 21.93
CA ALA B 247 -1.47 -20.21 21.56
C ALA B 247 -2.59 -20.73 20.68
N LEU B 248 -3.63 -19.92 20.49
CA LEU B 248 -4.77 -20.31 19.64
C LEU B 248 -5.57 -19.13 19.07
N ASN B 249 -4.85 -18.12 18.60
CA ASN B 249 -5.45 -16.92 18.02
C ASN B 249 -6.81 -17.08 17.37
N VAL B 250 -7.60 -16.02 17.46
CA VAL B 250 -8.94 -15.98 16.88
C VAL B 250 -9.20 -14.57 16.32
N ASP B 251 -9.20 -14.47 15.00
CA ASP B 251 -9.43 -13.22 14.29
C ASP B 251 -10.89 -12.75 14.46
N LEU B 252 -11.19 -11.50 14.12
CA LEU B 252 -12.56 -11.03 14.23
C LEU B 252 -13.42 -11.81 13.29
N THR B 253 -12.97 -11.92 12.04
CA THR B 253 -13.74 -12.68 11.08
C THR B 253 -14.09 -13.98 11.79
N GLU B 254 -13.07 -14.69 12.26
CA GLU B 254 -13.24 -15.95 12.96
C GLU B 254 -14.59 -16.01 13.66
N PHE B 255 -14.86 -15.00 14.47
CA PHE B 255 -16.12 -14.95 15.19
C PHE B 255 -17.27 -15.23 14.27
N GLN B 256 -17.77 -14.17 13.65
CA GLN B 256 -18.89 -14.28 12.76
C GLN B 256 -18.93 -15.63 12.04
N THR B 257 -17.76 -16.13 11.60
CA THR B 257 -17.73 -17.42 10.92
C THR B 257 -18.11 -18.53 11.87
N ASN B 258 -17.33 -18.70 12.93
CA ASN B 258 -17.58 -19.75 13.90
C ASN B 258 -18.75 -19.44 14.82
N LEU B 259 -19.28 -18.20 14.73
CA LEU B 259 -20.38 -17.77 15.60
C LEU B 259 -21.79 -17.53 15.02
N VAL B 260 -21.90 -17.24 13.73
CA VAL B 260 -23.24 -17.03 13.19
C VAL B 260 -23.59 -18.14 12.21
N PRO B 261 -24.69 -18.83 12.48
CA PRO B 261 -25.07 -19.90 11.57
C PRO B 261 -25.86 -19.31 10.44
N TYR B 262 -26.46 -18.15 10.69
CA TYR B 262 -27.28 -17.51 9.64
C TYR B 262 -27.23 -16.00 9.56
N PRO B 263 -27.23 -15.48 8.32
CA PRO B 263 -27.17 -14.06 7.97
C PRO B 263 -27.79 -13.07 8.92
N ARG B 264 -28.84 -13.44 9.63
CA ARG B 264 -29.41 -12.50 10.57
C ARG B 264 -28.19 -12.11 11.41
N GLY B 265 -27.93 -10.81 11.52
CA GLY B 265 -26.78 -10.31 12.28
C GLY B 265 -26.66 -10.89 13.66
N HIS B 266 -27.10 -12.15 13.77
CA HIS B 266 -27.15 -12.92 14.98
C HIS B 266 -26.41 -12.35 16.16
N PHE B 267 -27.09 -12.43 17.28
CA PHE B 267 -26.63 -11.87 18.51
C PHE B 267 -26.21 -12.84 19.58
N PRO B 268 -24.91 -13.08 19.72
CA PRO B 268 -24.52 -14.01 20.79
C PRO B 268 -24.56 -13.23 22.14
N LEU B 269 -24.25 -13.91 23.24
CA LEU B 269 -24.26 -13.30 24.57
C LEU B 269 -22.87 -13.32 25.17
N ALA B 270 -22.49 -12.28 25.91
CA ALA B 270 -21.16 -12.26 26.52
C ALA B 270 -21.20 -12.80 27.93
N THR B 271 -20.18 -13.55 28.31
CA THR B 271 -20.10 -14.15 29.64
C THR B 271 -18.66 -14.14 30.10
N TYR B 272 -18.43 -13.96 31.38
CA TYR B 272 -17.07 -13.96 31.85
C TYR B 272 -16.98 -14.97 32.98
N ALA B 273 -15.80 -15.57 33.20
CA ALA B 273 -15.75 -16.57 34.26
C ALA B 273 -15.31 -16.11 35.65
N PRO B 274 -14.01 -15.79 35.82
CA PRO B 274 -13.62 -15.36 37.18
C PRO B 274 -14.18 -14.02 37.57
N VAL B 275 -16.16 -13.88 38.23
CA VAL B 275 -16.40 -12.52 38.63
C VAL B 275 -16.39 -12.61 40.10
N ILE B 276 -15.27 -12.25 40.70
CA ILE B 276 -15.16 -12.29 42.15
C ILE B 276 -14.49 -11.04 42.74
N SER B 277 -15.10 -10.55 43.82
CA SER B 277 -14.81 -9.24 44.39
C SER B 277 -13.47 -9.15 45.10
N ALA B 278 -12.77 -8.02 44.94
CA ALA B 278 -11.50 -7.78 45.66
C ALA B 278 -11.87 -7.74 47.11
N GLU B 279 -10.95 -8.12 47.98
CA GLU B 279 -11.34 -8.45 49.34
C GLU B 279 -11.53 -9.96 49.42
N LYS B 280 -11.99 -10.54 48.32
CA LYS B 280 -11.90 -11.98 48.18
C LYS B 280 -10.52 -12.27 47.64
N ALA B 281 -9.88 -11.21 47.15
CA ALA B 281 -8.66 -11.26 46.35
C ALA B 281 -7.60 -12.28 46.76
N TYR B 282 -7.60 -12.70 48.03
CA TYR B 282 -6.60 -13.62 48.53
C TYR B 282 -7.00 -15.10 48.42
N HIS B 283 -8.29 -15.38 48.51
CA HIS B 283 -8.80 -16.77 48.51
C HIS B 283 -8.09 -17.62 47.44
N GLU B 284 -7.86 -18.91 47.71
CA GLU B 284 -7.21 -19.84 46.75
C GLU B 284 -7.97 -19.74 45.41
N GLN B 285 -7.23 -19.62 44.30
CA GLN B 285 -7.84 -19.36 42.97
C GLN B 285 -8.75 -20.52 42.49
N LEU B 286 -9.58 -20.29 41.48
CA LEU B 286 -10.45 -21.35 40.97
C LEU B 286 -9.79 -22.17 39.86
N SER B 287 -10.19 -23.44 39.81
CA SER B 287 -9.66 -24.42 38.88
C SER B 287 -10.18 -24.21 37.47
N VAL B 288 -9.38 -24.66 36.51
CA VAL B 288 -9.71 -24.59 35.10
C VAL B 288 -11.07 -25.22 34.86
N ALA B 289 -11.42 -26.20 35.67
CA ALA B 289 -12.69 -26.92 35.56
C ALA B 289 -13.87 -26.10 36.07
N GLU B 290 -13.65 -25.38 37.17
CA GLU B 290 -14.70 -24.58 37.82
C GLU B 290 -15.16 -23.43 36.94
N ILE B 291 -14.19 -22.69 36.40
CA ILE B 291 -14.48 -21.53 35.57
C ILE B 291 -15.18 -22.01 34.33
N THR B 292 -14.64 -23.04 33.71
CA THR B 292 -15.29 -23.68 32.60
C THR B 292 -16.75 -23.96 32.94
N ASN B 293 -16.98 -24.51 34.12
CA ASN B 293 -18.32 -24.87 34.52
C ASN B 293 -19.23 -23.69 34.82
N ALA B 294 -18.65 -22.71 35.46
CA ALA B 294 -19.31 -21.43 35.69
C ALA B 294 -19.90 -20.87 34.41
N CYS B 295 -19.43 -21.34 33.26
CA CYS B 295 -19.84 -20.77 31.97
C CYS B 295 -21.17 -21.34 31.57
N PHE B 296 -21.55 -22.43 32.21
CA PHE B 296 -22.80 -23.02 31.85
C PHE B 296 -23.86 -22.76 32.89
N GLU B 297 -23.60 -21.76 33.72
CA GLU B 297 -24.57 -21.33 34.69
C GLU B 297 -25.32 -20.08 34.22
N PRO B 298 -26.62 -20.20 34.03
CA PRO B 298 -27.45 -19.06 33.63
C PRO B 298 -27.34 -17.87 34.60
N ALA B 299 -26.40 -17.85 36.06
CA ALA B 299 -26.21 -16.70 36.92
C ALA B 299 -24.86 -16.07 36.73
N ASN B 300 -24.43 -15.90 35.48
CA ASN B 300 -23.12 -15.31 35.29
C ASN B 300 -22.92 -14.95 33.84
N GLN B 301 -23.97 -14.48 33.19
CA GLN B 301 -23.84 -14.23 31.78
C GLN B 301 -24.15 -12.88 31.20
N MET B 302 -24.17 -11.84 32.01
CA MET B 302 -24.42 -10.52 31.48
C MET B 302 -25.60 -10.50 30.50
N VAL B 303 -26.67 -11.22 30.83
CA VAL B 303 -27.87 -11.25 29.99
C VAL B 303 -28.98 -12.06 30.65
N LYS B 304 -30.13 -11.41 30.81
CA LYS B 304 -31.30 -12.02 31.43
C LYS B 304 -31.97 -12.98 30.46
N CYS B 305 -31.17 -13.84 29.85
CA CYS B 305 -31.68 -14.80 28.89
C CYS B 305 -31.38 -16.20 29.37
N ASP B 306 -31.45 -16.38 30.69
CA ASP B 306 -31.21 -17.66 31.33
C ASP B 306 -31.53 -18.78 30.35
N PRO B 307 -30.60 -19.73 30.11
CA PRO B 307 -30.86 -20.82 29.17
C PRO B 307 -32.10 -21.63 29.53
N ARG B 308 -33.21 -20.91 29.57
CA ARG B 308 -34.53 -21.41 29.91
C ARG B 308 -34.98 -22.51 28.96
N HIS B 309 -34.22 -22.70 27.89
CA HIS B 309 -34.51 -23.73 26.89
C HIS B 309 -33.59 -23.53 25.70
N GLY B 310 -33.19 -22.28 25.49
CA GLY B 310 -32.32 -21.95 24.38
C GLY B 310 -31.11 -22.84 24.24
N LYS B 311 -31.11 -23.65 23.19
CA LYS B 311 -30.00 -24.54 22.91
C LYS B 311 -28.87 -23.74 22.33
N TYR B 312 -27.68 -23.91 22.87
CA TYR B 312 -26.54 -23.19 22.32
C TYR B 312 -26.41 -23.72 20.90
N MET B 313 -25.76 -22.98 20.02
CA MET B 313 -25.56 -23.43 18.67
C MET B 313 -24.16 -23.08 18.22
N ALA B 314 -23.38 -22.53 19.13
CA ALA B 314 -22.00 -22.15 18.84
C ALA B 314 -21.47 -21.25 19.95
N CYS B 315 -20.36 -21.65 20.54
CA CYS B 315 -19.76 -20.87 21.61
C CYS B 315 -18.30 -20.66 21.27
N CYS B 316 -17.79 -19.47 21.59
CA CYS B 316 -16.42 -19.13 21.32
C CYS B 316 -15.72 -18.92 22.64
N LEU B 317 -15.23 -20.00 23.21
CA LEU B 317 -14.57 -19.89 24.49
C LEU B 317 -13.22 -19.23 24.43
N LEU B 318 -13.19 -17.94 24.69
CA LEU B 318 -11.93 -17.22 24.69
C LEU B 318 -11.31 -17.27 26.07
N TYR B 319 -10.17 -17.94 26.16
CA TYR B 319 -9.46 -18.07 27.42
C TYR B 319 -8.27 -17.14 27.35
N ARG B 320 -7.74 -16.79 28.50
CA ARG B 320 -6.60 -15.91 28.57
C ARG B 320 -5.86 -16.23 29.87
N GLY B 321 -4.54 -16.18 29.84
CA GLY B 321 -3.78 -16.48 31.04
C GLY B 321 -3.14 -17.85 30.92
N ASP B 322 -2.77 -18.44 32.05
CA ASP B 322 -2.14 -19.77 32.05
C ASP B 322 -3.13 -20.90 31.88
N VAL B 323 -3.23 -21.39 30.64
CA VAL B 323 -4.15 -22.47 30.30
C VAL B 323 -3.52 -23.53 29.37
N VAL B 324 -3.57 -24.78 29.81
CA VAL B 324 -3.05 -25.91 29.04
C VAL B 324 -4.13 -26.41 28.10
N PRO B 325 -3.86 -26.36 26.80
CA PRO B 325 -4.79 -26.80 25.78
C PRO B 325 -5.52 -28.10 26.08
N LYS B 326 -4.88 -29.00 26.81
CA LYS B 326 -5.52 -30.27 27.15
C LYS B 326 -6.55 -29.97 28.22
N ASP B 327 -6.18 -29.11 29.17
CA ASP B 327 -7.08 -28.72 30.23
C ASP B 327 -8.39 -28.31 29.60
N VAL B 328 -8.28 -27.57 28.50
CA VAL B 328 -9.46 -27.09 27.77
C VAL B 328 -10.06 -28.24 27.00
N ASN B 329 -9.25 -28.83 26.13
CA ASN B 329 -9.68 -29.97 25.31
C ASN B 329 -9.89 -31.14 26.25
N ALA B 330 -10.68 -30.88 27.29
CA ALA B 330 -11.05 -31.86 28.31
C ALA B 330 -12.16 -31.25 29.16
N ALA B 331 -11.91 -30.04 29.61
CA ALA B 331 -12.88 -29.30 30.40
C ALA B 331 -14.11 -29.10 29.52
N ILE B 332 -13.86 -28.94 28.23
CA ILE B 332 -14.92 -28.76 27.26
C ILE B 332 -15.55 -30.11 26.95
N ALA B 333 -14.71 -31.15 26.89
CA ALA B 333 -15.17 -32.50 26.61
C ALA B 333 -16.17 -32.88 27.67
N THR B 334 -15.80 -32.66 28.93
CA THR B 334 -16.67 -32.97 30.05
C THR B 334 -18.03 -32.29 29.84
N ILE B 335 -17.99 -31.05 29.38
CA ILE B 335 -19.19 -30.28 29.13
C ILE B 335 -19.99 -30.92 27.98
N LYS B 336 -19.35 -31.10 26.84
CA LYS B 336 -20.03 -31.69 25.69
C LYS B 336 -20.87 -32.90 26.06
N THR B 337 -20.60 -33.47 27.22
CA THR B 337 -21.33 -34.65 27.66
C THR B 337 -22.14 -34.47 28.94
N LYS B 338 -22.59 -33.24 29.20
CA LYS B 338 -23.40 -32.95 30.37
C LYS B 338 -24.86 -33.01 29.96
N ARG B 339 -25.07 -33.02 28.65
CA ARG B 339 -26.39 -33.09 28.03
C ARG B 339 -27.42 -32.07 28.51
N THR B 340 -27.48 -31.82 29.81
CA THR B 340 -28.42 -30.86 30.35
C THR B 340 -28.03 -29.48 29.79
N ILE B 341 -26.97 -29.47 28.98
CA ILE B 341 -26.47 -28.26 28.34
C ILE B 341 -26.81 -28.31 26.84
N GLN B 342 -27.67 -29.26 26.50
CA GLN B 342 -28.16 -29.49 25.14
C GLN B 342 -27.79 -28.45 24.06
N PHE B 343 -26.96 -28.88 23.10
CA PHE B 343 -26.54 -28.04 21.97
C PHE B 343 -27.46 -28.35 20.81
N VAL B 344 -27.53 -27.47 19.83
CA VAL B 344 -28.43 -27.73 18.72
C VAL B 344 -28.12 -29.07 18.08
N ASP B 345 -29.08 -29.53 17.28
CA ASP B 345 -28.97 -30.81 16.56
C ASP B 345 -27.98 -30.69 15.44
N TRP B 346 -28.37 -29.92 14.43
CA TRP B 346 -27.56 -29.71 13.24
C TRP B 346 -26.17 -29.24 13.54
N CYS B 347 -25.77 -29.31 14.80
CA CYS B 347 -24.46 -28.88 15.15
C CYS B 347 -23.73 -29.93 15.97
N PRO B 348 -22.80 -30.62 15.35
CA PRO B 348 -22.00 -31.66 16.01
C PRO B 348 -21.23 -31.05 17.13
N THR B 349 -20.24 -30.27 16.71
CA THR B 349 -19.34 -29.55 17.61
C THR B 349 -19.41 -28.05 17.31
N GLY B 350 -19.71 -27.30 18.35
CA GLY B 350 -19.82 -25.84 18.27
C GLY B 350 -19.08 -25.22 19.45
N PHE B 351 -17.77 -25.39 19.42
CA PHE B 351 -16.88 -24.90 20.47
C PHE B 351 -15.56 -24.39 19.90
N LYS B 352 -15.53 -23.09 19.69
CA LYS B 352 -14.33 -22.41 19.20
C LYS B 352 -13.47 -22.02 20.40
N VAL B 353 -12.41 -22.79 20.58
CA VAL B 353 -11.48 -22.58 21.69
C VAL B 353 -10.40 -21.58 21.31
N GLY B 354 -10.52 -20.42 21.94
CA GLY B 354 -9.59 -19.30 21.74
C GLY B 354 -8.72 -19.14 22.98
N ILE B 355 -7.44 -19.38 22.79
CA ILE B 355 -6.45 -19.28 23.86
C ILE B 355 -5.47 -18.14 23.62
N ASN B 356 -5.40 -17.30 24.64
CA ASN B 356 -4.49 -16.17 24.67
C ASN B 356 -3.47 -16.44 25.78
N TYR B 357 -2.45 -15.62 25.85
CA TYR B 357 -1.39 -15.81 26.85
C TYR B 357 -1.61 -14.93 28.08
N GLU B 358 -1.30 -13.66 27.90
CA GLU B 358 -1.40 -12.65 28.97
C GLU B 358 -2.70 -12.81 29.77
N PRO B 359 -2.61 -13.04 31.09
CA PRO B 359 -3.79 -13.17 31.93
C PRO B 359 -4.60 -11.90 31.89
N PRO B 360 -5.82 -11.85 32.48
CA PRO B 360 -6.63 -10.62 32.48
C PRO B 360 -5.89 -9.48 33.19
N THR B 361 -6.52 -8.32 33.25
CA THR B 361 -5.92 -7.17 33.91
C THR B 361 -7.02 -6.35 34.56
N VAL B 362 -7.15 -6.55 35.87
CA VAL B 362 -8.15 -5.88 36.67
C VAL B 362 -7.76 -4.48 37.11
N VAL B 363 -8.78 -3.63 37.20
CA VAL B 363 -8.59 -2.26 37.64
C VAL B 363 -7.82 -2.32 38.95
N PRO B 364 -6.82 -1.46 39.12
CA PRO B 364 -5.97 -1.39 40.32
C PRO B 364 -6.73 -1.59 41.63
N GLY B 365 -7.88 -0.96 41.75
CA GLY B 365 -8.65 -1.07 42.97
C GLY B 365 -10.14 -0.89 42.84
N GLY B 366 -10.73 -1.52 41.82
CA GLY B 366 -12.17 -1.43 41.65
C GLY B 366 -12.82 -2.41 42.59
N ASP B 367 -13.23 -3.56 42.06
CA ASP B 367 -13.84 -4.62 42.86
C ASP B 367 -13.73 -5.97 42.17
N LEU B 368 -12.95 -6.02 41.09
CA LEU B 368 -12.74 -7.26 40.35
C LEU B 368 -11.60 -8.03 40.99
N ALA B 369 -11.85 -9.29 41.32
CA ALA B 369 -10.87 -10.17 41.95
C ALA B 369 -9.43 -9.95 41.51
N LYS B 370 -9.13 -10.48 40.32
CA LYS B 370 -7.81 -10.45 39.67
C LYS B 370 -7.19 -11.84 39.77
N VAL B 371 -7.64 -12.69 38.85
CA VAL B 371 -7.21 -14.07 38.75
C VAL B 371 -6.07 -14.15 37.72
N GLN B 372 -5.57 -15.35 37.49
CA GLN B 372 -4.51 -15.56 36.51
C GLN B 372 -5.03 -16.45 35.39
N ARG B 373 -6.27 -16.20 35.01
CA ARG B 373 -6.91 -16.94 33.94
C ARG B 373 -8.40 -16.66 33.98
N ALA B 374 -9.03 -16.52 32.82
CA ALA B 374 -10.44 -16.22 32.71
C ALA B 374 -11.02 -16.80 31.43
N VAL B 375 -12.35 -16.87 31.39
CA VAL B 375 -13.09 -17.39 30.25
C VAL B 375 -14.22 -16.48 29.81
N CYS B 376 -13.98 -15.73 28.73
CA CYS B 376 -14.98 -14.83 28.17
C CYS B 376 -15.64 -15.60 27.04
N MET B 377 -16.65 -16.38 27.40
CA MET B 377 -17.33 -17.18 26.42
C MET B 377 -18.57 -16.45 25.97
N LEU B 378 -18.73 -16.38 24.66
CA LEU B 378 -19.88 -15.74 24.07
C LEU B 378 -20.52 -16.79 23.20
N SER B 379 -21.80 -16.62 22.90
CA SER B 379 -22.49 -17.63 22.09
C SER B 379 -23.85 -17.23 21.60
N ASN B 380 -24.32 -17.99 20.62
CA ASN B 380 -25.64 -17.80 20.05
C ASN B 380 -26.44 -18.90 20.73
N THR B 381 -27.52 -18.50 21.39
CA THR B 381 -28.37 -19.44 22.10
C THR B 381 -29.80 -19.22 21.68
N THR B 382 -30.48 -20.32 21.37
CA THR B 382 -31.89 -20.26 20.99
C THR B 382 -32.65 -19.61 22.13
N ALA B 383 -31.90 -19.21 23.15
CA ALA B 383 -32.47 -18.59 24.32
C ALA B 383 -33.06 -17.24 24.04
N ILE B 384 -32.32 -16.41 23.30
CA ILE B 384 -32.83 -15.08 23.02
C ILE B 384 -34.22 -15.13 22.40
N ALA B 385 -34.67 -16.31 21.99
CA ALA B 385 -36.01 -16.47 21.43
C ALA B 385 -36.89 -15.75 22.44
N GLU B 386 -36.48 -15.88 23.71
CA GLU B 386 -37.17 -15.23 24.81
C GLU B 386 -36.92 -13.75 24.68
N ALA B 387 -35.84 -13.28 25.30
CA ALA B 387 -35.45 -11.87 25.31
C ALA B 387 -36.02 -11.00 24.19
N TRP B 388 -36.05 -11.51 22.96
CA TRP B 388 -36.61 -10.76 21.85
C TRP B 388 -38.11 -10.73 22.03
N ALA B 389 -38.68 -11.91 22.27
CA ALA B 389 -40.10 -12.06 22.50
C ALA B 389 -40.55 -11.00 23.49
N ARG B 390 -40.13 -11.17 24.74
CA ARG B 390 -40.45 -10.26 25.83
C ARG B 390 -40.26 -8.78 25.53
N LEU B 391 -39.44 -8.47 24.53
CA LEU B 391 -39.16 -7.08 24.20
C LEU B 391 -40.04 -6.63 23.09
N ASP B 392 -40.50 -7.59 22.31
CA ASP B 392 -41.36 -7.33 21.17
C ASP B 392 -42.75 -7.04 21.72
N HIS B 393 -43.21 -7.94 22.57
CA HIS B 393 -44.51 -7.85 23.22
C HIS B 393 -44.65 -6.43 23.77
N LYS B 394 -43.67 -6.00 24.56
CA LYS B 394 -43.63 -4.65 25.12
C LYS B 394 -44.17 -3.68 24.09
N PHE B 395 -43.39 -3.56 23.02
CA PHE B 395 -43.66 -2.71 21.87
C PHE B 395 -45.15 -2.65 21.52
N ASP B 396 -45.70 -3.81 21.16
CA ASP B 396 -47.11 -3.90 20.80
C ASP B 396 -47.99 -3.16 21.77
N LEU B 397 -47.94 -3.56 23.02
CA LEU B 397 -48.77 -2.94 24.02
C LEU B 397 -48.91 -1.45 23.79
N MET B 398 -47.77 -0.77 23.61
CA MET B 398 -47.79 0.67 23.39
C MET B 398 -48.26 1.06 22.00
N TYR B 399 -47.67 0.42 20.99
CA TYR B 399 -48.06 0.70 19.63
C TYR B 399 -49.56 0.49 19.53
N ALA B 400 -50.04 -0.55 20.19
CA ALA B 400 -51.45 -0.88 20.18
C ALA B 400 -52.29 0.35 20.51
N LYS B 401 -51.66 1.36 21.11
CA LYS B 401 -52.36 2.58 21.49
C LYS B 401 -51.64 3.81 20.96
N ARG B 402 -50.63 3.55 20.14
CA ARG B 402 -49.85 4.61 19.52
C ARG B 402 -48.99 5.35 20.53
N ALA B 403 -49.27 5.15 21.81
CA ALA B 403 -48.54 5.82 22.87
C ALA B 403 -47.72 6.96 22.30
N PHE B 404 -46.41 6.96 22.56
CA PHE B 404 -45.56 8.06 22.09
C PHE B 404 -45.26 8.03 20.62
N VAL B 405 -46.27 7.73 19.81
CA VAL B 405 -46.02 7.67 18.38
C VAL B 405 -45.86 9.08 17.81
N HIS B 406 -46.74 9.99 18.21
CA HIS B 406 -46.64 11.33 17.64
C HIS B 406 -45.26 11.93 17.78
N TRP B 407 -44.42 11.32 18.59
CA TRP B 407 -43.09 11.86 18.80
C TRP B 407 -42.16 11.49 17.70
N TYR B 408 -42.47 10.42 16.99
CA TYR B 408 -41.61 9.99 15.90
C TYR B 408 -42.14 10.51 14.60
N VAL B 409 -43.43 10.31 14.38
CA VAL B 409 -44.05 10.75 13.14
C VAL B 409 -43.60 12.16 12.88
N GLY B 410 -43.80 13.02 13.88
CA GLY B 410 -43.41 14.41 13.75
C GLY B 410 -41.91 14.53 13.60
N GLU B 411 -41.24 13.42 13.38
CA GLU B 411 -39.81 13.42 13.22
C GLU B 411 -39.38 12.64 11.99
N GLY B 412 -40.21 12.65 10.97
CA GLY B 412 -39.85 11.96 9.74
C GLY B 412 -39.81 10.45 9.79
N MET B 413 -40.95 9.87 10.14
CA MET B 413 -41.14 8.43 10.24
C MET B 413 -42.59 8.25 9.84
N GLU B 414 -43.09 7.03 9.89
CA GLU B 414 -44.45 6.82 9.49
C GLU B 414 -45.02 5.58 10.13
N GLU B 415 -46.32 5.35 9.92
CA GLU B 415 -46.95 4.14 10.47
C GLU B 415 -46.23 2.98 9.83
N GLY B 416 -45.54 3.27 8.73
CA GLY B 416 -44.79 2.26 8.03
C GLY B 416 -43.67 1.74 8.90
N GLU B 417 -42.61 2.53 9.01
CA GLU B 417 -41.45 2.12 9.79
C GLU B 417 -41.74 1.36 11.06
N PHE B 418 -42.80 1.72 11.78
CA PHE B 418 -43.10 0.98 13.00
C PHE B 418 -43.66 -0.38 12.61
N SER B 419 -44.90 -0.37 12.12
CA SER B 419 -45.56 -1.61 11.72
C SER B 419 -44.69 -2.50 10.85
N GLU B 420 -43.88 -1.89 10.01
CA GLU B 420 -43.04 -2.68 9.12
C GLU B 420 -41.73 -3.14 9.73
N ALA B 421 -41.46 -2.70 10.96
CA ALA B 421 -40.24 -3.10 11.67
C ALA B 421 -40.65 -4.06 12.76
N ARG B 422 -41.95 -4.13 12.96
CA ARG B 422 -42.53 -5.01 13.93
C ARG B 422 -42.57 -6.34 13.19
N GLU B 423 -43.18 -6.32 12.00
CA GLU B 423 -43.25 -7.52 11.17
C GLU B 423 -41.84 -8.07 11.05
N ASP B 424 -40.88 -7.14 10.96
CA ASP B 424 -39.47 -7.49 10.83
C ASP B 424 -39.09 -8.47 11.92
N MET B 425 -39.04 -7.97 13.15
CA MET B 425 -38.67 -8.82 14.26
C MET B 425 -39.54 -10.05 14.36
N ALA B 426 -40.81 -9.95 13.97
CA ALA B 426 -41.69 -11.11 14.02
C ALA B 426 -40.94 -12.32 13.46
N ALA B 427 -40.34 -12.15 12.28
CA ALA B 427 -39.59 -13.22 11.63
C ALA B 427 -38.22 -13.40 12.25
N LEU B 428 -38.04 -12.87 13.44
CA LEU B 428 -36.80 -13.00 14.17
C LEU B 428 -37.16 -13.86 15.38
N GLU B 429 -38.46 -13.93 15.64
CA GLU B 429 -39.03 -14.74 16.71
C GLU B 429 -39.27 -16.13 16.11
N LYS B 430 -39.48 -16.16 14.79
CA LYS B 430 -39.70 -17.42 14.09
C LYS B 430 -38.34 -17.98 13.71
N ASP B 431 -37.44 -17.09 13.34
CA ASP B 431 -36.09 -17.48 12.96
C ASP B 431 -35.40 -18.18 14.12
N TYR B 432 -35.26 -17.47 15.23
CA TYR B 432 -34.61 -18.02 16.42
C TYR B 432 -35.35 -19.21 16.98
N GLU B 433 -36.50 -19.50 16.40
CA GLU B 433 -37.34 -20.63 16.81
C GLU B 433 -37.07 -21.81 15.89
N GLU B 434 -37.06 -21.55 14.59
CA GLU B 434 -36.82 -22.58 13.60
C GLU B 434 -35.41 -23.16 13.64
N VAL B 435 -34.41 -22.28 13.72
CA VAL B 435 -33.01 -22.73 13.75
C VAL B 435 -32.76 -23.61 14.96
N GLY B 436 -33.80 -23.84 15.76
CA GLY B 436 -33.66 -24.66 16.94
C GLY B 436 -35.00 -25.29 17.28
N VAL B 437 -35.09 -25.89 18.47
CA VAL B 437 -36.31 -26.52 18.95
C VAL B 437 -36.77 -27.64 18.00
N ASP B 438 -36.18 -27.69 16.81
CA ASP B 438 -36.55 -28.69 15.81
C ASP B 438 -35.35 -29.48 15.28
N SER B 439 -35.58 -30.72 14.86
CA SER B 439 -34.52 -31.57 14.35
C SER B 439 -34.81 -32.12 12.96
CA ARG C 2 18.30 -35.85 -2.92
C ARG C 2 17.88 -34.63 -2.10
N GLU C 3 16.61 -34.24 -2.18
CA GLU C 3 16.09 -33.07 -1.45
C GLU C 3 14.58 -33.07 -1.24
N ILE C 4 14.12 -32.07 -0.49
CA ILE C 4 12.70 -31.86 -0.18
C ILE C 4 12.52 -30.38 0.22
N VAL C 5 11.29 -29.87 0.14
CA VAL C 5 11.03 -28.50 0.56
C VAL C 5 9.74 -28.40 1.39
N HIS C 6 9.94 -28.28 2.69
CA HIS C 6 8.86 -28.21 3.66
C HIS C 6 7.89 -27.11 3.32
N ILE C 7 6.65 -27.26 3.78
CA ILE C 7 5.60 -26.26 3.53
C ILE C 7 4.71 -26.07 4.77
N GLN C 8 4.83 -24.91 5.42
CA GLN C 8 4.07 -24.54 6.63
C GLN C 8 2.74 -23.83 6.35
N ALA C 9 1.76 -24.55 5.82
CA ALA C 9 0.47 -23.95 5.51
C ALA C 9 -0.41 -23.65 6.72
N GLY C 10 -0.94 -22.43 6.78
CA GLY C 10 -1.80 -22.06 7.89
C GLY C 10 -1.03 -21.75 9.15
N GLN C 11 -1.76 -21.58 10.26
CA GLN C 11 -1.11 -21.29 11.55
C GLN C 11 -0.58 -22.59 12.11
N CYS C 12 -1.48 -23.53 12.32
CA CYS C 12 -1.08 -24.81 12.87
C CYS C 12 0.13 -25.31 12.11
N GLY C 13 -0.09 -25.66 10.86
CA GLY C 13 0.99 -26.16 10.04
C GLY C 13 2.23 -25.31 10.25
N ASN C 14 1.99 -24.05 10.60
CA ASN C 14 3.07 -23.12 10.84
C ASN C 14 3.64 -23.34 12.25
N GLN C 15 2.78 -23.24 13.25
CA GLN C 15 3.19 -23.44 14.64
C GLN C 15 4.10 -24.66 14.70
N ILE C 16 3.64 -25.73 14.06
CA ILE C 16 4.38 -26.99 14.00
C ILE C 16 5.71 -26.82 13.26
N GLY C 17 5.71 -25.96 12.24
CA GLY C 17 6.93 -25.72 11.50
C GLY C 17 7.99 -25.38 12.52
N ALA C 18 7.66 -24.46 13.42
CA ALA C 18 8.60 -24.05 14.44
C ALA C 18 9.10 -25.22 15.25
N LYS C 19 8.24 -26.22 15.46
CA LYS C 19 8.67 -27.38 16.25
C LYS C 19 9.38 -28.39 15.38
N PHE C 20 8.94 -28.54 14.13
CA PHE C 20 9.61 -29.48 13.25
C PHE C 20 11.02 -29.00 12.95
N TRP C 21 11.19 -27.69 12.90
CA TRP C 21 12.50 -27.15 12.62
C TRP C 21 13.28 -26.97 13.91
N GLU C 22 12.58 -26.81 15.01
CA GLU C 22 13.22 -26.68 16.30
C GLU C 22 14.05 -27.95 16.40
N VAL C 23 13.34 -29.08 16.28
CA VAL C 23 13.95 -30.41 16.35
C VAL C 23 15.02 -30.59 15.29
N ILE C 24 14.57 -31.03 14.12
CA ILE C 24 15.39 -31.28 12.97
C ILE C 24 16.75 -30.57 12.98
N SER C 25 16.74 -29.29 13.32
CA SER C 25 17.99 -28.52 13.35
C SER C 25 18.98 -29.16 14.32
N ASP C 26 18.55 -29.33 15.58
CA ASP C 26 19.37 -29.96 16.62
C ASP C 26 19.80 -31.36 16.15
N GLU C 27 18.95 -31.98 15.34
CA GLU C 27 19.22 -33.31 14.77
C GLU C 27 20.08 -33.07 13.53
N HIS C 28 20.70 -31.90 13.49
CA HIS C 28 21.55 -31.52 12.38
C HIS C 28 22.47 -30.38 12.79
N GLY C 29 22.60 -30.18 14.11
CA GLY C 29 23.47 -29.14 14.65
C GLY C 29 23.45 -27.74 14.04
N ILE C 30 22.26 -27.27 13.71
CA ILE C 30 22.13 -25.94 13.13
C ILE C 30 21.48 -24.99 14.13
N ASP C 31 22.30 -24.09 14.69
CA ASP C 31 21.86 -23.10 15.66
C ASP C 31 21.09 -22.01 14.93
N PRO C 32 20.21 -21.28 15.64
CA PRO C 32 19.41 -20.21 15.03
C PRO C 32 19.90 -19.80 13.65
N THR C 33 20.89 -18.91 13.59
CA THR C 33 21.44 -18.49 12.30
C THR C 33 22.80 -19.16 12.15
N GLY C 34 23.30 -19.71 13.26
CA GLY C 34 24.58 -20.39 13.24
C GLY C 34 24.67 -21.44 12.15
N SER C 35 25.73 -22.23 12.19
CA SER C 35 25.95 -23.27 11.19
C SER C 35 25.81 -24.66 11.76
N TYR C 36 26.74 -25.51 11.34
CA TYR C 36 26.76 -26.89 11.78
C TYR C 36 27.72 -27.11 12.95
N HIS C 37 27.16 -27.12 14.17
CA HIS C 37 27.94 -27.36 15.38
C HIS C 37 27.99 -28.86 15.60
N GLY C 38 27.23 -29.58 14.78
CA GLY C 38 27.11 -31.02 14.83
C GLY C 38 28.12 -31.77 15.68
N ASP C 39 27.61 -32.42 16.72
CA ASP C 39 28.44 -33.20 17.62
C ASP C 39 29.25 -34.18 16.78
N SER C 40 28.68 -34.57 15.65
CA SER C 40 29.35 -35.51 14.75
C SER C 40 29.71 -34.86 13.43
N ASP C 41 29.94 -35.71 12.41
CA ASP C 41 30.31 -35.24 11.07
C ASP C 41 29.34 -35.82 10.05
N LEU C 42 28.50 -36.75 10.52
CA LEU C 42 27.52 -37.40 9.66
C LEU C 42 26.22 -36.62 9.50
N GLN C 43 25.94 -35.73 10.45
CA GLN C 43 24.73 -34.91 10.42
C GLN C 43 24.89 -33.77 9.43
N LEU C 44 25.77 -33.95 8.45
CA LEU C 44 26.06 -32.90 7.48
C LEU C 44 26.14 -33.35 6.03
N GLU C 45 26.64 -34.56 5.80
CA GLU C 45 26.78 -35.07 4.44
C GLU C 45 25.46 -35.18 3.68
N ARG C 46 24.35 -35.08 4.39
CA ARG C 46 23.05 -35.22 3.76
C ARG C 46 22.08 -34.07 4.08
N ILE C 47 22.52 -33.08 4.85
CA ILE C 47 21.64 -31.97 5.21
C ILE C 47 20.86 -31.41 4.03
N ASN C 48 21.58 -31.08 2.96
CA ASN C 48 20.99 -30.51 1.76
C ASN C 48 19.50 -30.76 1.68
N VAL C 49 19.08 -31.99 1.94
CA VAL C 49 17.67 -32.35 1.91
C VAL C 49 16.74 -31.27 2.48
N TYR C 50 17.24 -30.46 3.41
CA TYR C 50 16.43 -29.41 4.04
C TYR C 50 17.02 -28.00 4.08
N TYR C 51 18.22 -27.80 3.54
CA TYR C 51 18.81 -26.46 3.61
C TYR C 51 19.43 -25.98 2.30
N ASN C 52 20.13 -24.84 2.37
CA ASN C 52 20.79 -24.26 1.21
C ASN C 52 22.08 -23.55 1.59
N GLU C 53 23.08 -23.64 0.71
CA GLU C 53 24.39 -23.02 0.95
C GLU C 53 24.47 -21.60 0.38
N ALA C 54 24.71 -20.63 1.25
CA ALA C 54 24.84 -19.23 0.83
C ALA C 54 26.11 -18.64 1.45
N ALA C 55 26.06 -18.38 2.75
CA ALA C 55 27.21 -17.81 3.44
C ALA C 55 28.30 -18.88 3.62
N GLY C 56 28.17 -19.69 4.66
CA GLY C 56 29.13 -20.74 4.94
C GLY C 56 28.96 -21.19 6.37
N ASN C 57 27.98 -20.58 7.02
CA ASN C 57 27.62 -20.86 8.41
C ASN C 57 26.11 -20.71 8.47
N LYS C 58 25.53 -20.29 7.35
CA LYS C 58 24.10 -20.09 7.27
C LYS C 58 23.41 -21.05 6.30
N TYR C 59 23.03 -22.21 6.82
CA TYR C 59 22.32 -23.20 6.04
C TYR C 59 20.87 -22.89 6.40
N VAL C 60 20.15 -22.25 5.48
CA VAL C 60 18.77 -21.89 5.75
C VAL C 60 17.72 -22.90 5.38
N PRO C 61 16.81 -23.21 6.32
CA PRO C 61 15.76 -24.17 6.07
C PRO C 61 15.02 -23.80 4.78
N ARG C 62 14.83 -24.81 3.93
CA ARG C 62 14.16 -24.62 2.67
C ARG C 62 12.70 -25.04 2.76
N ALA C 63 11.92 -24.22 3.46
CA ALA C 63 10.51 -24.45 3.65
C ALA C 63 9.73 -23.23 3.20
N ILE C 64 8.40 -23.32 3.26
CA ILE C 64 7.58 -22.18 2.88
C ILE C 64 6.64 -21.91 4.03
N LEU C 65 6.40 -20.62 4.32
CA LEU C 65 5.50 -20.23 5.40
C LEU C 65 4.33 -19.46 4.80
N VAL C 66 3.24 -20.19 4.60
CA VAL C 66 2.04 -19.65 4.01
C VAL C 66 0.94 -19.42 5.07
N ASP C 67 0.44 -18.19 5.12
CA ASP C 67 -0.58 -17.82 6.09
C ASP C 67 -1.19 -16.44 5.84
N LEU C 68 -2.50 -16.34 6.03
CA LEU C 68 -3.24 -15.09 5.81
C LEU C 68 -3.44 -14.28 7.09
N GLU C 69 -2.76 -14.69 8.16
CA GLU C 69 -2.86 -14.03 9.46
C GLU C 69 -1.44 -13.61 9.83
N PRO C 70 -1.15 -12.31 9.76
CA PRO C 70 0.20 -11.89 10.13
C PRO C 70 0.64 -12.38 11.52
N GLY C 71 0.01 -11.86 12.58
CA GLY C 71 0.35 -12.25 13.93
C GLY C 71 1.03 -13.60 14.11
N THR C 72 0.52 -14.62 13.41
CA THR C 72 1.08 -15.97 13.51
C THR C 72 2.55 -15.98 13.10
N MET C 73 2.81 -15.94 11.80
CA MET C 73 4.18 -15.96 11.31
C MET C 73 5.03 -14.91 12.01
N ASP C 74 4.37 -13.89 12.57
CA ASP C 74 5.05 -12.81 13.29
C ASP C 74 5.25 -13.18 14.76
N SER C 75 5.00 -14.45 15.08
CA SER C 75 5.18 -14.98 16.43
C SER C 75 6.26 -16.04 16.26
N VAL C 76 6.22 -16.69 15.10
CA VAL C 76 7.18 -17.71 14.75
C VAL C 76 8.46 -17.05 14.31
N ARG C 77 8.33 -15.85 13.75
CA ARG C 77 9.50 -15.12 13.28
C ARG C 77 10.06 -14.19 14.36
N SER C 78 9.32 -14.03 15.46
CA SER C 78 9.77 -13.15 16.54
C SER C 78 10.16 -13.91 17.81
N GLY C 79 10.29 -15.23 17.70
CA GLY C 79 10.66 -16.03 18.85
C GLY C 79 12.03 -16.68 18.75
N PRO C 80 12.15 -17.97 19.10
CA PRO C 80 13.43 -18.69 19.05
C PRO C 80 14.01 -18.78 17.63
N PHE C 81 14.09 -19.99 17.10
CA PHE C 81 14.64 -20.22 15.76
C PHE C 81 13.98 -19.38 14.67
N GLY C 82 13.01 -18.57 15.05
CA GLY C 82 12.31 -17.76 14.07
C GLY C 82 13.15 -16.93 13.12
N GLN C 83 14.39 -16.64 13.50
CA GLN C 83 15.24 -15.82 12.64
C GLN C 83 16.24 -16.58 11.78
N ILE C 84 15.83 -17.74 11.28
CA ILE C 84 16.70 -18.56 10.42
C ILE C 84 16.13 -18.59 9.01
N PHE C 85 14.82 -18.42 8.91
CA PHE C 85 14.15 -18.49 7.62
C PHE C 85 14.49 -17.21 6.87
N ARG C 86 14.84 -17.32 5.59
CA ARG C 86 15.12 -16.13 4.81
C ARG C 86 13.73 -15.50 4.66
N PRO C 87 13.62 -14.18 4.84
CA PRO C 87 12.33 -13.48 4.73
C PRO C 87 11.55 -13.82 3.47
N ASP C 88 12.28 -14.16 2.42
CA ASP C 88 11.69 -14.52 1.15
C ASP C 88 10.70 -15.68 1.36
N ASN C 89 10.97 -16.51 2.37
CA ASN C 89 10.14 -17.67 2.71
C ASN C 89 8.75 -17.31 3.19
N PHE C 90 8.63 -16.18 3.89
CA PHE C 90 7.35 -15.75 4.44
C PHE C 90 6.35 -15.27 3.39
N VAL C 91 5.43 -16.13 2.98
CA VAL C 91 4.41 -15.71 2.02
C VAL C 91 3.16 -15.46 2.82
N PHE C 92 3.05 -14.25 3.34
CA PHE C 92 1.91 -13.83 4.16
C PHE C 92 0.75 -13.29 3.34
N GLY C 93 -0.41 -13.16 3.99
CA GLY C 93 -1.58 -12.62 3.34
C GLY C 93 -2.27 -11.80 4.40
N GLN C 94 -1.82 -10.56 4.58
CA GLN C 94 -2.37 -9.68 5.62
C GLN C 94 -3.90 -9.53 5.58
N SER C 95 -4.52 -10.14 4.57
CA SER C 95 -5.97 -10.10 4.41
C SER C 95 -6.64 -10.61 5.68
N GLY C 96 -7.95 -10.86 5.61
CA GLY C 96 -8.64 -11.40 6.77
C GLY C 96 -8.54 -12.91 6.65
N ALA C 97 -7.66 -13.53 7.42
CA ALA C 97 -7.47 -14.98 7.35
C ALA C 97 -8.69 -15.78 7.83
N GLY C 98 -9.88 -15.29 7.50
CA GLY C 98 -11.12 -15.95 7.90
C GLY C 98 -11.02 -17.44 7.99
N ASN C 99 -11.73 -18.02 8.95
CA ASN C 99 -11.71 -19.45 9.19
C ASN C 99 -12.48 -20.27 8.16
N ASN C 100 -12.59 -19.74 6.95
CA ASN C 100 -13.33 -20.40 5.90
C ASN C 100 -12.46 -21.05 4.85
N TRP C 101 -12.69 -22.34 4.63
CA TRP C 101 -11.96 -23.12 3.63
C TRP C 101 -12.07 -22.39 2.31
N ALA C 102 -13.25 -21.86 2.07
CA ALA C 102 -13.53 -21.14 0.87
C ALA C 102 -12.81 -19.83 0.83
N LYS C 103 -12.57 -19.24 2.00
CA LYS C 103 -11.90 -17.94 2.02
C LYS C 103 -10.40 -18.04 1.80
N GLY C 104 -9.84 -19.23 1.98
CA GLY C 104 -8.42 -19.39 1.76
C GLY C 104 -8.10 -20.29 0.58
N HIS C 105 -9.12 -20.68 -0.17
CA HIS C 105 -8.91 -21.54 -1.31
C HIS C 105 -9.42 -20.93 -2.59
N TYR C 106 -10.46 -20.11 -2.51
CA TYR C 106 -11.02 -19.49 -3.72
C TYR C 106 -10.94 -17.97 -3.77
N THR C 107 -11.14 -17.32 -2.65
CA THR C 107 -11.17 -15.88 -2.67
C THR C 107 -9.97 -15.16 -2.15
N GLU C 108 -9.56 -15.47 -0.94
CA GLU C 108 -8.43 -14.78 -0.38
C GLU C 108 -7.12 -15.48 -0.71
N GLY C 109 -7.06 -16.79 -0.49
CA GLY C 109 -5.84 -17.51 -0.76
C GLY C 109 -5.45 -17.56 -2.22
N ALA C 110 -6.44 -17.70 -3.10
CA ALA C 110 -6.19 -17.79 -4.52
C ALA C 110 -5.31 -16.66 -5.04
N GLU C 111 -5.30 -15.53 -4.34
CA GLU C 111 -4.49 -14.42 -4.79
C GLU C 111 -3.04 -14.63 -4.36
N LEU C 112 -2.87 -14.90 -3.07
CA LEU C 112 -1.55 -15.12 -2.49
C LEU C 112 -0.82 -16.34 -3.05
N VAL C 113 -1.54 -17.17 -3.77
CA VAL C 113 -0.97 -18.40 -4.34
C VAL C 113 0.19 -18.16 -5.30
N ASP C 114 -0.04 -17.37 -6.35
CA ASP C 114 1.00 -17.10 -7.33
C ASP C 114 2.28 -16.61 -6.68
N SER C 115 2.15 -15.76 -5.64
CA SER C 115 3.32 -15.24 -4.93
C SER C 115 3.93 -16.32 -4.05
N VAL C 116 3.32 -17.51 -4.05
CA VAL C 116 3.85 -18.62 -3.27
C VAL C 116 4.53 -19.50 -4.29
N LEU C 117 3.76 -20.04 -5.23
CA LEU C 117 4.30 -20.91 -6.27
C LEU C 117 5.63 -20.37 -6.76
N ASP C 118 5.70 -19.05 -6.82
CA ASP C 118 6.87 -18.31 -7.27
C ASP C 118 8.06 -18.85 -6.47
N VAL C 119 7.94 -18.80 -5.16
CA VAL C 119 9.00 -19.26 -4.29
C VAL C 119 9.15 -20.77 -4.31
N VAL C 120 8.04 -21.50 -4.24
CA VAL C 120 8.11 -22.97 -4.25
C VAL C 120 8.92 -23.44 -5.47
N ARG C 121 9.11 -22.54 -6.44
CA ARG C 121 9.88 -22.84 -7.64
C ARG C 121 11.31 -22.36 -7.43
N LYS C 122 11.46 -21.25 -6.72
CA LYS C 122 12.78 -20.74 -6.44
C LYS C 122 13.53 -21.77 -5.59
N GLU C 123 12.78 -22.46 -4.73
CA GLU C 123 13.36 -23.46 -3.84
C GLU C 123 13.54 -24.79 -4.52
N SER C 124 12.61 -25.15 -5.41
CA SER C 124 12.68 -26.42 -6.12
C SER C 124 13.86 -26.42 -7.07
N GLU C 125 14.00 -25.31 -7.80
CA GLU C 125 15.07 -25.13 -8.76
C GLU C 125 16.37 -24.73 -8.04
N SER C 126 16.40 -24.98 -6.74
CA SER C 126 17.57 -24.69 -5.92
C SER C 126 18.72 -25.38 -6.62
N CYS C 127 18.93 -26.64 -6.27
CA CYS C 127 20.00 -27.43 -6.87
C CYS C 127 19.75 -28.93 -6.79
N ASP C 128 20.77 -29.68 -7.20
CA ASP C 128 20.76 -31.14 -7.24
C ASP C 128 19.42 -31.67 -7.76
N CYS C 129 18.92 -32.72 -7.12
CA CYS C 129 17.67 -33.34 -7.53
C CYS C 129 16.62 -33.32 -6.43
N LEU C 130 15.44 -32.84 -6.78
CA LEU C 130 14.32 -32.76 -5.84
C LEU C 130 13.63 -34.12 -5.71
N GLN C 131 13.25 -34.41 -4.48
CA GLN C 131 12.56 -35.66 -4.13
C GLN C 131 11.05 -35.41 -3.99
N GLY C 132 10.71 -34.49 -3.10
CA GLY C 132 9.31 -34.13 -2.82
C GLY C 132 9.24 -32.97 -1.82
N PHE C 133 8.02 -32.66 -1.42
CA PHE C 133 7.73 -31.57 -0.47
C PHE C 133 6.93 -32.08 0.74
N GLN C 134 7.33 -31.56 1.89
CA GLN C 134 6.67 -31.83 3.18
C GLN C 134 5.60 -30.76 3.39
N LEU C 135 4.44 -31.18 3.81
CA LEU C 135 3.31 -30.26 4.00
C LEU C 135 2.64 -30.47 5.37
N THR C 136 2.68 -29.39 6.13
CA THR C 136 2.07 -29.34 7.48
C THR C 136 0.90 -28.37 7.45
N HIS C 137 -0.14 -28.74 8.16
CA HIS C 137 -1.36 -27.93 8.27
C HIS C 137 -2.43 -28.69 9.03
N SER C 138 -3.53 -28.00 9.24
CA SER C 138 -4.70 -28.53 9.91
C SER C 138 -5.89 -28.43 8.98
N LEU C 139 -6.67 -29.49 8.94
CA LEU C 139 -7.84 -29.55 8.09
C LEU C 139 -9.05 -28.96 8.77
N GLY C 140 -8.82 -28.02 9.68
CA GLY C 140 -9.92 -27.39 10.39
C GLY C 140 -9.83 -25.88 10.44
N GLY C 141 -9.57 -25.27 9.29
CA GLY C 141 -9.46 -23.82 9.20
C GLY C 141 -9.24 -23.32 7.78
N GLY C 142 -9.07 -22.01 7.63
CA GLY C 142 -8.88 -21.44 6.32
C GLY C 142 -7.49 -21.67 5.76
N THR C 143 -6.54 -20.86 6.20
CA THR C 143 -5.16 -20.97 5.74
C THR C 143 -4.59 -22.37 5.77
N GLY C 144 -5.27 -23.28 6.45
CA GLY C 144 -4.78 -24.63 6.54
C GLY C 144 -5.32 -25.54 5.48
N SER C 145 -6.59 -25.89 5.61
CA SER C 145 -7.24 -26.79 4.68
C SER C 145 -7.45 -26.21 3.30
N GLY C 146 -7.94 -24.98 3.23
CA GLY C 146 -8.19 -24.37 1.95
C GLY C 146 -6.95 -23.95 1.20
N MET C 147 -6.28 -22.91 1.68
CA MET C 147 -5.08 -22.42 1.02
C MET C 147 -3.91 -23.40 0.91
N GLY C 148 -3.76 -24.29 1.88
CA GLY C 148 -2.68 -25.25 1.83
C GLY C 148 -3.04 -26.39 0.90
N THR C 149 -4.34 -26.66 0.82
CA THR C 149 -4.82 -27.73 -0.03
C THR C 149 -4.77 -27.26 -1.46
N LEU C 150 -4.60 -25.96 -1.64
CA LEU C 150 -4.50 -25.41 -2.99
C LEU C 150 -3.03 -25.48 -3.36
N LEU C 151 -2.19 -25.04 -2.44
CA LEU C 151 -0.76 -25.04 -2.65
C LEU C 151 -0.32 -26.35 -3.24
N ILE C 152 -0.92 -27.44 -2.80
CA ILE C 152 -0.53 -28.73 -3.33
C ILE C 152 -1.12 -29.01 -4.69
N SER C 153 -2.40 -28.73 -4.86
CA SER C 153 -3.06 -28.98 -6.14
C SER C 153 -2.28 -28.32 -7.27
N LYS C 154 -1.52 -27.28 -6.91
CA LYS C 154 -0.68 -26.54 -7.86
C LYS C 154 0.68 -27.22 -7.94
N ILE C 155 1.22 -27.57 -6.78
CA ILE C 155 2.50 -28.25 -6.72
C ILE C 155 2.43 -29.53 -7.61
N ARG C 156 1.39 -30.34 -7.40
CA ARG C 156 1.17 -31.60 -8.13
C ARG C 156 0.84 -31.45 -9.60
N GLU C 157 0.97 -30.24 -10.13
CA GLU C 157 0.67 -29.99 -11.53
C GLU C 157 1.98 -29.54 -12.10
N GLU C 158 2.83 -29.05 -11.20
CA GLU C 158 4.14 -28.55 -11.54
C GLU C 158 5.23 -29.62 -11.52
N TYR C 159 5.05 -30.64 -10.71
CA TYR C 159 6.03 -31.70 -10.67
C TYR C 159 5.37 -33.02 -10.27
N PRO C 160 4.48 -33.53 -11.14
CA PRO C 160 3.80 -34.80 -10.85
C PRO C 160 4.78 -35.98 -10.73
N ASP C 161 6.05 -35.63 -10.61
CA ASP C 161 7.13 -36.59 -10.46
C ASP C 161 7.58 -36.64 -9.00
N ARG C 162 7.98 -35.49 -8.46
CA ARG C 162 8.43 -35.44 -7.09
C ARG C 162 7.25 -35.81 -6.18
N ILE C 163 7.55 -36.43 -5.05
CA ILE C 163 6.53 -36.86 -4.10
C ILE C 163 5.91 -35.74 -3.26
N MET C 164 4.88 -36.10 -2.50
CA MET C 164 4.14 -35.18 -1.65
C MET C 164 3.62 -35.78 -0.35
N ASN C 165 4.41 -35.64 0.70
CA ASN C 165 4.02 -36.14 2.00
C ASN C 165 3.17 -35.06 2.60
N THR C 166 2.09 -35.46 3.24
CA THR C 166 1.22 -34.49 3.86
C THR C 166 1.01 -34.86 5.32
N PHE C 167 1.27 -33.89 6.18
CA PHE C 167 1.06 -34.05 7.61
C PHE C 167 -0.17 -33.23 7.98
N SER C 168 -1.29 -33.93 8.11
CA SER C 168 -2.56 -33.30 8.44
C SER C 168 -3.02 -33.54 9.88
N VAL C 169 -3.56 -32.50 10.48
CA VAL C 169 -4.06 -32.58 11.82
C VAL C 169 -5.57 -32.74 11.75
N VAL C 170 -5.98 -33.89 11.25
CA VAL C 170 -7.39 -34.22 11.13
C VAL C 170 -8.13 -33.83 12.42
N PRO C 171 -9.33 -33.26 12.28
CA PRO C 171 -10.20 -32.82 13.38
C PRO C 171 -10.41 -33.88 14.44
N SER C 172 -9.85 -33.63 15.61
CA SER C 172 -9.96 -34.54 16.74
C SER C 172 -11.43 -34.78 17.05
N PRO C 173 -11.77 -36.00 17.51
CA PRO C 173 -13.16 -36.31 17.85
C PRO C 173 -13.73 -35.58 19.08
N LYS C 174 -13.74 -36.26 20.23
CA LYS C 174 -14.26 -35.71 21.48
C LYS C 174 -14.66 -34.23 21.43
N VAL C 175 -13.70 -33.34 21.20
CA VAL C 175 -13.98 -31.90 21.12
C VAL C 175 -13.32 -31.25 19.92
N SER C 176 -14.07 -30.45 19.19
CA SER C 176 -13.55 -29.76 18.02
C SER C 176 -13.11 -28.34 18.35
N ASP C 177 -11.84 -28.04 18.08
CA ASP C 177 -11.27 -26.75 18.39
C ASP C 177 -11.75 -25.66 17.45
N THR C 178 -12.81 -25.95 16.72
CA THR C 178 -13.45 -25.03 15.79
C THR C 178 -14.89 -25.52 15.60
N VAL C 179 -15.70 -24.78 14.85
CA VAL C 179 -17.09 -25.16 14.68
C VAL C 179 -17.47 -25.73 13.33
N VAL C 180 -16.95 -25.15 12.27
CA VAL C 180 -17.27 -25.62 10.94
C VAL C 180 -16.38 -26.80 10.60
N GLU C 181 -15.33 -26.96 11.40
CA GLU C 181 -14.35 -28.03 11.29
C GLU C 181 -14.60 -29.03 10.16
N PRO C 182 -15.71 -29.82 10.22
CA PRO C 182 -15.99 -30.79 9.16
C PRO C 182 -16.12 -30.19 7.78
N TYR C 183 -16.42 -28.90 7.73
CA TYR C 183 -16.52 -28.16 6.49
C TYR C 183 -15.12 -27.94 5.96
N ASN C 184 -14.30 -27.25 6.73
CA ASN C 184 -12.91 -27.03 6.34
C ASN C 184 -12.19 -28.35 6.11
N ALA C 185 -12.60 -29.40 6.83
CA ALA C 185 -11.96 -30.70 6.72
C ALA C 185 -12.36 -31.47 5.48
N THR C 186 -13.60 -31.94 5.46
CA THR C 186 -14.09 -32.69 4.34
C THR C 186 -13.58 -32.09 3.04
N LEU C 187 -13.55 -30.77 2.99
CA LEU C 187 -13.10 -30.07 1.79
C LEU C 187 -11.61 -30.20 1.49
N SER C 188 -10.79 -30.35 2.53
CA SER C 188 -9.37 -30.47 2.33
C SER C 188 -8.96 -31.92 2.08
N VAL C 189 -9.57 -32.87 2.77
CA VAL C 189 -9.25 -34.29 2.58
C VAL C 189 -9.47 -34.65 1.10
N HIS C 190 -10.54 -34.09 0.57
CA HIS C 190 -10.95 -34.23 -0.81
C HIS C 190 -9.71 -33.96 -1.68
N GLN C 191 -9.15 -32.75 -1.53
CA GLN C 191 -7.95 -32.28 -2.26
C GLN C 191 -6.74 -33.19 -2.03
N LEU C 192 -6.66 -33.75 -0.83
CA LEU C 192 -5.56 -34.63 -0.45
C LEU C 192 -5.59 -35.96 -1.19
N VAL C 193 -6.73 -36.65 -1.10
CA VAL C 193 -6.97 -37.96 -1.74
C VAL C 193 -6.69 -37.89 -3.22
N GLU C 194 -6.34 -36.69 -3.69
CA GLU C 194 -6.14 -36.52 -5.10
C GLU C 194 -4.97 -35.69 -5.57
N ASN C 195 -3.98 -35.55 -4.71
CA ASN C 195 -2.77 -34.81 -5.05
C ASN C 195 -1.59 -35.39 -4.28
N THR C 196 -1.46 -35.11 -2.98
CA THR C 196 -0.35 -35.68 -2.21
C THR C 196 -0.42 -37.22 -2.26
N ASP C 197 0.71 -37.92 -2.12
CA ASP C 197 0.67 -39.39 -2.19
C ASP C 197 1.15 -40.11 -0.95
N GLU C 198 1.20 -39.39 0.17
CA GLU C 198 1.61 -39.89 1.49
C GLU C 198 1.12 -38.86 2.51
N THR C 199 0.16 -39.26 3.34
CA THR C 199 -0.39 -38.36 4.34
C THR C 199 -0.27 -38.95 5.73
N TYR C 200 0.25 -38.17 6.66
CA TYR C 200 0.37 -38.63 8.04
C TYR C 200 -0.56 -37.80 8.95
N CYS C 201 -1.72 -38.38 9.24
CA CYS C 201 -2.78 -37.77 10.06
C CYS C 201 -2.56 -37.86 11.56
N ILE C 202 -2.47 -36.70 12.18
CA ILE C 202 -2.25 -36.59 13.61
C ILE C 202 -3.48 -35.99 14.29
N ASP C 203 -3.77 -36.41 15.52
CA ASP C 203 -4.94 -35.93 16.26
C ASP C 203 -4.59 -35.32 17.61
N ASN C 204 -4.80 -34.01 17.73
CA ASN C 204 -4.50 -33.31 18.95
C ASN C 204 -4.89 -34.05 20.23
N GLU C 205 -5.92 -34.89 20.17
CA GLU C 205 -6.35 -35.64 21.36
C GLU C 205 -5.79 -37.07 21.42
N ALA C 206 -5.29 -37.56 20.30
CA ALA C 206 -4.69 -38.87 20.30
C ALA C 206 -3.34 -38.62 20.93
N LEU C 207 -2.85 -37.39 20.76
CA LEU C 207 -1.58 -36.95 21.30
C LEU C 207 -1.71 -36.74 22.79
N TYR C 208 -2.65 -35.89 23.20
CA TYR C 208 -2.86 -35.65 24.60
C TYR C 208 -2.73 -36.98 25.27
N ASP C 209 -3.69 -37.86 25.00
CA ASP C 209 -3.68 -39.20 25.57
C ASP C 209 -2.27 -39.73 25.60
N ILE C 210 -1.75 -40.05 24.43
CA ILE C 210 -0.40 -40.58 24.29
C ILE C 210 0.65 -39.70 24.96
N CYS C 211 0.27 -38.49 25.34
CA CYS C 211 1.20 -37.55 25.95
C CYS C 211 0.94 -37.34 27.44
N PHE C 212 -0.22 -37.76 27.90
CA PHE C 212 -0.58 -37.60 29.31
C PHE C 212 -0.59 -38.94 30.05
N ARG C 213 -0.53 -40.05 29.32
CA ARG C 213 -0.50 -41.35 29.95
C ARG C 213 0.74 -42.15 29.55
N THR C 214 1.35 -41.80 28.42
CA THR C 214 2.54 -42.48 27.95
C THR C 214 3.76 -41.62 28.28
N LEU C 215 3.45 -40.46 28.84
CA LEU C 215 4.40 -39.46 29.32
C LEU C 215 3.53 -38.93 30.44
N LYS C 216 3.82 -39.31 31.66
CA LYS C 216 3.02 -38.87 32.80
C LYS C 216 2.80 -37.34 32.76
N LEU C 217 3.25 -36.71 31.68
CA LEU C 217 3.12 -35.27 31.48
C LEU C 217 1.71 -34.77 31.84
N THR C 218 1.63 -33.93 32.88
CA THR C 218 0.36 -33.40 33.37
C THR C 218 -0.13 -32.11 32.66
N THR C 219 0.80 -31.29 32.18
CA THR C 219 0.42 -30.07 31.46
C THR C 219 0.97 -30.07 30.04
N PRO C 220 0.38 -30.90 29.18
CA PRO C 220 0.81 -31.00 27.79
C PRO C 220 0.44 -29.78 26.96
N THR C 221 1.30 -28.79 26.96
CA THR C 221 1.07 -27.60 26.19
C THR C 221 1.08 -27.97 24.71
N TYR C 222 0.64 -27.05 23.84
CA TYR C 222 0.66 -27.34 22.41
C TYR C 222 2.09 -27.63 22.01
N GLY C 223 2.99 -26.72 22.37
CA GLY C 223 4.40 -26.89 22.04
C GLY C 223 4.79 -28.35 22.10
N ASP C 224 4.30 -29.02 23.14
CA ASP C 224 4.60 -30.42 23.34
C ASP C 224 4.03 -31.23 22.18
N LEU C 225 2.71 -31.34 22.12
CA LEU C 225 2.06 -32.09 21.06
C LEU C 225 2.89 -31.92 19.80
N ASN C 226 3.03 -30.66 19.39
CA ASN C 226 3.79 -30.32 18.20
C ASN C 226 5.13 -31.03 18.24
N HIS C 227 5.82 -30.85 19.35
CA HIS C 227 7.11 -31.45 19.55
C HIS C 227 7.11 -32.96 19.30
N LEU C 228 6.10 -33.66 19.84
CA LEU C 228 5.99 -35.09 19.66
C LEU C 228 5.84 -35.43 18.18
N VAL C 229 4.94 -34.72 17.55
CA VAL C 229 4.66 -34.92 16.11
C VAL C 229 5.96 -34.77 15.31
N SER C 230 6.55 -33.60 15.46
CA SER C 230 7.79 -33.24 14.77
C SER C 230 8.87 -34.31 14.97
N ALA C 231 8.70 -35.07 16.03
CA ALA C 231 9.62 -36.15 16.39
C ALA C 231 9.51 -37.30 15.39
N THR C 232 8.27 -37.50 14.94
CA THR C 232 7.93 -38.58 14.00
C THR C 232 8.33 -38.24 12.57
N MET C 233 8.04 -37.00 12.18
CA MET C 233 8.32 -36.55 10.81
C MET C 233 9.84 -36.44 10.58
N SER C 234 10.60 -36.50 11.67
CA SER C 234 12.07 -36.46 11.61
C SER C 234 12.61 -37.87 11.38
N GLY C 235 11.91 -38.82 11.98
CA GLY C 235 12.25 -40.24 11.88
C GLY C 235 11.99 -40.72 10.46
N VAL C 236 10.92 -40.19 9.90
CA VAL C 236 10.47 -40.50 8.53
C VAL C 236 11.54 -40.08 7.53
N THR C 237 11.41 -38.83 7.12
CA THR C 237 12.29 -38.19 6.14
C THR C 237 13.75 -38.20 6.63
N THR C 238 14.22 -37.00 6.92
CA THR C 238 15.58 -36.72 7.39
C THR C 238 16.34 -37.98 7.77
N CYS C 239 15.73 -38.76 8.65
CA CYS C 239 16.31 -40.00 9.11
C CYS C 239 16.82 -40.84 7.96
N LEU C 240 15.91 -41.35 7.16
CA LEU C 240 16.29 -42.20 6.04
C LEU C 240 17.31 -41.59 5.11
N ARG C 241 17.55 -40.29 5.26
CA ARG C 241 18.54 -39.62 4.44
C ARG C 241 19.85 -39.74 5.19
N PHE C 242 19.93 -40.82 5.95
CA PHE C 242 21.11 -41.17 6.73
C PHE C 242 21.46 -42.57 6.25
N PRO C 243 22.65 -43.05 6.63
CA PRO C 243 23.06 -44.39 6.20
C PRO C 243 22.21 -45.43 6.92
N GLY C 244 22.45 -46.70 6.64
CA GLY C 244 21.69 -47.76 7.29
C GLY C 244 21.98 -49.10 6.64
N GLN C 245 21.86 -50.17 7.41
CA GLN C 245 22.12 -51.48 6.85
C GLN C 245 21.12 -51.63 5.72
N LEU C 246 19.89 -51.23 6.00
CA LEU C 246 18.81 -51.28 5.03
C LEU C 246 18.06 -49.96 5.05
N ASN C 247 18.48 -49.02 4.22
CA ASN C 247 17.81 -47.73 4.22
C ASN C 247 16.81 -47.60 3.11
N ALA C 248 15.84 -46.74 3.33
CA ALA C 248 14.80 -46.47 2.38
C ALA C 248 14.75 -44.95 2.24
N ASP C 249 13.76 -44.44 1.52
CA ASP C 249 13.60 -43.00 1.30
C ASP C 249 12.22 -42.77 0.74
N LEU C 250 11.59 -41.67 1.15
CA LEU C 250 10.24 -41.33 0.72
C LEU C 250 9.62 -42.29 -0.26
N ARG C 251 10.27 -42.48 -1.41
CA ARG C 251 9.70 -43.41 -2.36
C ARG C 251 9.56 -44.81 -1.77
N LYS C 252 10.66 -45.46 -1.41
CA LYS C 252 10.56 -46.80 -0.83
C LYS C 252 9.32 -46.77 0.04
N LEU C 253 9.32 -45.83 0.99
CA LEU C 253 8.20 -45.65 1.90
C LEU C 253 6.90 -45.57 1.13
N ALA C 254 6.92 -44.83 0.03
CA ALA C 254 5.73 -44.70 -0.76
C ALA C 254 5.48 -45.97 -1.56
N VAL C 255 6.49 -46.43 -2.28
CA VAL C 255 6.34 -47.61 -3.11
C VAL C 255 6.21 -48.93 -2.35
N ASN C 256 6.09 -48.87 -1.04
CA ASN C 256 5.93 -50.10 -0.24
C ASN C 256 4.70 -49.95 0.60
N MET C 257 4.18 -48.74 0.64
CA MET C 257 3.04 -48.47 1.49
C MET C 257 1.73 -48.17 0.83
N VAL C 258 1.76 -47.87 -0.45
CA VAL C 258 0.51 -47.54 -1.10
C VAL C 258 0.12 -48.59 -2.12
N PRO C 259 -0.76 -49.52 -1.73
CA PRO C 259 -1.17 -50.56 -2.67
C PRO C 259 -2.07 -49.95 -3.73
N PHE C 260 -2.93 -49.01 -3.33
CA PHE C 260 -3.83 -48.43 -4.32
C PHE C 260 -3.90 -46.91 -4.31
N PRO C 261 -3.49 -46.30 -5.44
CA PRO C 261 -3.41 -44.88 -5.81
C PRO C 261 -4.17 -43.81 -5.06
N ARG C 262 -5.17 -44.17 -4.26
CA ARG C 262 -5.91 -43.14 -3.53
C ARG C 262 -4.90 -42.13 -2.98
N LEU C 263 -3.85 -42.68 -2.38
CA LEU C 263 -2.77 -41.94 -1.76
C LEU C 263 -2.68 -42.54 -0.38
N HIS C 264 -3.86 -42.84 0.16
CA HIS C 264 -3.92 -43.42 1.47
C HIS C 264 -3.19 -42.65 2.53
N PHE C 265 -3.76 -42.69 3.72
CA PHE C 265 -3.22 -41.95 4.83
C PHE C 265 -2.73 -42.94 5.84
N PHE C 266 -1.67 -42.55 6.52
CA PHE C 266 -1.03 -43.39 7.51
C PHE C 266 -1.28 -42.86 8.90
N MET C 267 -0.57 -43.43 9.86
CA MET C 267 -0.71 -43.03 11.24
C MET C 267 0.65 -43.27 11.83
N PRO C 268 1.41 -42.20 12.07
CA PRO C 268 2.75 -42.31 12.64
C PRO C 268 2.81 -42.64 14.14
N GLY C 269 3.87 -43.35 14.53
CA GLY C 269 4.06 -43.74 15.91
C GLY C 269 5.55 -43.77 16.21
N PHE C 270 5.96 -43.14 17.31
CA PHE C 270 7.35 -43.09 17.69
C PHE C 270 7.68 -44.28 18.58
N ALA C 271 8.97 -44.59 18.74
CA ALA C 271 9.37 -45.72 19.57
C ALA C 271 9.57 -45.43 21.03
N PRO C 272 10.79 -45.05 21.45
CA PRO C 272 10.93 -44.82 22.88
C PRO C 272 10.06 -43.68 23.34
N LEU C 273 8.93 -44.00 23.94
CA LEU C 273 8.07 -42.95 24.42
C LEU C 273 7.85 -43.17 25.91
N THR C 274 8.93 -42.98 26.67
CA THR C 274 8.89 -43.18 28.12
C THR C 274 9.01 -41.86 28.87
N SER C 275 8.33 -41.76 30.02
CA SER C 275 8.37 -40.55 30.84
C SER C 275 9.81 -40.27 31.25
N ARG C 276 10.15 -39.01 31.49
CA ARG C 276 11.54 -38.65 31.82
C ARG C 276 12.30 -39.51 32.84
N GLY C 277 12.51 -38.99 34.04
CA GLY C 277 13.25 -39.71 35.06
C GLY C 277 13.00 -41.21 35.16
N SER C 278 12.18 -41.62 36.10
CA SER C 278 11.80 -43.01 36.34
C SER C 278 11.81 -43.92 35.13
N GLN C 279 10.68 -43.98 34.45
CA GLN C 279 10.48 -44.82 33.28
C GLN C 279 11.74 -45.18 32.50
N GLN C 280 12.71 -44.26 32.43
CA GLN C 280 14.01 -44.42 31.74
C GLN C 280 14.51 -45.81 32.08
N TYR C 281 13.70 -46.76 31.63
CA TYR C 281 13.89 -48.16 31.81
C TYR C 281 14.87 -48.75 30.87
N ARG C 282 15.08 -48.09 29.73
CA ARG C 282 16.02 -48.57 28.75
C ARG C 282 15.54 -49.87 28.16
N ALA C 283 14.38 -50.36 28.55
CA ALA C 283 13.88 -51.59 27.96
C ALA C 283 13.67 -51.15 26.52
N LEU C 284 14.76 -51.17 25.75
CA LEU C 284 14.72 -50.75 24.37
C LEU C 284 15.54 -51.76 23.58
N THR C 285 15.71 -52.98 24.08
CA THR C 285 16.53 -53.97 23.35
C THR C 285 16.03 -54.00 21.91
N VAL C 286 14.71 -54.00 21.72
CA VAL C 286 14.02 -54.00 20.42
C VAL C 286 12.61 -54.55 20.59
N PRO C 287 12.47 -55.72 21.22
CA PRO C 287 11.10 -56.23 21.37
C PRO C 287 10.32 -55.15 22.08
N GLU C 288 11.02 -54.26 22.75
CA GLU C 288 10.36 -53.21 23.49
C GLU C 288 9.87 -52.13 22.58
N LEU C 289 10.58 -51.90 21.48
CA LEU C 289 10.15 -50.89 20.51
C LEU C 289 8.95 -51.38 19.70
N THR C 290 8.99 -52.64 19.27
CA THR C 290 7.86 -53.16 18.52
C THR C 290 6.72 -53.31 19.50
N GLN C 291 7.03 -53.58 20.75
CA GLN C 291 5.96 -53.69 21.73
C GLN C 291 5.26 -52.35 21.61
N GLN C 292 6.02 -51.29 21.81
CA GLN C 292 5.51 -49.93 21.74
C GLN C 292 4.74 -49.76 20.43
N MET C 293 5.44 -49.24 19.42
CA MET C 293 4.89 -48.97 18.09
C MET C 293 3.60 -49.69 17.71
N PHE C 294 3.55 -51.01 17.90
CA PHE C 294 2.37 -51.76 17.51
C PHE C 294 1.20 -51.86 18.46
N ASP C 295 1.21 -51.12 19.56
CA ASP C 295 0.07 -51.18 20.46
C ASP C 295 -0.98 -50.19 19.95
N ALA C 296 -2.18 -50.23 20.52
CA ALA C 296 -3.22 -49.30 20.13
C ALA C 296 -2.69 -47.94 20.52
N LYS C 297 -2.90 -47.55 21.77
CA LYS C 297 -2.40 -46.28 22.22
C LYS C 297 -0.99 -46.21 21.69
N ASN C 298 -0.56 -45.00 21.34
CA ASN C 298 0.77 -44.74 20.80
C ASN C 298 0.67 -44.50 19.32
N MET C 299 -0.54 -44.55 18.78
CA MET C 299 -0.76 -44.27 17.36
C MET C 299 -1.29 -42.84 17.30
N MET C 300 -0.46 -41.91 16.87
CA MET C 300 -0.86 -40.51 16.80
C MET C 300 -2.22 -40.29 16.21
N ALA C 301 -2.74 -41.29 15.52
CA ALA C 301 -4.07 -41.22 14.92
C ALA C 301 -5.10 -41.32 16.04
N ALA C 302 -6.36 -41.10 15.72
CA ALA C 302 -7.40 -41.19 16.73
C ALA C 302 -7.86 -42.61 16.81
N CYS C 303 -8.12 -43.18 15.64
CA CYS C 303 -8.60 -44.54 15.58
C CYS C 303 -7.57 -45.51 16.12
N ASP C 304 -8.05 -46.69 16.47
CA ASP C 304 -7.21 -47.75 17.01
C ASP C 304 -7.05 -48.89 16.00
N PRO C 305 -5.80 -49.18 15.63
CA PRO C 305 -5.45 -50.23 14.68
C PRO C 305 -6.25 -51.50 14.94
N ARG C 306 -6.33 -51.86 16.21
CA ARG C 306 -7.04 -53.05 16.63
C ARG C 306 -8.45 -53.09 16.04
N HIS C 307 -8.86 -51.97 15.43
CA HIS C 307 -10.20 -51.87 14.84
C HIS C 307 -10.21 -52.01 13.32
N GLY C 308 -9.14 -52.57 12.76
CA GLY C 308 -9.07 -52.74 11.32
C GLY C 308 -7.69 -53.14 10.83
N ARG C 309 -7.67 -54.13 9.93
CA ARG C 309 -6.42 -54.64 9.35
C ARG C 309 -5.47 -53.55 8.90
N TYR C 310 -4.27 -53.98 8.52
CA TYR C 310 -3.26 -53.08 8.00
C TYR C 310 -3.02 -53.51 6.57
N LEU C 311 -2.49 -52.60 5.76
CA LEU C 311 -2.17 -52.93 4.39
C LEU C 311 -0.68 -52.95 4.35
N THR C 312 -0.09 -51.96 4.98
CA THR C 312 1.34 -51.85 5.01
C THR C 312 1.78 -51.23 6.31
N VAL C 313 3.03 -51.47 6.64
CA VAL C 313 3.60 -50.95 7.85
C VAL C 313 5.06 -50.70 7.53
N ALA C 314 5.63 -49.67 8.13
CA ALA C 314 7.01 -49.33 7.88
C ALA C 314 7.68 -48.95 9.15
N ALA C 315 8.38 -49.90 9.76
CA ALA C 315 9.08 -49.58 10.99
C ALA C 315 10.39 -49.00 10.53
N VAL C 316 10.47 -47.69 10.54
CA VAL C 316 11.70 -47.04 10.14
C VAL C 316 12.56 -46.85 11.41
N PHE C 317 13.32 -47.88 11.79
CA PHE C 317 14.18 -47.81 12.97
C PHE C 317 15.41 -46.99 12.63
N ARG C 318 16.04 -46.43 13.66
CA ARG C 318 17.25 -45.62 13.48
C ARG C 318 18.13 -45.67 14.73
N GLY C 319 18.90 -46.75 14.85
CA GLY C 319 19.79 -46.96 15.98
C GLY C 319 20.36 -48.36 15.81
N ARG C 320 21.67 -48.51 15.94
CA ARG C 320 22.34 -49.81 15.77
C ARG C 320 21.64 -51.03 16.41
N MET C 321 21.21 -51.96 15.55
CA MET C 321 20.52 -53.19 15.94
C MET C 321 20.77 -54.31 14.94
N SER C 322 20.42 -55.52 15.37
CA SER C 322 20.60 -56.72 14.56
C SER C 322 19.53 -56.92 13.51
N MET C 323 19.95 -56.91 12.26
CA MET C 323 19.05 -57.12 11.14
C MET C 323 18.35 -58.44 11.33
N LYS C 324 18.73 -59.13 12.41
CA LYS C 324 18.13 -60.40 12.76
C LYS C 324 17.05 -60.16 13.80
N GLU C 325 17.40 -59.49 14.90
CA GLU C 325 16.40 -59.23 15.93
C GLU C 325 15.36 -58.23 15.48
N VAL C 326 15.59 -57.65 14.31
CA VAL C 326 14.66 -56.69 13.72
C VAL C 326 13.80 -57.48 12.79
N ASP C 327 14.44 -58.03 11.76
CA ASP C 327 13.73 -58.81 10.77
C ASP C 327 12.92 -59.90 11.44
N GLU C 328 13.43 -60.43 12.54
CA GLU C 328 12.73 -61.50 13.26
C GLU C 328 11.46 -61.03 13.97
N GLN C 329 11.64 -60.15 14.95
CA GLN C 329 10.53 -59.61 15.72
C GLN C 329 9.34 -59.35 14.82
N MET C 330 9.56 -58.51 13.81
CA MET C 330 8.54 -58.14 12.83
C MET C 330 7.66 -59.31 12.45
N LEU C 331 8.26 -60.49 12.37
CA LEU C 331 7.54 -61.70 12.01
C LEU C 331 6.53 -62.14 13.05
N ASN C 332 7.00 -62.51 14.24
CA ASN C 332 6.12 -62.94 15.30
C ASN C 332 4.98 -61.94 15.33
N VAL C 333 5.33 -60.67 15.29
CA VAL C 333 4.33 -59.62 15.30
C VAL C 333 3.31 -59.88 14.21
N GLN C 334 3.79 -60.28 13.04
CA GLN C 334 2.92 -60.55 11.90
C GLN C 334 2.12 -61.82 12.06
N ASN C 335 2.51 -62.66 13.02
CA ASN C 335 1.81 -63.92 13.24
C ASN C 335 0.92 -63.90 14.50
N LYS C 336 1.33 -63.15 15.51
CA LYS C 336 0.52 -63.06 16.72
C LYS C 336 -0.75 -62.30 16.39
N ASN C 337 -0.68 -61.48 15.35
CA ASN C 337 -1.81 -60.66 14.96
C ASN C 337 -2.25 -60.89 13.52
N SER C 338 -2.06 -62.11 13.03
CA SER C 338 -2.45 -62.46 11.66
C SER C 338 -3.86 -61.94 11.42
N SER C 339 -4.67 -61.99 12.49
CA SER C 339 -6.04 -61.53 12.45
C SER C 339 -6.09 -60.20 11.72
N TYR C 340 -5.52 -59.17 12.32
CA TYR C 340 -5.50 -57.87 11.68
C TYR C 340 -4.14 -57.48 11.14
N PHE C 341 -4.02 -57.68 9.83
CA PHE C 341 -2.78 -57.41 9.12
C PHE C 341 -2.96 -57.71 7.65
N VAL C 342 -4.22 -57.95 7.25
CA VAL C 342 -4.59 -58.27 5.86
C VAL C 342 -3.73 -59.42 5.35
N GLU C 343 -4.30 -60.25 4.48
CA GLU C 343 -3.54 -61.42 4.01
C GLU C 343 -2.94 -61.35 2.62
N TRP C 344 -3.66 -60.76 1.67
CA TRP C 344 -3.16 -60.71 0.31
C TRP C 344 -1.82 -59.99 0.12
N ILE C 345 -1.12 -59.81 1.23
CA ILE C 345 0.21 -59.22 1.22
C ILE C 345 0.99 -60.12 2.17
N PRO C 346 1.76 -61.04 1.60
CA PRO C 346 2.55 -61.94 2.42
C PRO C 346 3.40 -61.25 3.51
N ASN C 347 4.01 -60.12 3.17
CA ASN C 347 4.83 -59.40 4.14
C ASN C 347 4.45 -57.92 4.18
N ASN C 348 3.38 -57.62 4.90
CA ASN C 348 2.88 -56.25 5.01
C ASN C 348 3.98 -55.32 5.45
N VAL C 349 4.67 -55.72 6.49
CA VAL C 349 5.72 -54.92 7.05
C VAL C 349 6.90 -54.60 6.14
N LYS C 350 7.35 -53.35 6.24
CA LYS C 350 8.48 -52.85 5.47
C LYS C 350 9.50 -52.44 6.51
N THR C 351 10.43 -53.33 6.80
CA THR C 351 11.46 -53.05 7.78
C THR C 351 12.47 -52.12 7.14
N ALA C 352 12.80 -51.06 7.86
CA ALA C 352 13.75 -50.07 7.41
C ALA C 352 14.72 -49.93 8.55
N VAL C 353 15.98 -49.67 8.24
CA VAL C 353 16.97 -49.54 9.32
C VAL C 353 18.12 -48.58 9.10
N CYS C 354 18.01 -47.44 9.76
CA CYS C 354 19.03 -46.40 9.71
C CYS C 354 20.14 -46.88 10.64
N ASP C 355 21.06 -45.98 10.97
CA ASP C 355 22.14 -46.31 11.88
C ASP C 355 22.11 -45.32 13.03
N ILE C 356 22.55 -44.10 12.78
CA ILE C 356 22.54 -43.08 13.82
C ILE C 356 21.11 -42.87 14.32
N PRO C 357 20.94 -42.84 15.65
CA PRO C 357 19.63 -42.65 16.28
C PRO C 357 19.32 -41.20 16.63
N PRO C 358 18.17 -40.95 17.26
CA PRO C 358 17.82 -39.59 17.63
C PRO C 358 18.86 -39.06 18.61
N ARG C 359 19.61 -38.07 18.14
CA ARG C 359 20.69 -37.45 18.91
C ARG C 359 20.96 -38.04 20.29
N GLY C 360 20.11 -37.70 21.26
CA GLY C 360 20.34 -38.19 22.62
C GLY C 360 19.88 -39.59 23.02
N LEU C 361 19.26 -40.31 22.10
CA LEU C 361 18.76 -41.64 22.42
C LEU C 361 19.62 -42.77 21.85
N LYS C 362 19.45 -43.98 22.41
CA LYS C 362 20.21 -45.14 21.97
C LYS C 362 19.55 -45.90 20.81
N MET C 363 18.22 -45.99 20.86
CA MET C 363 17.49 -46.70 19.82
C MET C 363 16.04 -46.28 19.74
N SER C 364 15.62 -45.93 18.53
CA SER C 364 14.25 -45.50 18.23
C SER C 364 13.77 -46.16 16.93
N ALA C 365 12.51 -45.94 16.58
CA ALA C 365 11.92 -46.51 15.38
C ALA C 365 10.57 -45.90 15.04
N THR C 366 10.54 -45.11 13.99
CA THR C 366 9.32 -44.47 13.55
C THR C 366 8.42 -45.51 12.91
N PHE C 367 7.13 -45.37 13.15
CA PHE C 367 6.14 -46.30 12.62
C PHE C 367 5.20 -45.55 11.71
N ILE C 368 5.01 -46.07 10.51
CA ILE C 368 4.14 -45.45 9.55
C ILE C 368 3.17 -46.50 9.12
N GLY C 369 2.00 -46.52 9.75
CA GLY C 369 1.02 -47.53 9.43
C GLY C 369 -0.07 -47.15 8.46
N ASN C 370 -0.34 -48.04 7.50
CA ASN C 370 -1.39 -47.80 6.52
C ASN C 370 -2.56 -48.69 6.84
N SER C 371 -3.13 -48.56 8.03
CA SER C 371 -4.24 -49.43 8.37
C SER C 371 -5.59 -48.95 7.91
N THR C 372 -6.45 -49.95 7.68
CA THR C 372 -7.81 -49.78 7.22
C THR C 372 -8.64 -49.18 8.33
N ALA C 373 -8.03 -49.08 9.50
CA ALA C 373 -8.72 -48.52 10.65
C ALA C 373 -9.08 -47.07 10.43
N ILE C 374 -8.25 -46.35 9.70
CA ILE C 374 -8.50 -44.95 9.49
C ILE C 374 -9.79 -44.72 8.74
N GLN C 375 -10.50 -45.80 8.50
CA GLN C 375 -11.79 -45.71 7.84
C GLN C 375 -12.67 -44.99 8.89
N GLU C 376 -12.63 -45.51 10.10
CA GLU C 376 -13.39 -44.97 11.20
C GLU C 376 -12.97 -43.58 11.64
N LEU C 377 -12.57 -42.74 10.72
CA LEU C 377 -12.22 -41.37 11.07
C LEU C 377 -12.81 -40.47 10.03
N PHE C 378 -12.63 -40.87 8.78
CA PHE C 378 -13.18 -40.11 7.68
C PHE C 378 -14.67 -40.32 7.81
N LYS C 379 -15.06 -41.41 8.46
CA LYS C 379 -16.46 -41.68 8.70
C LYS C 379 -16.90 -40.53 9.58
N ARG C 380 -16.27 -40.45 10.74
CA ARG C 380 -16.52 -39.41 11.71
C ARG C 380 -16.71 -38.09 10.98
N ILE C 381 -15.61 -37.57 10.45
CA ILE C 381 -15.64 -36.33 9.72
C ILE C 381 -16.86 -36.28 8.83
N SER C 382 -16.94 -37.20 7.88
CA SER C 382 -18.04 -37.26 6.94
C SER C 382 -19.39 -37.18 7.63
N GLU C 383 -19.53 -37.81 8.79
CA GLU C 383 -20.79 -37.72 9.51
C GLU C 383 -21.07 -36.26 9.88
N GLN C 384 -20.21 -35.69 10.72
CA GLN C 384 -20.34 -34.31 11.16
C GLN C 384 -20.80 -33.40 10.04
N PHE C 385 -20.28 -33.62 8.84
CA PHE C 385 -20.63 -32.82 7.68
C PHE C 385 -22.14 -32.91 7.50
N THR C 386 -22.57 -34.03 6.93
CA THR C 386 -23.98 -34.28 6.69
C THR C 386 -24.93 -33.76 7.77
N ALA C 387 -24.66 -34.10 9.03
CA ALA C 387 -25.52 -33.68 10.15
C ALA C 387 -25.70 -32.17 10.15
N MET C 388 -24.71 -31.46 9.62
CA MET C 388 -24.78 -29.99 9.56
C MET C 388 -24.98 -29.48 8.16
N PHE C 389 -24.53 -30.24 7.19
CA PHE C 389 -24.71 -29.80 5.85
C PHE C 389 -26.20 -29.81 5.68
N ARG C 390 -26.83 -30.94 5.98
CA ARG C 390 -28.26 -31.05 5.84
C ARG C 390 -28.99 -29.72 6.11
N ARG C 391 -28.54 -28.98 7.11
CA ARG C 391 -29.19 -27.70 7.43
C ARG C 391 -28.40 -26.50 6.92
N LYS C 392 -27.36 -26.76 6.13
CA LYS C 392 -26.52 -25.71 5.54
C LYS C 392 -25.96 -24.76 6.59
N ALA C 393 -25.85 -25.27 7.81
CA ALA C 393 -25.37 -24.54 8.98
C ALA C 393 -24.61 -23.28 8.65
N PHE C 394 -23.30 -23.25 8.82
CA PHE C 394 -22.56 -22.03 8.52
C PHE C 394 -22.11 -22.07 7.07
N LEU C 395 -23.07 -22.28 6.18
CA LEU C 395 -22.72 -22.36 4.79
C LEU C 395 -22.63 -20.99 4.14
N HIS C 396 -23.40 -20.02 4.61
CA HIS C 396 -23.35 -18.70 4.00
C HIS C 396 -21.95 -18.06 4.00
N TRP C 397 -21.11 -18.49 4.93
CA TRP C 397 -19.75 -17.97 5.03
C TRP C 397 -18.89 -18.55 3.93
N TYR C 398 -19.38 -19.60 3.28
CA TYR C 398 -18.63 -20.22 2.20
C TYR C 398 -19.16 -19.64 0.91
N THR C 399 -20.42 -19.93 0.61
CA THR C 399 -21.04 -19.43 -0.61
C THR C 399 -20.81 -17.94 -0.76
N GLY C 400 -21.15 -17.18 0.28
CA GLY C 400 -20.96 -15.74 0.26
C GLY C 400 -19.54 -15.34 -0.10
N GLU C 401 -18.67 -16.34 -0.17
CA GLU C 401 -17.28 -16.13 -0.52
C GLU C 401 -17.03 -16.69 -1.90
N GLY C 402 -18.10 -16.88 -2.66
CA GLY C 402 -17.93 -17.43 -3.99
C GLY C 402 -17.56 -18.89 -3.86
N MET C 403 -18.58 -19.71 -3.59
CA MET C 403 -18.40 -21.15 -3.47
C MET C 403 -19.55 -21.76 -4.24
N ASP C 404 -19.78 -23.05 -4.05
CA ASP C 404 -20.84 -23.74 -4.76
C ASP C 404 -21.53 -24.75 -3.84
N GLU C 405 -22.83 -24.94 -4.04
CA GLU C 405 -23.61 -25.87 -3.25
C GLU C 405 -23.29 -27.29 -3.71
N MET C 406 -22.64 -27.37 -4.87
CA MET C 406 -22.24 -28.63 -5.46
C MET C 406 -20.79 -28.96 -5.07
N GLU C 407 -20.07 -27.94 -4.59
CA GLU C 407 -18.69 -28.12 -4.16
C GLU C 407 -18.63 -28.98 -2.90
N PHE C 408 -19.46 -28.62 -1.92
CA PHE C 408 -19.53 -29.36 -0.69
C PHE C 408 -20.02 -30.76 -0.97
N THR C 409 -21.00 -30.87 -1.87
CA THR C 409 -21.53 -32.18 -2.22
C THR C 409 -20.36 -33.04 -2.69
N GLU C 410 -19.65 -32.50 -3.66
CA GLU C 410 -18.49 -33.14 -4.24
C GLU C 410 -17.58 -33.76 -3.20
N ALA C 411 -16.92 -32.90 -2.45
CA ALA C 411 -16.00 -33.33 -1.41
C ALA C 411 -16.54 -34.45 -0.53
N GLU C 412 -17.63 -34.19 0.18
CA GLU C 412 -18.18 -35.22 1.04
C GLU C 412 -18.19 -36.54 0.31
N SER C 413 -18.94 -36.60 -0.79
CA SER C 413 -19.05 -37.81 -1.56
C SER C 413 -17.66 -38.39 -1.73
N ASN C 414 -16.82 -37.71 -2.51
CA ASN C 414 -15.44 -38.14 -2.74
C ASN C 414 -14.88 -38.74 -1.47
N MET C 415 -14.56 -37.88 -0.51
CA MET C 415 -14.00 -38.35 0.75
C MET C 415 -14.86 -39.43 1.38
N ASN C 416 -16.16 -39.37 1.13
CA ASN C 416 -17.10 -40.36 1.68
C ASN C 416 -16.89 -41.72 1.01
N ASP C 417 -16.66 -41.69 -0.30
CA ASP C 417 -16.40 -42.90 -1.07
C ASP C 417 -15.09 -43.47 -0.56
N LEU C 418 -14.15 -42.56 -0.32
CA LEU C 418 -12.83 -42.89 0.17
C LEU C 418 -12.90 -43.84 1.38
N VAL C 419 -13.97 -43.67 2.16
CA VAL C 419 -14.22 -44.51 3.34
C VAL C 419 -14.58 -45.89 2.83
N SER C 420 -15.52 -45.90 1.90
CA SER C 420 -15.98 -47.12 1.27
C SER C 420 -14.80 -48.02 0.90
N GLU C 421 -14.08 -47.57 -0.11
CA GLU C 421 -12.92 -48.27 -0.67
C GLU C 421 -12.08 -48.95 0.42
N TYR C 422 -11.61 -48.14 1.34
CA TYR C 422 -10.73 -48.58 2.44
C TYR C 422 -11.27 -49.84 3.14
N GLN C 423 -12.56 -50.04 3.05
CA GLN C 423 -13.21 -51.20 3.68
C GLN C 423 -13.05 -52.43 2.78
N GLN C 424 -12.89 -52.15 1.50
CA GLN C 424 -12.74 -53.17 0.46
C GLN C 424 -11.56 -54.10 0.73
N TYR C 425 -10.77 -53.71 1.71
CA TYR C 425 -9.55 -54.47 2.06
C TYR C 425 -9.64 -55.02 3.48
N GLN C 426 -10.36 -54.31 4.32
CA GLN C 426 -10.62 -54.76 5.69
C GLN C 426 -11.37 -56.10 5.56
N ASP C 427 -11.85 -56.35 4.35
CA ASP C 427 -12.60 -57.58 4.02
C ASP C 427 -11.95 -58.32 2.84
CA ARG D 2 43.11 -66.36 -15.73
C ARG D 2 42.39 -65.63 -14.61
N GLU D 3 42.06 -64.37 -14.83
CA GLU D 3 41.37 -63.59 -13.80
C GLU D 3 39.86 -63.73 -13.86
N CYS D 4 39.19 -62.99 -12.99
CA CYS D 4 37.74 -62.99 -12.89
C CYS D 4 37.28 -61.67 -12.28
N ILE D 5 36.81 -60.75 -13.12
CA ILE D 5 36.34 -59.47 -12.61
C ILE D 5 35.13 -59.73 -11.70
N SER D 6 34.71 -58.69 -10.98
CA SER D 6 33.57 -58.80 -10.10
C SER D 6 32.80 -57.49 -10.06
N ILE D 7 31.49 -57.61 -10.16
CA ILE D 7 30.62 -56.44 -10.15
C ILE D 7 29.64 -56.56 -8.99
N HIS D 8 29.92 -55.81 -7.94
CA HIS D 8 29.07 -55.81 -6.75
C HIS D 8 27.93 -54.83 -6.96
N VAL D 9 26.73 -55.35 -7.20
CA VAL D 9 25.58 -54.50 -7.45
C VAL D 9 24.53 -54.50 -6.34
N GLY D 10 24.05 -53.29 -6.01
CA GLY D 10 23.06 -53.11 -4.96
C GLY D 10 23.74 -52.84 -3.63
N GLN D 11 23.15 -52.01 -2.79
CA GLN D 11 23.76 -51.73 -1.50
C GLN D 11 24.31 -53.00 -0.92
N ALA D 12 23.44 -53.99 -0.75
CA ALA D 12 23.87 -55.27 -0.18
C ALA D 12 25.08 -55.85 -0.89
N GLY D 13 24.94 -56.10 -2.19
CA GLY D 13 26.04 -56.66 -2.96
C GLY D 13 27.30 -55.87 -2.77
N VAL D 14 27.14 -54.66 -2.27
CA VAL D 14 28.25 -53.75 -2.02
C VAL D 14 28.77 -53.91 -0.58
N GLN D 15 27.86 -54.17 0.35
CA GLN D 15 28.24 -54.37 1.75
C GLN D 15 28.98 -55.70 1.82
N ILE D 16 28.39 -56.70 1.19
CA ILE D 16 28.97 -58.03 1.10
C ILE D 16 30.29 -57.85 0.36
N GLY D 17 30.26 -56.95 -0.63
CA GLY D 17 31.44 -56.69 -1.42
C GLY D 17 32.56 -56.17 -0.56
N ASN D 18 32.28 -55.12 0.20
CA ASN D 18 33.29 -54.53 1.07
C ASN D 18 33.87 -55.61 1.96
N ALA D 19 33.02 -56.56 2.36
CA ALA D 19 33.40 -57.67 3.23
C ALA D 19 34.31 -58.68 2.55
N CYS D 20 33.81 -59.27 1.47
CA CYS D 20 34.58 -60.24 0.70
C CYS D 20 35.86 -59.54 0.28
N TRP D 21 35.75 -58.26 -0.01
CA TRP D 21 36.93 -57.53 -0.43
C TRP D 21 37.89 -57.33 0.71
N GLU D 22 37.35 -57.33 1.93
CA GLU D 22 38.19 -57.16 3.09
C GLU D 22 38.99 -58.44 3.29
N LEU D 23 38.27 -59.53 3.56
CA LEU D 23 38.92 -60.81 3.78
C LEU D 23 40.09 -60.97 2.84
N TYR D 24 39.93 -60.49 1.60
CA TYR D 24 40.98 -60.63 0.61
C TYR D 24 42.36 -60.13 1.04
N CYS D 25 42.55 -58.81 0.97
CA CYS D 25 43.84 -58.24 1.35
C CYS D 25 44.34 -58.87 2.64
N LEU D 26 43.40 -59.11 3.55
CA LEU D 26 43.69 -59.69 4.85
C LEU D 26 44.51 -60.97 4.79
N GLU D 27 44.30 -61.76 3.74
CA GLU D 27 45.02 -63.01 3.57
C GLU D 27 45.98 -62.94 2.40
N HIS D 28 46.33 -61.72 2.02
CA HIS D 28 47.28 -61.50 0.93
C HIS D 28 48.32 -60.45 1.30
N GLY D 29 48.31 -60.06 2.58
CA GLY D 29 49.26 -59.10 3.10
C GLY D 29 49.31 -57.73 2.42
N ILE D 30 48.15 -57.27 1.95
CA ILE D 30 48.04 -55.97 1.31
C ILE D 30 47.20 -55.03 2.15
N GLN D 31 47.86 -54.21 2.97
CA GLN D 31 47.17 -53.26 3.82
C GLN D 31 46.14 -52.45 3.05
N PRO D 32 45.25 -51.79 3.76
CA PRO D 32 44.20 -50.98 3.15
C PRO D 32 44.78 -49.91 2.22
N ASP D 33 46.10 -49.71 2.29
CA ASP D 33 46.78 -48.72 1.46
C ASP D 33 47.12 -49.26 0.06
N GLY D 34 46.66 -50.47 -0.24
CA GLY D 34 46.92 -51.11 -1.50
C GLY D 34 48.25 -51.87 -1.55
N GLN D 35 49.25 -51.40 -0.80
CA GLN D 35 50.60 -51.96 -0.85
C GLN D 35 50.70 -53.22 0.02
N MET D 36 51.36 -54.24 -0.50
CA MET D 36 51.79 -55.42 0.28
C MET D 36 53.32 -55.42 0.29
N PRO D 37 53.93 -55.97 1.34
CA PRO D 37 55.38 -56.26 1.35
C PRO D 37 55.75 -57.74 1.19
N ASP D 47 52.61 -64.16 -10.90
CA ASP D 47 51.19 -63.80 -10.76
C ASP D 47 50.49 -64.25 -9.43
N SER D 48 50.27 -65.57 -9.27
CA SER D 48 49.50 -66.18 -8.14
C SER D 48 48.02 -65.72 -8.04
N PHE D 49 47.86 -64.50 -7.52
CA PHE D 49 46.57 -63.88 -7.14
C PHE D 49 46.17 -62.74 -8.03
N ASN D 50 46.98 -62.54 -9.05
CA ASN D 50 46.75 -61.54 -10.09
C ASN D 50 45.40 -61.66 -10.78
N THR D 51 44.72 -62.79 -10.58
CA THR D 51 43.42 -63.02 -11.21
C THR D 51 42.31 -62.31 -10.43
N PHE D 52 42.69 -61.31 -9.64
CA PHE D 52 41.74 -60.56 -8.85
C PHE D 52 42.30 -59.20 -8.44
N PHE D 53 43.58 -58.98 -8.76
CA PHE D 53 44.24 -57.73 -8.43
C PHE D 53 45.24 -57.33 -9.50
N SER D 54 45.15 -56.09 -9.96
CA SER D 54 46.07 -55.57 -10.99
C SER D 54 47.18 -54.72 -10.38
N GLU D 55 48.43 -55.01 -10.75
CA GLU D 55 49.58 -54.39 -10.11
C GLU D 55 49.87 -52.95 -10.61
N THR D 56 48.82 -52.14 -10.66
CA THR D 56 48.94 -50.76 -11.11
C THR D 56 50.30 -50.18 -10.74
N GLY D 57 51.32 -50.53 -11.52
CA GLY D 57 52.66 -50.04 -11.28
C GLY D 57 53.49 -51.02 -10.46
N ALA D 58 54.03 -50.54 -9.34
CA ALA D 58 53.85 -49.14 -8.93
C ALA D 58 53.87 -49.02 -7.42
N GLY D 59 53.62 -50.13 -6.73
CA GLY D 59 53.61 -50.14 -5.28
C GLY D 59 52.22 -50.39 -4.72
N LYS D 60 51.21 -50.28 -5.58
CA LYS D 60 49.81 -50.52 -5.16
C LYS D 60 49.18 -51.81 -5.71
N HIS D 61 47.90 -52.03 -5.42
CA HIS D 61 47.20 -53.23 -5.89
C HIS D 61 45.73 -52.94 -6.15
N VAL D 62 45.46 -51.89 -6.93
CA VAL D 62 44.10 -51.51 -7.26
C VAL D 62 43.21 -52.73 -7.45
N PRO D 63 42.03 -52.70 -6.84
CA PRO D 63 41.08 -53.82 -6.94
C PRO D 63 40.92 -54.29 -8.37
N ARG D 64 40.03 -55.26 -8.59
CA ARG D 64 39.80 -55.80 -9.92
C ARG D 64 38.31 -55.98 -10.05
N ALA D 65 37.55 -54.98 -9.60
CA ALA D 65 36.10 -55.04 -9.64
C ALA D 65 35.46 -53.68 -9.71
N VAL D 66 34.15 -53.64 -9.61
CA VAL D 66 33.44 -52.38 -9.63
C VAL D 66 32.27 -52.37 -8.65
N PHE D 67 31.73 -51.19 -8.38
CA PHE D 67 30.63 -51.03 -7.45
C PHE D 67 29.49 -50.19 -8.01
N VAL D 68 28.30 -50.79 -8.14
CA VAL D 68 27.14 -50.10 -8.69
C VAL D 68 25.96 -49.95 -7.71
N ASP D 69 25.59 -48.48 -7.02
CA ASP D 69 24.37 -48.33 -6.22
C ASP D 69 23.74 -47.03 -6.65
N LEU D 70 22.42 -46.99 -6.64
CA LEU D 70 21.73 -45.77 -7.09
C LEU D 70 21.57 -44.67 -6.00
N GLU D 71 21.63 -45.05 -4.70
CA GLU D 71 21.83 -44.11 -3.58
C GLU D 71 23.32 -44.08 -3.20
N PRO D 72 23.86 -42.90 -2.93
CA PRO D 72 25.27 -42.76 -2.60
C PRO D 72 25.64 -43.34 -1.25
N THR D 73 24.77 -43.15 -0.24
CA THR D 73 24.96 -43.64 1.15
C THR D 73 25.98 -44.75 1.38
N VAL D 74 25.81 -45.85 0.64
CA VAL D 74 26.51 -47.10 0.90
C VAL D 74 27.90 -47.21 0.29
N ILE D 75 28.02 -46.74 -0.96
CA ILE D 75 29.31 -46.64 -1.62
C ILE D 75 30.11 -45.51 -0.99
N ASP D 76 29.41 -44.49 -0.52
CA ASP D 76 30.05 -43.41 0.21
C ASP D 76 30.86 -43.90 1.40
N GLU D 77 30.22 -44.72 2.23
CA GLU D 77 30.86 -45.27 3.42
C GLU D 77 32.19 -46.00 3.10
N VAL D 78 32.28 -46.67 1.94
CA VAL D 78 33.53 -47.30 1.46
C VAL D 78 34.64 -46.29 1.31
N ARG D 79 34.32 -45.15 0.69
CA ARG D 79 35.29 -44.06 0.56
C ARG D 79 35.39 -43.18 1.78
N THR D 80 35.10 -43.73 2.95
CA THR D 80 35.40 -43.10 4.25
C THR D 80 36.37 -43.98 5.09
N GLY D 81 36.01 -45.26 5.21
CA GLY D 81 36.69 -46.19 6.09
C GLY D 81 37.81 -46.94 5.40
N THR D 82 38.99 -46.93 6.03
CA THR D 82 40.22 -47.52 5.50
C THR D 82 39.86 -48.70 4.62
N TYR D 83 40.47 -48.70 3.44
CA TYR D 83 40.01 -49.38 2.24
C TYR D 83 39.65 -48.26 1.29
N ARG D 84 39.33 -47.12 1.89
CA ARG D 84 39.17 -45.89 1.15
C ARG D 84 40.31 -45.77 0.16
N GLN D 85 41.48 -46.21 0.59
CA GLN D 85 42.68 -46.13 -0.21
C GLN D 85 42.79 -47.25 -1.25
N LEU D 86 41.94 -48.27 -1.13
CA LEU D 86 42.12 -49.53 -1.86
C LEU D 86 41.66 -49.50 -3.28
N PHE D 87 40.45 -49.05 -3.50
CA PHE D 87 39.91 -48.98 -4.85
C PHE D 87 40.34 -47.71 -5.54
N HIS D 88 40.08 -47.61 -6.84
CA HIS D 88 40.30 -46.37 -7.58
C HIS D 88 39.06 -45.46 -7.46
N PRO D 89 39.30 -44.17 -7.23
CA PRO D 89 38.19 -43.26 -7.03
C PRO D 89 37.19 -43.55 -8.10
N GLU D 90 37.66 -43.96 -9.27
CA GLU D 90 36.73 -44.21 -10.35
C GLU D 90 35.81 -45.39 -10.15
N GLN D 91 36.34 -46.54 -9.79
CA GLN D 91 35.57 -47.77 -9.90
C GLN D 91 34.29 -47.91 -9.06
N LEU D 92 34.01 -46.92 -8.20
CA LEU D 92 32.80 -46.92 -7.37
C LEU D 92 31.76 -45.92 -7.86
N ILE D 93 30.69 -46.78 -9.28
CA ILE D 93 29.60 -46.14 -10.00
C ILE D 93 28.40 -45.86 -9.09
N THR D 94 27.84 -44.66 -9.23
CA THR D 94 26.68 -44.23 -8.45
C THR D 94 25.73 -43.40 -9.29
N GLY D 95 24.46 -43.45 -8.93
CA GLY D 95 23.45 -42.68 -9.63
C GLY D 95 22.70 -41.89 -8.56
N LYS D 96 23.28 -40.77 -8.15
CA LYS D 96 22.72 -39.89 -7.12
C LYS D 96 21.20 -39.94 -7.02
N GLU D 97 20.58 -40.28 -8.15
CA GLU D 97 19.14 -40.37 -8.26
C GLU D 97 18.48 -41.21 -7.19
N ASP D 98 17.60 -42.09 -7.61
CA ASP D 98 16.87 -42.89 -6.65
C ASP D 98 16.99 -44.40 -6.84
N ALA D 99 17.11 -45.10 -5.72
CA ALA D 99 17.24 -46.55 -5.73
C ALA D 99 15.93 -47.24 -6.14
N ALA D 100 14.92 -47.13 -5.27
CA ALA D 100 13.59 -47.68 -5.48
C ALA D 100 13.56 -49.17 -5.33
N ASN D 101 12.90 -49.66 -4.30
CA ASN D 101 12.90 -51.09 -4.10
C ASN D 101 12.03 -51.82 -5.09
N ASN D 102 12.15 -51.41 -6.34
CA ASN D 102 11.38 -52.04 -7.38
C ASN D 102 12.18 -52.29 -8.65
N TYR D 103 12.16 -53.56 -9.03
CA TYR D 103 12.82 -54.07 -10.21
C TYR D 103 12.70 -53.06 -11.36
N ALA D 104 11.54 -53.06 -12.00
CA ALA D 104 11.24 -52.15 -13.10
C ALA D 104 12.10 -50.90 -13.16
N ARG D 105 11.87 -50.02 -12.20
CA ARG D 105 12.60 -48.77 -12.11
C ARG D 105 14.10 -48.99 -12.20
N GLY D 106 14.61 -49.94 -11.41
CA GLY D 106 16.03 -50.19 -11.44
C GLY D 106 16.54 -50.80 -12.74
N HIS D 107 15.74 -51.67 -13.35
CA HIS D 107 16.14 -52.30 -14.58
C HIS D 107 15.92 -51.33 -15.73
N TYR D 108 14.64 -51.07 -16.02
CA TYR D 108 14.24 -50.16 -17.09
C TYR D 108 14.53 -48.71 -16.72
N THR D 109 13.48 -47.91 -16.62
CA THR D 109 13.57 -46.48 -16.29
C THR D 109 14.90 -45.96 -15.78
N ILE D 110 15.10 -45.90 -14.47
CA ILE D 110 16.34 -45.36 -13.97
C ILE D 110 17.58 -46.19 -14.27
N GLY D 111 17.71 -47.34 -13.62
CA GLY D 111 18.88 -48.18 -13.83
C GLY D 111 19.50 -48.11 -15.22
N LYS D 112 18.67 -47.88 -16.24
CA LYS D 112 19.15 -47.81 -17.61
C LYS D 112 20.25 -46.77 -17.80
N GLU D 113 19.93 -45.53 -17.46
CA GLU D 113 20.86 -44.42 -17.58
C GLU D 113 22.31 -44.71 -17.21
N ILE D 114 22.50 -45.49 -16.15
CA ILE D 114 23.82 -45.80 -15.65
C ILE D 114 24.56 -46.94 -16.37
N ILE D 115 23.81 -47.99 -16.70
CA ILE D 115 24.34 -49.17 -17.35
C ILE D 115 25.51 -48.93 -18.31
N ASP D 116 25.30 -48.12 -19.34
CA ASP D 116 26.38 -47.82 -20.28
C ASP D 116 27.65 -47.66 -19.45
N LEU D 117 27.70 -46.53 -18.75
CA LEU D 117 28.80 -46.18 -17.89
C LEU D 117 29.28 -47.41 -17.12
N VAL D 118 28.35 -48.13 -16.50
CA VAL D 118 28.71 -49.32 -15.74
C VAL D 118 29.54 -50.22 -16.65
N LEU D 119 28.90 -50.68 -17.72
CA LEU D 119 29.57 -51.55 -18.68
C LEU D 119 30.96 -51.04 -18.98
N ASP D 120 31.04 -49.79 -19.43
CA ASP D 120 32.31 -49.18 -19.75
C ASP D 120 33.45 -49.63 -18.85
N ARG D 121 33.20 -49.70 -17.54
CA ARG D 121 34.26 -50.14 -16.64
C ARG D 121 34.55 -51.63 -16.79
N ILE D 122 33.50 -52.43 -16.92
CA ILE D 122 33.68 -53.87 -17.07
C ILE D 122 34.14 -54.21 -18.47
N ARG D 123 34.49 -53.18 -19.23
CA ARG D 123 35.01 -53.31 -20.60
C ARG D 123 36.36 -52.61 -20.60
N LYS D 124 36.54 -51.69 -19.65
CA LYS D 124 37.76 -50.94 -19.49
C LYS D 124 38.66 -51.72 -18.54
N LEU D 125 38.03 -52.41 -17.59
CA LEU D 125 38.74 -53.24 -16.59
C LEU D 125 38.94 -54.62 -17.19
N ALA D 126 38.11 -54.98 -18.16
CA ALA D 126 38.18 -56.29 -18.81
C ALA D 126 39.26 -56.33 -19.87
N ASP D 127 39.65 -55.14 -20.32
CA ASP D 127 40.67 -55.02 -21.36
C ASP D 127 42.05 -55.04 -20.75
N GLN D 128 42.28 -54.13 -19.80
CA GLN D 128 43.55 -54.00 -19.10
C GLN D 128 44.22 -55.32 -18.71
N CYS D 129 43.42 -56.33 -18.34
CA CYS D 129 43.95 -57.63 -17.92
C CYS D 129 44.63 -58.48 -19.00
N THR D 130 44.80 -59.77 -18.68
CA THR D 130 45.44 -60.74 -19.59
C THR D 130 44.60 -62.02 -19.61
N GLY D 131 43.93 -62.28 -20.74
CA GLY D 131 43.11 -63.47 -20.85
C GLY D 131 42.37 -63.77 -19.55
N LEU D 132 41.20 -63.15 -19.37
CA LEU D 132 40.39 -63.34 -18.17
C LEU D 132 39.52 -64.59 -18.29
N GLN D 133 38.73 -64.87 -17.26
CA GLN D 133 37.86 -66.04 -17.26
C GLN D 133 36.39 -65.68 -17.05
N GLY D 134 36.13 -64.52 -16.44
CA GLY D 134 34.76 -64.13 -16.21
C GLY D 134 34.59 -63.06 -15.15
N PHE D 135 33.32 -62.78 -14.82
CA PHE D 135 32.96 -61.77 -13.82
C PHE D 135 32.14 -62.31 -12.67
N SER D 136 32.72 -62.31 -11.47
CA SER D 136 32.00 -62.76 -10.31
C SER D 136 31.10 -61.59 -9.93
N VAL D 137 29.81 -61.73 -10.19
CA VAL D 137 28.79 -60.71 -9.92
C VAL D 137 28.21 -60.83 -8.51
N PHE D 138 28.06 -59.73 -7.78
CA PHE D 138 27.51 -59.79 -6.43
C PHE D 138 26.24 -58.96 -6.29
N HIS D 139 25.09 -59.61 -6.22
CA HIS D 139 23.82 -58.89 -6.09
C HIS D 139 22.89 -59.52 -5.07
N SER D 140 21.87 -58.75 -4.67
CA SER D 140 20.91 -59.18 -3.68
C SER D 140 19.49 -59.40 -4.18
N PHE D 141 19.33 -60.39 -5.03
CA PHE D 141 18.04 -60.77 -5.59
C PHE D 141 16.85 -59.85 -5.39
N GLY D 142 16.39 -59.72 -4.14
CA GLY D 142 15.22 -58.90 -3.86
C GLY D 142 15.42 -57.43 -3.52
N GLY D 143 16.03 -56.69 -4.44
CA GLY D 143 16.25 -55.28 -4.20
C GLY D 143 15.84 -54.51 -5.43
N GLY D 144 16.18 -53.24 -5.49
CA GLY D 144 15.85 -52.44 -6.65
C GLY D 144 17.07 -52.39 -7.56
N THR D 145 18.17 -51.90 -7.03
CA THR D 145 19.41 -51.79 -7.78
C THR D 145 20.04 -53.16 -7.93
N GLY D 146 19.70 -54.06 -7.01
CA GLY D 146 20.28 -55.39 -7.07
C GLY D 146 19.61 -56.39 -8.01
N SER D 147 18.28 -56.34 -8.04
CA SER D 147 17.52 -57.24 -8.88
C SER D 147 17.50 -56.68 -10.30
N GLY D 148 16.77 -55.57 -10.46
CA GLY D 148 16.63 -54.92 -11.74
C GLY D 148 17.94 -54.70 -12.44
N PHE D 149 18.62 -53.60 -12.12
CA PHE D 149 19.88 -53.28 -12.75
C PHE D 149 20.67 -54.48 -13.27
N THR D 150 21.26 -55.23 -12.36
CA THR D 150 22.05 -56.40 -12.74
C THR D 150 21.36 -57.12 -13.86
N SER D 151 20.08 -57.40 -13.65
CA SER D 151 19.31 -58.09 -14.66
C SER D 151 19.80 -57.69 -16.05
N LEU D 152 19.90 -56.38 -16.29
CA LEU D 152 20.37 -55.96 -17.60
C LEU D 152 21.90 -55.87 -17.70
N LEU D 153 22.58 -55.83 -16.56
CA LEU D 153 24.03 -55.79 -16.57
C LEU D 153 24.51 -57.15 -17.04
N MET D 154 24.09 -58.19 -16.36
CA MET D 154 24.44 -59.55 -16.74
C MET D 154 23.90 -59.74 -18.13
N GLU D 155 22.77 -59.09 -18.40
CA GLU D 155 22.12 -59.17 -19.69
C GLU D 155 23.08 -58.69 -20.74
N ARG D 156 23.54 -57.45 -20.62
CA ARG D 156 24.47 -56.88 -21.58
C ARG D 156 25.85 -57.59 -21.64
N LEU D 157 26.15 -58.42 -20.64
CA LEU D 157 27.41 -59.17 -20.60
C LEU D 157 27.32 -60.43 -21.45
N SER D 158 26.29 -61.22 -21.21
CA SER D 158 26.08 -62.44 -21.95
C SER D 158 26.19 -62.24 -23.44
N VAL D 159 26.08 -61.00 -23.89
CA VAL D 159 26.18 -60.70 -25.33
C VAL D 159 27.54 -60.15 -25.69
N ASP D 160 28.11 -59.35 -24.80
CA ASP D 160 29.40 -58.74 -25.06
C ASP D 160 30.56 -59.68 -24.79
N TYR D 161 30.32 -60.74 -24.00
CA TYR D 161 31.37 -61.71 -23.71
C TYR D 161 30.77 -63.09 -23.56
N GLY D 162 29.85 -63.47 -24.44
CA GLY D 162 29.25 -64.79 -24.30
C GLY D 162 30.30 -65.85 -24.07
N LYS D 163 31.51 -65.57 -24.55
CA LYS D 163 32.65 -66.46 -24.46
C LYS D 163 33.40 -66.44 -23.14
N LYS D 164 32.67 -66.45 -22.02
CA LYS D 164 33.31 -66.44 -20.71
C LYS D 164 32.40 -67.04 -19.64
N SER D 165 32.82 -66.87 -18.39
CA SER D 165 32.05 -67.36 -17.26
C SER D 165 31.27 -66.24 -16.61
N LYS D 166 30.04 -66.56 -16.26
CA LYS D 166 29.15 -65.61 -15.61
C LYS D 166 28.60 -66.26 -14.34
N LEU D 167 29.41 -66.26 -13.31
CA LEU D 167 28.99 -66.82 -12.05
C LEU D 167 28.50 -65.68 -11.19
N GLU D 168 27.20 -65.66 -10.93
CA GLU D 168 26.66 -64.61 -10.10
C GLU D 168 26.38 -65.11 -8.72
N PHE D 169 26.98 -64.44 -7.75
CA PHE D 169 26.83 -64.79 -6.36
C PHE D 169 25.69 -64.01 -5.72
N SER D 170 24.54 -64.67 -5.57
CA SER D 170 23.35 -64.02 -5.02
C SER D 170 23.03 -64.30 -3.54
N ILE D 171 22.20 -63.43 -2.98
CA ILE D 171 21.73 -63.50 -1.60
C ILE D 171 20.23 -63.48 -1.74
N TYR D 172 19.68 -64.61 -2.11
CA TYR D 172 18.25 -64.72 -2.35
C TYR D 172 17.40 -64.70 -1.08
N PRO D 173 16.20 -64.05 -1.15
CA PRO D 173 15.13 -63.82 -0.18
C PRO D 173 15.00 -64.76 1.01
N ALA D 174 15.11 -64.21 2.22
CA ALA D 174 14.98 -65.00 3.44
C ALA D 174 13.62 -65.65 3.37
N PRO D 175 13.57 -66.97 3.60
CA PRO D 175 12.34 -67.79 3.56
C PRO D 175 11.10 -67.27 4.33
N GLN D 176 11.33 -66.51 5.40
CA GLN D 176 10.21 -65.99 6.18
C GLN D 176 10.54 -64.61 6.70
N VAL D 177 11.82 -64.32 6.75
CA VAL D 177 12.32 -63.06 7.25
C VAL D 177 12.76 -62.15 6.12
N SER D 178 11.85 -61.86 5.19
CA SER D 178 12.21 -60.97 4.09
C SER D 178 12.16 -59.56 4.64
N THR D 179 12.54 -58.59 3.82
CA THR D 179 12.52 -57.22 4.26
C THR D 179 11.52 -56.44 3.42
N ALA D 180 11.92 -56.10 2.20
CA ALA D 180 11.05 -55.36 1.30
C ALA D 180 9.69 -56.03 1.28
N VAL D 181 8.66 -55.24 1.06
CA VAL D 181 7.31 -55.74 1.03
C VAL D 181 7.06 -56.48 -0.27
N VAL D 182 7.74 -56.02 -1.30
CA VAL D 182 7.60 -56.61 -2.63
C VAL D 182 8.58 -57.73 -2.97
N GLU D 183 9.75 -57.73 -2.32
CA GLU D 183 10.80 -58.73 -2.52
C GLU D 183 10.58 -59.73 -3.66
N PRO D 184 9.53 -60.58 -3.57
CA PRO D 184 9.31 -61.54 -4.66
C PRO D 184 9.18 -60.92 -6.05
N TYR D 185 8.44 -59.82 -6.15
CA TYR D 185 8.33 -59.17 -7.43
C TYR D 185 9.74 -58.97 -7.96
N ASN D 186 10.60 -58.42 -7.11
CA ASN D 186 11.98 -58.16 -7.48
C ASN D 186 12.86 -59.38 -7.71
N SER D 187 12.47 -60.52 -7.16
CA SER D 187 13.28 -61.74 -7.28
C SER D 187 12.78 -62.73 -8.28
N ILE D 188 11.54 -62.61 -8.69
CA ILE D 188 11.05 -63.53 -9.68
C ILE D 188 11.47 -62.89 -10.99
N LEU D 189 11.78 -61.59 -10.90
CA LEU D 189 12.19 -60.80 -12.05
C LEU D 189 13.67 -60.78 -12.31
N THR D 190 14.48 -60.96 -11.27
CA THR D 190 15.92 -60.98 -11.48
C THR D 190 16.33 -62.38 -11.89
N THR D 191 15.48 -63.36 -11.56
CA THR D 191 15.78 -64.74 -11.90
C THR D 191 15.51 -65.02 -13.38
N HIS D 192 14.37 -64.57 -13.87
CA HIS D 192 13.97 -64.81 -15.25
C HIS D 192 14.79 -64.08 -16.28
N THR D 193 15.26 -62.90 -15.91
CA THR D 193 16.05 -62.07 -16.80
C THR D 193 17.52 -62.47 -16.79
N THR D 194 17.99 -63.01 -15.67
CA THR D 194 19.38 -63.40 -15.56
C THR D 194 19.58 -64.86 -15.95
N LEU D 195 18.53 -65.67 -15.77
CA LEU D 195 18.55 -67.10 -16.05
C LEU D 195 19.19 -67.47 -17.36
N GLU D 196 18.81 -66.74 -18.40
CA GLU D 196 19.31 -67.00 -19.74
C GLU D 196 20.62 -66.23 -20.00
N HIS D 197 21.33 -65.92 -18.93
CA HIS D 197 22.57 -65.16 -19.05
C HIS D 197 23.73 -65.58 -18.13
N SER D 198 23.41 -66.20 -17.01
CA SER D 198 24.44 -66.63 -16.07
C SER D 198 25.00 -67.99 -16.41
N ASP D 199 26.16 -68.28 -15.82
CA ASP D 199 26.83 -69.55 -16.03
C ASP D 199 26.53 -70.46 -14.86
N CYS D 200 26.75 -69.92 -13.66
CA CYS D 200 26.50 -70.62 -12.41
C CYS D 200 26.15 -69.55 -11.41
N ALA D 201 25.00 -69.70 -10.76
CA ALA D 201 24.58 -68.72 -9.78
C ALA D 201 24.70 -69.29 -8.37
N PHE D 202 25.64 -68.76 -7.60
CA PHE D 202 25.80 -69.22 -6.23
C PHE D 202 24.74 -68.56 -5.37
N MET D 203 24.27 -69.28 -4.37
CA MET D 203 23.24 -68.75 -3.52
C MET D 203 23.56 -68.90 -2.05
N VAL D 204 23.35 -67.80 -1.32
CA VAL D 204 23.58 -67.74 0.11
C VAL D 204 22.36 -67.05 0.73
N ASP D 205 21.61 -67.82 1.51
CA ASP D 205 20.38 -67.36 2.14
C ASP D 205 20.66 -66.55 3.38
N ASN D 206 20.24 -65.28 3.37
CA ASN D 206 20.45 -64.40 4.51
C ASN D 206 19.97 -64.97 5.85
N GLU D 207 18.74 -65.47 5.92
CA GLU D 207 18.23 -66.04 7.16
C GLU D 207 18.96 -67.30 7.59
N ALA D 208 18.97 -68.31 6.72
CA ALA D 208 19.65 -69.56 7.00
C ALA D 208 21.11 -69.38 7.40
N ILE D 209 21.61 -68.16 7.33
CA ILE D 209 22.98 -67.87 7.75
C ILE D 209 22.90 -67.43 9.22
N TYR D 210 21.78 -66.82 9.58
CA TYR D 210 21.59 -66.38 10.94
C TYR D 210 21.59 -67.60 11.84
N ASP D 211 20.90 -68.64 11.41
CA ASP D 211 20.84 -69.84 12.19
C ASP D 211 22.24 -70.22 12.53
N ILE D 212 23.10 -70.23 11.53
CA ILE D 212 24.49 -70.57 11.75
C ILE D 212 25.11 -69.67 12.81
N CYS D 213 24.67 -68.42 12.88
CA CYS D 213 25.19 -67.47 13.85
C CYS D 213 24.59 -67.66 15.24
N ARG D 214 23.46 -68.35 15.27
CA ARG D 214 22.79 -68.63 16.52
C ARG D 214 23.21 -70.01 17.01
N ARG D 215 23.08 -71.01 16.12
CA ARG D 215 23.40 -72.39 16.43
C ARG D 215 24.84 -72.85 16.32
N ASN D 216 25.60 -72.26 15.39
CA ASN D 216 26.97 -72.67 15.22
C ASN D 216 28.00 -71.58 15.46
N LEU D 217 27.81 -70.81 16.51
CA LEU D 217 28.74 -69.74 16.78
C LEU D 217 28.21 -68.97 17.98
N ASP D 218 26.91 -69.09 18.19
CA ASP D 218 26.23 -68.47 19.31
C ASP D 218 26.42 -66.96 19.41
N ILE D 219 25.38 -66.23 19.01
CA ILE D 219 25.34 -64.77 19.05
C ILE D 219 24.00 -64.29 18.52
N GLU D 220 23.23 -63.59 19.36
CA GLU D 220 21.95 -63.08 18.93
C GLU D 220 22.16 -61.63 18.49
N ARG D 221 23.45 -61.27 18.41
CA ARG D 221 23.88 -59.94 18.00
C ARG D 221 24.63 -60.04 16.65
N PRO D 222 23.97 -60.59 15.62
CA PRO D 222 24.67 -60.67 14.34
C PRO D 222 24.40 -59.45 13.48
N THR D 223 25.40 -58.60 13.32
CA THR D 223 25.25 -57.41 12.50
C THR D 223 25.40 -57.87 11.06
N TYR D 224 24.82 -57.12 10.14
CA TYR D 224 24.94 -57.46 8.73
C TYR D 224 26.41 -57.66 8.48
N THR D 225 27.20 -56.82 9.12
CA THR D 225 28.65 -56.88 8.98
C THR D 225 29.23 -58.28 9.28
N ASN D 226 28.40 -59.17 9.79
CA ASN D 226 28.86 -60.51 10.08
C ASN D 226 28.54 -61.44 8.95
N LEU D 227 27.26 -61.51 8.59
CA LEU D 227 26.84 -62.38 7.51
C LEU D 227 27.80 -62.11 6.38
N ASN D 228 28.19 -60.85 6.24
CA ASN D 228 29.11 -60.48 5.18
C ASN D 228 30.48 -61.13 5.38
N ARG D 229 30.93 -61.21 6.62
CA ARG D 229 32.21 -61.82 6.94
C ARG D 229 32.16 -63.28 6.58
N LEU D 230 30.98 -63.83 6.71
CA LEU D 230 30.77 -65.23 6.41
C LEU D 230 30.83 -65.46 4.92
N ILE D 231 29.88 -64.93 4.18
CA ILE D 231 29.94 -65.12 2.73
C ILE D 231 31.34 -64.68 2.37
N GLY D 232 31.77 -63.61 3.03
CA GLY D 232 33.09 -63.06 2.80
C GLY D 232 34.13 -64.14 2.96
N GLN D 233 33.73 -65.26 3.55
CA GLN D 233 34.60 -66.40 3.76
C GLN D 233 34.38 -67.41 2.66
N ILE D 234 33.15 -67.95 2.60
CA ILE D 234 32.79 -68.93 1.60
C ILE D 234 33.23 -68.47 0.21
N VAL D 235 33.14 -67.17 -0.04
CA VAL D 235 33.54 -66.61 -1.32
C VAL D 235 35.05 -66.69 -1.48
N SER D 236 35.77 -66.43 -0.39
CA SER D 236 37.23 -66.47 -0.46
C SER D 236 37.70 -67.82 -0.89
N SER D 237 36.89 -68.83 -0.60
CA SER D 237 37.19 -70.22 -0.94
C SER D 237 36.95 -70.48 -2.42
N ILE D 238 36.06 -69.70 -3.01
CA ILE D 238 35.74 -69.84 -4.40
C ILE D 238 36.92 -69.28 -5.20
N THR D 239 36.90 -67.97 -5.45
CA THR D 239 37.94 -67.32 -6.24
C THR D 239 39.29 -67.31 -5.53
N ALA D 240 39.50 -66.29 -4.70
CA ALA D 240 40.75 -66.11 -3.99
C ALA D 240 41.69 -67.31 -4.06
N SER D 241 41.55 -68.21 -3.09
CA SER D 241 42.37 -69.40 -2.94
C SER D 241 42.39 -70.37 -4.12
N LEU D 242 41.26 -70.53 -4.79
CA LEU D 242 41.21 -71.47 -5.90
C LEU D 242 42.06 -70.99 -7.08
N ARG D 243 41.88 -69.72 -7.45
CA ARG D 243 42.66 -69.13 -8.53
C ARG D 243 44.11 -69.12 -8.07
N PHE D 244 44.31 -69.58 -6.83
CA PHE D 244 45.61 -69.68 -6.17
C PHE D 244 46.07 -71.15 -6.25
N ASP D 245 47.33 -71.34 -6.64
CA ASP D 245 47.96 -72.66 -6.79
C ASP D 245 47.57 -73.62 -5.68
N GLY D 246 47.69 -74.91 -5.95
CA GLY D 246 47.33 -75.90 -4.94
C GLY D 246 47.57 -77.31 -5.45
N ALA D 247 47.21 -78.30 -4.63
CA ALA D 247 47.41 -79.70 -4.99
C ALA D 247 46.33 -80.27 -5.88
N LEU D 248 45.26 -79.49 -6.11
CA LEU D 248 44.17 -79.94 -6.98
C LEU D 248 43.34 -78.80 -7.58
N ASN D 249 44.04 -77.76 -8.05
CA ASN D 249 43.42 -76.58 -8.64
C ASN D 249 42.09 -76.80 -9.33
N VAL D 250 41.25 -75.77 -9.28
CA VAL D 250 39.93 -75.77 -9.89
C VAL D 250 39.62 -74.38 -10.47
N ASP D 251 39.66 -74.29 -11.79
CA ASP D 251 39.40 -73.06 -12.52
C ASP D 251 37.93 -72.64 -12.41
N LEU D 252 37.60 -71.40 -12.75
CA LEU D 252 36.21 -70.98 -12.67
C LEU D 252 35.39 -71.79 -13.64
N THR D 253 35.88 -71.90 -14.87
CA THR D 253 35.17 -72.69 -15.85
C THR D 253 34.83 -74.00 -15.14
N GLU D 254 35.87 -74.66 -14.63
CA GLU D 254 35.73 -75.93 -13.91
C GLU D 254 34.37 -76.03 -13.25
N PHE D 255 34.04 -75.02 -12.46
CA PHE D 255 32.76 -75.01 -11.77
C PHE D 255 31.65 -75.32 -12.72
N GLN D 256 31.13 -74.28 -13.35
CA GLN D 256 30.02 -74.45 -14.26
C GLN D 256 30.05 -75.80 -14.98
N THR D 257 31.24 -76.26 -15.38
CA THR D 257 31.33 -77.55 -16.05
C THR D 257 30.96 -78.68 -15.10
N ASN D 258 31.73 -78.81 -14.02
CA ASN D 258 31.49 -79.85 -13.04
C ASN D 258 30.28 -79.57 -12.15
N LEU D 259 29.72 -78.36 -12.27
CA LEU D 259 28.58 -77.96 -11.43
C LEU D 259 27.19 -77.77 -12.04
N VAL D 260 27.10 -77.50 -13.34
CA VAL D 260 25.77 -77.33 -13.92
C VAL D 260 25.47 -78.46 -14.89
N PRO D 261 24.39 -79.19 -14.66
CA PRO D 261 24.06 -80.28 -15.55
C PRO D 261 23.29 -79.72 -16.70
N TYR D 262 22.64 -78.58 -16.49
CA TYR D 262 21.83 -77.99 -17.56
C TYR D 262 21.83 -76.47 -17.67
N PRO D 263 21.85 -75.96 -18.90
CA PRO D 263 21.88 -74.55 -19.27
C PRO D 263 21.19 -73.57 -18.34
N ARG D 264 20.13 -73.98 -17.65
CA ARG D 264 19.51 -73.03 -16.74
C ARG D 264 20.69 -72.60 -15.88
N GLY D 265 20.91 -71.28 -15.77
CA GLY D 265 22.03 -70.74 -14.99
C GLY D 265 22.14 -71.31 -13.60
N HIS D 266 21.73 -72.57 -13.50
CA HIS D 266 21.68 -73.33 -12.27
C HIS D 266 22.36 -72.73 -11.09
N PHE D 267 21.66 -72.83 -9.98
CA PHE D 267 22.08 -72.23 -8.75
C PHE D 267 22.50 -73.18 -7.65
N PRO D 268 23.81 -73.37 -7.48
CA PRO D 268 24.19 -74.27 -6.38
C PRO D 268 24.10 -73.49 -5.06
N LEU D 269 24.41 -74.14 -3.94
CA LEU D 269 24.33 -73.51 -2.60
C LEU D 269 25.72 -73.48 -1.98
N ALA D 270 26.04 -72.43 -1.24
CA ALA D 270 27.35 -72.36 -0.60
C ALA D 270 27.29 -72.87 0.81
N THR D 271 28.34 -73.59 1.23
CA THR D 271 28.39 -74.17 2.57
C THR D 271 29.83 -74.11 3.06
N TYR D 272 30.01 -73.91 4.35
CA TYR D 272 31.37 -73.86 4.85
C TYR D 272 31.46 -74.85 5.99
N ALA D 273 32.65 -75.42 6.25
CA ALA D 273 32.70 -76.40 7.32
C ALA D 273 33.10 -75.90 8.72
N PRO D 274 34.37 -75.54 8.92
CA PRO D 274 34.72 -75.10 10.28
C PRO D 274 34.11 -73.76 10.64
N VAL D 275 32.12 -73.68 11.24
CA VAL D 275 31.81 -72.33 11.62
C VAL D 275 31.78 -72.40 13.10
N ILE D 276 32.88 -72.01 13.72
CA ILE D 276 32.96 -72.01 15.18
C ILE D 276 33.56 -70.75 15.76
N SER D 277 32.92 -70.26 16.83
CA SER D 277 33.15 -68.93 17.38
C SER D 277 34.47 -68.80 18.13
N ALA D 278 35.15 -67.65 17.97
CA ALA D 278 36.37 -67.36 18.72
C ALA D 278 35.97 -67.32 20.16
N GLU D 279 36.88 -67.65 21.06
CA GLU D 279 36.48 -67.97 22.42
C GLU D 279 36.33 -69.49 22.50
N LYS D 280 35.91 -70.10 21.41
CA LYS D 280 36.05 -71.54 21.27
C LYS D 280 37.47 -71.79 20.77
N ALA D 281 38.07 -70.71 20.29
CA ALA D 281 39.32 -70.74 19.52
C ALA D 281 40.40 -71.71 19.98
N TYR D 282 40.37 -72.12 21.24
CA TYR D 282 41.40 -73.00 21.78
C TYR D 282 41.05 -74.50 21.68
N HIS D 283 39.77 -74.82 21.74
CA HIS D 283 39.31 -76.22 21.73
C HIS D 283 40.06 -77.06 20.69
N GLU D 284 40.34 -78.34 20.99
CA GLU D 284 41.03 -79.26 20.05
C GLU D 284 40.32 -79.20 18.69
N GLN D 285 41.07 -79.06 17.59
CA GLN D 285 40.47 -78.84 16.26
C GLN D 285 39.62 -80.03 15.77
N LEU D 286 38.81 -79.84 14.73
CA LEU D 286 37.98 -80.93 14.21
C LEU D 286 38.70 -81.74 13.13
N SER D 287 38.34 -83.02 13.09
CA SER D 287 38.93 -84.00 12.18
C SER D 287 38.44 -83.81 10.76
N VAL D 288 39.28 -84.26 9.83
CA VAL D 288 38.97 -84.20 8.40
C VAL D 288 37.63 -84.88 8.13
N ALA D 289 37.31 -85.86 8.95
CA ALA D 289 36.08 -86.62 8.81
C ALA D 289 34.85 -85.85 9.28
N GLU D 290 35.02 -85.11 10.38
CA GLU D 290 33.94 -84.34 10.99
C GLU D 290 33.45 -83.22 10.10
N ILE D 291 34.41 -82.45 9.56
CA ILE D 291 34.10 -81.32 8.72
C ILE D 291 33.45 -81.82 7.48
N THR D 292 34.05 -82.83 6.87
CA THR D 292 33.44 -83.51 5.75
C THR D 292 31.98 -83.84 6.05
N ASN D 293 31.74 -84.37 7.24
CA ASN D 293 30.39 -84.78 7.61
C ASN D 293 29.44 -83.63 7.88
N ALA D 294 29.99 -82.61 8.52
CA ALA D 294 29.27 -81.36 8.72
C ALA D 294 28.69 -80.83 7.42
N CYS D 295 29.20 -81.30 6.29
CA CYS D 295 28.82 -80.76 4.99
C CYS D 295 27.51 -81.37 4.56
N PHE D 296 27.16 -82.47 5.19
CA PHE D 296 25.93 -83.11 4.82
C PHE D 296 24.84 -82.87 5.83
N GLU D 297 25.04 -81.85 6.65
CA GLU D 297 24.03 -81.44 7.59
C GLU D 297 23.26 -80.22 7.09
N PRO D 298 21.97 -80.39 6.86
CA PRO D 298 21.12 -79.28 6.43
C PRO D 298 21.16 -78.08 7.40
N ALA D 299 22.07 -78.02 8.87
CA ALA D 299 22.19 -76.84 9.73
C ALA D 299 23.53 -76.18 9.57
N ASN D 300 23.98 -76.01 8.34
CA ASN D 300 25.27 -75.37 8.16
C ASN D 300 25.50 -75.02 6.71
N GLN D 301 24.45 -74.60 6.03
CA GLN D 301 24.61 -74.35 4.62
C GLN D 301 24.26 -73.01 4.01
N MET D 302 24.21 -71.98 4.81
CA MET D 302 23.90 -70.67 4.26
C MET D 302 22.76 -70.70 3.25
N VAL D 303 21.71 -71.45 3.57
CA VAL D 303 20.53 -71.53 2.71
C VAL D 303 19.42 -72.36 3.33
N LYS D 304 18.25 -71.76 3.47
CA LYS D 304 17.09 -72.41 4.06
C LYS D 304 16.47 -73.39 3.09
N CYS D 305 17.32 -74.23 2.51
CA CYS D 305 16.86 -75.21 1.54
C CYS D 305 17.19 -76.59 2.05
N ASP D 306 17.10 -76.76 3.36
CA ASP D 306 17.37 -78.04 4.03
C ASP D 306 17.11 -79.18 3.05
N PRO D 307 18.08 -80.09 2.84
CA PRO D 307 17.87 -81.20 1.91
C PRO D 307 16.66 -82.05 2.26
N ARG D 308 15.52 -81.36 2.26
CA ARG D 308 14.20 -81.90 2.57
C ARG D 308 13.82 -83.03 1.63
N HIS D 309 14.61 -83.20 0.56
CA HIS D 309 14.38 -84.25 -0.43
C HIS D 309 15.32 -84.04 -1.60
N GLY D 310 15.69 -82.78 -1.80
CA GLY D 310 16.57 -82.43 -2.90
C GLY D 310 17.82 -83.29 -3.00
N LYS D 311 17.87 -84.09 -4.04
CA LYS D 311 19.00 -84.96 -4.28
C LYS D 311 20.13 -84.13 -4.85
N TYR D 312 21.31 -84.25 -4.27
CA TYR D 312 22.44 -83.50 -4.80
C TYR D 312 22.62 -84.05 -6.21
N MET D 313 23.27 -83.28 -7.08
CA MET D 313 23.52 -83.75 -8.43
C MET D 313 24.92 -83.35 -8.85
N ALA D 314 25.66 -82.77 -7.92
CA ALA D 314 27.02 -82.35 -8.18
C ALA D 314 27.49 -81.41 -7.07
N CYS D 315 28.60 -81.77 -6.45
CA CYS D 315 29.16 -80.97 -5.37
C CYS D 315 30.62 -80.70 -5.67
N CYS D 316 31.07 -79.50 -5.36
CA CYS D 316 32.44 -79.12 -5.60
C CYS D 316 33.10 -78.87 -4.27
N LEU D 317 33.62 -79.93 -3.67
CA LEU D 317 34.24 -79.79 -2.37
C LEU D 317 35.56 -79.09 -2.41
N LEU D 318 35.55 -77.79 -2.17
CA LEU D 318 36.78 -77.03 -2.15
C LEU D 318 37.37 -77.04 -0.75
N TYR D 319 38.52 -77.68 -0.62
CA TYR D 319 39.21 -77.76 0.65
C TYR D 319 40.37 -76.81 0.60
N ARG D 320 40.86 -76.42 1.76
CA ARG D 320 41.98 -75.51 1.85
C ARG D 320 42.68 -75.79 3.17
N GLY D 321 44.01 -75.68 3.17
CA GLY D 321 44.75 -75.95 4.39
C GLY D 321 45.43 -77.30 4.31
N ASP D 322 45.79 -77.86 5.46
CA ASP D 322 46.47 -79.16 5.49
C ASP D 322 45.52 -80.34 5.30
N VAL D 323 45.46 -80.85 4.07
CA VAL D 323 44.59 -81.96 3.72
C VAL D 323 45.27 -83.00 2.81
N VAL D 324 45.25 -84.25 3.27
CA VAL D 324 45.83 -85.37 2.52
C VAL D 324 44.79 -85.91 1.56
N PRO D 325 45.09 -85.87 0.27
CA PRO D 325 44.19 -86.35 -0.77
C PRO D 325 43.50 -87.68 -0.48
N LYS D 326 44.16 -88.55 0.29
CA LYS D 326 43.56 -89.83 0.62
C LYS D 326 42.48 -89.56 1.67
N ASP D 327 42.81 -88.67 2.61
CA ASP D 327 41.87 -88.30 3.65
C ASP D 327 40.56 -87.94 2.98
N VAL D 328 40.67 -87.21 1.87
CA VAL D 328 39.50 -86.78 1.11
C VAL D 328 38.95 -87.96 0.34
N ASN D 329 39.81 -88.53 -0.50
CA ASN D 329 39.43 -89.68 -1.33
C ASN D 329 39.23 -90.86 -0.37
N ALA D 330 38.40 -90.61 0.65
CA ALA D 330 38.05 -91.59 1.66
C ALA D 330 36.90 -91.00 2.47
N ALA D 331 37.10 -89.78 2.92
CA ALA D 331 36.09 -89.07 3.69
C ALA D 331 34.88 -88.92 2.77
N ILE D 332 35.15 -88.77 1.48
CA ILE D 332 34.11 -88.63 0.49
C ILE D 332 33.53 -90.01 0.17
N ALA D 333 34.41 -91.01 0.15
CA ALA D 333 34.00 -92.39 -0.13
C ALA D 333 32.99 -92.79 0.92
N THR D 334 33.31 -92.54 2.17
CA THR D 334 32.42 -92.87 3.28
C THR D 334 31.06 -92.23 3.03
N ILE D 335 31.07 -91.00 2.55
CA ILE D 335 29.84 -90.28 2.26
C ILE D 335 29.10 -90.95 1.11
N LYS D 336 29.77 -91.12 -0.02
CA LYS D 336 29.14 -91.75 -1.18
C LYS D 336 28.33 -92.98 -0.82
N THR D 337 28.59 -93.52 0.37
CA THR D 337 27.88 -94.73 0.79
C THR D 337 27.05 -94.56 2.05
N LYS D 338 26.55 -93.35 2.28
CA LYS D 338 25.70 -93.07 3.45
C LYS D 338 24.25 -93.17 3.00
N ARG D 339 24.07 -93.21 1.67
CA ARG D 339 22.77 -93.32 1.03
C ARG D 339 21.69 -92.34 1.46
N THR D 340 21.60 -92.08 2.76
CA THR D 340 20.62 -91.14 3.26
C THR D 340 20.97 -89.76 2.69
N ILE D 341 22.05 -89.72 1.91
CA ILE D 341 22.53 -88.50 1.27
C ILE D 341 22.23 -88.58 -0.23
N GLN D 342 21.40 -89.55 -0.59
CA GLN D 342 20.96 -89.82 -1.96
C GLN D 342 21.31 -88.80 -3.04
N PHE D 343 22.19 -89.19 -3.96
CA PHE D 343 22.60 -88.35 -5.10
C PHE D 343 21.72 -88.71 -6.28
N VAL D 344 21.65 -87.84 -7.26
CA VAL D 344 20.80 -88.13 -8.40
C VAL D 344 21.15 -89.48 -9.02
N ASP D 345 20.24 -89.97 -9.84
CA ASP D 345 20.40 -91.25 -10.53
C ASP D 345 21.43 -91.12 -11.64
N TRP D 346 21.03 -90.37 -12.66
CA TRP D 346 21.86 -90.15 -13.83
C TRP D 346 23.24 -89.63 -13.50
N CYS D 347 23.59 -89.67 -12.23
CA CYS D 347 24.88 -89.19 -11.85
C CYS D 347 25.62 -90.21 -11.00
N PRO D 348 26.61 -90.88 -11.60
CA PRO D 348 27.41 -91.88 -10.90
C PRO D 348 28.13 -91.23 -9.76
N THR D 349 29.10 -90.43 -10.17
CA THR D 349 29.95 -89.67 -9.26
C THR D 349 29.84 -88.18 -9.59
N GLY D 350 29.50 -87.43 -8.57
CA GLY D 350 29.35 -85.97 -8.66
C GLY D 350 30.03 -85.31 -7.46
N PHE D 351 31.35 -85.44 -7.46
CA PHE D 351 32.19 -84.91 -6.39
C PHE D 351 33.51 -84.37 -6.93
N LYS D 352 33.51 -83.07 -7.16
CA LYS D 352 34.69 -82.34 -7.64
C LYS D 352 35.51 -81.92 -6.42
N VAL D 353 36.58 -82.65 -6.20
CA VAL D 353 37.48 -82.40 -5.06
C VAL D 353 38.54 -81.36 -5.43
N GLY D 354 38.36 -80.20 -4.83
CA GLY D 354 39.27 -79.05 -5.01
C GLY D 354 40.09 -78.86 -3.74
N ILE D 355 41.39 -79.05 -3.91
CA ILE D 355 42.35 -78.92 -2.82
C ILE D 355 43.29 -77.74 -3.05
N ASN D 356 43.31 -76.89 -2.04
CA ASN D 356 44.19 -75.72 -1.99
C ASN D 356 45.18 -75.96 -0.86
N TYR D 357 46.18 -75.10 -0.77
CA TYR D 357 47.21 -75.26 0.26
C TYR D 357 46.94 -74.36 1.47
N GLU D 358 47.20 -73.09 1.28
CA GLU D 358 47.05 -72.07 2.34
C GLU D 358 45.73 -72.26 3.11
N PRO D 359 45.80 -72.48 4.44
CA PRO D 359 44.60 -72.64 5.25
C PRO D 359 43.75 -71.38 5.17
N PRO D 360 42.52 -71.37 5.73
CA PRO D 360 41.67 -70.17 5.70
C PRO D 360 42.36 -69.01 6.41
N THR D 361 41.68 -67.87 6.45
CA THR D 361 42.22 -66.70 7.11
C THR D 361 41.09 -65.89 7.72
N VAL D 362 40.93 -66.08 9.03
CA VAL D 362 39.89 -65.45 9.80
C VAL D 362 40.22 -64.03 10.23
N VAL D 363 39.18 -63.20 10.29
CA VAL D 363 39.31 -61.82 10.71
C VAL D 363 40.04 -61.86 12.04
N PRO D 364 41.02 -60.95 12.23
CA PRO D 364 41.83 -60.84 13.44
C PRO D 364 41.04 -61.06 14.74
N GLY D 365 39.87 -60.46 14.81
CA GLY D 365 39.08 -60.59 16.02
C GLY D 365 37.58 -60.46 15.85
N GLY D 366 37.04 -61.12 14.83
CA GLY D 366 35.60 -61.08 14.62
C GLY D 366 34.96 -62.07 15.56
N ASP D 367 34.61 -63.24 15.03
CA ASP D 367 34.00 -64.31 15.82
C ASP D 367 34.18 -65.66 15.17
N LEU D 368 34.99 -65.69 14.11
CA LEU D 368 35.26 -66.93 13.38
C LEU D 368 36.41 -67.65 14.05
N ALA D 369 36.19 -68.92 14.39
CA ALA D 369 37.17 -69.76 15.06
C ALA D 369 38.62 -69.50 14.65
N LYS D 370 38.97 -70.03 13.48
CA LYS D 370 40.30 -69.96 12.86
C LYS D 370 40.97 -71.34 12.98
N VAL D 371 40.57 -72.21 12.07
CA VAL D 371 41.05 -73.57 12.00
C VAL D 371 42.20 -73.62 11.00
N GLN D 372 42.75 -74.82 10.79
CA GLN D 372 43.85 -75.00 9.83
C GLN D 372 43.39 -75.91 8.71
N ARG D 373 42.14 -75.71 8.29
CA ARG D 373 41.56 -76.48 7.22
C ARG D 373 40.05 -76.25 7.23
N ALA D 374 39.46 -76.14 6.04
CA ALA D 374 38.04 -75.90 5.89
C ALA D 374 37.51 -76.50 4.61
N VAL D 375 36.18 -76.61 4.54
CA VAL D 375 35.49 -77.18 3.38
C VAL D 375 34.35 -76.31 2.91
N CYS D 376 34.59 -75.57 1.83
CA CYS D 376 33.57 -74.70 1.24
C CYS D 376 32.96 -75.50 0.10
N MET D 377 31.98 -76.31 0.43
CA MET D 377 31.33 -77.15 -0.54
C MET D 377 30.09 -76.46 -1.04
N LEU D 378 29.96 -76.42 -2.35
CA LEU D 378 28.81 -75.81 -2.97
C LEU D 378 28.23 -76.89 -3.85
N SER D 379 26.95 -76.77 -4.19
CA SER D 379 26.32 -77.81 -4.99
C SER D 379 24.95 -77.47 -5.53
N ASN D 380 24.53 -78.25 -6.51
CA ASN D 380 23.22 -78.11 -7.12
C ASN D 380 22.43 -79.22 -6.44
N THR D 381 21.33 -78.85 -5.81
CA THR D 381 20.49 -79.81 -5.11
C THR D 381 19.07 -79.65 -5.57
N THR D 382 18.43 -80.77 -5.88
CA THR D 382 17.03 -80.76 -6.30
C THR D 382 16.22 -80.11 -5.18
N ALA D 383 16.93 -79.69 -4.15
CA ALA D 383 16.32 -79.09 -3.00
C ALA D 383 15.69 -77.76 -3.32
N ILE D 384 16.41 -76.90 -4.04
CA ILE D 384 15.87 -75.60 -4.35
C ILE D 384 14.49 -75.69 -5.00
N ALA D 385 14.10 -76.89 -5.42
CA ALA D 385 12.77 -77.09 -6.01
C ALA D 385 11.86 -76.41 -5.02
N GLU D 386 12.23 -76.51 -3.75
CA GLU D 386 11.50 -75.88 -2.67
C GLU D 386 11.70 -74.38 -2.81
N ALA D 387 12.75 -73.88 -2.16
CA ALA D 387 13.09 -72.45 -2.16
C ALA D 387 12.52 -71.62 -3.30
N TRP D 388 12.54 -72.13 -4.53
CA TRP D 388 11.98 -71.41 -5.67
C TRP D 388 10.47 -71.44 -5.51
N ALA D 389 9.95 -72.63 -5.29
CA ALA D 389 8.52 -72.82 -5.09
C ALA D 389 8.01 -71.76 -4.11
N ARG D 390 8.41 -71.91 -2.86
CA ARG D 390 8.02 -71.00 -1.78
C ARG D 390 8.18 -69.52 -2.10
N LEU D 391 9.01 -69.19 -3.08
CA LEU D 391 9.26 -67.80 -3.41
C LEU D 391 8.38 -67.39 -4.56
N ASP D 392 7.98 -68.37 -5.34
CA ASP D 392 7.13 -68.15 -6.48
C ASP D 392 5.74 -67.90 -5.98
N HIS D 393 5.27 -68.82 -5.14
CA HIS D 393 3.96 -68.74 -4.52
C HIS D 393 3.76 -67.33 -3.99
N LYS D 394 4.71 -66.87 -3.18
CA LYS D 394 4.68 -65.50 -2.63
C LYS D 394 4.14 -64.56 -3.70
N PHE D 395 4.94 -64.44 -4.75
CA PHE D 395 4.67 -63.60 -5.90
C PHE D 395 3.20 -63.60 -6.29
N ASP D 396 2.69 -64.77 -6.65
CA ASP D 396 1.30 -64.92 -7.05
C ASP D 396 0.36 -64.20 -6.11
N LEU D 397 0.40 -64.58 -4.85
CA LEU D 397 -0.47 -63.97 -3.88
C LEU D 397 -0.65 -62.50 -4.13
N MET D 398 0.45 -61.78 -4.29
CA MET D 398 0.40 -60.34 -4.54
C MET D 398 -0.04 -59.98 -5.93
N TYR D 399 0.58 -60.62 -6.91
CA TYR D 399 0.23 -60.36 -8.30
C TYR D 399 -1.27 -60.62 -8.43
N ALA D 400 -1.73 -61.67 -7.77
CA ALA D 400 -3.12 -62.05 -7.81
C ALA D 400 -4.01 -60.85 -7.50
N LYS D 401 -3.43 -59.81 -6.91
CA LYS D 401 -4.18 -58.60 -6.56
C LYS D 401 -3.49 -57.35 -7.09
N ARG D 402 -2.45 -57.59 -7.87
CA ARG D 402 -1.70 -56.52 -8.49
C ARG D 402 -0.88 -55.75 -7.46
N ALA D 403 -1.19 -55.95 -6.19
CA ALA D 403 -0.50 -55.23 -5.14
C ALA D 403 0.29 -54.07 -5.69
N PHE D 404 1.58 -54.01 -5.41
CA PHE D 404 2.42 -52.90 -5.85
C PHE D 404 2.76 -52.94 -7.32
N VAL D 405 1.78 -53.27 -8.16
CA VAL D 405 2.06 -53.33 -9.57
C VAL D 405 2.19 -51.94 -10.15
N HIS D 406 1.27 -51.05 -9.79
CA HIS D 406 1.34 -49.72 -10.37
C HIS D 406 2.70 -49.07 -10.21
N TRP D 407 3.54 -49.63 -9.36
CA TRP D 407 4.84 -49.06 -9.13
C TRP D 407 5.81 -49.41 -10.20
N TYR D 408 5.55 -50.49 -10.90
CA TYR D 408 6.46 -50.91 -11.96
C TYR D 408 5.94 -50.42 -13.29
N VAL D 409 4.67 -50.66 -13.55
CA VAL D 409 4.06 -50.26 -14.79
C VAL D 409 4.47 -48.83 -15.06
N GLY D 410 4.22 -47.97 -14.08
CA GLY D 410 4.57 -46.57 -14.21
C GLY D 410 6.07 -46.39 -14.33
N GLU D 411 6.78 -47.50 -14.52
CA GLU D 411 8.21 -47.45 -14.64
C GLU D 411 8.69 -48.22 -15.85
N GLY D 412 7.89 -48.26 -16.90
CA GLY D 412 8.30 -48.94 -18.11
C GLY D 412 8.39 -50.45 -18.04
N MET D 413 7.27 -51.07 -17.71
CA MET D 413 7.12 -52.51 -17.60
C MET D 413 5.69 -52.75 -18.03
N GLU D 414 5.23 -53.98 -17.98
CA GLU D 414 3.87 -54.23 -18.41
C GLU D 414 3.34 -55.49 -17.77
N GLU D 415 2.05 -55.76 -18.01
CA GLU D 415 1.44 -56.98 -17.47
C GLU D 415 2.23 -58.13 -18.07
N GLY D 416 2.93 -57.82 -19.16
CA GLY D 416 3.73 -58.83 -19.82
C GLY D 416 4.84 -59.30 -18.93
N GLU D 417 5.87 -58.47 -18.80
CA GLU D 417 7.02 -58.83 -17.99
C GLU D 417 6.73 -59.58 -16.71
N PHE D 418 5.64 -59.25 -16.03
CA PHE D 418 5.33 -59.99 -14.80
C PHE D 418 4.82 -61.37 -15.18
N SER D 419 3.60 -61.42 -15.71
CA SER D 419 2.99 -62.68 -16.12
C SER D 419 3.91 -63.55 -16.95
N GLU D 420 4.72 -62.92 -17.78
CA GLU D 420 5.60 -63.69 -18.64
C GLU D 420 6.92 -64.09 -17.98
N ALA D 421 7.15 -63.63 -16.76
CA ALA D 421 8.37 -63.98 -16.01
C ALA D 421 7.95 -64.95 -14.93
N ARG D 422 6.65 -65.05 -14.75
CA ARG D 422 6.07 -65.95 -13.79
C ARG D 422 6.09 -67.30 -14.52
N GLU D 423 5.52 -67.30 -15.72
CA GLU D 423 5.50 -68.51 -16.54
C GLU D 423 6.95 -69.00 -16.62
N ASP D 424 7.87 -68.06 -16.70
CA ASP D 424 9.30 -68.36 -16.79
C ASP D 424 9.68 -69.31 -15.68
N MET D 425 9.67 -68.81 -14.45
CA MET D 425 10.05 -69.62 -13.32
C MET D 425 9.21 -70.89 -13.23
N ALA D 426 7.96 -70.82 -13.65
CA ALA D 426 7.11 -72.02 -13.61
C ALA D 426 7.91 -73.21 -14.13
N ALA D 427 8.53 -73.03 -15.30
CA ALA D 427 9.35 -74.08 -15.93
C ALA D 427 10.71 -74.22 -15.27
N LEU D 428 10.83 -73.66 -14.08
CA LEU D 428 12.06 -73.74 -13.31
C LEU D 428 11.70 -74.60 -12.11
N GLU D 429 10.40 -74.72 -11.89
CA GLU D 429 9.83 -75.52 -10.82
C GLU D 429 9.65 -76.93 -11.40
N LYS D 430 9.47 -76.99 -12.73
CA LYS D 430 9.30 -78.26 -13.42
C LYS D 430 10.69 -78.78 -13.75
N ASP D 431 11.58 -77.86 -14.11
CA ASP D 431 12.94 -78.21 -14.46
C ASP D 431 13.63 -78.88 -13.28
N TYR D 432 13.73 -78.15 -12.17
CA TYR D 432 14.35 -78.66 -10.96
C TYR D 432 13.64 -79.86 -10.40
N GLU D 433 12.51 -80.21 -11.01
CA GLU D 433 11.70 -81.36 -10.61
C GLU D 433 12.04 -82.54 -11.51
N GLU D 434 12.07 -82.28 -12.81
CA GLU D 434 12.37 -83.33 -13.78
C GLU D 434 13.81 -83.85 -13.70
N VAL D 435 14.77 -82.94 -13.60
CA VAL D 435 16.17 -83.35 -13.54
C VAL D 435 16.43 -84.20 -12.30
N GLY D 436 15.38 -84.45 -11.54
CA GLY D 436 15.50 -85.27 -10.35
C GLY D 436 14.19 -85.94 -10.02
N VAL D 437 14.09 -86.51 -8.83
CA VAL D 437 12.87 -87.18 -8.37
C VAL D 437 12.47 -88.33 -9.32
N ASP D 438 13.09 -88.38 -10.50
CA ASP D 438 12.78 -89.40 -11.49
C ASP D 438 14.02 -90.16 -11.99
N SER D 439 13.83 -91.40 -12.40
CA SER D 439 14.95 -92.22 -12.87
C SER D 439 14.69 -92.81 -14.27
CA ARG E 2 -7.70 65.66 -0.70
C ARG E 2 -8.22 66.73 0.25
N GLU E 3 -9.35 67.36 -0.09
CA GLU E 3 -9.94 68.42 0.73
C GLU E 3 -11.44 68.65 0.50
N ILE E 4 -12.01 69.54 1.31
CA ILE E 4 -13.42 69.93 1.24
C ILE E 4 -13.57 71.30 1.93
N VAL E 5 -14.64 72.03 1.63
CA VAL E 5 -14.87 73.31 2.29
C VAL E 5 -16.35 73.46 2.71
N HIS E 6 -16.57 73.25 3.99
CA HIS E 6 -17.89 73.31 4.59
C HIS E 6 -18.58 74.63 4.28
N ILE E 7 -19.91 74.61 4.30
CA ILE E 7 -20.71 75.81 4.04
C ILE E 7 -21.94 75.89 4.97
N GLN E 8 -21.90 76.85 5.90
CA GLN E 8 -22.98 77.08 6.89
C GLN E 8 -24.05 78.06 6.43
N ALA E 9 -24.88 77.67 5.47
CA ALA E 9 -25.94 78.53 4.96
C ALA E 9 -27.13 78.73 5.90
N GLY E 10 -27.50 79.98 6.11
CA GLY E 10 -28.64 80.26 6.98
C GLY E 10 -28.29 80.15 8.45
N GLN E 11 -29.31 80.21 9.31
CA GLN E 11 -29.10 80.10 10.75
C GLN E 11 -28.92 78.65 11.09
N CYS E 12 -29.94 77.85 10.78
CA CYS E 12 -29.88 76.44 11.07
C CYS E 12 -28.54 75.90 10.60
N GLY E 13 -28.39 75.86 9.28
CA GLY E 13 -27.14 75.36 8.72
C GLY E 13 -25.98 75.91 9.50
N ASN E 14 -26.18 77.09 10.06
CA ASN E 14 -25.14 77.73 10.84
C ASN E 14 -25.09 77.12 12.24
N GLN E 15 -26.21 77.16 12.96
CA GLN E 15 -26.29 76.60 14.30
C GLN E 15 -25.60 75.25 14.31
N ILE E 16 -25.92 74.44 13.31
CA ILE E 16 -25.33 73.12 13.13
C ILE E 16 -23.83 73.20 12.88
N GLY E 17 -23.41 74.24 12.16
CA GLY E 17 -22.00 74.40 11.90
C GLY E 17 -21.30 74.31 13.25
N ALA E 18 -21.80 75.07 14.21
CA ALA E 18 -21.21 75.08 15.54
C ALA E 18 -21.13 73.69 16.12
N LYS E 19 -22.11 72.84 15.81
CA LYS E 19 -22.09 71.49 16.35
C LYS E 19 -21.24 70.57 15.50
N PHE E 20 -21.25 70.78 14.19
CA PHE E 20 -20.45 69.94 13.32
C PHE E 20 -18.98 70.21 13.58
N TRP E 21 -18.66 71.44 13.92
CA TRP E 21 -17.29 71.79 14.19
C TRP E 21 -16.95 71.54 15.63
N GLU E 22 -17.95 71.59 16.49
CA GLU E 22 -17.76 71.33 17.90
C GLU E 22 -17.15 69.93 17.91
N VAL E 23 -17.88 69.00 17.31
CA VAL E 23 -17.47 67.60 17.21
C VAL E 23 -16.13 67.46 16.49
N ILE E 24 -16.24 67.37 15.17
CA ILE E 24 -15.11 67.22 14.28
C ILE E 24 -13.77 67.65 14.87
N SER E 25 -13.74 68.81 15.51
CA SER E 25 -12.51 69.32 16.10
C SER E 25 -11.96 68.31 17.11
N ASP E 26 -12.78 67.96 18.09
CA ASP E 26 -12.41 67.00 19.14
C ASP E 26 -12.01 65.67 18.48
N GLU E 27 -12.60 65.40 17.32
CA GLU E 27 -12.31 64.19 16.53
C GLU E 27 -11.09 64.53 15.70
N HIS E 28 -10.36 65.54 16.13
CA HIS E 28 -9.16 65.99 15.47
C HIS E 28 -8.31 66.84 16.40
N GLY E 29 -8.59 66.73 17.71
CA GLY E 29 -7.84 67.45 18.72
C GLY E 29 -7.51 68.93 18.52
N ILE E 30 -8.47 69.68 17.99
CA ILE E 30 -8.27 71.10 17.76
C ILE E 30 -9.11 71.92 18.74
N ASP E 31 -8.42 72.51 19.72
CA ASP E 31 -9.04 73.34 20.74
C ASP E 31 -9.42 74.68 20.12
N PRO E 32 -10.40 75.38 20.72
CA PRO E 32 -10.84 76.69 20.20
C PRO E 32 -9.89 77.29 19.17
N THR E 33 -8.85 77.97 19.63
CA THR E 33 -7.87 78.55 18.72
C THR E 33 -6.61 77.69 18.80
N GLY E 34 -6.56 76.83 19.82
CA GLY E 34 -5.42 75.96 20.00
C GLY E 34 -5.09 75.15 18.75
N SER E 35 -4.18 74.20 18.90
CA SER E 35 -3.77 73.38 17.77
C SER E 35 -4.23 71.95 17.89
N TYR E 36 -3.31 71.05 17.56
CA TYR E 36 -3.57 69.63 17.61
C TYR E 36 -3.08 68.99 18.91
N HIS E 37 -4.00 68.83 19.87
CA HIS E 37 -3.69 68.20 21.15
C HIS E 37 -3.87 66.70 20.99
N GLY E 38 -4.40 66.33 19.82
CA GLY E 38 -4.67 64.94 19.46
C GLY E 38 -4.09 63.87 20.34
N ASP E 39 -4.97 63.12 20.98
CA ASP E 39 -4.57 62.03 21.85
C ASP E 39 -3.64 61.12 21.06
N SER E 40 -3.84 61.08 19.75
CA SER E 40 -3.02 60.25 18.88
C SER E 40 -2.18 61.09 17.92
N ASP E 41 -1.72 60.46 16.85
CA ASP E 41 -0.89 61.11 15.85
C ASP E 41 -1.53 60.96 14.47
N LEU E 42 -2.57 60.12 14.41
CA LEU E 42 -3.28 59.85 13.16
C LEU E 42 -4.37 60.87 12.85
N GLN E 43 -4.85 61.57 13.88
CA GLN E 43 -5.88 62.57 13.71
C GLN E 43 -5.29 63.85 13.13
N LEU E 44 -4.16 63.73 12.44
CA LEU E 44 -3.48 64.89 11.89
C LEU E 44 -2.96 64.76 10.47
N GLU E 45 -2.57 63.55 10.09
CA GLU E 45 -2.03 63.32 8.75
C GLU E 45 -3.04 63.61 7.64
N ARG E 46 -4.30 63.76 8.00
CA ARG E 46 -5.33 64.00 7.00
C ARG E 46 -6.22 65.20 7.30
N ILE E 47 -5.96 65.92 8.40
CA ILE E 47 -6.79 67.06 8.76
C ILE E 47 -7.08 68.00 7.59
N ASN E 48 -6.02 68.41 6.90
CA ASN E 48 -6.11 69.32 5.77
C ASN E 48 -7.53 69.36 5.20
N VAL E 49 -8.12 68.20 5.00
CA VAL E 49 -9.48 68.12 4.48
C VAL E 49 -10.43 69.21 5.00
N TYR E 50 -10.18 69.69 6.22
CA TYR E 50 -11.03 70.72 6.83
C TYR E 50 -10.34 71.96 7.41
N TYR E 51 -9.02 72.05 7.30
CA TYR E 51 -8.34 73.21 7.88
C TYR E 51 -7.29 73.84 6.98
N ASN E 52 -6.53 74.79 7.54
CA ASN E 52 -5.47 75.47 6.82
C ASN E 52 -4.30 75.83 7.73
N GLU E 53 -3.09 75.76 7.18
CA GLU E 53 -1.88 76.07 7.93
C GLU E 53 -1.46 77.53 7.80
N ALA E 54 -1.43 78.25 8.93
CA ALA E 54 -1.01 79.65 8.95
C ALA E 54 0.04 79.86 10.03
N ALA E 55 -0.39 79.84 11.28
CA ALA E 55 0.51 80.02 12.40
C ALA E 55 1.37 78.77 12.60
N GLY E 56 0.82 77.80 13.32
CA GLY E 56 1.53 76.55 13.59
C GLY E 56 0.84 75.84 14.73
N ASN E 57 -0.22 76.48 15.21
CA ASN E 57 -1.03 75.98 16.31
C ASN E 57 -2.47 76.38 15.96
N LYS E 58 -2.60 77.12 14.87
CA LYS E 58 -3.89 77.59 14.44
C LYS E 58 -4.32 77.00 13.10
N TYR E 59 -4.97 75.85 13.17
CA TYR E 59 -5.49 75.19 11.98
C TYR E 59 -6.94 75.68 11.98
N VAL E 60 -7.25 76.61 11.09
CA VAL E 60 -8.60 77.16 11.03
C VAL E 60 -9.58 76.45 10.12
N PRO E 61 -10.76 76.13 10.64
CA PRO E 61 -11.77 75.45 9.85
C PRO E 61 -12.01 76.20 8.55
N ARG E 62 -12.02 75.44 7.46
CA ARG E 62 -12.22 76.01 6.14
C ARG E 62 -13.66 75.86 5.70
N ALA E 63 -14.53 76.65 6.33
CA ALA E 63 -15.95 76.63 6.04
C ALA E 63 -16.41 78.04 5.70
N ILE E 64 -17.68 78.18 5.35
CA ILE E 64 -18.21 79.51 5.06
C ILE E 64 -19.44 79.70 5.92
N LEU E 65 -19.61 80.92 6.44
CA LEU E 65 -20.77 81.23 7.28
C LEU E 65 -21.61 82.30 6.59
N VAL E 66 -22.63 81.84 5.91
CA VAL E 66 -23.53 82.70 5.14
C VAL E 66 -24.86 82.90 5.86
N ASP E 67 -25.22 84.16 6.08
CA ASP E 67 -26.47 84.49 6.78
C ASP E 67 -26.81 85.99 6.73
N LEU E 68 -28.09 86.28 6.54
CA LEU E 68 -28.58 87.65 6.46
C LEU E 68 -29.10 88.19 7.78
N GLU E 69 -28.85 87.45 8.85
CA GLU E 69 -29.30 87.83 10.19
C GLU E 69 -28.04 87.90 11.05
N PRO E 70 -27.62 89.11 11.42
CA PRO E 70 -26.42 89.19 12.24
C PRO E 70 -26.51 88.35 13.53
N GLY E 71 -27.39 88.74 14.45
CA GLY E 71 -27.55 88.01 15.71
C GLY E 71 -27.12 86.56 15.71
N THR E 72 -27.48 85.82 14.67
CA THR E 72 -27.12 84.40 14.57
C THR E 72 -25.61 84.20 14.63
N MET E 73 -24.93 84.49 13.51
CA MET E 73 -23.49 84.31 13.44
C MET E 73 -22.80 85.02 14.62
N ASP E 74 -23.51 86.00 15.19
CA ASP E 74 -22.99 86.76 16.33
C ASP E 74 -23.31 86.06 17.65
N SER E 75 -23.79 84.82 17.54
CA SER E 75 -24.11 83.99 18.70
C SER E 75 -23.16 82.80 18.59
N VAL E 76 -22.88 82.44 17.34
CA VAL E 76 -21.98 81.36 17.03
C VAL E 76 -20.56 81.86 17.17
N ARG E 77 -20.37 83.15 16.92
CA ARG E 77 -19.04 83.74 17.02
C ARG E 77 -18.77 84.30 18.42
N SER E 78 -19.81 84.36 19.26
CA SER E 78 -19.65 84.90 20.61
C SER E 78 -19.77 83.82 21.70
N GLY E 79 -19.75 82.56 21.30
CA GLY E 79 -19.86 81.48 22.27
C GLY E 79 -18.61 80.63 22.39
N PRO E 80 -18.75 79.29 22.42
CA PRO E 80 -17.61 78.38 22.56
C PRO E 80 -16.60 78.49 21.40
N PHE E 81 -16.49 77.42 20.62
CA PHE E 81 -15.56 77.38 19.49
C PHE E 81 -15.73 78.54 18.51
N GLY E 82 -16.68 79.42 18.78
CA GLY E 82 -16.94 80.53 17.89
C GLY E 82 -15.75 81.37 17.47
N GLN E 83 -14.68 81.35 18.25
CA GLN E 83 -13.51 82.17 17.92
C GLN E 83 -12.37 81.44 17.21
N ILE E 84 -12.72 80.50 16.34
CA ILE E 84 -11.71 79.74 15.59
C ILE E 84 -11.81 80.06 14.10
N PHE E 85 -12.98 80.51 13.68
CA PHE E 85 -13.19 80.86 12.29
C PHE E 85 -12.50 82.19 12.02
N ARG E 86 -11.76 82.29 10.91
CA ARG E 86 -11.11 83.55 10.58
C ARG E 86 -12.30 84.44 10.20
N PRO E 87 -12.33 85.69 10.69
CA PRO E 87 -13.42 86.61 10.39
C PRO E 87 -13.79 86.68 8.91
N ASP E 88 -12.79 86.46 8.07
CA ASP E 88 -12.99 86.48 6.63
C ASP E 88 -14.10 85.50 6.24
N ASN E 89 -14.26 84.45 7.04
CA ASN E 89 -15.27 83.41 6.80
C ASN E 89 -16.70 83.91 6.94
N PHE E 90 -16.92 84.86 7.85
CA PHE E 90 -18.25 85.40 8.09
C PHE E 90 -18.80 86.26 6.95
N VAL E 91 -19.63 85.69 6.09
CA VAL E 91 -20.22 86.48 5.02
C VAL E 91 -21.65 86.78 5.45
N PHE E 92 -21.79 87.85 6.21
CA PHE E 92 -23.07 88.29 6.74
C PHE E 92 -23.84 89.18 5.79
N GLY E 93 -25.12 89.38 6.09
CA GLY E 93 -25.97 90.25 5.29
C GLY E 93 -26.86 90.94 6.28
N GLN E 94 -26.37 92.01 6.91
CA GLN E 94 -27.14 92.73 7.92
C GLN E 94 -28.54 93.16 7.47
N SER E 95 -28.86 92.91 6.21
CA SER E 95 -30.17 93.23 5.65
C SER E 95 -31.27 92.61 6.50
N GLY E 96 -32.49 92.61 5.99
CA GLY E 96 -33.57 91.97 6.72
C GLY E 96 -33.61 90.53 6.25
N ALA E 97 -33.08 89.62 7.06
CA ALA E 97 -33.05 88.20 6.67
C ALA E 97 -34.43 87.56 6.54
N GLY E 98 -35.40 88.30 6.02
CA GLY E 98 -36.76 87.82 5.87
C GLY E 98 -36.85 86.34 5.59
N ASN E 99 -37.90 85.72 6.13
CA ASN E 99 -38.11 84.28 5.98
C ASN E 99 -38.58 83.86 4.59
N ASN E 100 -38.22 84.64 3.59
CA ASN E 100 -38.66 84.37 2.24
C ASN E 100 -37.56 83.80 1.34
N TRP E 101 -37.85 82.65 0.74
CA TRP E 101 -36.91 81.98 -0.15
C TRP E 101 -36.51 82.98 -1.22
N ALA E 102 -37.49 83.75 -1.64
CA ALA E 102 -37.28 84.75 -2.66
C ALA E 102 -36.46 85.89 -2.13
N LYS E 103 -36.55 86.16 -0.84
CA LYS E 103 -35.79 87.28 -0.30
C LYS E 103 -34.33 86.97 -0.09
N GLY E 104 -33.98 85.68 -0.07
CA GLY E 104 -32.59 85.31 0.11
C GLY E 104 -32.00 84.64 -1.12
N HIS E 105 -32.75 84.62 -2.21
CA HIS E 105 -32.27 83.99 -3.42
C HIS E 105 -32.27 84.94 -4.59
N TYR E 106 -33.19 85.91 -4.60
CA TYR E 106 -33.26 86.86 -5.72
C TYR E 106 -33.01 88.31 -5.37
N THR E 107 -33.49 88.73 -4.22
CA THR E 107 -33.36 90.12 -3.87
C THR E 107 -32.33 90.48 -2.86
N GLU E 108 -32.38 89.86 -1.70
CA GLU E 108 -31.41 90.20 -0.68
C GLU E 108 -30.14 89.36 -0.80
N GLY E 109 -30.30 88.05 -0.90
CA GLY E 109 -29.14 87.19 -0.98
C GLY E 109 -28.30 87.38 -2.24
N ALA E 110 -28.97 87.61 -3.36
CA ALA E 110 -28.27 87.78 -4.63
C ALA E 110 -27.17 88.82 -4.55
N GLU E 111 -27.26 89.75 -3.62
CA GLU E 111 -26.24 90.77 -3.51
C GLU E 111 -25.04 90.21 -2.75
N LEU E 112 -25.32 89.65 -1.59
CA LEU E 112 -24.30 89.09 -0.72
C LEU E 112 -23.56 87.90 -1.33
N VAL E 113 -24.09 87.38 -2.43
CA VAL E 113 -23.50 86.22 -3.10
C VAL E 113 -22.08 86.43 -3.59
N ASP E 114 -21.87 87.46 -4.41
CA ASP E 114 -20.54 87.74 -4.95
C ASP E 114 -19.50 87.85 -3.84
N SER E 115 -19.87 88.45 -2.72
CA SER E 115 -18.94 88.59 -1.59
C SER E 115 -18.77 87.26 -0.88
N VAL E 116 -19.47 86.24 -1.36
CA VAL E 116 -19.34 84.90 -0.77
C VAL E 116 -18.46 84.15 -1.74
N LEU E 117 -18.94 83.98 -2.97
CA LEU E 117 -18.18 83.26 -3.99
C LEU E 117 -16.71 83.64 -3.93
N ASP E 118 -16.49 84.91 -3.62
CA ASP E 118 -15.16 85.49 -3.49
C ASP E 118 -14.36 84.60 -2.57
N VAL E 119 -14.90 84.40 -1.37
CA VAL E 119 -14.23 83.58 -0.39
C VAL E 119 -14.25 82.09 -0.75
N VAL E 120 -15.39 81.58 -1.19
CA VAL E 120 -15.47 80.17 -1.56
C VAL E 120 -14.37 79.83 -2.57
N ARG E 121 -13.78 80.87 -3.18
CA ARG E 121 -12.69 80.70 -4.14
C ARG E 121 -11.37 80.84 -3.41
N LYS E 122 -11.34 81.73 -2.42
CA LYS E 122 -10.13 81.92 -1.65
C LYS E 122 -9.82 80.62 -0.92
N GLU E 123 -10.87 79.92 -0.51
CA GLU E 123 -10.73 78.66 0.22
C GLU E 123 -10.48 77.48 -0.71
N SER E 124 -11.10 77.50 -1.89
CA SER E 124 -10.94 76.42 -2.84
C SER E 124 -9.52 76.41 -3.37
N GLU E 125 -9.03 77.61 -3.72
CA GLU E 125 -7.68 77.78 -4.25
C GLU E 125 -6.67 77.78 -3.11
N SER E 126 -7.08 77.25 -1.97
CA SER E 126 -6.22 77.15 -0.81
C SER E 126 -4.99 76.43 -1.28
N CYS E 127 -5.04 75.10 -1.22
CA CYS E 127 -3.93 74.28 -1.67
C CYS E 127 -4.34 72.88 -2.06
N ASP E 128 -3.32 72.06 -2.34
CA ASP E 128 -3.48 70.66 -2.76
C ASP E 128 -4.61 70.50 -3.76
N CYS E 129 -5.40 69.45 -3.58
CA CYS E 129 -6.52 69.18 -4.48
C CYS E 129 -7.86 69.15 -3.76
N LEU E 130 -8.81 69.89 -4.31
CA LEU E 130 -10.15 69.97 -3.74
C LEU E 130 -10.99 68.77 -4.18
N GLN E 131 -11.79 68.30 -3.23
CA GLN E 131 -12.68 67.15 -3.44
C GLN E 131 -14.11 67.63 -3.68
N GLY E 132 -14.62 68.38 -2.71
CA GLY E 132 -15.99 68.93 -2.77
C GLY E 132 -16.25 69.85 -1.57
N PHE E 133 -17.50 70.28 -1.49
CA PHE E 133 -17.97 71.16 -0.40
C PHE E 133 -19.17 70.57 0.35
N GLN E 134 -19.11 70.76 1.66
CA GLN E 134 -20.18 70.34 2.58
C GLN E 134 -21.14 71.53 2.74
N LEU E 135 -22.41 71.23 2.69
CA LEU E 135 -23.44 72.28 2.78
C LEU E 135 -24.52 71.92 3.79
N THR E 136 -24.64 72.78 4.78
CA THR E 136 -25.64 72.65 5.85
C THR E 136 -26.63 73.81 5.74
N HIS E 137 -27.87 73.48 6.01
CA HIS E 137 -28.96 74.46 5.95
C HIS E 137 -30.30 73.76 6.13
N SER E 138 -31.32 74.59 6.20
CA SER E 138 -32.70 74.15 6.35
C SER E 138 -33.51 74.65 5.16
N LEU E 139 -34.35 73.78 4.63
CA LEU E 139 -35.17 74.11 3.48
C LEU E 139 -36.47 74.76 3.91
N GLY E 140 -36.45 75.42 5.06
CA GLY E 140 -37.65 76.08 5.56
C GLY E 140 -37.43 77.51 6.01
N GLY E 141 -36.73 78.29 5.20
CA GLY E 141 -36.45 79.68 5.52
C GLY E 141 -35.73 80.42 4.40
N GLY E 142 -35.38 81.68 4.65
CA GLY E 142 -34.70 82.47 3.64
C GLY E 142 -33.26 82.11 3.48
N THR E 143 -32.42 82.63 4.36
CA THR E 143 -30.98 82.37 4.31
C THR E 143 -30.60 80.91 4.14
N GLY E 144 -31.57 80.02 4.33
CA GLY E 144 -31.27 78.61 4.22
C GLY E 144 -31.53 78.07 2.85
N SER E 145 -32.81 77.94 2.51
CA SER E 145 -33.21 77.38 1.23
C SER E 145 -32.89 78.27 0.05
N GLY E 146 -33.21 79.55 0.16
CA GLY E 146 -32.95 80.46 -0.94
C GLY E 146 -31.50 80.79 -1.16
N MET E 147 -30.91 81.56 -0.26
CA MET E 147 -29.52 81.96 -0.40
C MET E 147 -28.48 80.84 -0.41
N GLY E 148 -28.76 79.74 0.30
CA GLY E 148 -27.83 78.64 0.32
C GLY E 148 -27.99 77.81 -0.94
N THR E 149 -29.21 77.79 -1.45
CA THR E 149 -29.51 77.04 -2.65
C THR E 149 -28.94 77.79 -3.84
N LEU E 150 -28.58 79.04 -3.61
CA LEU E 150 -27.99 79.83 -4.68
C LEU E 150 -26.50 79.58 -4.62
N LEU E 151 -25.95 79.66 -3.42
CA LEU E 151 -24.55 79.44 -3.20
C LEU E 151 -24.09 78.23 -3.94
N ILE E 152 -24.91 77.20 -4.00
CA ILE E 152 -24.49 76.00 -4.71
C ILE E 152 -24.64 76.13 -6.21
N SER E 153 -25.77 76.66 -6.66
CA SER E 153 -25.99 76.82 -8.10
C SER E 153 -24.82 77.55 -8.74
N LYS E 154 -24.12 78.34 -7.92
CA LYS E 154 -22.94 79.09 -8.36
C LYS E 154 -21.70 78.20 -8.21
N ILE E 155 -21.60 77.53 -7.08
CA ILE E 155 -20.50 76.62 -6.84
C ILE E 155 -20.42 75.61 -8.00
N ARG E 156 -21.55 74.97 -8.31
CA ARG E 156 -21.64 73.95 -9.37
C ARG E 156 -21.45 74.47 -10.79
N GLU E 157 -21.04 75.71 -10.93
CA GLU E 157 -20.84 76.32 -12.24
C GLU E 157 -19.37 76.62 -12.27
N GLU E 158 -18.81 76.75 -11.07
CA GLU E 158 -17.42 77.08 -10.88
C GLU E 158 -16.51 75.84 -10.81
N TYR E 159 -17.06 74.71 -10.38
CA TYR E 159 -16.26 73.51 -10.33
C TYR E 159 -17.14 72.28 -10.50
N PRO E 160 -17.75 72.13 -11.69
CA PRO E 160 -18.63 70.98 -11.95
C PRO E 160 -17.87 69.64 -11.85
N ASP E 161 -16.67 69.73 -11.29
CA ASP E 161 -15.81 68.58 -11.07
C ASP E 161 -15.86 68.14 -9.61
N ARG E 162 -15.54 69.06 -8.71
CA ARG E 162 -15.57 68.74 -7.30
C ARG E 162 -17.00 68.40 -6.90
N ILE E 163 -17.16 67.51 -5.92
CA ILE E 163 -18.48 67.08 -5.46
C ILE E 163 -19.21 68.09 -4.59
N MET E 164 -20.47 67.76 -4.27
CA MET E 164 -21.34 68.61 -3.47
C MET E 164 -22.31 67.84 -2.56
N ASN E 165 -21.89 67.62 -1.34
CA ASN E 165 -22.74 66.94 -0.39
C ASN E 165 -23.62 68.00 0.21
N THR E 166 -24.88 67.68 0.37
CA THR E 166 -25.81 68.63 0.94
C THR E 166 -26.51 68.01 2.13
N PHE E 167 -26.45 68.70 3.26
CA PHE E 167 -27.12 68.29 4.47
C PHE E 167 -28.32 69.22 4.67
N SER E 168 -29.49 68.73 4.28
CA SER E 168 -30.73 69.48 4.37
C SER E 168 -31.64 69.03 5.51
N VAL E 169 -32.24 70.00 6.17
CA VAL E 169 -33.15 69.73 7.24
C VAL E 169 -34.56 69.87 6.69
N VAL E 170 -34.91 68.95 5.82
CA VAL E 170 -36.23 68.91 5.21
C VAL E 170 -37.31 69.14 6.28
N PRO E 171 -38.33 69.94 5.96
CA PRO E 171 -39.45 70.29 6.83
C PRO E 171 -40.11 69.08 7.47
N SER E 172 -39.93 68.96 8.79
CA SER E 172 -40.50 67.87 9.55
C SER E 172 -42.01 67.84 9.36
N PRO E 173 -42.60 66.64 9.37
CA PRO E 173 -44.05 66.52 9.21
C PRO E 173 -44.92 67.06 10.34
N LYS E 174 -45.37 66.17 11.24
CA LYS E 174 -46.21 66.53 12.38
C LYS E 174 -46.42 68.03 12.59
N VAL E 175 -45.34 68.76 12.88
CA VAL E 175 -45.43 70.20 13.10
C VAL E 175 -44.34 70.97 12.36
N SER E 176 -44.74 72.04 11.69
CA SER E 176 -43.79 72.85 10.93
C SER E 176 -43.34 74.07 11.72
N ASP E 177 -42.03 74.17 11.91
CA ASP E 177 -41.45 75.26 12.70
C ASP E 177 -41.47 76.57 11.99
N THR E 178 -42.27 76.64 10.93
CA THR E 178 -42.48 77.84 10.11
C THR E 178 -43.81 77.68 9.41
N VAL E 179 -44.25 78.69 8.66
CA VAL E 179 -45.54 78.61 8.00
C VAL E 179 -45.53 78.42 6.50
N VAL E 180 -44.63 79.10 5.84
CA VAL E 180 -44.55 78.99 4.39
C VAL E 180 -43.72 77.77 4.04
N GLU E 181 -43.01 77.26 5.04
CA GLU E 181 -42.17 76.08 4.93
C GLU E 181 -42.14 75.40 3.57
N PRO E 182 -43.29 74.83 3.10
CA PRO E 182 -43.31 74.16 1.78
C PRO E 182 -42.92 75.07 0.63
N TYR E 183 -43.05 76.38 0.84
CA TYR E 183 -42.66 77.36 -0.16
C TYR E 183 -41.14 77.43 -0.18
N ASN E 184 -40.55 77.78 0.96
CA ASN E 184 -39.10 77.84 1.05
C ASN E 184 -38.48 76.47 0.71
N ALA E 185 -39.22 75.40 0.99
CA ALA E 185 -38.71 74.05 0.74
C ALA E 185 -38.77 73.64 -0.73
N THR E 186 -39.98 73.42 -1.21
CA THR E 186 -40.16 73.02 -2.59
C THR E 186 -39.19 73.78 -3.49
N LEU E 187 -39.01 75.06 -3.19
CA LEU E 187 -38.12 75.90 -3.98
C LEU E 187 -36.63 75.56 -3.85
N SER E 188 -36.22 75.06 -2.71
CA SER E 188 -34.83 74.73 -2.51
C SER E 188 -34.51 73.32 -2.99
N VAL E 189 -35.42 72.37 -2.78
CA VAL E 189 -35.20 70.98 -3.22
C VAL E 189 -34.96 70.99 -4.73
N HIS E 190 -35.74 71.83 -5.40
CA HIS E 190 -35.69 72.07 -6.82
C HIS E 190 -34.21 72.29 -7.20
N GLN E 191 -33.60 73.32 -6.58
CA GLN E 191 -32.19 73.71 -6.79
C GLN E 191 -31.22 72.57 -6.46
N LEU E 192 -31.59 71.75 -5.48
CA LEU E 192 -30.78 70.64 -5.03
C LEU E 192 -30.71 69.52 -6.07
N VAL E 193 -31.89 69.04 -6.49
CA VAL E 193 -32.04 67.96 -7.49
C VAL E 193 -31.28 68.30 -8.75
N GLU E 194 -30.68 69.48 -8.77
CA GLU E 194 -30.02 69.90 -9.98
C GLU E 194 -28.68 70.59 -9.86
N ASN E 195 -28.01 70.36 -8.74
CA ASN E 195 -26.69 70.92 -8.51
C ASN E 195 -25.90 70.00 -7.60
N THR E 196 -26.16 69.97 -6.30
CA THR E 196 -25.42 69.05 -5.40
C THR E 196 -25.65 67.60 -5.88
N ASP E 197 -24.70 66.69 -5.60
CA ASP E 197 -24.86 65.31 -6.04
C ASP E 197 -24.89 64.26 -4.95
N GLU E 198 -25.14 64.71 -3.73
CA GLU E 198 -25.24 63.87 -2.52
C GLU E 198 -25.92 64.73 -1.46
N THR E 199 -27.13 64.35 -1.07
CA THR E 199 -27.88 65.09 -0.08
C THR E 199 -28.29 64.21 1.08
N TYR E 200 -28.01 64.67 2.29
CA TYR E 200 -28.39 63.92 3.48
C TYR E 200 -29.48 64.69 4.27
N CYS E 201 -30.73 64.28 4.04
CA CYS E 201 -31.92 64.89 4.65
C CYS E 201 -32.22 64.45 6.07
N ILE E 202 -32.21 65.41 6.97
CA ILE E 202 -32.46 65.17 8.38
C ILE E 202 -33.77 65.83 8.80
N ASP E 203 -34.49 65.22 9.74
CA ASP E 203 -35.78 65.73 10.22
C ASP E 203 -35.82 65.98 11.72
N ASN E 204 -35.92 67.24 12.09
CA ASN E 204 -35.96 67.60 13.50
C ASN E 204 -36.82 66.69 14.37
N GLU E 205 -37.86 66.08 13.80
CA GLU E 205 -38.73 65.19 14.57
C GLU E 205 -38.37 63.71 14.43
N ALA E 206 -37.60 63.38 13.41
CA ALA E 206 -37.17 62.01 13.24
C ALA E 206 -36.08 61.87 14.29
N LEU E 207 -35.43 63.00 14.59
CA LEU E 207 -34.36 63.08 15.57
C LEU E 207 -34.95 62.99 16.96
N TYR E 208 -35.87 63.89 17.27
CA TYR E 208 -36.50 63.87 18.58
C TYR E 208 -36.74 62.41 18.88
N ASP E 209 -37.65 61.79 18.13
CA ASP E 209 -37.97 60.39 18.32
C ASP E 209 -36.71 59.63 18.62
N ILE E 210 -35.86 59.48 17.61
CA ILE E 210 -34.61 58.75 17.74
C ILE E 210 -33.74 59.25 18.88
N CYS E 211 -34.11 60.41 19.43
CA CYS E 211 -33.34 61.01 20.51
C CYS E 211 -34.03 60.95 21.86
N PHE E 212 -35.33 60.66 21.84
CA PHE E 212 -36.10 60.58 23.08
C PHE E 212 -36.49 59.13 23.41
N ARG E 213 -36.31 58.22 22.47
CA ARG E 213 -36.63 56.84 22.72
C ARG E 213 -35.42 55.92 22.50
N THR E 214 -34.44 56.39 21.73
CA THR E 214 -33.23 55.62 21.47
C THR E 214 -32.11 56.16 22.34
N LEU E 215 -32.46 57.21 23.08
CA LEU E 215 -31.62 57.89 24.05
C LEU E 215 -32.74 58.33 24.96
N LYS E 216 -32.92 57.65 26.08
CA LYS E 216 -33.98 57.97 27.00
C LYS E 216 -34.02 59.48 27.30
N LEU E 217 -33.18 60.24 26.59
CA LEU E 217 -33.09 61.69 26.74
C LEU E 217 -34.48 62.35 26.81
N THR E 218 -34.79 62.94 27.95
CA THR E 218 -36.10 63.59 28.17
C THR E 218 -36.19 65.06 27.71
N THR E 219 -35.07 65.78 27.73
CA THR E 219 -35.07 67.18 27.30
C THR E 219 -34.09 67.37 26.14
N PRO E 220 -34.46 66.87 24.96
CA PRO E 220 -33.60 66.99 23.78
C PRO E 220 -33.56 68.39 23.22
N THR E 221 -32.64 69.20 23.73
CA THR E 221 -32.49 70.55 23.25
C THR E 221 -32.03 70.52 21.80
N TYR E 222 -32.06 71.65 21.11
CA TYR E 222 -31.61 71.67 19.72
C TYR E 222 -30.17 71.21 19.70
N GLY E 223 -29.35 71.86 20.53
CA GLY E 223 -27.94 71.51 20.59
C GLY E 223 -27.74 70.02 20.38
N ASP E 224 -28.61 69.24 21.01
CA ASP E 224 -28.54 67.80 20.92
C ASP E 224 -28.78 67.38 19.49
N LEU E 225 -30.01 67.52 19.02
CA LEU E 225 -30.35 67.14 17.65
C LEU E 225 -29.14 67.42 16.78
N ASN E 226 -28.76 68.69 16.76
CA ASN E 226 -27.62 69.14 15.98
C ASN E 226 -26.45 68.20 16.22
N HIS E 227 -26.14 68.02 17.49
CA HIS E 227 -25.05 67.16 17.90
C HIS E 227 -25.13 65.76 17.28
N LEU E 228 -26.32 65.17 17.31
CA LEU E 228 -26.52 63.85 16.75
C LEU E 228 -26.22 63.85 15.24
N VAL E 229 -26.79 64.83 14.57
CA VAL E 229 -26.60 64.99 13.13
C VAL E 229 -25.11 65.08 12.80
N SER E 230 -24.48 66.06 13.41
CA SER E 230 -23.05 66.34 13.23
C SER E 230 -22.21 65.07 13.45
N ALA E 231 -22.79 64.15 14.19
CA ALA E 231 -22.15 62.87 14.50
C ALA E 231 -22.07 61.99 13.25
N THR E 232 -23.10 62.11 12.43
CA THR E 232 -23.22 61.34 11.19
C THR E 232 -22.34 61.90 10.07
N MET E 233 -22.37 63.22 9.94
CA MET E 233 -21.60 63.90 8.88
C MET E 233 -20.08 63.77 9.13
N SER E 234 -19.75 63.35 10.34
CA SER E 234 -18.34 63.14 10.72
C SER E 234 -17.90 61.73 10.31
N GLY E 235 -18.85 60.82 10.42
CA GLY E 235 -18.65 59.41 10.05
C GLY E 235 -18.48 59.30 8.54
N VAL E 236 -19.25 60.12 7.86
CA VAL E 236 -19.26 60.19 6.39
C VAL E 236 -17.88 60.63 5.88
N THR E 237 -17.74 61.93 5.79
CA THR E 237 -16.53 62.59 5.31
C THR E 237 -15.32 62.21 6.18
N THR E 238 -14.86 63.22 6.89
CA THR E 238 -13.69 63.14 7.79
C THR E 238 -13.24 61.71 8.03
N CYS E 239 -14.18 60.89 8.47
CA CYS E 239 -13.91 59.49 8.75
C CYS E 239 -13.14 58.84 7.62
N LEU E 240 -13.80 58.69 6.48
CA LEU E 240 -13.16 58.04 5.34
C LEU E 240 -11.83 58.64 4.94
N ARG E 241 -11.52 59.80 5.48
CA ARG E 241 -10.26 60.43 5.19
C ARG E 241 -9.28 59.94 6.22
N PHE E 242 -9.57 58.72 6.68
CA PHE E 242 -8.76 58.00 7.64
C PHE E 242 -8.41 56.69 6.94
N PRO E 243 -7.47 55.93 7.50
CA PRO E 243 -7.09 54.67 6.89
C PRO E 243 -8.22 53.68 7.04
N GLY E 244 -8.04 52.47 6.51
CA GLY E 244 -9.08 51.45 6.62
C GLY E 244 -8.73 50.24 5.77
N GLN E 245 -9.22 49.08 6.16
CA GLN E 245 -8.93 47.89 5.39
C GLN E 245 -9.51 48.17 4.01
N LEU E 246 -10.71 48.73 4.02
CA LEU E 246 -11.42 49.08 2.80
C LEU E 246 -11.99 50.47 2.94
N ASN E 247 -11.23 51.48 2.54
CA ASN E 247 -11.72 52.84 2.68
C ASN E 247 -12.29 53.37 1.39
N ALA E 248 -13.18 54.33 1.54
CA ALA E 248 -13.82 54.98 0.43
C ALA E 248 -13.66 56.49 0.68
N ASP E 249 -14.30 57.30 -0.14
CA ASP E 249 -14.22 58.75 -0.01
C ASP E 249 -15.32 59.35 -0.88
N LEU E 250 -15.93 60.42 -0.40
CA LEU E 250 -17.02 61.10 -1.09
C LEU E 250 -17.38 60.49 -2.43
N ARG E 251 -16.43 60.43 -3.35
CA ARG E 251 -16.75 59.85 -4.63
C ARG E 251 -17.22 58.40 -4.49
N LYS E 252 -16.36 57.49 -3.99
CA LYS E 252 -16.79 56.10 -3.84
C LYS E 252 -18.24 56.17 -3.39
N LEU E 253 -18.46 56.89 -2.28
CA LEU E 253 -19.79 57.06 -1.71
C LEU E 253 -20.74 57.54 -2.78
N ALA E 254 -20.28 58.48 -3.59
CA ALA E 254 -21.13 58.99 -4.64
C ALA E 254 -21.25 57.98 -5.78
N VAL E 255 -20.11 57.51 -6.26
CA VAL E 255 -20.11 56.57 -7.36
C VAL E 255 -20.61 55.18 -7.06
N ASN E 256 -21.15 54.96 -5.86
CA ASN E 256 -21.68 53.66 -5.49
C ASN E 256 -23.10 53.84 -5.04
N MET E 257 -23.48 55.10 -4.84
CA MET E 257 -24.79 55.37 -4.31
C MET E 257 -25.77 56.03 -5.23
N VAL E 258 -25.30 56.60 -6.32
CA VAL E 258 -26.23 57.27 -7.20
C VAL E 258 -26.38 56.54 -8.52
N PRO E 259 -27.43 55.73 -8.66
CA PRO E 259 -27.61 55.02 -9.91
C PRO E 259 -28.05 55.99 -10.98
N PHE E 260 -28.89 56.95 -10.63
CA PHE E 260 -29.35 57.88 -11.65
C PHE E 260 -29.25 59.36 -11.27
N PRO E 261 -28.45 60.11 -12.04
CA PRO E 261 -28.10 61.54 -12.00
C PRO E 261 -28.95 62.54 -11.24
N ARG E 262 -30.18 62.21 -10.90
CA ARG E 262 -31.01 63.18 -10.16
C ARG E 262 -30.13 63.84 -9.10
N LEU E 263 -29.40 63.01 -8.38
CA LEU E 263 -28.50 63.38 -7.31
C LEU E 263 -28.94 62.50 -6.17
N HIS E 264 -30.24 62.32 -6.09
CA HIS E 264 -30.79 61.48 -5.06
C HIS E 264 -30.37 61.88 -3.66
N PHE E 265 -31.29 61.69 -2.74
CA PHE E 265 -31.07 62.07 -1.38
C PHE E 265 -31.05 60.81 -0.55
N PHE E 266 -30.24 60.85 0.48
CA PHE E 266 -30.04 59.72 1.35
C PHE E 266 -30.67 59.96 2.71
N MET E 267 -30.38 59.09 3.65
CA MET E 267 -30.92 59.23 4.98
C MET E 267 -29.86 58.61 5.86
N PRO E 268 -29.11 59.45 6.57
CA PRO E 268 -28.04 58.98 7.46
C PRO E 268 -28.51 58.34 8.78
N GLY E 269 -27.72 57.38 9.26
CA GLY E 269 -28.02 56.67 10.49
C GLY E 269 -26.72 56.33 11.19
N PHE E 270 -26.64 56.62 12.49
CA PHE E 270 -25.44 56.33 13.25
C PHE E 270 -25.55 54.94 13.86
N ALA E 271 -24.43 54.38 14.29
CA ALA E 271 -24.44 53.04 14.89
C ALA E 271 -24.70 52.97 16.38
N PRO E 272 -23.64 53.03 17.20
CA PRO E 272 -23.95 52.92 18.63
C PRO E 272 -24.81 54.08 19.09
N LEU E 273 -26.09 53.85 19.23
CA LEU E 273 -26.95 54.91 19.70
C LEU E 273 -27.65 54.42 20.94
N THR E 274 -26.87 54.25 22.01
CA THR E 274 -27.40 53.76 23.28
C THR E 274 -27.40 54.84 24.36
N SER E 275 -28.40 54.83 25.24
CA SER E 275 -28.50 55.81 26.32
C SER E 275 -27.25 55.73 27.18
N ARG E 276 -26.88 56.83 27.83
CA ARG E 276 -25.64 56.84 28.64
C ARG E 276 -25.35 55.67 29.57
N GLY E 277 -25.48 55.89 30.88
CA GLY E 277 -25.20 54.83 31.85
C GLY E 277 -25.61 53.42 31.47
N SER E 278 -26.75 52.98 31.99
CA SER E 278 -27.32 51.66 31.75
C SER E 278 -27.02 51.03 30.41
N GLN E 279 -27.87 51.32 29.43
CA GLN E 279 -27.76 50.81 28.09
C GLN E 279 -26.37 50.39 27.62
N GLN E 280 -25.32 51.12 28.08
CA GLN E 280 -23.90 50.88 27.79
C GLN E 280 -23.68 49.38 27.88
N TYR E 281 -24.40 48.71 26.99
CA TYR E 281 -24.43 47.29 26.86
C TYR E 281 -23.26 46.75 26.12
N ARG E 282 -22.63 47.58 25.31
CA ARG E 282 -21.48 47.15 24.55
C ARG E 282 -21.87 46.13 23.53
N ALA E 283 -23.15 45.78 23.43
CA ALA E 283 -23.55 44.82 22.41
C ALA E 283 -23.23 45.58 21.14
N LEU E 284 -21.96 45.52 20.75
CA LEU E 284 -21.51 46.22 19.56
C LEU E 284 -20.58 45.28 18.82
N THR E 285 -20.72 43.96 19.02
CA THR E 285 -19.81 43.03 18.33
C THR E 285 -19.82 43.39 16.84
N VAL E 286 -20.99 43.67 16.29
CA VAL E 286 -21.22 44.07 14.89
C VAL E 286 -22.66 43.76 14.49
N PRO E 287 -23.11 42.52 14.74
CA PRO E 287 -24.50 42.26 14.35
C PRO E 287 -25.36 43.28 15.05
N GLU E 288 -24.82 43.87 16.10
CA GLU E 288 -25.57 44.83 16.86
C GLU E 288 -25.62 46.15 16.16
N LEU E 289 -24.57 46.49 15.41
CA LEU E 289 -24.56 47.74 14.65
C LEU E 289 -25.47 47.65 13.43
N THR E 290 -25.43 46.53 12.72
CA THR E 290 -26.30 46.39 11.57
C THR E 290 -27.71 46.25 12.10
N GLN E 291 -27.86 45.66 13.28
CA GLN E 291 -29.18 45.54 13.84
C GLN E 291 -29.66 46.99 13.88
N GLN E 292 -28.89 47.82 14.56
CA GLN E 292 -29.21 49.24 14.69
C GLN E 292 -29.49 49.81 13.30
N MET E 293 -28.46 50.41 12.70
CA MET E 293 -28.50 51.05 11.39
C MET E 293 -29.67 50.66 10.47
N PHE E 294 -29.91 49.37 10.30
CA PHE E 294 -30.98 48.95 9.40
C PHE E 294 -32.40 48.85 9.91
N ASP E 295 -32.67 49.34 11.11
CA ASP E 295 -34.04 49.30 11.61
C ASP E 295 -34.76 50.55 11.09
N ALA E 296 -36.08 50.60 11.25
CA ALA E 296 -36.83 51.75 10.83
C ALA E 296 -36.31 52.89 11.69
N LYS E 297 -36.88 53.04 12.88
CA LYS E 297 -36.42 54.08 13.77
C LYS E 297 -34.92 54.00 13.71
N ASN E 298 -34.27 55.15 13.82
CA ASN E 298 -32.83 55.28 13.79
C ASN E 298 -32.39 55.85 12.44
N MET E 299 -33.37 56.12 11.59
CA MET E 299 -33.09 56.73 10.30
C MET E 299 -33.41 58.22 10.45
N MET E 300 -32.39 59.06 10.53
CA MET E 300 -32.60 60.49 10.72
C MET E 300 -33.67 61.07 9.83
N ALA E 301 -34.04 60.34 8.78
CA ALA E 301 -35.08 60.78 7.86
C ALA E 301 -36.41 60.63 8.58
N ALA E 302 -37.48 61.13 7.97
CA ALA E 302 -38.80 61.04 8.59
C ALA E 302 -39.40 59.73 8.15
N CYS E 303 -39.33 59.48 6.85
CA CYS E 303 -39.90 58.27 6.30
C CYS E 303 -39.21 57.04 6.86
N ASP E 304 -39.89 55.92 6.73
CA ASP E 304 -39.40 54.64 7.19
C ASP E 304 -39.04 53.73 6.02
N PRO E 305 -37.77 53.30 5.97
CA PRO E 305 -37.25 52.43 4.92
C PRO E 305 -38.21 51.30 4.61
N ARG E 306 -38.75 50.70 5.65
CA ARG E 306 -39.67 49.59 5.52
C ARG E 306 -40.82 49.94 4.57
N HIS E 307 -40.88 51.21 4.17
CA HIS E 307 -41.93 51.68 3.26
C HIS E 307 -41.47 51.87 1.83
N GLY E 308 -40.34 51.25 1.48
CA GLY E 308 -39.83 51.39 0.13
C GLY E 308 -38.41 50.85 -0.04
N ARG E 309 -38.19 50.09 -1.10
CA ARG E 309 -36.89 49.49 -1.40
C ARG E 309 -35.74 50.46 -1.26
N TYR E 310 -34.53 49.92 -1.38
CA TYR E 310 -33.32 50.71 -1.33
C TYR E 310 -32.67 50.56 -2.70
N LEU E 311 -31.81 51.51 -3.06
CA LEU E 311 -31.11 51.41 -4.32
C LEU E 311 -29.69 51.14 -3.92
N THR E 312 -29.24 51.85 -2.91
CA THR E 312 -27.89 51.69 -2.44
C THR E 312 -27.84 51.93 -0.96
N VAL E 313 -26.80 51.41 -0.35
CA VAL E 313 -26.59 51.54 1.07
C VAL E 313 -25.09 51.58 1.26
N ALA E 314 -24.65 52.34 2.25
CA ALA E 314 -23.23 52.48 2.50
C ALA E 314 -22.96 52.46 3.97
N ALA E 315 -22.62 51.29 4.49
CA ALA E 315 -22.32 51.21 5.90
C ALA E 315 -20.89 51.62 6.02
N VAL E 316 -20.67 52.87 6.39
CA VAL E 316 -19.31 53.34 6.54
C VAL E 316 -18.90 53.11 8.00
N PHE E 317 -18.42 51.91 8.31
CA PHE E 317 -17.99 51.56 9.66
C PHE E 317 -16.64 52.19 9.93
N ARG E 318 -16.33 52.41 11.20
CA ARG E 318 -15.04 53.00 11.59
C ARG E 318 -14.63 52.53 12.99
N GLY E 319 -14.05 51.33 13.04
CA GLY E 319 -13.61 50.73 14.29
C GLY E 319 -13.17 49.32 13.95
N ARG E 320 -11.98 48.90 14.41
CA ARG E 320 -11.45 47.57 14.10
C ARG E 320 -12.44 46.38 14.17
N MET E 321 -12.66 45.76 13.01
CA MET E 321 -13.57 44.62 12.86
C MET E 321 -13.13 43.71 11.71
N SER E 322 -13.72 42.52 11.70
CA SER E 322 -13.41 41.50 10.69
C SER E 322 -14.11 41.72 9.37
N MET E 323 -13.29 41.93 8.33
CA MET E 323 -13.80 42.12 7.00
C MET E 323 -14.67 40.94 6.63
N LYS E 324 -14.73 39.99 7.55
CA LYS E 324 -15.54 38.80 7.36
C LYS E 324 -16.86 39.01 8.08
N GLU E 325 -16.82 39.36 9.36
CA GLU E 325 -18.07 39.57 10.09
C GLU E 325 -18.81 40.82 9.64
N VAL E 326 -18.14 41.58 8.77
CA VAL E 326 -18.72 42.79 8.21
C VAL E 326 -19.30 42.38 6.89
N ASP E 327 -18.43 41.96 5.99
CA ASP E 327 -18.86 41.54 4.68
C ASP E 327 -19.96 40.50 4.77
N GLU E 328 -19.89 39.67 5.80
CA GLU E 328 -20.89 38.62 5.99
C GLU E 328 -22.27 39.15 6.39
N GLN E 329 -22.32 39.75 7.58
CA GLN E 329 -23.56 40.31 8.11
C GLN E 329 -24.35 40.97 6.99
N MET E 330 -23.73 41.94 6.33
CA MET E 330 -24.33 42.69 5.23
C MET E 330 -25.17 41.80 4.33
N LEU E 331 -24.69 40.59 4.12
CA LEU E 331 -25.38 39.63 3.27
C LEU E 331 -26.72 39.17 3.83
N ASN E 332 -26.69 38.48 4.96
CA ASN E 332 -27.93 38.00 5.57
C ASN E 332 -28.90 39.15 5.52
N VAL E 333 -28.42 40.33 5.93
CA VAL E 333 -29.25 41.51 5.91
C VAL E 333 -29.88 41.68 4.54
N GLN E 334 -29.08 41.46 3.50
CA GLN E 334 -29.56 41.59 2.12
C GLN E 334 -30.50 40.47 1.71
N ASN E 335 -30.53 39.41 2.50
CA ASN E 335 -31.41 38.28 2.17
C ASN E 335 -32.65 38.19 3.07
N LYS E 336 -32.51 38.61 4.33
CA LYS E 336 -33.65 38.60 5.24
C LYS E 336 -34.67 39.63 4.75
N ASN E 337 -34.17 40.63 4.03
CA ASN E 337 -35.01 41.70 3.54
C ASN E 337 -34.99 41.86 2.03
N SER E 338 -34.78 40.75 1.32
CA SER E 338 -34.74 40.78 -0.14
C SER E 338 -35.93 41.58 -0.64
N SER E 339 -37.03 41.46 0.09
CA SER E 339 -38.27 42.15 -0.21
C SER E 339 -37.93 43.60 -0.56
N TYR E 340 -37.48 44.36 0.43
CA TYR E 340 -37.12 45.74 0.17
C TYR E 340 -35.63 45.97 0.16
N PHE E 341 -35.10 46.03 -1.06
CA PHE E 341 -33.68 46.23 -1.28
C PHE E 341 -33.42 46.28 -2.76
N VAL E 342 -34.49 46.36 -3.56
CA VAL E 342 -34.41 46.43 -5.03
C VAL E 342 -33.56 45.27 -5.55
N GLU E 343 -33.90 44.74 -6.72
CA GLU E 343 -33.17 43.60 -7.24
C GLU E 343 -32.14 43.85 -8.32
N TRP E 344 -32.45 44.74 -9.27
CA TRP E 344 -31.52 44.99 -10.36
C TRP E 344 -30.14 45.47 -9.96
N ILE E 345 -29.81 45.29 -8.68
CA ILE E 345 -28.50 45.62 -8.16
C ILE E 345 -28.16 44.41 -7.29
N PRO E 346 -27.35 43.51 -7.83
CA PRO E 346 -26.98 42.33 -7.07
C PRO E 346 -26.46 42.61 -5.65
N ASN E 347 -25.65 43.65 -5.49
CA ASN E 347 -25.12 43.99 -4.18
C ASN E 347 -25.35 45.47 -3.87
N ASN E 348 -26.55 45.80 -3.44
CA ASN E 348 -26.91 47.18 -3.12
C ASN E 348 -25.92 47.79 -2.16
N VAL E 349 -25.65 47.05 -1.11
CA VAL E 349 -24.76 47.52 -0.07
C VAL E 349 -23.33 47.81 -0.49
N LYS E 350 -22.80 48.90 0.05
CA LYS E 350 -21.43 49.34 -0.20
C LYS E 350 -20.77 49.32 1.16
N THR E 351 -20.09 48.24 1.48
CA THR E 351 -19.40 48.12 2.75
C THR E 351 -18.16 48.97 2.68
N ALA E 352 -17.96 49.76 3.73
CA ALA E 352 -16.82 50.65 3.83
C ALA E 352 -16.26 50.36 5.20
N VAL E 353 -14.96 50.45 5.36
CA VAL E 353 -14.37 50.17 6.66
C VAL E 353 -13.12 50.93 7.05
N CYS E 354 -13.31 51.91 7.92
CA CYS E 354 -12.22 52.72 8.42
C CYS E 354 -11.53 51.87 9.49
N ASP E 355 -10.68 52.49 10.28
CA ASP E 355 -10.00 51.79 11.36
C ASP E 355 -10.30 52.50 12.66
N ILE E 356 -9.68 53.65 12.88
CA ILE E 356 -9.92 54.41 14.09
C ILE E 356 -11.40 54.76 14.20
N PRO E 357 -11.99 54.55 15.38
CA PRO E 357 -13.40 54.83 15.63
C PRO E 357 -13.65 56.21 16.24
N PRO E 358 -14.92 56.52 16.55
CA PRO E 358 -15.22 57.81 17.14
C PRO E 358 -14.50 57.93 18.48
N ARG E 359 -13.53 58.84 18.52
CA ARG E 359 -12.71 59.08 19.70
C ARG E 359 -12.98 58.17 20.90
N GLY E 360 -14.05 58.44 21.64
CA GLY E 360 -14.34 57.64 22.82
C GLY E 360 -15.04 56.30 22.71
N LEU E 361 -15.40 55.91 21.50
CA LEU E 361 -16.11 54.66 21.29
C LEU E 361 -15.24 53.54 20.74
N LYS E 362 -15.71 52.29 20.89
CA LYS E 362 -14.97 51.14 20.39
C LYS E 362 -15.30 50.78 18.95
N MET E 363 -16.57 50.91 18.57
CA MET E 363 -16.99 50.57 17.23
C MET E 363 -18.29 51.26 16.84
N SER E 364 -18.25 51.93 15.69
CA SER E 364 -19.40 52.65 15.13
C SER E 364 -19.49 52.37 13.63
N ALA E 365 -20.54 52.90 13.00
CA ALA E 365 -20.76 52.71 11.55
C ALA E 365 -21.86 53.62 11.02
N THR E 366 -21.45 54.61 10.24
CA THR E 366 -22.40 55.53 9.65
C THR E 366 -23.14 54.82 8.53
N PHE E 367 -24.42 55.13 8.41
CA PHE E 367 -25.28 54.54 7.40
C PHE E 367 -25.78 55.63 6.48
N ILE E 368 -25.62 55.41 5.19
CA ILE E 368 -26.06 56.38 4.22
C ILE E 368 -26.95 55.63 3.25
N GLY E 369 -28.25 55.69 3.50
CA GLY E 369 -29.18 54.96 2.65
C GLY E 369 -29.85 55.74 1.54
N ASN E 370 -29.88 55.13 0.36
CA ASN E 370 -30.52 55.75 -0.78
C ASN E 370 -31.82 55.04 -1.07
N SER E 371 -32.72 55.03 -0.10
CA SER E 371 -33.98 54.31 -0.33
C SER E 371 -35.04 55.11 -1.03
N THR E 372 -35.87 54.36 -1.74
CA THR E 372 -36.99 54.87 -2.53
C THR E 372 -38.07 55.35 -1.59
N ALA E 373 -37.86 55.10 -0.31
CA ALA E 373 -38.83 55.52 0.70
C ALA E 373 -38.94 57.01 0.77
N ILE E 374 -37.85 57.72 0.52
CA ILE E 374 -37.88 59.16 0.62
C ILE E 374 -38.81 59.76 -0.39
N GLN E 375 -39.52 58.91 -1.09
CA GLN E 375 -40.50 59.37 -2.05
C GLN E 375 -41.59 59.99 -1.17
N GLU E 376 -42.01 59.22 -0.17
CA GLU E 376 -43.02 59.65 0.77
C GLU E 376 -42.63 60.82 1.65
N LEU E 377 -41.86 61.75 1.14
CA LEU E 377 -41.51 62.93 1.92
C LEU E 377 -41.62 64.12 1.02
N PHE E 378 -41.10 63.96 -0.19
CA PHE E 378 -41.17 65.02 -1.16
C PHE E 378 -42.64 65.08 -1.53
N LYS E 379 -43.33 63.95 -1.33
CA LYS E 379 -44.76 63.90 -1.58
C LYS E 379 -45.33 64.90 -0.61
N ARG E 380 -45.09 64.61 0.67
CA ARG E 380 -45.55 65.46 1.76
C ARG E 380 -45.35 66.90 1.37
N ILE E 381 -44.09 67.33 1.35
CA ILE E 381 -43.75 68.67 0.98
C ILE E 381 -44.60 69.13 -0.19
N SER E 382 -44.46 68.45 -1.32
CA SER E 382 -45.19 68.80 -2.52
C SER E 382 -46.68 68.98 -2.26
N GLU E 383 -47.25 68.16 -1.39
CA GLU E 383 -48.67 68.31 -1.07
C GLU E 383 -48.89 69.69 -0.44
N GLN E 384 -48.30 69.90 0.74
CA GLN E 384 -48.41 71.17 1.46
C GLN E 384 -48.39 72.36 0.54
N PHE E 385 -47.53 72.30 -0.48
CA PHE E 385 -47.41 73.38 -1.44
C PHE E 385 -48.77 73.60 -2.07
N THR E 386 -49.11 72.73 -3.01
CA THR E 386 -50.39 72.79 -3.71
C THR E 386 -51.58 73.23 -2.86
N ALA E 387 -51.76 72.59 -1.70
CA ALA E 387 -52.88 72.92 -0.81
C ALA E 387 -52.90 74.40 -0.47
N MET E 388 -51.73 75.02 -0.50
CA MET E 388 -51.62 76.44 -0.18
C MET E 388 -51.30 77.28 -1.40
N PHE E 389 -50.63 76.67 -2.36
CA PHE E 389 -50.32 77.40 -3.54
C PHE E 389 -51.67 77.71 -4.14
N ARG E 390 -52.48 76.66 -4.33
CA ARG E 390 -53.80 76.85 -4.90
C ARG E 390 -54.41 78.20 -4.52
N ARG E 391 -54.24 78.62 -3.27
CA ARG E 391 -54.81 79.89 -2.84
C ARG E 391 -53.79 81.02 -2.77
N LYS E 392 -52.59 80.75 -3.26
CA LYS E 392 -51.49 81.73 -3.29
C LYS E 392 -51.21 82.32 -1.93
N ALA E 393 -51.55 81.54 -0.89
CA ALA E 393 -51.40 81.91 0.51
C ALA E 393 -50.45 83.06 0.76
N PHE E 394 -49.28 82.80 1.29
CA PHE E 394 -48.35 83.91 1.54
C PHE E 394 -47.47 84.10 0.33
N LEU E 395 -48.09 84.26 -0.82
CA LEU E 395 -47.33 84.42 -2.02
C LEU E 395 -46.87 85.85 -2.24
N HIS E 396 -47.66 86.82 -1.78
CA HIS E 396 -47.28 88.21 -2.00
C HIS E 396 -45.90 88.57 -1.42
N TRP E 397 -45.45 87.82 -0.43
CA TRP E 397 -44.15 88.05 0.20
C TRP E 397 -43.04 87.56 -0.72
N TYR E 398 -43.40 86.78 -1.73
CA TYR E 398 -42.42 86.27 -2.66
C TYR E 398 -42.43 87.20 -3.86
N THR E 399 -43.54 87.21 -4.58
CA THR E 399 -43.68 88.06 -5.76
C THR E 399 -43.26 89.49 -5.44
N GLY E 400 -43.83 90.05 -4.38
CA GLY E 400 -43.50 91.41 -3.98
C GLY E 400 -42.00 91.61 -3.79
N GLU E 401 -41.27 90.50 -3.86
CA GLU E 401 -39.83 90.54 -3.73
C GLU E 401 -39.20 90.25 -5.07
N GLY E 402 -39.98 90.41 -6.14
CA GLY E 402 -39.45 90.14 -7.45
C GLY E 402 -39.30 88.64 -7.60
N MET E 403 -40.42 87.98 -7.85
CA MET E 403 -40.44 86.55 -8.06
C MET E 403 -41.34 86.33 -9.26
N ASP E 404 -41.75 85.08 -9.49
CA ASP E 404 -42.59 84.77 -10.64
C ASP E 404 -43.64 83.74 -10.24
N GLU E 405 -44.82 83.83 -10.86
CA GLU E 405 -45.92 82.90 -10.60
C GLU E 405 -45.61 81.58 -11.28
N MET E 406 -44.63 81.63 -12.19
CA MET E 406 -44.20 80.47 -12.95
C MET E 406 -43.00 79.82 -12.25
N GLU E 407 -42.37 80.56 -11.33
CA GLU E 407 -41.23 80.05 -10.58
C GLU E 407 -41.68 78.94 -9.63
N PHE E 408 -42.73 79.23 -8.87
CA PHE E 408 -43.28 78.27 -7.95
C PHE E 408 -43.80 77.08 -8.71
N THR E 409 -44.43 77.33 -9.85
CA THR E 409 -44.95 76.26 -10.67
C THR E 409 -43.80 75.32 -10.98
N GLU E 410 -42.76 75.91 -11.54
CA GLU E 410 -41.55 75.20 -11.90
C GLU E 410 -41.09 74.22 -10.83
N ALA E 411 -40.63 74.77 -9.72
CA ALA E 411 -40.15 73.98 -8.61
C ALA E 411 -41.05 72.81 -8.25
N GLU E 412 -42.27 73.11 -7.85
CA GLU E 412 -43.17 72.04 -7.48
C GLU E 412 -43.11 70.92 -8.49
N SER E 413 -43.46 71.24 -9.72
CA SER E 413 -43.43 70.25 -10.79
C SER E 413 -42.13 69.48 -10.69
N ASN E 414 -41.03 70.15 -10.99
CA ASN E 414 -39.70 69.54 -10.91
C ASN E 414 -39.63 68.59 -9.74
N MET E 415 -39.57 69.15 -8.54
CA MET E 415 -39.50 68.34 -7.34
C MET E 415 -40.63 67.32 -7.28
N ASN E 416 -41.76 67.66 -7.88
CA ASN E 416 -42.92 66.78 -7.89
C ASN E 416 -42.65 65.57 -8.80
N ASP E 417 -42.01 65.83 -9.93
CA ASP E 417 -41.65 64.78 -10.88
C ASP E 417 -40.63 63.89 -10.18
N LEU E 418 -39.73 64.54 -9.44
CA LEU E 418 -38.68 63.87 -8.70
C LEU E 418 -39.24 62.74 -7.84
N VAL E 419 -40.50 62.91 -7.40
CA VAL E 419 -41.20 61.91 -6.60
C VAL E 419 -41.52 60.76 -7.53
N SER E 420 -42.09 61.12 -8.66
CA SER E 420 -42.45 60.16 -9.69
C SER E 420 -41.32 59.15 -9.92
N GLU E 421 -40.27 59.68 -10.52
CA GLU E 421 -39.07 58.91 -10.89
C GLU E 421 -38.70 57.87 -9.81
N TYR E 422 -38.48 58.38 -8.62
CA TYR E 422 -38.05 57.56 -7.47
C TYR E 422 -38.91 56.30 -7.30
N GLN E 423 -40.13 56.37 -7.80
CA GLN E 423 -41.06 55.23 -7.72
C GLN E 423 -40.75 54.21 -8.82
N GLN E 424 -40.15 54.72 -9.88
CA GLN E 424 -39.80 53.93 -11.06
C GLN E 424 -38.86 52.77 -10.70
N TYR E 425 -38.38 52.79 -9.47
CA TYR E 425 -37.44 51.77 -8.99
C TYR E 425 -38.05 50.95 -7.85
N GLN E 426 -38.92 51.59 -7.10
CA GLN E 426 -39.66 50.90 -6.03
C GLN E 426 -40.46 49.79 -6.71
N ASP E 427 -40.55 49.89 -8.04
CA ASP E 427 -41.27 48.93 -8.86
C ASP E 427 -40.36 48.34 -9.96
CA ARG F 2 15.96 34.45 -14.76
C ARG F 2 15.02 35.03 -13.71
N GLU F 3 14.93 36.36 -13.63
CA GLU F 3 14.06 36.99 -12.64
C GLU F 3 12.64 37.18 -13.14
N CYS F 4 11.83 37.81 -12.30
CA CYS F 4 10.43 38.08 -12.60
C CYS F 4 9.98 39.28 -11.78
N ILE F 5 9.91 40.45 -12.40
CA ILE F 5 9.46 41.63 -11.69
C ILE F 5 8.02 41.43 -11.25
N SER F 6 7.52 42.32 -10.41
CA SER F 6 6.16 42.24 -9.92
C SER F 6 5.58 43.63 -9.71
N ILE F 7 4.37 43.82 -10.19
CA ILE F 7 3.68 45.09 -10.06
C ILE F 7 2.39 44.91 -9.31
N HIS F 8 2.41 45.31 -8.04
CA HIS F 8 1.24 45.19 -7.18
C HIS F 8 0.36 46.42 -7.38
N VAL F 9 -0.75 46.22 -8.08
CA VAL F 9 -1.66 47.32 -8.37
C VAL F 9 -2.99 47.27 -7.62
N GLY F 10 -3.40 48.42 -7.09
CA GLY F 10 -4.64 48.55 -6.35
C GLY F 10 -4.38 48.35 -4.87
N GLN F 11 -5.10 49.06 -4.00
CA GLN F 11 -4.88 48.90 -2.58
C GLN F 11 -4.71 47.43 -2.27
N ALA F 12 -5.70 46.63 -2.63
CA ALA F 12 -5.64 45.20 -2.37
C ALA F 12 -4.35 44.57 -2.86
N GLY F 13 -4.10 44.66 -4.16
CA GLY F 13 -2.90 44.10 -4.75
C GLY F 13 -1.66 44.54 -4.01
N VAL F 14 -1.83 45.61 -3.23
CA VAL F 14 -0.75 46.18 -2.44
C VAL F 14 -0.72 45.57 -1.03
N GLN F 15 -1.90 45.29 -0.49
CA GLN F 15 -2.02 44.68 0.84
C GLN F 15 -1.50 43.25 0.71
N ILE F 16 -1.99 42.58 -0.32
CA ILE F 16 -1.58 41.22 -0.63
C ILE F 16 -0.08 41.30 -0.91
N GLY F 17 0.31 42.39 -1.57
CA GLY F 17 1.70 42.58 -1.90
C GLY F 17 2.56 42.65 -0.66
N ASN F 18 2.18 43.52 0.27
CA ASN F 18 2.93 43.67 1.51
C ASN F 18 3.07 42.29 2.16
N ALA F 19 2.03 41.48 2.03
CA ALA F 19 1.97 40.14 2.61
C ALA F 19 2.91 39.15 1.94
N CYS F 20 2.72 38.96 0.63
CA CYS F 20 3.56 38.07 -0.14
C CYS F 20 4.98 38.56 0.01
N TRP F 21 5.13 39.87 0.08
CA TRP F 21 6.45 40.42 0.22
C TRP F 21 7.03 40.14 1.59
N GLU F 22 6.16 39.97 2.56
CA GLU F 22 6.60 39.67 3.91
C GLU F 22 7.12 38.24 3.93
N LEU F 23 6.23 37.29 3.66
CA LEU F 23 6.60 35.90 3.67
C LEU F 23 7.98 35.74 3.06
N TYR F 24 8.28 36.50 2.03
CA TYR F 24 9.57 36.41 1.36
C TYR F 24 10.78 36.50 2.26
N CYS F 25 11.16 37.71 2.64
CA CYS F 25 12.32 37.90 3.49
C CYS F 25 12.30 36.89 4.62
N LEU F 26 11.11 36.64 5.14
CA LEU F 26 10.90 35.71 6.25
C LEU F 26 11.53 34.33 6.04
N GLU F 27 11.57 33.89 4.79
CA GLU F 27 12.13 32.59 4.45
C GLU F 27 13.42 32.75 3.66
N HIS F 28 14.03 33.93 3.76
CA HIS F 28 15.29 34.21 3.07
C HIS F 28 16.28 34.91 4.00
N GLY F 29 15.92 34.96 5.29
CA GLY F 29 16.78 35.56 6.30
C GLY F 29 17.20 37.00 6.07
N ILE F 30 16.32 37.79 5.46
CA ILE F 30 16.62 39.19 5.20
C ILE F 30 15.70 40.11 6.00
N GLN F 31 16.11 40.42 7.23
CA GLN F 31 15.33 41.30 8.10
C GLN F 31 14.71 42.45 7.31
N PRO F 32 13.73 43.10 7.91
CA PRO F 32 13.04 44.23 7.27
C PRO F 32 14.02 45.32 6.86
N ASP F 33 15.22 45.30 7.45
CA ASP F 33 16.24 46.30 7.13
C ASP F 33 16.93 46.06 5.80
N GLY F 34 16.44 45.07 5.05
CA GLY F 34 17.01 44.72 3.77
C GLY F 34 18.17 43.73 3.85
N GLN F 35 18.94 43.79 4.95
CA GLN F 35 20.16 42.99 5.10
C GLN F 35 19.82 41.58 5.57
N MET F 36 20.48 40.59 4.95
CA MET F 36 20.49 39.20 5.45
C MET F 36 21.93 38.88 5.87
N PRO F 37 22.12 37.99 6.84
CA PRO F 37 23.43 37.40 7.13
C PRO F 37 23.66 35.97 6.67
N ASP F 47 23.67 33.43 -7.15
CA ASP F 47 22.33 34.03 -7.30
C ASP F 47 21.20 33.43 -6.39
N SER F 48 20.78 32.18 -6.68
CA SER F 48 19.63 31.48 -6.03
C SER F 48 18.27 32.21 -6.20
N PHE F 49 18.09 33.27 -5.40
CA PHE F 49 16.84 34.03 -5.23
C PHE F 49 16.88 35.41 -5.81
N ASN F 50 17.99 35.69 -6.47
CA ASN F 50 18.22 36.93 -7.20
C ASN F 50 17.15 37.25 -8.23
N THR F 51 16.32 36.28 -8.56
CA THR F 51 15.26 36.47 -9.55
C THR F 51 14.06 37.19 -8.93
N PHE F 52 14.29 37.86 -7.81
CA PHE F 52 13.24 38.58 -7.12
C PHE F 52 13.81 39.66 -6.20
N PHE F 53 15.14 39.69 -6.09
CA PHE F 53 15.81 40.66 -5.25
C PHE F 53 17.14 41.09 -5.84
N SER F 54 17.36 42.40 -5.93
CA SER F 54 18.61 42.95 -6.49
C SER F 54 19.57 43.37 -5.38
N GLU F 55 20.82 42.93 -5.47
CA GLU F 55 21.79 43.13 -4.39
C GLU F 55 22.39 44.56 -4.35
N THR F 56 21.51 45.56 -4.42
CA THR F 56 21.88 46.99 -4.41
C THR F 56 22.69 47.43 -3.18
N GLY F 57 23.62 48.34 -3.42
CA GLY F 57 24.60 48.74 -2.42
C GLY F 57 25.42 47.53 -2.03
N ALA F 58 26.15 47.65 -0.93
CA ALA F 58 26.87 46.50 -0.42
C ALA F 58 26.46 46.18 1.02
N GLY F 59 25.15 45.98 1.20
CA GLY F 59 24.60 45.53 2.47
C GLY F 59 23.16 45.08 2.40
N LYS F 60 22.42 45.60 1.40
CA LYS F 60 20.94 45.57 1.34
C LYS F 60 20.36 44.60 0.29
N HIS F 61 19.04 44.58 0.16
CA HIS F 61 18.38 43.71 -0.80
C HIS F 61 17.10 44.35 -1.35
N VAL F 62 17.23 45.58 -1.83
CA VAL F 62 16.09 46.31 -2.39
C VAL F 62 15.16 45.37 -3.15
N PRO F 63 13.86 45.49 -2.90
CA PRO F 63 12.86 44.66 -3.57
C PRO F 63 13.11 44.59 -5.07
N ARG F 64 12.22 43.90 -5.79
CA ARG F 64 12.35 43.76 -7.23
C ARG F 64 10.95 43.92 -7.80
N ALA F 65 10.23 44.92 -7.30
CA ALA F 65 8.87 45.17 -7.74
C ALA F 65 8.46 46.62 -7.57
N VAL F 66 7.18 46.89 -7.82
CA VAL F 66 6.68 48.25 -7.66
C VAL F 66 5.29 48.25 -7.07
N PHE F 67 4.84 49.43 -6.62
CA PHE F 67 3.53 49.58 -6.02
C PHE F 67 2.73 50.75 -6.60
N VAL F 68 1.58 50.44 -7.19
CA VAL F 68 0.74 51.46 -7.81
C VAL F 68 -0.65 51.62 -7.18
N ASP F 69 -1.03 52.93 -6.22
CA ASP F 69 -2.41 53.13 -5.77
C ASP F 69 -2.72 54.60 -5.94
N LEU F 70 -3.96 54.91 -6.28
CA LEU F 70 -4.30 56.31 -6.52
C LEU F 70 -4.67 57.12 -5.24
N GLU F 71 -5.05 56.44 -4.15
CA GLU F 71 -5.10 57.01 -2.79
C GLU F 71 -3.81 56.65 -2.03
N PRO F 72 -3.26 57.59 -1.30
CA PRO F 72 -2.00 57.35 -0.58
C PRO F 72 -2.16 56.40 0.60
N THR F 73 -3.25 56.50 1.35
CA THR F 73 -3.57 55.68 2.53
C THR F 73 -2.82 54.36 2.69
N VAL F 74 -2.89 53.53 1.65
CA VAL F 74 -2.47 52.14 1.71
C VAL F 74 -0.97 51.90 1.48
N ILE F 75 -0.41 52.61 0.50
CA ILE F 75 1.02 52.61 0.28
C ILE F 75 1.71 53.36 1.39
N ASP F 76 1.03 54.35 1.93
CA ASP F 76 1.54 55.07 3.08
C ASP F 76 1.87 54.15 4.26
N GLU F 77 0.91 53.31 4.61
CA GLU F 77 1.08 52.37 5.72
C GLU F 77 2.34 51.49 5.57
N VAL F 78 2.70 51.10 4.33
CA VAL F 78 3.94 50.37 4.03
C VAL F 78 5.15 51.14 4.48
N ARG F 79 5.20 52.43 4.17
CA ARG F 79 6.29 53.29 4.61
C ARG F 79 6.11 53.83 6.03
N THR F 80 5.40 53.08 6.87
CA THR F 80 5.36 53.30 8.33
C THR F 80 5.89 52.06 9.09
N GLY F 81 5.35 50.89 8.74
CA GLY F 81 5.62 49.65 9.46
C GLY F 81 6.78 48.88 8.90
N THR F 82 7.71 48.50 9.80
CA THR F 82 8.95 47.81 9.46
C THR F 82 8.75 46.98 8.22
N TYR F 83 9.69 47.14 7.29
CA TYR F 83 9.54 46.88 5.86
C TYR F 83 9.64 48.24 5.24
N ARG F 84 9.29 49.24 6.03
CA ARG F 84 9.52 50.62 5.66
C ARG F 84 10.93 50.74 5.09
N GLN F 85 11.84 49.98 5.67
CA GLN F 85 13.23 49.99 5.27
C GLN F 85 13.51 49.17 4.02
N LEU F 86 12.56 48.34 3.61
CA LEU F 86 12.78 47.29 2.62
C LEU F 86 12.82 47.75 1.19
N PHE F 87 11.79 48.48 0.80
CA PHE F 87 11.71 48.98 -0.55
C PHE F 87 12.49 50.28 -0.70
N HIS F 88 12.67 50.73 -1.94
CA HIS F 88 13.26 52.04 -2.20
C HIS F 88 12.17 53.12 -2.16
N PRO F 89 12.49 54.24 -1.51
CA PRO F 89 11.49 55.29 -1.34
C PRO F 89 10.84 55.48 -2.68
N GLU F 90 11.59 55.28 -3.76
CA GLU F 90 11.03 55.49 -5.07
C GLU F 90 9.96 54.52 -5.47
N GLN F 91 10.20 53.22 -5.34
CA GLN F 91 9.35 52.23 -6.01
C GLN F 91 7.87 52.18 -5.61
N LEU F 92 7.47 52.96 -4.61
CA LEU F 92 6.06 53.01 -4.16
C LEU F 92 5.35 54.29 -4.59
N ILE F 93 4.68 54.03 -6.43
CA ILE F 93 3.97 55.04 -7.21
C ILE F 93 2.59 55.33 -6.61
N THR F 94 2.26 56.62 -6.54
CA THR F 94 0.98 57.07 -6.00
C THR F 94 0.44 58.26 -6.78
N GLY F 95 -0.87 58.39 -6.81
CA GLY F 95 -1.51 59.50 -7.49
C GLY F 95 -2.45 60.15 -6.49
N LYS F 96 -1.88 60.99 -5.62
CA LYS F 96 -2.63 61.69 -4.57
C LYS F 96 -4.09 61.93 -4.91
N GLU F 97 -4.38 62.01 -6.20
CA GLU F 97 -5.70 62.24 -6.71
C GLU F 97 -6.77 61.33 -6.14
N ASP F 98 -7.58 60.77 -7.02
CA ASP F 98 -8.67 59.93 -6.57
C ASP F 98 -8.67 58.52 -7.15
N ALA F 99 -9.00 57.56 -6.30
CA ALA F 99 -9.06 56.16 -6.70
C ALA F 99 -10.25 55.88 -7.62
N ALA F 100 -11.46 55.99 -7.05
CA ALA F 100 -12.71 55.78 -7.78
C ALA F 100 -12.97 54.33 -8.07
N ASN F 101 -13.99 53.76 -7.44
CA ASN F 101 -14.22 52.35 -7.67
C ASN F 101 -14.82 52.08 -9.02
N ASN F 102 -14.27 52.75 -10.03
CA ASN F 102 -14.74 52.56 -11.37
C ASN F 102 -13.63 52.46 -12.39
N TYR F 103 -13.69 51.35 -13.13
CA TYR F 103 -12.76 51.02 -14.18
C TYR F 103 -12.39 52.28 -14.97
N ALA F 104 -13.28 52.67 -15.86
CA ALA F 104 -13.10 53.86 -16.70
C ALA F 104 -12.12 54.88 -16.16
N ARG F 105 -12.52 55.53 -15.08
CA ARG F 105 -11.71 56.55 -14.44
C ARG F 105 -10.30 56.04 -14.18
N GLY F 106 -10.19 54.86 -13.60
CA GLY F 106 -8.87 54.33 -13.32
C GLY F 106 -8.06 53.96 -14.55
N HIS F 107 -8.73 53.45 -15.57
CA HIS F 107 -8.04 53.06 -16.79
C HIS F 107 -7.78 54.31 -17.61
N TYR F 108 -8.85 54.89 -18.16
CA TYR F 108 -8.79 56.09 -18.98
C TYR F 108 -8.44 57.33 -18.15
N THR F 109 -9.36 58.27 -18.10
CA THR F 109 -9.22 59.53 -17.35
C THR F 109 -8.04 59.62 -16.38
N ILE F 110 -8.26 59.32 -15.11
CA ILE F 110 -7.18 59.46 -14.16
C ILE F 110 -6.02 58.49 -14.34
N GLY F 111 -6.25 57.22 -14.04
CA GLY F 111 -5.19 56.23 -14.17
C GLY F 111 -4.16 56.50 -15.27
N LYS F 112 -4.58 57.13 -16.35
CA LYS F 112 -3.70 57.44 -17.47
C LYS F 112 -2.48 58.24 -17.04
N GLU F 113 -2.74 59.41 -16.46
CA GLU F 113 -1.68 60.29 -16.01
C GLU F 113 -0.47 59.63 -15.35
N ILE F 114 -0.72 58.59 -14.56
CA ILE F 114 0.34 57.90 -13.83
C ILE F 114 1.11 56.86 -14.64
N ILE F 115 0.37 56.09 -15.44
CA ILE F 115 0.93 55.01 -16.25
C ILE F 115 2.36 55.23 -16.74
N ASP F 116 2.59 56.30 -17.51
CA ASP F 116 3.94 56.59 -18.00
C ASP F 116 4.89 56.28 -16.86
N LEU F 117 4.86 57.16 -15.87
CA LEU F 117 5.67 57.06 -14.68
C LEU F 117 5.73 55.62 -14.20
N VAL F 118 4.58 54.98 -14.09
CA VAL F 118 4.52 53.59 -13.65
C VAL F 118 5.47 52.79 -14.52
N LEU F 119 5.16 52.73 -15.81
CA LEU F 119 5.96 52.01 -16.77
C LEU F 119 7.44 52.28 -16.52
N ASP F 120 7.81 53.56 -16.55
CA ASP F 120 9.19 53.95 -16.33
C ASP F 120 9.91 53.07 -15.33
N ARG F 121 9.27 52.74 -14.22
CA ARG F 121 9.93 51.89 -13.23
C ARG F 121 10.06 50.46 -13.73
N ILE F 122 9.02 49.94 -14.36
CA ILE F 122 9.05 48.58 -14.87
C ILE F 122 9.88 48.49 -16.14
N ARG F 123 10.58 49.58 -16.43
CA ARG F 123 11.47 49.68 -17.59
C ARG F 123 12.84 50.06 -17.03
N LYS F 124 12.82 50.67 -15.85
CA LYS F 124 14.02 51.09 -15.15
C LYS F 124 14.47 49.94 -14.26
N LEU F 125 13.50 49.19 -13.76
CA LEU F 125 13.75 48.02 -12.90
C LEU F 125 13.95 46.80 -13.79
N ALA F 126 13.42 46.87 -15.01
CA ALA F 126 13.53 45.77 -15.97
C ALA F 126 14.87 45.78 -16.68
N ASP F 127 15.54 46.92 -16.64
CA ASP F 127 16.83 47.08 -17.28
C ASP F 127 17.95 46.62 -16.36
N GLN F 128 17.96 47.21 -15.16
CA GLN F 128 18.96 46.91 -14.14
C GLN F 128 19.31 45.43 -13.99
N CYS F 129 18.33 44.55 -14.15
CA CYS F 129 18.51 43.10 -14.00
C CYS F 129 19.39 42.41 -15.06
N THR F 130 19.30 41.08 -15.11
CA THR F 130 20.06 40.24 -16.05
C THR F 130 19.11 39.21 -16.67
N GLY F 131 18.81 39.37 -17.95
CA GLY F 131 17.91 38.44 -18.63
C GLY F 131 16.78 38.00 -17.71
N LEU F 132 15.70 38.78 -17.68
CA LEU F 132 14.54 38.47 -16.85
C LEU F 132 13.59 37.49 -17.56
N GLN F 133 12.49 37.15 -16.90
CA GLN F 133 11.54 36.22 -17.47
C GLN F 133 10.13 36.81 -17.56
N GLY F 134 9.83 37.81 -16.73
CA GLY F 134 8.52 38.40 -16.76
C GLY F 134 8.16 39.21 -15.54
N PHE F 135 6.90 39.65 -15.49
CA PHE F 135 6.38 40.44 -14.37
C PHE F 135 5.17 39.82 -13.68
N SER F 136 5.35 39.41 -12.43
CA SER F 136 4.25 38.85 -11.68
C SER F 136 3.43 40.07 -11.24
N VAL F 137 2.27 40.25 -11.87
CA VAL F 137 1.37 41.37 -11.59
C VAL F 137 0.36 41.03 -10.48
N PHE F 138 0.13 41.94 -9.53
CA PHE F 138 -0.83 41.66 -8.46
C PHE F 138 -1.96 42.68 -8.42
N HIS F 139 -3.14 42.28 -8.86
CA HIS F 139 -4.28 43.18 -8.86
C HIS F 139 -5.56 42.54 -8.36
N SER F 140 -6.54 43.38 -8.03
CA SER F 140 -7.82 42.93 -7.51
C SER F 140 -9.03 43.13 -8.41
N PHE F 141 -9.03 42.45 -9.53
CA PHE F 141 -10.11 42.49 -10.49
C PHE F 141 -11.19 43.55 -10.35
N GLY F 142 -11.99 43.46 -9.30
CA GLY F 142 -13.08 44.41 -9.11
C GLY F 142 -12.81 45.68 -8.31
N GLY F 143 -11.86 46.48 -8.78
CA GLY F 143 -11.56 47.73 -8.09
C GLY F 143 -11.46 48.83 -9.12
N GLY F 144 -10.96 49.98 -8.70
CA GLY F 144 -10.81 51.09 -9.63
C GLY F 144 -9.37 51.09 -10.12
N THR F 145 -8.44 51.22 -9.20
CA THR F 145 -7.02 51.23 -9.51
C THR F 145 -6.57 49.85 -9.89
N GLY F 146 -7.27 48.83 -9.40
CA GLY F 146 -6.88 47.48 -9.70
C GLY F 146 -7.34 46.89 -11.03
N SER F 147 -8.56 47.21 -11.39
CA SER F 147 -9.14 46.73 -12.63
C SER F 147 -8.65 47.60 -13.76
N GLY F 148 -9.15 48.84 -13.78
CA GLY F 148 -8.79 49.80 -14.82
C GLY F 148 -7.32 49.91 -15.05
N PHE F 149 -6.65 50.72 -14.26
CA PHE F 149 -5.21 50.93 -14.39
C PHE F 149 -4.47 49.75 -15.02
N THR F 150 -4.28 48.69 -14.24
CA THR F 150 -3.56 47.52 -14.73
C THR F 150 -3.96 47.25 -16.15
N SER F 151 -5.26 47.20 -16.38
CA SER F 151 -5.76 46.95 -17.70
C SER F 151 -4.82 47.55 -18.73
N LEU F 152 -4.48 48.83 -18.55
CA LEU F 152 -3.58 49.45 -19.50
C LEU F 152 -2.10 49.24 -19.17
N LEU F 153 -1.80 48.86 -17.93
CA LEU F 153 -0.42 48.61 -17.53
C LEU F 153 0.00 47.34 -18.24
N MET F 154 -0.75 46.27 -18.02
CA MET F 154 -0.47 45.01 -18.68
C MET F 154 -0.56 45.27 -20.15
N GLU F 155 -1.45 46.18 -20.50
CA GLU F 155 -1.68 46.55 -21.89
C GLU F 155 -0.38 47.05 -22.47
N ARG F 156 0.16 48.11 -21.86
CA ARG F 156 1.41 48.70 -22.34
C ARG F 156 2.64 47.76 -22.22
N LEU F 157 2.51 46.66 -21.48
CA LEU F 157 3.59 45.68 -21.32
C LEU F 157 3.62 44.71 -22.49
N SER F 158 2.47 44.11 -22.78
CA SER F 158 2.35 43.17 -23.88
C SER F 158 2.95 43.70 -25.16
N VAL F 159 3.14 45.01 -25.23
CA VAL F 159 3.71 45.62 -26.44
C VAL F 159 5.18 45.95 -26.25
N ASP F 160 5.54 46.38 -25.05
CA ASP F 160 6.91 46.75 -24.77
C ASP F 160 7.80 45.56 -24.48
N TYR F 161 7.20 44.43 -24.13
CA TYR F 161 7.97 43.22 -23.87
C TYR F 161 7.19 41.99 -24.29
N GLY F 162 6.55 42.02 -25.45
CA GLY F 162 5.78 40.86 -25.87
C GLY F 162 6.57 39.58 -25.69
N LYS F 163 7.89 39.73 -25.72
CA LYS F 163 8.83 38.61 -25.59
C LYS F 163 9.12 38.17 -24.18
N LYS F 164 8.08 38.04 -23.35
CA LYS F 164 8.27 37.60 -21.96
C LYS F 164 7.02 36.96 -21.40
N SER F 165 7.04 36.74 -20.09
CA SER F 165 5.90 36.16 -19.40
C SER F 165 5.10 37.23 -18.68
N LYS F 166 3.79 37.09 -18.79
CA LYS F 166 2.86 38.02 -18.15
C LYS F 166 1.87 37.21 -17.32
N LEU F 167 2.31 36.79 -16.15
CA LEU F 167 1.45 36.04 -15.28
C LEU F 167 0.86 37.02 -14.27
N GLU F 168 -0.43 37.24 -14.38
CA GLU F 168 -1.07 38.16 -13.46
C GLU F 168 -1.83 37.39 -12.41
N PHE F 169 -1.48 37.67 -11.16
CA PHE F 169 -2.10 37.04 -10.02
C PHE F 169 -3.27 37.87 -9.52
N SER F 170 -4.49 37.45 -9.88
CA SER F 170 -5.70 38.16 -9.49
C SER F 170 -6.50 37.61 -8.31
N ILE F 171 -7.35 38.46 -7.77
CA ILE F 171 -8.23 38.16 -6.64
C ILE F 171 -9.59 38.53 -7.16
N TYR F 172 -10.15 37.66 -7.98
CA TYR F 172 -11.43 37.91 -8.60
C TYR F 172 -12.62 37.80 -7.66
N PRO F 173 -13.64 38.66 -7.86
CA PRO F 173 -14.93 38.88 -7.18
C PRO F 173 -15.54 37.72 -6.39
N ALA F 174 -15.75 37.94 -5.09
CA ALA F 174 -16.36 36.93 -4.24
C ALA F 174 -17.70 36.59 -4.86
N PRO F 175 -17.98 35.30 -5.05
CA PRO F 175 -19.22 34.79 -5.65
C PRO F 175 -20.56 35.35 -5.11
N GLN F 176 -20.59 35.76 -3.86
CA GLN F 176 -21.83 36.30 -3.27
C GLN F 176 -21.51 37.42 -2.31
N VAL F 177 -20.26 37.41 -1.83
CA VAL F 177 -19.80 38.39 -0.88
C VAL F 177 -18.92 39.44 -1.54
N SER F 178 -19.45 40.12 -2.54
CA SER F 178 -18.66 41.15 -3.20
C SER F 178 -18.70 42.37 -2.30
N THR F 179 -17.97 43.40 -2.67
CA THR F 179 -17.95 44.60 -1.87
C THR F 179 -18.54 45.75 -2.68
N ALA F 180 -17.74 46.29 -3.60
CA ALA F 180 -18.18 47.38 -4.45
C ALA F 180 -19.54 47.04 -5.02
N VAL F 181 -20.34 48.05 -5.27
CA VAL F 181 -21.67 47.85 -5.80
C VAL F 181 -21.58 47.52 -7.26
N VAL F 182 -20.57 48.06 -7.92
CA VAL F 182 -20.35 47.86 -9.34
C VAL F 182 -19.47 46.68 -9.72
N GLU F 183 -18.57 46.28 -8.81
CA GLU F 183 -17.63 45.16 -9.00
C GLU F 183 -17.62 44.52 -10.40
N PRO F 184 -18.74 43.91 -10.85
CA PRO F 184 -18.74 43.31 -12.20
C PRO F 184 -18.34 44.27 -13.30
N TYR F 185 -18.87 45.48 -13.29
CA TYR F 185 -18.49 46.43 -14.31
C TYR F 185 -16.97 46.47 -14.35
N ASN F 186 -16.36 46.60 -13.18
CA ASN F 186 -14.91 46.66 -13.09
C ASN F 186 -14.17 45.37 -13.41
N SER F 187 -14.85 44.23 -13.34
CA SER F 187 -14.20 42.95 -13.59
C SER F 187 -14.48 42.34 -14.93
N ILE F 188 -15.51 42.82 -15.60
CA ILE F 188 -15.77 42.28 -16.91
C ILE F 188 -14.88 43.12 -17.82
N LEU F 189 -14.47 44.26 -17.27
CA LEU F 189 -13.61 45.21 -18.00
C LEU F 189 -12.14 44.99 -17.83
N THR F 190 -11.73 44.40 -16.72
CA THR F 190 -10.32 44.13 -16.53
C THR F 190 -9.97 42.81 -17.20
N THR F 191 -10.98 41.99 -17.42
CA THR F 191 -10.77 40.70 -18.04
C THR F 191 -10.60 40.85 -19.55
N HIS F 192 -11.47 41.62 -20.18
CA HIS F 192 -11.44 41.81 -21.63
C HIS F 192 -10.26 42.59 -22.14
N THR F 193 -9.78 43.51 -21.32
CA THR F 193 -8.65 44.35 -21.69
C THR F 193 -7.32 43.67 -21.42
N THR F 194 -7.30 42.79 -20.42
CA THR F 194 -6.07 42.10 -20.06
C THR F 194 -5.95 40.77 -20.79
N LEU F 195 -7.10 40.18 -21.13
CA LEU F 195 -7.16 38.89 -21.81
C LEU F 195 -6.20 38.72 -22.95
N GLU F 196 -6.14 39.73 -23.79
CA GLU F 196 -5.28 39.71 -24.98
C GLU F 196 -3.87 40.23 -24.64
N HIS F 197 -3.50 40.13 -23.37
CA HIS F 197 -2.20 40.63 -22.93
C HIS F 197 -1.46 39.77 -21.90
N SER F 198 -2.18 38.97 -21.13
CA SER F 198 -1.54 38.13 -20.12
C SER F 198 -1.08 36.80 -20.68
N ASP F 199 -0.22 36.15 -19.92
CA ASP F 199 0.33 34.86 -20.30
C ASP F 199 -0.44 33.77 -19.56
N CYS F 200 -0.54 33.95 -18.25
CA CYS F 200 -1.24 33.03 -17.37
C CYS F 200 -1.77 33.89 -16.24
N ALA F 201 -3.06 33.83 -15.99
CA ALA F 201 -3.64 34.61 -14.91
C ALA F 201 -4.04 33.70 -13.76
N PHE F 202 -3.33 33.82 -12.64
CA PHE F 202 -3.66 33.02 -11.47
C PHE F 202 -4.85 33.67 -10.78
N MET F 203 -5.69 32.83 -10.19
CA MET F 203 -6.87 33.34 -9.53
C MET F 203 -7.05 32.78 -8.13
N VAL F 204 -7.33 33.69 -7.20
CA VAL F 204 -7.55 33.35 -5.80
C VAL F 204 -8.81 34.11 -5.36
N ASP F 205 -9.86 33.34 -5.07
CA ASP F 205 -11.15 33.88 -4.69
C ASP F 205 -11.18 34.30 -3.23
N ASN F 206 -11.41 35.58 -2.98
CA ASN F 206 -11.45 36.11 -1.62
C ASN F 206 -12.39 35.34 -0.69
N GLU F 207 -13.64 35.10 -1.10
CA GLU F 207 -14.59 34.37 -0.26
C GLU F 207 -14.19 32.92 -0.04
N ALA F 208 -14.03 32.17 -1.13
CA ALA F 208 -13.64 30.77 -1.05
C ALA F 208 -12.36 30.54 -0.24
N ILE F 209 -11.72 31.61 0.19
CA ILE F 209 -10.52 31.50 1.02
C ILE F 209 -11.00 31.60 2.47
N TYR F 210 -12.09 32.32 2.68
CA TYR F 210 -12.64 32.44 4.02
C TYR F 210 -13.08 31.07 4.49
N ASP F 211 -13.73 30.34 3.60
CA ASP F 211 -14.18 29.01 3.95
C ASP F 211 -13.01 28.28 4.53
N ILE F 212 -11.88 28.34 3.84
CA ILE F 212 -10.68 27.67 4.31
C ILE F 212 -10.32 28.15 5.72
N CYS F 213 -10.61 29.41 6.03
CA CYS F 213 -10.30 29.98 7.33
C CYS F 213 -11.31 29.57 8.39
N ARG F 214 -12.48 29.15 7.92
CA ARG F 214 -13.54 28.72 8.80
C ARG F 214 -13.47 27.20 8.96
N ARG F 215 -13.43 26.50 7.83
CA ARG F 215 -13.41 25.04 7.79
C ARG F 215 -12.06 24.35 7.93
N ASN F 216 -11.00 24.97 7.46
CA ASN F 216 -9.69 24.34 7.54
C ASN F 216 -8.67 25.10 8.36
N LEU F 217 -9.08 25.62 9.49
CA LEU F 217 -8.15 26.39 10.31
C LEU F 217 -8.93 26.92 11.50
N ASP F 218 -10.24 27.02 11.31
CA ASP F 218 -11.15 27.49 12.33
C ASP F 218 -10.81 28.87 12.91
N ILE F 219 -11.58 29.86 12.48
CA ILE F 219 -11.45 31.24 12.93
C ILE F 219 -12.48 32.11 12.23
N GLU F 220 -13.37 32.72 13.01
CA GLU F 220 -14.39 33.58 12.41
C GLU F 220 -13.87 35.00 12.49
N ARG F 221 -12.60 35.11 12.86
CA ARG F 221 -11.88 36.37 12.98
C ARG F 221 -10.78 36.46 11.92
N PRO F 222 -11.14 36.32 10.63
CA PRO F 222 -10.09 36.41 9.62
C PRO F 222 -9.93 37.82 9.11
N THR F 223 -8.83 38.47 9.49
CA THR F 223 -8.56 39.81 9.03
C THR F 223 -8.03 39.70 7.62
N TYR F 224 -8.20 40.75 6.83
CA TYR F 224 -7.69 40.75 5.47
C TYR F 224 -6.25 40.32 5.57
N THR F 225 -5.59 40.80 6.61
CA THR F 225 -4.19 40.48 6.85
C THR F 225 -3.92 38.97 6.87
N ASN F 226 -4.98 38.16 6.87
CA ASN F 226 -4.79 36.73 6.87
C ASN F 226 -4.86 36.19 5.47
N LEU F 227 -5.96 36.46 4.78
CA LEU F 227 -6.12 35.99 3.43
C LEU F 227 -4.85 36.31 2.72
N ASN F 228 -4.28 37.46 3.05
CA ASN F 228 -3.03 37.89 2.44
C ASN F 228 -1.88 36.94 2.79
N ARG F 229 -1.86 36.46 4.04
CA ARG F 229 -0.81 35.55 4.49
C ARG F 229 -0.94 34.26 3.72
N LEU F 230 -2.17 33.95 3.36
CA LEU F 230 -2.44 32.74 2.63
C LEU F 230 -1.94 32.86 1.21
N ILE F 231 -2.54 33.75 0.42
CA ILE F 231 -2.06 33.89 -0.94
C ILE F 231 -0.57 34.11 -0.78
N GLY F 232 -0.24 34.89 0.26
CA GLY F 232 1.15 35.19 0.56
C GLY F 232 1.94 33.92 0.67
N GLN F 233 1.24 32.80 0.78
CA GLN F 233 1.86 31.48 0.88
C GLN F 233 1.86 30.82 -0.50
N ILE F 234 0.65 30.59 -1.02
CA ILE F 234 0.51 29.97 -2.34
C ILE F 234 1.42 30.65 -3.36
N VAL F 235 1.56 31.97 -3.22
CA VAL F 235 2.41 32.72 -4.13
C VAL F 235 3.87 32.38 -3.90
N SER F 236 4.25 32.20 -2.64
CA SER F 236 5.64 31.89 -2.32
C SER F 236 6.05 30.61 -2.99
N SER F 237 5.07 29.75 -3.23
CA SER F 237 5.29 28.46 -3.86
C SER F 237 5.49 28.61 -5.37
N ILE F 238 4.92 29.68 -5.92
CA ILE F 238 5.04 29.96 -7.33
C ILE F 238 6.47 30.42 -7.58
N THR F 239 6.69 31.73 -7.44
CA THR F 239 8.00 32.33 -7.69
C THR F 239 9.05 31.90 -6.68
N ALA F 240 9.12 32.62 -5.57
CA ALA F 240 10.10 32.36 -4.52
C ALA F 240 10.86 31.03 -4.69
N SER F 241 10.30 29.98 -4.10
CA SER F 241 10.88 28.64 -4.10
C SER F 241 11.14 28.01 -5.45
N LEU F 242 10.27 28.25 -6.42
CA LEU F 242 10.46 27.65 -7.73
C LEU F 242 11.69 28.21 -8.44
N ARG F 243 11.80 29.52 -8.45
CA ARG F 243 12.94 30.19 -9.06
C ARG F 243 14.15 29.80 -8.25
N PHE F 244 13.90 29.02 -7.21
CA PHE F 244 14.90 28.50 -6.28
C PHE F 244 15.19 27.04 -6.65
N ASP F 245 16.47 26.69 -6.73
CA ASP F 245 16.94 25.34 -7.08
C ASP F 245 16.11 24.23 -6.45
N GLY F 246 16.14 23.05 -7.04
CA GLY F 246 15.38 21.94 -6.51
C GLY F 246 15.58 20.68 -7.31
N ALA F 247 14.86 19.62 -6.95
CA ALA F 247 14.98 18.34 -7.62
C ALA F 247 14.18 18.24 -8.91
N LEU F 248 13.34 19.24 -9.17
CA LEU F 248 12.52 19.27 -10.39
C LEU F 248 12.08 20.67 -10.83
N ASN F 249 13.02 21.61 -10.78
CA ASN F 249 12.76 23.00 -11.14
C ASN F 249 11.69 23.23 -12.20
N VAL F 250 11.02 24.37 -12.06
CA VAL F 250 9.96 24.79 -12.98
C VAL F 250 10.04 26.31 -13.19
N ASP F 251 10.50 26.70 -14.37
CA ASP F 251 10.64 28.10 -14.75
C ASP F 251 9.25 28.77 -14.91
N LEU F 252 9.21 30.10 -14.96
CA LEU F 252 7.94 30.77 -15.14
C LEU F 252 7.37 30.39 -16.47
N THR F 253 8.18 30.49 -17.50
CA THR F 253 7.72 30.12 -18.83
C THR F 253 7.02 28.77 -18.64
N GLU F 254 7.76 27.81 -18.09
CA GLU F 254 7.25 26.46 -17.84
C GLU F 254 5.74 26.49 -17.63
N PHE F 255 5.31 27.32 -16.69
CA PHE F 255 3.90 27.44 -16.39
C PHE F 255 3.10 27.59 -17.65
N GLN F 256 2.94 28.84 -18.07
CA GLN F 256 2.17 29.13 -19.26
C GLN F 256 2.24 28.01 -20.29
N THR F 257 3.43 27.42 -20.49
CA THR F 257 3.57 26.34 -21.45
C THR F 257 2.79 25.12 -20.99
N ASN F 258 3.16 24.59 -19.85
CA ASN F 258 2.49 23.40 -19.31
C ASN F 258 1.12 23.72 -18.73
N LEU F 259 0.77 24.99 -18.64
CA LEU F 259 -0.51 25.41 -18.06
C LEU F 259 -1.62 26.03 -18.93
N VAL F 260 -1.26 26.62 -20.07
CA VAL F 260 -2.31 27.18 -20.91
C VAL F 260 -2.42 26.41 -22.21
N PRO F 261 -3.62 25.88 -22.49
CA PRO F 261 -3.78 25.13 -23.72
C PRO F 261 -4.07 26.10 -24.82
N TYR F 262 -4.61 27.27 -24.46
CA TYR F 262 -4.96 28.25 -25.49
C TYR F 262 -4.74 29.71 -25.14
N PRO F 263 -4.27 30.49 -26.13
CA PRO F 263 -3.95 31.91 -26.04
C PRO F 263 -4.76 32.76 -25.10
N ARG F 264 -6.03 32.42 -24.86
CA ARG F 264 -6.79 33.24 -23.92
C ARG F 264 -5.89 33.19 -22.68
N GLY F 265 -5.55 34.36 -22.14
CA GLY F 265 -4.68 34.47 -20.96
C GLY F 265 -5.08 33.56 -19.83
N HIS F 266 -5.65 32.43 -20.21
CA HIS F 266 -6.18 31.42 -19.31
C HIS F 266 -5.82 31.57 -17.87
N PHE F 267 -6.84 31.36 -17.06
CA PHE F 267 -6.76 31.54 -15.66
C PHE F 267 -6.82 30.28 -14.81
N PRO F 268 -5.67 29.79 -14.36
CA PRO F 268 -5.76 28.60 -13.51
C PRO F 268 -6.17 29.05 -12.09
N LEU F 269 -6.32 28.09 -11.17
CA LEU F 269 -6.72 28.38 -9.79
C LEU F 269 -5.61 27.98 -8.83
N ALA F 270 -5.40 28.72 -7.76
CA ALA F 270 -4.36 28.37 -6.80
C ALA F 270 -4.92 27.55 -5.66
N THR F 271 -4.16 26.56 -5.21
CA THR F 271 -4.59 25.67 -4.14
C THR F 271 -3.39 25.32 -3.29
N TYR F 272 -3.59 25.16 -2.00
CA TYR F 272 -2.46 24.80 -1.15
C TYR F 272 -2.86 23.57 -0.37
N ALA F 273 -1.89 22.73 0.01
CA ALA F 273 -2.30 21.53 0.73
C ALA F 273 -2.30 21.57 2.26
N PRO F 274 -1.12 21.60 2.89
CA PRO F 274 -1.16 21.64 4.37
C PRO F 274 -1.68 22.94 4.92
N VAL F 275 -3.73 23.28 4.97
CA VAL F 275 -3.97 24.54 5.63
C VAL F 275 -4.47 24.11 6.96
N ILE F 276 -3.58 24.11 7.94
CA ILE F 276 -3.96 23.74 9.29
C ILE F 276 -3.41 24.68 10.36
N SER F 277 -4.30 25.02 11.31
CA SER F 277 -4.08 26.09 12.27
C SER F 277 -3.06 25.77 13.35
N ALA F 278 -2.23 26.76 13.71
CA ALA F 278 -1.27 26.60 14.81
C ALA F 278 -2.09 26.37 16.05
N GLU F 279 -1.57 25.66 17.01
CA GLU F 279 -2.42 25.10 18.06
C GLU F 279 -2.76 23.67 17.65
N LYS F 280 -2.89 23.45 16.35
CA LYS F 280 -2.90 22.09 15.86
C LYS F 280 -1.44 21.69 15.70
N ALA F 281 -0.59 22.70 15.73
CA ALA F 281 0.82 22.61 15.35
C ALA F 281 1.58 21.34 15.77
N TYR F 282 1.11 20.66 16.82
CA TYR F 282 1.80 19.48 17.32
C TYR F 282 1.32 18.16 16.70
N HIS F 283 0.05 18.11 16.31
CA HIS F 283 -0.56 16.86 15.78
C HIS F 283 0.38 16.17 14.78
N GLU F 284 0.38 14.83 14.75
CA GLU F 284 1.21 14.04 13.81
C GLU F 284 0.96 14.57 12.39
N GLN F 285 2.03 14.81 11.62
CA GLN F 285 1.93 15.46 10.30
C GLN F 285 1.13 14.62 9.27
N LEU F 286 0.71 15.23 8.16
CA LEU F 286 -0.04 14.49 7.15
C LEU F 286 0.87 13.83 6.11
N SER F 287 0.39 12.70 5.60
CA SER F 287 1.10 11.87 4.64
C SER F 287 1.12 12.48 3.26
N VAL F 288 2.14 12.11 2.49
CA VAL F 288 2.30 12.58 1.12
C VAL F 288 1.05 12.28 0.32
N ALA F 289 0.35 11.20 0.70
CA ALA F 289 -0.87 10.78 0.02
C ALA F 289 -2.06 11.65 0.35
N GLU F 290 -2.16 12.05 1.62
CA GLU F 290 -3.28 12.87 2.11
C GLU F 290 -3.31 14.24 1.49
N ILE F 291 -2.14 14.90 1.49
CA ILE F 291 -2.03 16.25 0.96
C ILE F 291 -2.32 16.20 -0.52
N THR F 292 -1.69 15.25 -1.20
CA THR F 292 -2.00 15.01 -2.58
C THR F 292 -3.51 14.92 -2.79
N ASN F 293 -4.18 14.17 -1.92
CA ASN F 293 -5.60 13.98 -2.06
C ASN F 293 -6.44 15.20 -1.73
N ALA F 294 -6.00 15.91 -0.70
CA ALA F 294 -6.59 17.18 -0.35
C ALA F 294 -6.65 18.12 -1.54
N CYS F 295 -5.88 17.85 -2.57
CA CYS F 295 -5.77 18.75 -3.73
C CYS F 295 -6.94 18.55 -4.64
N PHE F 296 -7.61 17.42 -4.47
CA PHE F 296 -8.73 17.16 -5.32
C PHE F 296 -10.04 17.37 -4.62
N GLU F 297 -9.98 18.09 -3.51
CA GLU F 297 -11.17 18.46 -2.80
C GLU F 297 -11.59 19.90 -3.11
N PRO F 298 -12.76 20.06 -3.70
CA PRO F 298 -13.29 21.39 -4.01
C PRO F 298 -13.40 22.28 -2.77
N ALA F 299 -13.01 21.81 -1.15
CA ALA F 299 -13.00 22.69 0.01
C ALA F 299 -11.61 23.08 0.40
N ASN F 300 -10.78 23.44 -0.55
CA ASN F 300 -9.42 23.83 -0.18
C ASN F 300 -8.72 24.47 -1.36
N GLN F 301 -9.44 25.24 -2.14
CA GLN F 301 -8.82 25.78 -3.31
C GLN F 301 -8.78 27.27 -3.58
N MET F 302 -8.97 28.07 -2.55
CA MET F 302 -8.91 29.51 -2.76
C MET F 302 -9.68 29.95 -4.00
N VAL F 303 -10.86 29.38 -4.21
CA VAL F 303 -11.71 29.76 -5.33
C VAL F 303 -13.06 29.04 -5.30
N LYS F 304 -14.12 29.83 -5.31
CA LYS F 304 -15.49 29.31 -5.26
C LYS F 304 -15.88 28.74 -6.61
N CYS F 305 -15.02 27.91 -7.16
CA CYS F 305 -15.26 27.30 -8.46
C CYS F 305 -15.28 25.80 -8.30
N ASP F 306 -15.81 25.34 -7.17
CA ASP F 306 -15.91 23.92 -6.85
C ASP F 306 -16.00 23.13 -8.16
N PRO F 307 -15.13 22.11 -8.35
CA PRO F 307 -15.16 21.32 -9.60
C PRO F 307 -16.53 20.69 -9.84
N ARG F 308 -17.52 21.58 -9.94
CA ARG F 308 -18.92 21.26 -10.17
C ARG F 308 -19.12 20.49 -11.46
N HIS F 309 -18.07 20.42 -12.28
CA HIS F 309 -18.11 19.71 -13.55
C HIS F 309 -16.83 20.00 -14.32
N GLY F 310 -16.26 21.16 -14.05
CA GLY F 310 -15.05 21.58 -14.72
C GLY F 310 -13.95 20.55 -14.72
N LYS F 311 -13.68 20.01 -15.90
CA LYS F 311 -12.63 19.02 -16.07
C LYS F 311 -11.30 19.72 -16.05
N TYR F 312 -10.38 19.22 -15.24
CA TYR F 312 -9.06 19.81 -15.20
C TYR F 312 -8.52 19.61 -16.61
N MET F 313 -7.53 20.41 -17.01
CA MET F 313 -6.94 20.25 -18.32
C MET F 313 -5.44 20.42 -18.22
N ALA F 314 -4.97 20.61 -17.01
CA ALA F 314 -3.54 20.78 -16.76
C ALA F 314 -3.33 21.31 -15.34
N CYS F 315 -2.53 20.59 -14.57
CA CYS F 315 -2.24 20.98 -13.22
C CYS F 315 -0.74 21.00 -13.02
N CYS F 316 -0.26 21.98 -12.26
CA CYS F 316 1.16 22.12 -12.00
C CYS F 316 1.39 21.89 -10.53
N LEU F 317 1.56 20.64 -10.15
CA LEU F 317 1.75 20.33 -8.76
C LEU F 317 3.11 20.73 -8.24
N LEU F 318 3.17 21.91 -7.64
CA LEU F 318 4.42 22.38 -7.07
C LEU F 318 4.54 21.90 -5.63
N TYR F 319 5.51 21.04 -5.39
CA TYR F 319 5.74 20.50 -4.06
C TYR F 319 6.98 21.19 -3.53
N ARG F 320 7.12 21.17 -2.21
CA ARG F 320 8.25 21.79 -1.57
C ARG F 320 8.47 21.06 -0.25
N GLY F 321 9.73 20.89 0.13
CA GLY F 321 10.02 20.19 1.37
C GLY F 321 10.52 18.78 1.08
N ASP F 322 10.43 17.89 2.07
CA ASP F 322 10.89 16.51 1.91
C ASP F 322 9.92 15.64 1.14
N VAL F 323 10.18 15.47 -0.16
CA VAL F 323 9.33 14.68 -1.04
C VAL F 323 10.13 13.77 -1.99
N VAL F 324 9.80 12.48 -1.95
CA VAL F 324 10.44 11.48 -2.80
C VAL F 324 9.71 11.40 -4.11
N PRO F 325 10.39 11.69 -5.21
CA PRO F 325 9.81 11.67 -6.55
C PRO F 325 8.90 10.49 -6.85
N LYS F 326 9.17 9.34 -6.22
CA LYS F 326 8.34 8.17 -6.44
C LYS F 326 7.04 8.40 -5.69
N ASP F 327 7.16 8.94 -4.49
CA ASP F 327 5.99 9.24 -3.68
C ASP F 327 5.02 10.01 -4.53
N VAL F 328 5.56 10.95 -5.30
CA VAL F 328 4.74 11.78 -6.18
C VAL F 328 4.32 10.97 -7.39
N ASN F 329 5.33 10.45 -8.10
CA ASN F 329 5.08 9.63 -9.29
C ASN F 329 4.45 8.32 -8.81
N ALA F 330 3.38 8.48 -8.03
CA ALA F 330 2.61 7.38 -7.46
C ALA F 330 1.35 7.97 -6.86
N ALA F 331 1.54 8.99 -6.04
CA ALA F 331 0.44 9.69 -5.40
C ALA F 331 -0.39 10.30 -6.51
N ILE F 332 0.29 10.70 -7.59
CA ILE F 332 -0.37 11.28 -8.74
C ILE F 332 -0.97 10.17 -9.58
N ALA F 333 -0.27 9.05 -9.66
CA ALA F 333 -0.74 7.90 -10.43
C ALA F 333 -2.07 7.47 -9.85
N THR F 334 -2.13 7.33 -8.53
CA THR F 334 -3.36 6.93 -7.85
C THR F 334 -4.48 7.88 -8.27
N ILE F 335 -4.17 9.16 -8.34
CA ILE F 335 -5.15 10.17 -8.72
C ILE F 335 -5.57 9.96 -10.17
N LYS F 336 -4.60 9.93 -11.09
CA LYS F 336 -4.90 9.76 -12.50
C LYS F 336 -5.94 8.66 -12.73
N THR F 337 -6.14 7.80 -11.75
CA THR F 337 -7.08 6.70 -11.89
C THR F 337 -8.24 6.73 -10.91
N LYS F 338 -8.63 7.93 -10.48
CA LYS F 338 -9.76 8.09 -9.55
C LYS F 338 -11.00 8.40 -10.39
N ARG F 339 -10.63 9.03 -11.52
CA ARG F 339 -11.34 9.95 -12.34
C ARG F 339 -12.30 10.65 -11.51
N THR F 340 -11.83 11.63 -10.76
CA THR F 340 -12.71 12.55 -10.15
C THR F 340 -13.15 13.48 -11.18
N ILE F 341 -12.26 13.73 -12.17
CA ILE F 341 -12.46 14.97 -12.90
C ILE F 341 -13.65 14.84 -13.78
N GLN F 342 -13.67 13.63 -14.37
CA GLN F 342 -14.29 13.25 -15.56
C GLN F 342 -13.33 13.66 -16.65
N PHE F 343 -13.75 13.19 -17.88
CA PHE F 343 -12.91 12.65 -18.99
C PHE F 343 -13.05 13.68 -20.05
N VAL F 344 -11.96 14.33 -20.50
CA VAL F 344 -12.03 14.85 -21.86
C VAL F 344 -11.05 13.99 -22.54
N ASP F 345 -11.05 13.91 -23.86
CA ASP F 345 -10.24 12.91 -24.45
C ASP F 345 -8.81 13.39 -24.42
N TRP F 346 -8.74 14.69 -24.82
CA TRP F 346 -7.65 15.32 -25.58
C TRP F 346 -6.38 15.41 -24.85
N CYS F 347 -6.43 15.53 -23.53
CA CYS F 347 -5.27 15.62 -22.69
C CYS F 347 -4.97 14.30 -22.02
N PRO F 348 -3.94 13.60 -22.49
CA PRO F 348 -3.52 12.32 -21.94
C PRO F 348 -3.11 12.51 -20.50
N THR F 349 -1.97 13.17 -20.39
CA THR F 349 -1.36 13.51 -19.10
C THR F 349 -1.17 15.01 -18.99
N GLY F 350 -1.73 15.55 -17.93
CA GLY F 350 -1.66 16.99 -17.63
C GLY F 350 -1.30 17.18 -16.16
N PHE F 351 -0.08 16.79 -15.85
CA PHE F 351 0.45 16.87 -14.48
C PHE F 351 1.92 17.24 -14.48
N LYS F 352 2.15 18.53 -14.31
CA LYS F 352 3.50 19.08 -14.21
C LYS F 352 3.95 19.02 -12.76
N VAL F 353 4.81 18.06 -12.48
CA VAL F 353 5.32 17.83 -11.13
C VAL F 353 6.56 18.69 -10.88
N GLY F 354 6.36 19.68 -10.03
CA GLY F 354 7.40 20.63 -9.63
C GLY F 354 7.81 20.34 -8.19
N ILE F 355 9.06 19.93 -8.05
CA ILE F 355 9.64 19.59 -6.75
C ILE F 355 10.75 20.57 -6.37
N ASN F 356 10.56 21.13 -5.19
CA ASN F 356 11.51 22.05 -4.57
C ASN F 356 12.06 21.35 -3.33
N TYR F 357 13.08 21.94 -2.75
CA TYR F 357 13.72 21.34 -1.57
C TYR F 357 13.19 21.94 -0.26
N GLU F 358 13.66 23.15 0.01
CA GLU F 358 13.31 23.88 1.23
C GLU F 358 11.81 23.79 1.54
N PRO F 359 11.42 23.25 2.70
CA PRO F 359 10.02 23.15 3.09
C PRO F 359 9.41 24.53 3.15
N PRO F 360 8.08 24.66 3.34
CA PRO F 360 7.43 25.99 3.43
C PRO F 360 7.99 26.77 4.62
N THR F 361 7.49 27.98 4.80
CA THR F 361 7.95 28.82 5.89
C THR F 361 6.78 29.67 6.39
N VAL F 362 6.21 29.21 7.48
CA VAL F 362 5.07 29.85 8.11
C VAL F 362 5.41 31.02 9.00
N VAL F 363 4.52 32.00 9.01
CA VAL F 363 4.69 33.18 9.84
C VAL F 363 4.95 32.67 11.26
N PRO F 364 5.93 33.29 11.95
CA PRO F 364 6.32 32.93 13.31
C PRO F 364 5.16 32.58 14.23
N GLY F 365 4.10 33.37 14.16
CA GLY F 365 2.96 33.12 15.03
C GLY F 365 1.61 33.59 14.51
N GLY F 366 1.35 33.33 13.23
CA GLY F 366 0.07 33.71 12.66
C GLY F 366 -0.96 32.67 13.07
N ASP F 367 -1.27 31.76 12.15
CA ASP F 367 -2.22 30.68 12.41
C ASP F 367 -2.01 29.52 11.46
N LEU F 368 -0.92 29.58 10.69
CA LEU F 368 -0.60 28.52 9.72
C LEU F 368 0.19 27.43 10.45
N ALA F 369 -0.29 26.20 10.33
CA ALA F 369 0.33 25.04 10.96
C ALA F 369 1.85 25.08 11.04
N LYS F 370 2.48 24.79 9.91
CA LYS F 370 3.94 24.73 9.72
C LYS F 370 4.35 23.27 9.60
N VAL F 371 4.15 22.74 8.40
CA VAL F 371 4.46 21.37 8.07
C VAL F 371 5.85 21.32 7.45
N GLN F 372 6.29 20.13 7.06
CA GLN F 372 7.58 19.96 6.41
C GLN F 372 7.39 19.45 4.99
N ARG F 373 6.38 20.00 4.34
CA ARG F 373 6.06 19.65 2.96
C ARG F 373 4.67 20.18 2.64
N ALA F 374 4.51 20.69 1.42
CA ALA F 374 3.23 21.25 0.99
C ALA F 374 3.06 21.09 -0.51
N VAL F 375 1.82 21.28 -0.96
CA VAL F 375 1.46 21.16 -2.37
C VAL F 375 0.65 22.33 -2.87
N CYS F 376 1.30 23.25 -3.57
CA CYS F 376 0.63 24.42 -4.14
C CYS F 376 0.32 24.06 -5.58
N MET F 377 -0.82 23.41 -5.77
CA MET F 377 -1.22 23.00 -7.08
C MET F 377 -2.15 24.01 -7.67
N LEU F 378 -1.86 24.40 -8.89
CA LEU F 378 -2.67 25.36 -9.60
C LEU F 378 -3.09 24.67 -10.87
N SER F 379 -4.16 25.13 -11.48
CA SER F 379 -4.64 24.47 -12.70
C SER F 379 -5.72 25.20 -13.45
N ASN F 380 -5.90 24.78 -14.70
CA ASN F 380 -6.93 25.34 -15.56
C ASN F 380 -8.02 24.28 -15.48
N THR F 381 -9.22 24.71 -15.08
CA THR F 381 -10.34 23.80 -14.94
C THR F 381 -11.52 24.35 -15.69
N THR F 382 -12.16 23.50 -16.47
CA THR F 382 -13.34 23.89 -17.23
C THR F 382 -14.38 24.40 -16.23
N ALA F 383 -13.98 24.42 -14.97
CA ALA F 383 -14.83 24.84 -13.90
C ALA F 383 -15.16 26.30 -13.97
N ILE F 384 -14.15 27.13 -14.20
CA ILE F 384 -14.40 28.56 -14.24
C ILE F 384 -15.51 28.91 -15.24
N ALA F 385 -15.90 27.95 -16.08
CA ALA F 385 -16.99 28.17 -17.03
C ALA F 385 -18.08 28.77 -16.16
N GLU F 386 -18.13 28.29 -14.92
CA GLU F 386 -19.07 28.79 -13.94
C GLU F 386 -18.65 30.20 -13.58
N ALA F 387 -17.81 30.31 -12.56
CA ALA F 387 -17.30 31.59 -12.05
C ALA F 387 -17.39 32.78 -13.02
N TRP F 388 -17.05 32.57 -14.29
CA TRP F 388 -17.13 33.65 -15.26
C TRP F 388 -18.60 33.89 -15.53
N ALA F 389 -19.32 32.81 -15.81
CA ALA F 389 -20.75 32.88 -16.07
C ALA F 389 -21.40 33.75 -15.00
N ARG F 390 -21.44 33.22 -13.79
CA ARG F 390 -22.02 33.92 -12.63
C ARG F 390 -21.59 35.37 -12.45
N LEU F 391 -20.46 35.74 -13.03
CA LEU F 391 -19.95 37.08 -12.87
C LEU F 391 -20.36 37.94 -14.04
N ASP F 392 -20.62 37.27 -15.15
CA ASP F 392 -21.03 37.94 -16.37
C ASP F 392 -22.48 38.33 -16.20
N HIS F 393 -23.29 37.36 -15.82
CA HIS F 393 -24.72 37.54 -15.58
C HIS F 393 -24.88 38.80 -14.73
N LYS F 394 -24.19 38.85 -13.60
CA LYS F 394 -24.21 40.02 -12.71
C LYS F 394 -24.28 41.28 -13.55
N PHE F 395 -23.18 41.49 -14.27
CA PHE F 395 -22.97 42.61 -15.16
C PHE F 395 -24.24 43.02 -15.91
N ASP F 396 -24.74 42.10 -16.72
CA ASP F 396 -25.95 42.34 -17.50
C ASP F 396 -27.03 42.99 -16.67
N LEU F 397 -27.45 42.31 -15.62
CA LEU F 397 -28.49 42.83 -14.78
C LEU F 397 -28.41 44.33 -14.64
N MET F 398 -27.22 44.82 -14.27
CA MET F 398 -27.01 46.25 -14.09
C MET F 398 -26.94 47.02 -15.39
N TYR F 399 -26.13 46.53 -16.32
CA TYR F 399 -26.01 47.18 -17.60
C TYR F 399 -27.40 47.28 -18.21
N ALA F 400 -28.16 46.21 -18.02
CA ALA F 400 -29.51 46.15 -18.54
C ALA F 400 -30.30 47.40 -18.15
N LYS F 401 -29.81 48.12 -17.13
CA LYS F 401 -30.47 49.33 -16.67
C LYS F 401 -29.51 50.50 -16.61
N ARG F 402 -28.31 50.25 -17.12
CA ARG F 402 -27.28 51.26 -17.17
C ARG F 402 -26.72 51.59 -15.79
N ALA F 403 -27.44 51.16 -14.75
CA ALA F 403 -27.03 51.43 -13.40
C ALA F 403 -25.96 52.50 -13.36
N PHE F 404 -24.83 52.22 -12.73
CA PHE F 404 -23.77 53.22 -12.59
C PHE F 404 -23.00 53.46 -13.87
N VAL F 405 -23.70 53.55 -14.98
CA VAL F 405 -22.99 53.77 -16.24
C VAL F 405 -22.52 55.21 -16.34
N HIS F 406 -23.38 56.15 -15.98
CA HIS F 406 -22.98 57.54 -16.11
C HIS F 406 -21.67 57.84 -15.41
N TRP F 407 -21.20 56.92 -14.57
CA TRP F 407 -19.99 57.15 -13.84
C TRP F 407 -18.78 56.87 -14.67
N TYR F 408 -18.94 56.07 -15.71
CA TYR F 408 -17.81 55.74 -16.57
C TYR F 408 -17.81 56.63 -17.78
N VAL F 409 -18.97 56.72 -18.41
CA VAL F 409 -19.11 57.54 -19.60
C VAL F 409 -18.45 58.87 -19.33
N GLY F 410 -18.88 59.50 -18.25
CA GLY F 410 -18.33 60.79 -17.87
C GLY F 410 -16.87 60.68 -17.52
N GLU F 411 -16.28 59.53 -17.84
CA GLU F 411 -14.89 59.31 -17.55
C GLU F 411 -14.15 58.77 -18.75
N GLY F 412 -14.59 59.15 -19.95
CA GLY F 412 -13.91 58.72 -21.15
C GLY F 412 -14.03 57.25 -21.48
N MET F 413 -15.27 56.82 -21.67
CA MET F 413 -15.62 55.45 -22.02
C MET F 413 -16.86 55.62 -22.88
N GLU F 414 -17.47 54.53 -23.31
CA GLU F 414 -18.64 54.68 -24.14
C GLU F 414 -19.51 53.44 -24.07
N GLU F 415 -20.67 53.50 -24.70
CA GLU F 415 -21.57 52.35 -24.73
C GLU F 415 -20.78 51.24 -25.40
N GLY F 416 -19.75 51.65 -26.12
CA GLY F 416 -18.91 50.69 -26.82
C GLY F 416 -18.21 49.79 -25.83
N GLU F 417 -17.17 50.34 -25.19
CA GLU F 417 -16.37 49.57 -24.26
C GLU F 417 -17.15 48.61 -23.37
N PHE F 418 -18.35 48.97 -22.94
CA PHE F 418 -19.11 48.05 -22.11
C PHE F 418 -19.65 46.94 -23.00
N SER F 419 -20.64 47.27 -23.82
CA SER F 419 -21.24 46.31 -24.72
C SER F 419 -20.23 45.48 -25.49
N GLU F 420 -19.12 46.10 -25.86
CA GLU F 420 -18.12 45.41 -26.65
C GLU F 420 -17.14 44.60 -25.81
N ALA F 421 -17.25 44.69 -24.49
CA ALA F 421 -16.38 43.92 -23.58
C ALA F 421 -17.23 42.83 -22.97
N ARG F 422 -18.52 42.97 -23.19
CA ARG F 422 -19.48 41.99 -22.72
C ARG F 422 -19.40 40.90 -23.77
N GLU F 423 -19.57 41.29 -25.03
CA GLU F 423 -19.47 40.35 -26.14
C GLU F 423 -18.16 39.60 -25.98
N ASP F 424 -17.13 40.33 -25.53
CA ASP F 424 -15.80 39.77 -25.32
C ASP F 424 -15.90 38.52 -24.47
N MET F 425 -16.22 38.71 -23.20
CA MET F 425 -16.34 37.59 -22.30
C MET F 425 -17.31 36.53 -22.81
N ALA F 426 -18.35 36.95 -23.51
CA ALA F 426 -19.32 35.99 -24.04
C ALA F 426 -18.54 34.82 -24.66
N ALA F 427 -17.57 35.13 -25.52
CA ALA F 427 -16.74 34.13 -26.18
C ALA F 427 -15.68 33.57 -25.25
N LEU F 428 -15.87 33.78 -23.96
CA LEU F 428 -14.96 33.26 -22.95
C LEU F 428 -15.78 32.23 -22.19
N GLU F 429 -17.09 32.35 -22.37
CA GLU F 429 -18.07 31.43 -21.78
C GLU F 429 -18.23 30.28 -22.77
N LYS F 430 -17.99 30.57 -24.05
CA LYS F 430 -18.08 29.57 -25.09
C LYS F 430 -16.74 28.87 -25.19
N ASP F 431 -15.68 29.64 -25.02
CA ASP F 431 -14.33 29.12 -25.08
C ASP F 431 -14.14 28.06 -24.00
N TYR F 432 -14.30 28.46 -22.75
CA TYR F 432 -14.15 27.56 -21.62
C TYR F 432 -15.15 26.43 -21.63
N GLU F 433 -16.06 26.48 -22.61
CA GLU F 433 -17.09 25.46 -22.78
C GLU F 433 -16.64 24.49 -23.87
N GLU F 434 -16.18 25.03 -24.99
CA GLU F 434 -15.72 24.22 -26.09
C GLU F 434 -14.46 23.40 -25.79
N VAL F 435 -13.46 24.05 -25.18
CA VAL F 435 -12.22 23.36 -24.86
C VAL F 435 -12.46 22.20 -23.91
N GLY F 436 -13.73 22.00 -23.56
CA GLY F 436 -14.08 20.91 -22.67
C GLY F 436 -15.50 20.47 -22.91
N VAL F 437 -16.05 19.65 -22.01
CA VAL F 437 -17.42 19.15 -22.12
C VAL F 437 -17.64 18.38 -23.43
N ASP F 438 -16.69 18.49 -24.35
CA ASP F 438 -16.81 17.83 -25.65
C ASP F 438 -15.58 16.98 -26.00
N SER F 439 -15.78 15.92 -26.78
CA SER F 439 -14.68 15.04 -27.16
C SER F 439 -14.55 14.87 -28.67
N VAL F 440 -13.64 14.12 -29.11
CA ARG G 2 40.32 4.31 -27.88
C ARG G 2 39.80 5.39 -26.93
N GLU G 3 38.68 6.03 -27.29
CA GLU G 3 38.10 7.10 -26.48
C GLU G 3 36.61 7.35 -26.73
N ILE G 4 36.04 8.25 -25.93
CA ILE G 4 34.64 8.67 -26.02
C ILE G 4 34.51 10.03 -25.32
N VAL G 5 33.45 10.78 -25.64
CA VAL G 5 33.23 12.07 -24.97
C VAL G 5 31.75 12.23 -24.59
N HIS G 6 31.49 12.03 -23.30
CA HIS G 6 30.17 12.12 -22.73
C HIS G 6 29.51 13.44 -23.05
N ILE G 7 28.18 13.44 -23.05
CA ILE G 7 27.41 14.66 -23.32
C ILE G 7 26.16 14.77 -22.42
N GLN G 8 26.20 15.71 -21.47
CA GLN G 8 25.11 15.96 -20.50
C GLN G 8 24.06 16.96 -20.98
N ALA G 9 23.25 16.58 -21.95
CA ALA G 9 22.22 17.48 -22.49
C ALA G 9 21.02 17.70 -21.56
N GLY G 10 20.66 18.95 -21.35
CA GLY G 10 19.52 19.25 -20.50
C GLY G 10 19.82 19.12 -19.02
N GLN G 11 18.79 19.20 -18.18
CA GLN G 11 18.98 19.07 -16.74
C GLN G 11 19.12 17.61 -16.41
N CYS G 12 18.09 16.84 -16.74
CA CYS G 12 18.12 15.42 -16.46
C CYS G 12 19.45 14.86 -16.91
N GLY G 13 19.64 14.83 -18.22
CA GLY G 13 20.88 14.31 -18.77
C GLY G 13 22.05 14.83 -17.97
N ASN G 14 21.86 16.01 -17.39
CA ASN G 14 22.89 16.62 -16.59
C ASN G 14 22.91 16.00 -15.19
N GLN G 15 21.77 16.06 -14.50
CA GLN G 15 21.64 15.50 -13.16
C GLN G 15 22.32 14.14 -13.15
N ILE G 16 22.00 13.34 -14.16
CA ILE G 16 22.56 12.00 -14.34
C ILE G 16 24.06 12.06 -14.56
N GLY G 17 24.52 13.09 -15.26
CA GLY G 17 25.94 13.23 -15.49
C GLY G 17 26.62 13.11 -14.14
N ALA G 18 26.11 13.88 -13.18
CA ALA G 18 26.68 13.86 -11.84
C ALA G 18 26.73 12.47 -11.27
N LYS G 19 25.73 11.64 -11.60
CA LYS G 19 25.71 10.29 -11.06
C LYS G 19 26.57 9.36 -11.91
N PHE G 20 26.57 9.57 -13.22
CA PHE G 20 27.39 8.72 -14.08
C PHE G 20 28.85 8.97 -13.78
N TRP G 21 29.19 10.20 -13.43
CA TRP G 21 30.57 10.51 -13.14
C TRP G 21 30.87 10.25 -11.68
N GLU G 22 29.85 10.32 -10.84
CA GLU G 22 30.01 10.03 -9.44
C GLU G 22 30.59 8.63 -9.42
N VAL G 23 29.85 7.71 -10.05
CA VAL G 23 30.24 6.31 -10.15
C VAL G 23 31.58 6.14 -10.84
N ILE G 24 31.51 6.06 -12.16
CA ILE G 24 32.66 5.90 -13.03
C ILE G 24 33.99 6.30 -12.42
N SER G 25 34.02 7.46 -11.77
CA SER G 25 35.26 7.94 -11.15
C SER G 25 35.77 6.92 -10.13
N ASP G 26 34.92 6.58 -9.17
CA ASP G 26 35.24 5.59 -8.13
C ASP G 26 35.64 4.28 -8.79
N GLU G 27 35.06 4.01 -9.97
CA GLU G 27 35.35 2.81 -10.75
C GLU G 27 36.59 3.12 -11.56
N HIS G 28 37.33 4.12 -11.10
CA HIS G 28 38.55 4.56 -11.75
C HIS G 28 39.40 5.37 -10.78
N GLY G 29 39.09 5.27 -9.49
CA GLY G 29 39.83 5.96 -8.45
C GLY G 29 40.19 7.43 -8.64
N ILE G 30 39.26 8.21 -9.18
CA ILE G 30 39.49 9.63 -9.40
C ILE G 30 38.66 10.46 -8.43
N ASP G 31 39.34 11.02 -7.43
CA ASP G 31 38.70 11.86 -6.42
C ASP G 31 38.36 13.21 -7.03
N PRO G 32 37.39 13.93 -6.45
CA PRO G 32 36.98 15.25 -6.96
C PRO G 32 37.96 15.83 -7.97
N THR G 33 39.01 16.50 -7.49
CA THR G 33 40.02 17.06 -8.38
C THR G 33 41.26 16.18 -8.28
N GLY G 34 41.27 15.31 -7.27
CA GLY G 34 42.39 14.41 -7.07
C GLY G 34 42.72 13.62 -8.31
N SER G 35 43.62 12.64 -8.16
CA SER G 35 44.03 11.82 -9.28
C SER G 35 43.55 10.40 -9.17
N TYR G 36 44.45 9.49 -9.50
CA TYR G 36 44.16 8.07 -9.47
C TYR G 36 44.62 7.41 -8.16
N HIS G 37 43.68 7.26 -7.23
CA HIS G 37 43.96 6.62 -5.94
C HIS G 37 43.73 5.12 -6.12
N GLY G 38 43.23 4.76 -7.30
CA GLY G 38 42.94 3.40 -7.66
C GLY G 38 43.49 2.30 -6.78
N ASP G 39 42.57 1.56 -6.17
CA ASP G 39 42.94 0.46 -5.29
C ASP G 39 43.87 -0.46 -6.07
N SER G 40 43.70 -0.49 -7.39
CA SER G 40 44.51 -1.33 -8.25
C SER G 40 45.39 -0.50 -9.19
N ASP G 41 45.86 -1.13 -10.27
CA ASP G 41 46.72 -0.49 -11.24
C ASP G 41 46.10 -0.62 -12.63
N LEU G 42 45.05 -1.43 -12.71
CA LEU G 42 44.35 -1.69 -13.97
C LEU G 42 43.29 -0.64 -14.30
N GLN G 43 42.81 0.06 -13.28
CA GLN G 43 41.79 1.08 -13.46
C GLN G 43 42.42 2.36 -14.02
N LEU G 44 43.55 2.21 -14.69
CA LEU G 44 44.28 3.36 -15.21
C LEU G 44 44.81 3.24 -16.63
N GLU G 45 45.21 2.03 -17.01
CA GLU G 45 45.75 1.79 -18.33
C GLU G 45 44.78 2.11 -19.47
N ARG G 46 43.51 2.28 -19.14
CA ARG G 46 42.51 2.54 -20.15
C ARG G 46 41.63 3.76 -19.85
N ILE G 47 41.89 4.46 -18.75
CA ILE G 47 41.07 5.63 -18.39
C ILE G 47 40.82 6.57 -19.56
N ASN G 48 41.90 6.97 -20.22
CA ASN G 48 41.84 7.88 -21.35
C ASN G 48 40.45 7.96 -21.95
N VAL G 49 39.82 6.81 -22.17
CA VAL G 49 38.48 6.76 -22.73
C VAL G 49 37.54 7.87 -22.21
N TYR G 50 37.78 8.33 -20.98
CA TYR G 50 36.94 9.37 -20.38
C TYR G 50 37.63 10.60 -19.79
N TYR G 51 38.96 10.66 -19.85
CA TYR G 51 39.65 11.80 -19.26
C TYR G 51 40.74 12.42 -20.14
N ASN G 52 41.49 13.35 -19.55
CA ASN G 52 42.59 14.02 -20.25
C ASN G 52 43.74 14.35 -19.32
N GLU G 53 44.95 14.26 -19.83
CA GLU G 53 46.17 14.54 -19.06
C GLU G 53 46.61 16.00 -19.18
N ALA G 54 46.65 16.70 -18.05
CA ALA G 54 47.07 18.10 -18.01
C ALA G 54 48.11 18.27 -16.91
N ALA G 55 47.65 18.26 -15.67
CA ALA G 55 48.54 18.42 -14.53
C ALA G 55 49.37 17.15 -14.32
N GLY G 56 48.79 16.18 -13.62
CA GLY G 56 49.47 14.92 -13.34
C GLY G 56 48.75 14.22 -12.22
N ASN G 57 47.69 14.87 -11.75
CA ASN G 57 46.85 14.38 -10.67
C ASN G 57 45.43 14.80 -11.04
N LYS G 58 45.34 15.56 -12.13
CA LYS G 58 44.06 16.06 -12.58
C LYS G 58 43.64 15.49 -13.94
N TYR G 59 42.97 14.34 -13.90
CA TYR G 59 42.45 13.70 -15.09
C TYR G 59 41.02 14.22 -15.12
N VAL G 60 40.74 15.16 -16.01
CA VAL G 60 39.41 15.73 -16.09
C VAL G 60 38.44 15.06 -17.02
N PRO G 61 37.23 14.75 -16.52
CA PRO G 61 36.23 14.10 -17.34
C PRO G 61 36.03 14.86 -18.64
N ARG G 62 36.02 14.12 -19.73
CA ARG G 62 35.86 14.69 -21.05
C ARG G 62 34.43 14.57 -21.52
N ALA G 63 33.56 15.36 -20.91
CA ALA G 63 32.14 15.39 -21.23
C ALA G 63 31.72 16.80 -21.56
N ILE G 64 30.46 16.97 -21.93
CA ILE G 64 29.97 18.31 -22.22
C ILE G 64 28.72 18.52 -21.39
N LEU G 65 28.56 19.73 -20.86
CA LEU G 65 27.39 20.06 -20.05
C LEU G 65 26.59 21.16 -20.74
N VAL G 66 25.56 20.72 -21.45
CA VAL G 66 24.71 21.60 -22.23
C VAL G 66 23.36 21.82 -21.54
N ASP G 67 23.02 23.09 -21.30
CA ASP G 67 21.77 23.43 -20.63
C ASP G 67 21.46 24.93 -20.69
N LEU G 68 20.18 25.25 -20.88
CA LEU G 68 19.72 26.64 -20.97
C LEU G 68 19.18 27.18 -19.65
N GLU G 69 19.41 26.43 -18.58
CA GLU G 69 18.94 26.81 -17.25
C GLU G 69 20.17 26.84 -16.36
N PRO G 70 20.61 28.05 -15.99
CA PRO G 70 21.80 28.10 -15.13
C PRO G 70 21.67 27.25 -13.86
N GLY G 71 20.78 27.65 -12.95
CA GLY G 71 20.57 26.93 -11.70
C GLY G 71 20.98 25.45 -11.69
N THR G 72 20.63 24.73 -12.75
CA THR G 72 20.96 23.32 -12.86
C THR G 72 22.46 23.08 -12.78
N MET G 73 23.17 23.35 -13.87
CA MET G 73 24.62 23.16 -13.91
C MET G 73 25.29 23.84 -12.72
N ASP G 74 24.59 24.84 -12.16
CA ASP G 74 25.10 25.58 -11.00
C ASP G 74 24.73 24.87 -9.69
N SER G 75 24.23 23.64 -9.81
CA SER G 75 23.88 22.81 -8.66
C SER G 75 24.81 21.61 -8.77
N VAL G 76 25.11 21.26 -10.02
CA VAL G 76 25.99 20.14 -10.31
C VAL G 76 27.43 20.63 -10.15
N ARG G 77 27.64 21.91 -10.38
CA ARG G 77 28.98 22.48 -10.25
C ARG G 77 29.24 23.02 -8.85
N SER G 78 28.19 23.10 -8.03
CA SER G 78 28.33 23.61 -6.67
C SER G 78 28.16 22.54 -5.59
N GLY G 79 28.16 21.27 -6.00
CA GLY G 79 28.01 20.20 -5.05
C GLY G 79 29.25 19.33 -4.89
N PRO G 80 29.07 17.99 -4.88
CA PRO G 80 30.21 17.06 -4.73
C PRO G 80 31.23 17.14 -5.86
N PHE G 81 31.34 16.09 -6.66
CA PHE G 81 32.29 16.04 -7.77
C PHE G 81 32.16 17.20 -8.74
N GLY G 82 31.22 18.10 -8.48
CA GLY G 82 31.00 19.22 -9.37
C GLY G 82 32.22 20.04 -9.76
N GLN G 83 33.27 19.99 -8.96
CA GLN G 83 34.46 20.79 -9.26
C GLN G 83 35.59 20.05 -9.95
N ILE G 84 35.25 19.11 -10.84
CA ILE G 84 36.26 18.34 -11.58
C ILE G 84 36.19 18.68 -13.06
N PHE G 85 35.04 19.15 -13.50
CA PHE G 85 34.85 19.52 -14.90
C PHE G 85 35.59 20.83 -15.14
N ARG G 86 36.35 20.93 -16.23
CA ARG G 86 37.03 22.17 -16.55
C ARG G 86 35.86 23.08 -16.93
N PRO G 87 35.85 24.33 -16.45
CA PRO G 87 34.77 25.29 -16.76
C PRO G 87 34.43 25.37 -18.24
N ASP G 88 35.45 25.13 -19.06
CA ASP G 88 35.28 25.18 -20.51
C ASP G 88 34.15 24.22 -20.93
N ASN G 89 33.96 23.16 -20.14
CA ASN G 89 32.94 22.15 -20.40
C ASN G 89 31.52 22.66 -20.28
N PHE G 90 31.30 23.62 -19.38
CA PHE G 90 29.97 24.18 -19.16
C PHE G 90 29.46 25.06 -20.30
N VAL G 91 28.64 24.50 -21.18
CA VAL G 91 28.08 25.31 -22.25
C VAL G 91 26.66 25.63 -21.85
N PHE G 92 26.52 26.71 -21.08
CA PHE G 92 25.23 27.17 -20.58
C PHE G 92 24.49 28.09 -21.54
N GLY G 93 23.22 28.30 -21.26
CA GLY G 93 22.41 29.19 -22.08
C GLY G 93 21.51 29.90 -21.09
N GLN G 94 22.00 30.95 -20.45
CA GLN G 94 21.23 31.67 -19.45
C GLN G 94 19.85 32.14 -19.91
N SER G 95 19.55 31.90 -21.18
CA SER G 95 18.26 32.27 -21.77
C SER G 95 17.13 31.65 -20.94
N GLY G 96 15.91 31.67 -21.47
CA GLY G 96 14.80 31.06 -20.77
C GLY G 96 14.75 29.62 -21.25
N ALA G 97 15.24 28.68 -20.45
CA ALA G 97 15.26 27.27 -20.84
C ALA G 97 13.87 26.65 -20.99
N GLY G 98 12.93 27.43 -21.53
CA GLY G 98 11.56 26.96 -21.71
C GLY G 98 11.44 25.49 -22.00
N ASN G 99 10.38 24.88 -21.49
CA ASN G 99 10.14 23.45 -21.66
C ASN G 99 9.68 23.04 -23.05
N ASN G 100 10.07 23.83 -24.04
CA ASN G 100 9.67 23.57 -25.40
C ASN G 100 10.77 22.99 -26.28
N TRP G 101 10.48 21.85 -26.89
CA TRP G 101 11.42 21.17 -27.78
C TRP G 101 11.85 22.16 -28.83
N ALA G 102 10.90 22.96 -29.27
CA ALA G 102 11.14 23.96 -30.28
C ALA G 102 11.98 25.09 -29.72
N LYS G 103 11.86 25.35 -28.43
CA LYS G 103 12.63 26.46 -27.86
C LYS G 103 14.10 26.11 -27.63
N GLY G 104 14.41 24.82 -27.61
CA GLY G 104 15.79 24.42 -27.41
C GLY G 104 16.40 23.75 -28.63
N HIS G 105 15.66 23.74 -29.73
CA HIS G 105 16.15 23.11 -30.94
C HIS G 105 16.19 24.07 -32.11
N TYR G 106 15.29 25.05 -32.13
CA TYR G 106 15.27 26.02 -33.24
C TYR G 106 15.54 27.46 -32.88
N THR G 107 15.04 27.89 -31.73
CA THR G 107 15.19 29.27 -31.37
C THR G 107 16.21 29.60 -30.33
N GLU G 108 16.13 28.97 -29.19
CA GLU G 108 17.08 29.29 -28.15
C GLU G 108 18.32 28.43 -28.24
N GLY G 109 18.14 27.12 -28.35
CA GLY G 109 19.30 26.23 -28.42
C GLY G 109 20.16 26.42 -29.65
N ALA G 110 19.53 26.67 -30.79
CA ALA G 110 20.25 26.83 -32.04
C ALA G 110 21.37 27.85 -31.95
N GLU G 111 21.27 28.78 -31.00
CA GLU G 111 22.31 29.78 -30.86
C GLU G 111 23.48 29.20 -30.10
N LEU G 112 23.17 28.63 -28.93
CA LEU G 112 24.16 28.04 -28.06
C LEU G 112 24.89 26.84 -28.66
N VAL G 113 24.37 26.33 -29.77
CA VAL G 113 24.95 25.17 -30.44
C VAL G 113 26.40 25.36 -30.90
N ASP G 114 26.64 26.38 -31.71
CA ASP G 114 27.98 26.65 -32.22
C ASP G 114 29.00 26.73 -31.09
N SER G 115 28.62 27.34 -29.98
CA SER G 115 29.52 27.45 -28.83
C SER G 115 29.66 26.11 -28.13
N VAL G 116 28.95 25.10 -28.62
CA VAL G 116 29.04 23.77 -28.05
C VAL G 116 29.93 23.00 -29.00
N LEU G 117 29.47 22.85 -30.24
CA LEU G 117 30.24 22.11 -31.25
C LEU G 117 31.71 22.47 -31.16
N ASP G 118 31.95 23.74 -30.84
CA ASP G 118 33.28 24.30 -30.68
C ASP G 118 34.05 23.38 -29.74
N VAL G 119 33.49 23.18 -28.56
CA VAL G 119 34.12 22.34 -27.57
C VAL G 119 34.08 20.86 -27.94
N VAL G 120 32.94 20.37 -28.41
CA VAL G 120 32.84 18.96 -28.79
C VAL G 120 33.96 18.61 -29.77
N ARG G 121 34.57 19.63 -30.37
CA ARG G 121 35.67 19.45 -31.31
C ARG G 121 36.98 19.57 -30.55
N LYS G 122 37.01 20.45 -29.56
CA LYS G 122 38.21 20.61 -28.75
C LYS G 122 38.48 19.30 -28.03
N GLU G 123 37.41 18.61 -27.65
CA GLU G 123 37.52 17.34 -26.93
C GLU G 123 37.76 16.17 -27.86
N SER G 124 37.17 16.21 -29.04
CA SER G 124 37.33 15.13 -30.01
C SER G 124 38.76 15.11 -30.52
N GLU G 125 39.27 16.29 -30.84
CA GLU G 125 40.63 16.44 -31.34
C GLU G 125 41.62 16.42 -30.19
N SER G 126 41.18 15.89 -29.06
CA SER G 126 42.01 15.77 -27.87
C SER G 126 43.23 15.02 -28.34
N CYS G 127 43.16 13.69 -28.29
CA CYS G 127 44.28 12.86 -28.72
C CYS G 127 43.83 11.46 -29.13
N ASP G 128 44.84 10.63 -29.39
CA ASP G 128 44.67 9.24 -29.82
C ASP G 128 43.54 9.11 -30.84
N CYS G 129 42.74 8.07 -30.69
CA CYS G 129 41.63 7.81 -31.61
C CYS G 129 40.29 7.81 -30.92
N LEU G 130 39.35 8.58 -31.48
CA LEU G 130 38.00 8.69 -30.95
C LEU G 130 37.15 7.49 -31.40
N GLN G 131 36.34 7.03 -30.47
CA GLN G 131 35.42 5.90 -30.70
C GLN G 131 34.00 6.41 -30.97
N GLY G 132 33.49 7.16 -30.01
CA GLY G 132 32.13 7.74 -30.09
C GLY G 132 31.86 8.65 -28.88
N PHE G 133 30.62 9.10 -28.81
CA PHE G 133 30.15 10.00 -27.74
C PHE G 133 28.93 9.42 -27.02
N GLN G 134 28.97 9.60 -25.71
CA GLN G 134 27.87 9.20 -24.81
C GLN G 134 26.93 10.39 -24.66
N LEU G 135 25.64 10.13 -24.74
CA LEU G 135 24.64 11.20 -24.66
C LEU G 135 23.53 10.85 -23.68
N THR G 136 23.42 11.71 -22.68
CA THR G 136 22.39 11.59 -21.64
C THR G 136 21.43 12.77 -21.75
N HIS G 137 20.17 12.46 -21.51
CA HIS G 137 19.10 13.46 -21.58
C HIS G 137 17.74 12.78 -21.43
N SER G 138 16.74 13.63 -21.37
CA SER G 138 15.34 13.21 -21.26
C SER G 138 14.57 13.74 -22.45
N LEU G 139 13.73 12.90 -23.01
CA LEU G 139 12.94 13.25 -24.16
C LEU G 139 11.64 13.92 -23.76
N GLY G 140 11.65 14.57 -22.60
CA GLY G 140 10.46 15.25 -22.13
C GLY G 140 10.69 16.66 -21.65
N GLY G 141 11.42 17.45 -22.46
CA GLY G 141 11.73 18.83 -22.11
C GLY G 141 12.48 19.56 -23.21
N GLY G 142 12.84 20.81 -22.95
CA GLY G 142 13.55 21.59 -23.94
C GLY G 142 15.00 21.21 -24.09
N THR G 143 15.83 21.70 -23.17
CA THR G 143 17.26 21.42 -23.20
C THR G 143 17.62 19.95 -23.37
N GLY G 144 16.64 19.09 -23.20
CA GLY G 144 16.90 17.67 -23.33
C GLY G 144 16.66 17.13 -24.70
N SER G 145 15.39 17.04 -25.06
CA SER G 145 15.00 16.49 -26.36
C SER G 145 15.36 17.39 -27.53
N GLY G 146 15.07 18.67 -27.41
CA GLY G 146 15.35 19.58 -28.50
C GLY G 146 16.82 19.88 -28.69
N MET G 147 17.40 20.64 -27.77
CA MET G 147 18.80 21.01 -27.87
C MET G 147 19.82 19.87 -27.88
N GLY G 148 19.51 18.78 -27.19
CA GLY G 148 20.42 17.65 -27.16
C GLY G 148 20.27 16.83 -28.42
N THR G 149 19.06 16.85 -28.96
CA THR G 149 18.77 16.11 -30.16
C THR G 149 19.37 16.85 -31.33
N LEU G 150 19.75 18.10 -31.10
CA LEU G 150 20.38 18.88 -32.15
C LEU G 150 21.87 18.61 -32.07
N LEU G 151 22.39 18.66 -30.85
CA LEU G 151 23.79 18.41 -30.61
C LEU G 151 24.23 17.20 -31.35
N ILE G 152 23.39 16.18 -31.43
CA ILE G 152 23.81 14.98 -32.13
C ILE G 152 23.69 15.12 -33.64
N SER G 153 22.58 15.69 -34.11
CA SER G 153 22.38 15.86 -35.54
C SER G 153 23.58 16.56 -36.16
N LYS G 154 24.28 17.33 -35.32
CA LYS G 154 25.48 18.07 -35.73
C LYS G 154 26.70 17.17 -35.57
N ILE G 155 26.75 16.47 -34.44
CA ILE G 155 27.85 15.55 -34.18
C ILE G 155 27.93 14.54 -35.35
N ARG G 156 26.79 13.92 -35.68
CA ARG G 156 26.70 12.91 -36.76
C ARG G 156 26.92 13.43 -38.17
N GLU G 157 27.36 14.68 -38.29
CA GLU G 157 27.61 15.28 -39.58
C GLU G 157 29.08 15.57 -39.60
N GLU G 158 29.61 15.67 -38.38
CA GLU G 158 31.02 15.97 -38.17
C GLU G 158 31.89 14.72 -38.08
N TYR G 159 31.31 13.59 -37.68
CA TYR G 159 32.09 12.37 -37.62
C TYR G 159 31.19 11.17 -37.81
N PRO G 160 30.60 11.04 -39.01
CA PRO G 160 29.71 9.90 -39.30
C PRO G 160 30.44 8.55 -39.19
N ASP G 161 31.63 8.61 -38.60
CA ASP G 161 32.46 7.44 -38.38
C ASP G 161 32.37 7.00 -36.94
N ARG G 162 32.70 7.89 -36.01
CA ARG G 162 32.64 7.57 -34.61
C ARG G 162 31.19 7.25 -34.24
N ILE G 163 31.00 6.36 -33.27
CA ILE G 163 29.66 5.96 -32.84
C ILE G 163 28.93 6.97 -31.97
N MET G 164 27.66 6.67 -31.69
CA MET G 164 26.79 7.53 -30.89
C MET G 164 25.79 6.78 -30.01
N ASN G 165 26.17 6.53 -28.78
CA ASN G 165 25.30 5.86 -27.84
C ASN G 165 24.43 6.94 -27.26
N THR G 166 23.15 6.64 -27.12
CA THR G 166 22.24 7.60 -26.57
C THR G 166 21.50 6.98 -25.40
N PHE G 167 21.55 7.68 -24.26
CA PHE G 167 20.85 7.27 -23.06
C PHE G 167 19.67 8.22 -22.89
N SER G 168 18.50 7.75 -23.30
CA SER G 168 17.27 8.53 -23.23
C SER G 168 16.32 8.09 -22.11
N VAL G 169 15.73 9.07 -21.46
CA VAL G 169 14.80 8.81 -20.40
C VAL G 169 13.40 8.97 -20.97
N VAL G 170 13.05 8.06 -21.87
CA VAL G 170 11.74 8.06 -22.50
C VAL G 170 10.65 8.30 -21.44
N PRO G 171 9.65 9.12 -21.77
CA PRO G 171 8.51 9.48 -20.92
C PRO G 171 7.82 8.29 -20.31
N SER G 172 7.97 8.16 -18.99
CA SER G 172 7.37 7.07 -18.24
C SER G 172 5.86 7.07 -18.47
N PRO G 173 5.25 5.88 -18.48
CA PRO G 173 3.80 5.79 -18.68
C PRO G 173 2.93 6.34 -17.53
N LYS G 174 2.44 5.46 -16.66
CA LYS G 174 1.58 5.81 -15.53
C LYS G 174 1.41 7.33 -15.31
N VAL G 175 2.49 8.01 -14.99
CA VAL G 175 2.45 9.44 -14.75
C VAL G 175 3.66 10.15 -15.37
N SER G 176 3.40 11.14 -16.21
CA SER G 176 4.47 11.89 -16.86
C SER G 176 4.92 13.06 -16.00
N ASP G 177 6.23 13.31 -16.00
CA ASP G 177 6.80 14.41 -15.21
C ASP G 177 6.74 15.73 -15.99
N THR G 178 5.74 15.86 -16.84
CA THR G 178 5.57 17.07 -17.65
C THR G 178 4.24 16.94 -18.39
N VAL G 179 3.84 17.97 -19.13
CA VAL G 179 2.57 17.91 -19.81
C VAL G 179 2.60 17.74 -21.31
N VAL G 180 3.52 18.40 -21.96
CA VAL G 180 3.63 18.30 -23.41
C VAL G 180 4.45 17.07 -23.75
N GLU G 181 5.12 16.54 -22.74
CA GLU G 181 5.94 15.34 -22.84
C GLU G 181 5.98 14.67 -24.21
N PRO G 182 4.84 14.12 -24.70
CA PRO G 182 4.83 13.47 -26.02
C PRO G 182 5.27 14.37 -27.16
N TYR G 183 5.16 15.68 -26.94
CA TYR G 183 5.58 16.67 -27.92
C TYR G 183 7.09 16.69 -27.92
N ASN G 184 7.67 17.04 -26.77
CA ASN G 184 9.11 17.06 -26.64
C ASN G 184 9.71 15.69 -26.98
N ALA G 185 8.96 14.63 -26.73
CA ALA G 185 9.44 13.27 -26.98
C ALA G 185 9.40 12.87 -28.45
N THR G 186 8.20 12.69 -28.96
CA THR G 186 8.05 12.29 -30.34
C THR G 186 9.05 13.04 -31.22
N LEU G 187 9.24 14.31 -30.90
CA LEU G 187 10.17 15.14 -31.66
C LEU G 187 11.64 14.77 -31.51
N SER G 188 12.01 14.26 -30.36
CA SER G 188 13.40 13.90 -30.15
C SER G 188 13.71 12.49 -30.64
N VAL G 189 12.78 11.55 -30.44
CA VAL G 189 12.97 10.17 -30.90
C VAL G 189 13.24 10.18 -32.40
N HIS G 190 12.49 11.04 -33.07
CA HIS G 190 12.57 11.29 -34.49
C HIS G 190 14.06 11.48 -34.84
N GLN G 191 14.68 12.49 -34.20
CA GLN G 191 16.10 12.85 -34.38
C GLN G 191 17.05 11.70 -34.04
N LEU G 192 16.64 10.89 -33.07
CA LEU G 192 17.42 9.75 -32.62
C LEU G 192 17.49 8.63 -33.67
N VAL G 193 16.31 8.18 -34.12
CA VAL G 193 16.15 7.11 -35.12
C VAL G 193 16.94 7.45 -36.36
N GLU G 194 17.57 8.61 -36.37
CA GLU G 194 18.27 9.03 -37.56
C GLU G 194 19.62 9.70 -37.39
N ASN G 195 20.26 9.44 -36.27
CA ASN G 195 21.58 9.98 -36.01
C ASN G 195 22.34 9.03 -35.10
N THR G 196 22.05 9.00 -33.80
CA THR G 196 22.75 8.06 -32.91
C THR G 196 22.52 6.62 -33.39
N ASP G 197 23.43 5.69 -33.10
CA ASP G 197 23.26 4.31 -33.56
C ASP G 197 23.18 3.25 -32.48
N GLU G 198 22.92 3.70 -31.24
CA GLU G 198 22.79 2.86 -30.05
C GLU G 198 22.10 3.72 -28.99
N THR G 199 20.87 3.36 -28.64
CA THR G 199 20.12 4.12 -27.65
C THR G 199 19.67 3.23 -26.50
N TYR G 200 19.93 3.68 -25.29
CA TYR G 200 19.52 2.93 -24.11
C TYR G 200 18.43 3.72 -23.34
N CYS G 201 17.18 3.34 -23.59
CA CYS G 201 15.99 3.96 -23.00
C CYS G 201 15.65 3.51 -21.59
N ILE G 202 15.66 4.47 -20.68
CA ILE G 202 15.38 4.22 -19.28
C ILE G 202 14.08 4.91 -18.88
N ASP G 203 13.33 4.31 -17.96
CA ASP G 203 12.03 4.83 -17.51
C ASP G 203 11.97 5.07 -16.01
N ASN G 204 11.89 6.34 -15.62
CA ASN G 204 11.84 6.69 -14.22
C ASN G 204 10.93 5.79 -13.37
N GLU G 205 9.90 5.20 -13.96
CA GLU G 205 8.99 4.33 -13.21
C GLU G 205 9.33 2.83 -13.36
N ALA G 206 10.11 2.49 -14.36
CA ALA G 206 10.52 1.12 -14.53
C ALA G 206 11.59 0.95 -13.47
N LEU G 207 12.24 2.07 -13.14
CA LEU G 207 13.30 2.12 -12.14
C LEU G 207 12.68 2.05 -10.77
N TYR G 208 11.77 2.95 -10.46
CA TYR G 208 11.13 2.92 -9.17
C TYR G 208 10.85 1.48 -8.88
N ASP G 209 9.94 0.88 -9.66
CA ASP G 209 9.59 -0.52 -9.49
C ASP G 209 10.83 -1.31 -9.17
N ILE G 210 11.69 -1.47 -10.16
CA ILE G 210 12.93 -2.22 -10.02
C ILE G 210 13.78 -1.74 -8.84
N CYS G 211 13.43 -0.58 -8.30
CA CYS G 211 14.19 0.00 -7.20
C CYS G 211 13.46 -0.05 -5.87
N PHE G 212 12.17 -0.33 -5.90
CA PHE G 212 11.36 -0.40 -4.69
C PHE G 212 10.94 -1.84 -4.38
N ARG G 213 11.12 -2.74 -5.32
CA ARG G 213 10.77 -4.13 -5.08
C ARG G 213 11.97 -5.06 -5.28
N THR G 214 12.98 -4.61 -6.04
CA THR G 214 14.17 -5.40 -6.28
C THR G 214 15.29 -4.88 -5.38
N LEU G 215 14.94 -3.84 -4.64
CA LEU G 215 15.78 -3.17 -3.64
C LEU G 215 14.64 -2.73 -2.75
N LYS G 216 14.44 -3.42 -1.64
CA LYS G 216 13.36 -3.07 -0.74
C LYS G 216 13.35 -1.56 -0.43
N LEU G 217 14.22 -0.82 -1.12
CA LEU G 217 14.33 0.63 -0.96
C LEU G 217 12.96 1.32 -0.92
N THR G 218 12.63 1.91 0.23
CA THR G 218 11.34 2.58 0.43
C THR G 218 11.27 4.05 -0.03
N THR G 219 12.41 4.75 0.04
CA THR G 219 12.45 6.15 -0.41
C THR G 219 13.45 6.33 -1.54
N PRO G 220 13.10 5.85 -2.74
CA PRO G 220 13.97 5.96 -3.89
C PRO G 220 14.06 7.37 -4.45
N THR G 221 14.99 8.15 -3.90
CA THR G 221 15.17 9.51 -4.37
C THR G 221 15.65 9.47 -5.82
N TYR G 222 15.65 10.61 -6.50
CA TYR G 222 16.13 10.63 -7.88
C TYR G 222 17.57 10.15 -7.88
N GLY G 223 18.39 10.76 -7.03
CA GLY G 223 19.79 10.39 -6.95
C GLY G 223 19.96 8.90 -7.16
N ASP G 224 19.06 8.14 -6.55
CA ASP G 224 19.10 6.70 -6.65
C ASP G 224 18.89 6.29 -8.09
N LEU G 225 17.66 6.46 -8.58
CA LEU G 225 17.35 6.09 -9.96
C LEU G 225 18.57 6.35 -10.80
N ASN G 226 18.99 7.62 -10.80
CA ASN G 226 20.15 8.05 -11.56
C ASN G 226 21.30 7.08 -11.31
N HIS G 227 21.59 6.89 -10.03
CA HIS G 227 22.64 6.01 -9.61
C HIS G 227 22.54 4.62 -10.24
N LEU G 228 21.34 4.05 -10.24
CA LEU G 228 21.13 2.72 -10.82
C LEU G 228 21.46 2.74 -12.31
N VAL G 229 20.93 3.74 -12.98
CA VAL G 229 21.14 3.91 -14.43
C VAL G 229 22.65 3.96 -14.72
N SER G 230 23.27 4.93 -14.09
CA SER G 230 24.72 5.18 -14.24
C SER G 230 25.53 3.89 -14.03
N ALA G 231 24.91 2.98 -13.30
CA ALA G 231 25.52 1.68 -12.98
C ALA G 231 25.61 0.81 -14.23
N THR G 232 24.61 0.96 -15.07
CA THR G 232 24.48 0.19 -16.32
C THR G 232 25.39 0.75 -17.42
N MET G 233 25.41 2.06 -17.53
CA MET G 233 26.20 2.73 -18.58
C MET G 233 27.71 2.58 -18.30
N SER G 234 28.01 2.14 -17.09
CA SER G 234 29.42 1.90 -16.68
C SER G 234 29.83 0.49 -17.10
N GLY G 235 28.86 -0.40 -17.01
CA GLY G 235 29.04 -1.81 -17.38
C GLY G 235 29.24 -1.92 -18.89
N VAL G 236 28.49 -1.08 -19.59
CA VAL G 236 28.52 -1.00 -21.05
C VAL G 236 29.92 -0.58 -21.53
N THR G 237 30.08 0.72 -21.62
CA THR G 237 31.32 1.35 -22.07
C THR G 237 32.50 0.95 -21.18
N THR G 238 32.96 1.95 -20.45
CA THR G 238 34.12 1.85 -19.53
C THR G 238 34.54 0.40 -19.28
N CYS G 239 33.57 -0.40 -18.87
CA CYS G 239 33.81 -1.81 -18.60
C CYS G 239 34.59 -2.47 -19.72
N LEU G 240 33.95 -2.61 -20.87
CA LEU G 240 34.59 -3.25 -22.01
C LEU G 240 35.95 -2.68 -22.38
N ARG G 241 36.26 -1.52 -21.82
CA ARG G 241 37.54 -0.91 -22.08
C ARG G 241 38.50 -1.44 -21.03
N PHE G 242 38.17 -2.65 -20.60
CA PHE G 242 38.95 -3.39 -19.61
C PHE G 242 39.29 -4.69 -20.31
N PRO G 243 40.20 -5.49 -19.74
CA PRO G 243 40.57 -6.75 -20.36
C PRO G 243 39.42 -7.72 -20.24
N GLY G 244 39.58 -8.93 -20.77
CA GLY G 244 38.53 -9.93 -20.69
C GLY G 244 38.87 -11.13 -21.55
N GLN G 245 38.35 -12.30 -21.16
CA GLN G 245 38.63 -13.48 -21.94
C GLN G 245 38.08 -13.19 -23.33
N LEU G 246 36.88 -12.60 -23.34
CA LEU G 246 36.21 -12.23 -24.57
C LEU G 246 35.66 -10.82 -24.43
N ASN G 247 36.45 -9.83 -24.81
CA ASN G 247 35.99 -8.48 -24.67
C ASN G 247 35.45 -7.91 -25.97
N ALA G 248 34.57 -6.94 -25.82
CA ALA G 248 33.97 -6.27 -26.95
C ALA G 248 34.16 -4.77 -26.67
N ASP G 249 33.55 -3.93 -27.51
CA ASP G 249 33.65 -2.48 -27.37
C ASP G 249 32.58 -1.86 -28.25
N LEU G 250 31.99 -0.78 -27.77
CA LEU G 250 30.92 -0.08 -28.49
C LEU G 250 30.57 -0.66 -29.84
N ARG G 251 31.54 -0.74 -30.73
CA ARG G 251 31.22 -1.32 -32.02
C ARG G 251 30.73 -2.75 -31.90
N LYS G 252 31.55 -3.67 -31.40
CA LYS G 252 31.11 -5.06 -31.27
C LYS G 252 29.66 -4.97 -30.83
N LEU G 253 29.43 -4.26 -29.73
CA LEU G 253 28.09 -4.06 -29.19
C LEU G 253 27.16 -3.56 -30.27
N ALA G 254 27.65 -2.62 -31.07
CA ALA G 254 26.83 -2.09 -32.13
C ALA G 254 26.73 -3.09 -33.28
N VAL G 255 27.87 -3.58 -33.74
CA VAL G 255 27.88 -4.51 -34.85
C VAL G 255 27.33 -5.89 -34.57
N ASN G 256 26.77 -6.10 -33.38
CA ASN G 256 26.21 -7.41 -33.02
C ASN G 256 24.78 -7.19 -32.60
N MET G 257 24.43 -5.93 -32.40
CA MET G 257 23.11 -5.63 -31.89
C MET G 257 22.15 -4.95 -32.82
N VAL G 258 22.65 -4.38 -33.90
CA VAL G 258 21.75 -3.69 -34.80
C VAL G 258 21.62 -4.40 -36.12
N PRO G 259 20.56 -5.19 -36.29
CA PRO G 259 20.38 -5.90 -37.54
C PRO G 259 19.98 -4.91 -38.62
N PHE G 260 19.16 -3.93 -38.27
CA PHE G 260 18.73 -2.99 -39.30
C PHE G 260 18.85 -1.51 -38.92
N PRO G 261 19.69 -0.77 -39.65
CA PRO G 261 20.06 0.64 -39.59
C PRO G 261 19.22 1.66 -38.85
N ARG G 262 17.96 1.35 -38.53
CA ARG G 262 17.15 2.33 -37.81
C ARG G 262 18.02 2.97 -36.73
N LEU G 263 18.73 2.11 -36.00
CA LEU G 263 19.60 2.47 -34.91
C LEU G 263 19.13 1.58 -33.78
N HIS G 264 17.82 1.43 -33.72
CA HIS G 264 17.23 0.59 -32.71
C HIS G 264 17.64 0.97 -31.30
N PHE G 265 16.69 0.80 -30.40
CA PHE G 265 16.90 1.16 -29.03
C PHE G 265 16.88 -0.11 -28.22
N PHE G 266 17.68 -0.09 -27.16
CA PHE G 266 17.82 -1.23 -26.29
C PHE G 266 17.18 -0.98 -24.96
N MET G 267 17.44 -1.87 -24.01
CA MET G 267 16.88 -1.73 -22.69
C MET G 267 17.90 -2.37 -21.80
N PRO G 268 18.65 -1.55 -21.05
CA PRO G 268 19.69 -2.05 -20.15
C PRO G 268 19.19 -2.69 -18.85
N GLY G 269 19.95 -3.66 -18.36
CA GLY G 269 19.62 -4.37 -17.14
C GLY G 269 20.89 -4.75 -16.42
N PHE G 270 20.95 -4.46 -15.12
CA PHE G 270 22.14 -4.78 -14.34
C PHE G 270 21.98 -6.17 -13.74
N ALA G 271 23.10 -6.76 -13.29
CA ALA G 271 23.05 -8.09 -12.71
C ALA G 271 22.76 -8.18 -11.22
N PRO G 272 23.80 -8.14 -10.38
CA PRO G 272 23.46 -8.25 -8.96
C PRO G 272 22.63 -7.08 -8.51
N LEU G 273 21.32 -7.29 -8.38
CA LEU G 273 20.47 -6.22 -7.93
C LEU G 273 19.74 -6.70 -6.70
N THR G 274 20.49 -6.90 -5.62
CA THR G 274 19.94 -7.38 -4.37
C THR G 274 19.94 -6.30 -3.29
N SER G 275 18.93 -6.30 -2.42
CA SER G 275 18.83 -5.33 -1.33
C SER G 275 20.05 -5.44 -0.44
N ARG G 276 20.43 -4.36 0.22
CA ARG G 276 21.64 -4.37 1.04
C ARG G 276 21.90 -5.55 1.97
N GLY G 277 21.74 -5.34 3.28
CA GLY G 277 21.98 -6.41 4.25
C GLY G 277 21.55 -7.81 3.86
N SER G 278 20.41 -8.23 4.35
CA SER G 278 19.81 -9.55 4.09
C SER G 278 20.12 -10.16 2.75
N GLN G 279 19.30 -9.84 1.76
CA GLN G 279 19.43 -10.36 0.40
C GLN G 279 20.82 -10.80 -0.02
N GLN G 280 21.87 -10.10 0.46
CA GLN G 280 23.29 -10.36 0.19
C GLN G 280 23.48 -11.87 0.28
N TYR G 281 22.77 -12.51 -0.64
CA TYR G 281 22.71 -13.93 -0.78
C TYR G 281 23.88 -14.49 -1.50
N ARG G 282 24.54 -13.66 -2.30
CA ARG G 282 25.71 -14.10 -3.04
C ARG G 282 25.31 -15.12 -4.07
N ALA G 283 24.03 -15.44 -4.19
CA ALA G 283 23.63 -16.39 -5.22
C ALA G 283 23.98 -15.63 -6.48
N LEU G 284 25.26 -15.71 -6.85
CA LEU G 284 25.75 -15.01 -8.02
C LEU G 284 26.68 -15.96 -8.75
N THR G 285 26.52 -17.27 -8.57
CA THR G 285 27.41 -18.23 -9.24
C THR G 285 27.44 -17.86 -10.73
N VAL G 286 26.28 -17.55 -11.31
CA VAL G 286 26.09 -17.14 -12.70
C VAL G 286 24.66 -17.41 -13.13
N PRO G 287 24.17 -18.64 -12.90
CA PRO G 287 22.78 -18.87 -13.32
C PRO G 287 21.94 -17.85 -12.63
N GLU G 288 22.46 -17.27 -11.57
CA GLU G 288 21.72 -16.30 -10.81
C GLU G 288 21.71 -14.97 -11.51
N LEU G 289 22.77 -14.65 -12.24
CA LEU G 289 22.83 -13.40 -12.98
C LEU G 289 21.94 -13.46 -14.22
N THR G 290 21.97 -14.57 -14.94
CA THR G 290 21.13 -14.70 -16.10
C THR G 290 19.70 -14.81 -15.60
N GLN G 291 19.52 -15.40 -14.43
CA GLN G 291 18.18 -15.50 -13.90
C GLN G 291 17.73 -14.04 -13.86
N GLN G 292 18.50 -13.22 -13.16
CA GLN G 292 18.21 -11.81 -13.03
C GLN G 292 17.96 -11.22 -14.41
N MET G 293 19.01 -10.64 -14.98
CA MET G 293 19.01 -10.00 -16.29
C MET G 293 17.85 -10.35 -17.23
N PHE G 294 17.58 -11.63 -17.42
CA PHE G 294 16.53 -12.03 -18.34
C PHE G 294 15.10 -12.09 -17.87
N ASP G 295 14.82 -11.62 -16.66
CA ASP G 295 13.43 -11.64 -16.20
C ASP G 295 12.75 -10.37 -16.71
N ALA G 296 11.44 -10.30 -16.58
CA ALA G 296 10.72 -9.12 -17.01
C ALA G 296 11.23 -8.00 -16.13
N LYS G 297 10.64 -7.85 -14.95
CA LYS G 297 11.11 -6.82 -14.04
C LYS G 297 12.61 -6.93 -14.08
N ASN G 298 13.28 -5.79 -13.94
CA ASN G 298 14.72 -5.70 -13.95
C ASN G 298 15.19 -5.13 -15.27
N MET G 299 14.24 -4.82 -16.16
CA MET G 299 14.55 -4.21 -17.44
C MET G 299 14.26 -2.72 -17.28
N MET G 300 15.29 -1.90 -17.17
CA MET G 300 15.11 -0.48 -16.98
C MET G 300 14.06 0.13 -17.88
N ALA G 301 13.70 -0.58 -18.94
CA ALA G 301 12.68 -0.11 -19.87
C ALA G 301 11.33 -0.24 -19.18
N ALA G 302 10.29 0.29 -19.82
CA ALA G 302 8.96 0.21 -19.23
C ALA G 302 8.35 -1.08 -19.68
N CYS G 303 8.43 -1.32 -20.98
CA CYS G 303 7.86 -2.52 -21.54
C CYS G 303 8.51 -3.77 -20.99
N ASP G 304 7.80 -4.88 -21.14
CA ASP G 304 8.26 -6.16 -20.68
C ASP G 304 8.63 -7.08 -21.85
N PRO G 305 9.89 -7.53 -21.88
CA PRO G 305 10.41 -8.40 -22.92
C PRO G 305 9.43 -9.51 -23.26
N ARG G 306 8.88 -10.11 -22.23
CA ARG G 306 7.93 -11.19 -22.38
C ARG G 306 6.81 -10.82 -23.36
N HIS G 307 6.77 -9.55 -23.75
CA HIS G 307 5.75 -9.05 -24.67
C HIS G 307 6.26 -8.86 -26.10
N GLY G 308 7.37 -9.49 -26.44
CA GLY G 308 7.92 -9.37 -27.77
C GLY G 308 9.32 -9.92 -27.90
N ARG G 309 9.54 -10.68 -28.98
CA ARG G 309 10.84 -11.31 -29.26
C ARG G 309 12.01 -10.35 -29.09
N TYR G 310 13.20 -10.93 -29.19
CA TYR G 310 14.43 -10.16 -29.11
C TYR G 310 15.11 -10.31 -30.47
N LEU G 311 15.99 -9.38 -30.80
CA LEU G 311 16.72 -9.46 -32.04
C LEU G 311 18.12 -9.77 -31.62
N THR G 312 18.56 -9.08 -30.60
CA THR G 312 19.90 -9.26 -30.11
C THR G 312 19.93 -9.04 -28.62
N VAL G 313 20.95 -9.60 -27.99
CA VAL G 313 21.13 -9.46 -26.58
C VAL G 313 22.63 -9.45 -26.35
N ALA G 314 23.06 -8.71 -25.35
CA ALA G 314 24.48 -8.61 -25.07
C ALA G 314 24.72 -8.65 -23.60
N ALA G 315 25.04 -9.82 -23.08
CA ALA G 315 25.30 -9.92 -21.67
C ALA G 315 26.73 -9.53 -21.52
N VAL G 316 26.96 -8.29 -21.13
CA VAL G 316 28.33 -7.83 -20.96
C VAL G 316 28.71 -8.09 -19.47
N PHE G 317 29.17 -9.31 -19.17
CA PHE G 317 29.57 -9.67 -17.82
C PHE G 317 30.92 -9.05 -17.52
N ARG G 318 31.22 -8.87 -16.24
CA ARG G 318 32.50 -8.30 -15.82
C ARG G 318 32.88 -8.79 -14.42
N GLY G 319 33.43 -10.00 -14.36
CA GLY G 319 33.84 -10.61 -13.11
C GLY G 319 34.26 -12.04 -13.46
N ARG G 320 35.42 -12.47 -12.98
CA ARG G 320 35.93 -13.82 -13.28
C ARG G 320 34.92 -14.98 -13.24
N MET G 321 34.71 -15.60 -14.41
CA MET G 321 33.79 -16.72 -14.58
C MET G 321 34.23 -17.62 -15.73
N SER G 322 33.63 -18.80 -15.76
CA SER G 322 33.92 -19.82 -16.77
C SER G 322 33.27 -19.58 -18.10
N MET G 323 34.10 -19.38 -19.12
CA MET G 323 33.63 -19.17 -20.47
C MET G 323 32.74 -20.33 -20.85
N LYS G 324 32.64 -21.28 -19.95
CA LYS G 324 31.82 -22.46 -20.16
C LYS G 324 30.48 -22.23 -19.46
N GLU G 325 30.50 -21.88 -18.17
CA GLU G 325 29.25 -21.67 -17.47
C GLU G 325 28.55 -20.40 -17.94
N VAL G 326 29.24 -19.64 -18.78
CA VAL G 326 28.69 -18.41 -19.35
C VAL G 326 28.13 -18.80 -20.68
N ASP G 327 29.01 -19.23 -21.56
CA ASP G 327 28.60 -19.64 -22.89
C ASP G 327 27.48 -20.66 -22.82
N GLU G 328 27.51 -21.50 -21.80
CA GLU G 328 26.49 -22.53 -21.64
C GLU G 328 25.11 -21.97 -21.25
N GLN G 329 25.05 -21.37 -20.07
CA GLN G 329 23.81 -20.80 -19.56
C GLN G 329 23.06 -20.12 -20.69
N MET G 330 23.70 -19.15 -21.32
CA MET G 330 23.14 -18.38 -22.43
C MET G 330 22.30 -19.25 -23.35
N LEU G 331 22.76 -20.48 -23.57
CA LEU G 331 22.07 -21.41 -24.43
C LEU G 331 20.71 -21.85 -23.91
N ASN G 332 20.71 -22.55 -22.77
CA ASN G 332 19.45 -23.01 -22.19
C ASN G 332 18.50 -21.84 -22.25
N VAL G 333 19.00 -20.67 -21.83
CA VAL G 333 18.19 -19.48 -21.86
C VAL G 333 17.59 -19.29 -23.23
N GLN G 334 18.40 -19.52 -24.26
CA GLN G 334 17.95 -19.36 -25.64
C GLN G 334 16.99 -20.46 -26.08
N ASN G 335 16.93 -21.54 -25.31
CA ASN G 335 16.04 -22.65 -25.65
C ASN G 335 14.79 -22.71 -24.78
N LYS G 336 14.90 -22.30 -23.52
CA LYS G 336 13.75 -22.30 -22.64
C LYS G 336 12.76 -21.25 -23.14
N ASN G 337 13.29 -20.26 -23.84
CA ASN G 337 12.47 -19.16 -24.34
C ASN G 337 12.54 -18.99 -25.84
N SER G 338 12.74 -20.10 -26.56
CA SER G 338 12.80 -20.07 -28.02
C SER G 338 11.64 -19.23 -28.53
N SER G 339 10.52 -19.34 -27.82
CA SER G 339 9.30 -18.62 -28.15
C SER G 339 9.68 -17.18 -28.48
N TYR G 340 10.12 -16.44 -27.47
CA TYR G 340 10.51 -15.06 -27.71
C TYR G 340 12.01 -14.86 -27.69
N PHE G 341 12.56 -14.80 -28.90
CA PHE G 341 13.98 -14.63 -29.09
C PHE G 341 14.28 -14.57 -30.57
N VAL G 342 13.23 -14.46 -31.39
CA VAL G 342 13.33 -14.39 -32.85
C VAL G 342 14.17 -15.57 -33.37
N GLU G 343 13.85 -16.07 -34.55
CA GLU G 343 14.57 -17.23 -35.06
C GLU G 343 15.62 -16.99 -36.13
N TRP G 344 15.35 -16.09 -37.07
CA TRP G 344 16.30 -15.84 -38.14
C TRP G 344 17.68 -15.39 -37.71
N ILE G 345 17.98 -15.58 -36.43
CA ILE G 345 19.29 -15.29 -35.88
C ILE G 345 19.58 -16.50 -35.02
N PRO G 346 20.39 -17.41 -35.54
CA PRO G 346 20.73 -18.62 -34.78
C PRO G 346 21.22 -18.35 -33.35
N ASN G 347 22.05 -17.33 -33.18
CA ASN G 347 22.55 -17.00 -31.85
C ASN G 347 22.36 -15.53 -31.53
N ASN G 348 21.16 -15.17 -31.12
CA ASN G 348 20.81 -13.80 -30.80
C ASN G 348 21.79 -13.21 -29.82
N VAL G 349 22.03 -13.95 -28.76
CA VAL G 349 22.91 -13.52 -27.71
C VAL G 349 24.35 -13.25 -28.10
N LYS G 350 24.89 -12.17 -27.54
CA LYS G 350 26.26 -11.76 -27.76
C LYS G 350 26.90 -11.80 -26.38
N THR G 351 27.56 -12.89 -26.07
CA THR G 351 28.21 -13.03 -24.79
C THR G 351 29.48 -12.21 -24.81
N ALA G 352 29.67 -11.42 -23.77
CA ALA G 352 30.82 -10.58 -23.63
C ALA G 352 31.34 -10.86 -22.26
N VAL G 353 32.66 -10.81 -22.08
CA VAL G 353 33.22 -11.11 -20.75
C VAL G 353 34.47 -10.37 -20.35
N CYS G 354 34.28 -9.39 -19.47
CA CYS G 354 35.38 -8.61 -18.93
C CYS G 354 36.02 -9.48 -17.86
N ASP G 355 36.87 -8.88 -17.05
CA ASP G 355 37.53 -9.61 -15.96
C ASP G 355 37.21 -8.90 -14.66
N ILE G 356 37.84 -7.76 -14.43
CA ILE G 356 37.60 -7.00 -13.21
C ILE G 356 36.13 -6.62 -13.13
N PRO G 357 35.51 -6.84 -11.97
CA PRO G 357 34.09 -6.53 -11.74
C PRO G 357 33.86 -5.15 -11.13
N PRO G 358 32.59 -4.82 -10.84
CA PRO G 358 32.31 -3.52 -10.24
C PRO G 358 33.00 -3.43 -8.89
N ARG G 359 33.98 -2.54 -8.83
CA ARG G 359 34.79 -2.32 -7.63
C ARG G 359 34.48 -3.23 -6.45
N GLY G 360 33.40 -2.95 -5.72
CA GLY G 360 33.08 -3.74 -4.55
C GLY G 360 32.36 -5.08 -4.69
N LEU G 361 32.01 -5.45 -5.91
CA LEU G 361 31.27 -6.69 -6.13
C LEU G 361 32.14 -7.82 -6.68
N LYS G 362 31.64 -9.05 -6.55
CA LYS G 362 32.37 -10.23 -7.03
C LYS G 362 32.05 -10.57 -8.49
N MET G 363 30.80 -10.41 -8.88
CA MET G 363 30.39 -10.73 -10.24
C MET G 363 29.12 -10.01 -10.65
N SER G 364 29.19 -9.33 -11.80
CA SER G 364 28.07 -8.59 -12.38
C SER G 364 28.00 -8.86 -13.87
N ALA G 365 26.98 -8.30 -14.52
CA ALA G 365 26.78 -8.48 -15.97
C ALA G 365 25.70 -7.55 -16.52
N THR G 366 26.14 -6.57 -17.28
CA THR G 366 25.24 -5.62 -17.89
C THR G 366 24.50 -6.31 -19.02
N PHE G 367 23.23 -5.96 -19.17
CA PHE G 367 22.38 -6.54 -20.20
C PHE G 367 21.92 -5.44 -21.12
N ILE G 368 22.09 -5.65 -22.41
CA ILE G 368 21.69 -4.67 -23.39
C ILE G 368 20.81 -5.39 -24.36
N GLY G 369 19.49 -5.32 -24.14
CA GLY G 369 18.58 -6.01 -25.02
C GLY G 369 17.94 -5.22 -26.14
N ASN G 370 17.92 -5.81 -27.32
CA ASN G 370 17.31 -5.17 -28.47
C ASN G 370 16.00 -5.86 -28.79
N SER G 371 15.08 -5.86 -27.84
CA SER G 371 13.83 -6.55 -28.09
C SER G 371 12.78 -5.73 -28.81
N THR G 372 11.95 -6.45 -29.55
CA THR G 372 10.87 -5.91 -30.34
C THR G 372 9.78 -5.42 -29.42
N ALA G 373 9.95 -5.69 -28.14
CA ALA G 373 8.98 -5.25 -27.16
C ALA G 373 8.89 -3.76 -27.07
N ILE G 374 10.00 -3.07 -27.30
CA ILE G 374 10.01 -1.63 -27.19
C ILE G 374 9.10 -1.01 -28.20
N GLN G 375 8.38 -1.84 -28.94
CA GLN G 375 7.42 -1.35 -29.91
C GLN G 375 6.34 -0.72 -29.04
N GLU G 376 5.89 -1.49 -28.06
CA GLU G 376 4.86 -1.04 -27.13
C GLU G 376 5.26 0.11 -26.23
N LEU G 377 6.06 1.03 -26.73
CA LEU G 377 6.42 2.20 -25.93
C LEU G 377 6.35 3.39 -26.82
N PHE G 378 6.89 3.24 -28.02
CA PHE G 378 6.85 4.31 -28.98
C PHE G 378 5.40 4.39 -29.38
N LYS G 379 4.67 3.28 -29.20
CA LYS G 379 3.26 3.25 -29.49
C LYS G 379 2.68 4.26 -28.51
N ARG G 380 2.89 3.96 -27.23
CA ARG G 380 2.44 4.80 -26.15
C ARG G 380 2.66 6.25 -26.53
N ILE G 381 3.93 6.64 -26.53
CA ILE G 381 4.31 7.99 -26.87
C ILE G 381 3.49 8.48 -28.05
N SER G 382 3.64 7.79 -29.18
CA SER G 382 2.93 8.17 -30.40
C SER G 382 1.45 8.37 -30.16
N GLU G 383 0.83 7.55 -29.31
CA GLU G 383 -0.58 7.73 -29.01
C GLU G 383 -0.79 9.11 -28.38
N GLN G 384 -0.21 9.31 -27.19
CA GLN G 384 -0.33 10.56 -26.46
C GLN G 384 -0.25 11.77 -27.38
N PHE G 385 0.62 11.70 -28.37
CA PHE G 385 0.78 12.78 -29.33
C PHE G 385 -0.56 13.03 -29.99
N THR G 386 -0.90 12.18 -30.94
CA THR G 386 -2.16 12.26 -31.66
C THR G 386 -3.36 12.72 -30.82
N ALA G 387 -3.58 12.08 -29.68
CA ALA G 387 -4.71 12.42 -28.80
C ALA G 387 -4.71 13.90 -28.46
N MET G 388 -3.52 14.50 -28.45
CA MET G 388 -3.39 15.92 -28.14
C MET G 388 -3.03 16.76 -29.34
N PHE G 389 -2.36 16.14 -30.28
CA PHE G 389 -2.02 16.87 -31.46
C PHE G 389 -3.35 17.20 -32.08
N ARG G 390 -4.17 16.19 -32.28
CA ARG G 390 -5.48 16.40 -32.88
C ARG G 390 -6.07 17.76 -32.51
N ARG G 391 -5.92 18.17 -31.26
CA ARG G 391 -6.48 19.45 -30.82
C ARG G 391 -5.43 20.55 -30.72
N LYS G 392 -4.21 20.26 -31.20
CA LYS G 392 -3.11 21.22 -31.19
C LYS G 392 -2.84 21.79 -29.82
N ALA G 393 -3.21 21.02 -28.80
CA ALA G 393 -3.08 21.38 -27.39
C ALA G 393 -2.13 22.51 -27.13
N PHE G 394 -0.96 22.22 -26.56
CA PHE G 394 -0.02 23.31 -26.29
C PHE G 394 0.89 23.49 -27.48
N LEU G 395 0.30 23.67 -28.64
CA LEU G 395 1.08 23.82 -29.83
C LEU G 395 1.56 25.25 -30.03
N HIS G 396 0.80 26.22 -29.58
CA HIS G 396 1.21 27.61 -29.78
C HIS G 396 2.57 27.94 -29.17
N TRP G 397 2.99 27.16 -28.18
CA TRP G 397 4.28 27.37 -27.53
C TRP G 397 5.40 26.87 -28.42
N TYR G 398 5.04 26.11 -29.45
CA TYR G 398 6.03 25.59 -30.36
C TYR G 398 6.07 26.52 -31.55
N THR G 399 4.97 26.56 -32.30
CA THR G 399 4.87 27.42 -33.47
C THR G 399 5.31 28.84 -33.14
N GLY G 400 4.73 29.40 -32.08
CA GLY G 400 5.08 30.76 -31.66
C GLY G 400 6.58 30.93 -31.45
N GLU G 401 7.29 29.80 -31.52
CA GLU G 401 8.73 29.81 -31.35
C GLU G 401 9.38 29.52 -32.69
N GLY G 402 8.63 29.70 -33.76
CA GLY G 402 9.18 29.43 -35.06
C GLY G 402 9.30 27.93 -35.23
N MET G 403 8.17 27.30 -35.50
CA MET G 403 8.11 25.86 -35.71
C MET G 403 7.23 25.66 -36.94
N ASP G 404 6.82 24.43 -37.18
CA ASP G 404 5.99 24.14 -38.35
C ASP G 404 4.90 23.12 -37.98
N GLU G 405 3.74 23.25 -38.62
CA GLU G 405 2.63 22.33 -38.38
C GLU G 405 2.93 21.02 -39.08
N MET G 406 3.92 21.06 -39.96
CA MET G 406 4.35 19.89 -40.72
C MET G 406 5.52 19.20 -40.01
N GLU G 407 6.14 19.92 -39.07
CA GLU G 407 7.26 19.39 -38.30
C GLU G 407 6.77 18.29 -37.36
N PHE G 408 5.71 18.60 -36.63
CA PHE G 408 5.12 17.64 -35.72
C PHE G 408 4.61 16.45 -36.51
N THR G 409 4.00 16.74 -37.65
CA THR G 409 3.47 15.67 -38.49
C THR G 409 4.61 14.71 -38.78
N GLU G 410 5.67 15.28 -39.31
CA GLU G 410 6.87 14.57 -39.66
C GLU G 410 7.30 13.57 -38.59
N ALA G 411 7.74 14.10 -37.46
CA ALA G 411 8.19 13.29 -36.35
C ALA G 411 7.25 12.14 -36.02
N GLU G 412 6.03 12.46 -35.63
CA GLU G 412 5.10 11.40 -35.29
C GLU G 412 5.17 10.29 -36.30
N SER G 413 4.85 10.62 -37.55
CA SER G 413 4.88 9.64 -38.63
C SER G 413 6.16 8.84 -38.50
N ASN G 414 7.28 9.49 -38.77
CA ASN G 414 8.59 8.86 -38.67
C ASN G 414 8.62 7.90 -37.51
N MET G 415 8.67 8.45 -36.30
CA MET G 415 8.71 7.63 -35.11
C MET G 415 7.56 6.63 -35.08
N ASN G 416 6.44 7.00 -35.70
CA ASN G 416 5.27 6.13 -35.74
C ASN G 416 5.53 4.93 -36.65
N ASP G 417 6.20 5.18 -37.77
CA ASP G 417 6.56 4.14 -38.72
C ASP G 417 7.55 3.23 -38.00
N LEU G 418 8.43 3.85 -37.24
CA LEU G 418 9.46 3.16 -36.48
C LEU G 418 8.85 2.03 -35.64
N VAL G 419 7.61 2.23 -35.23
CA VAL G 419 6.87 1.23 -34.45
C VAL G 419 6.55 0.08 -35.39
N SER G 420 6.00 0.46 -36.53
CA SER G 420 5.65 -0.47 -37.58
C SER G 420 6.76 -1.50 -37.79
N GLU G 421 7.84 -0.99 -38.37
CA GLU G 421 9.03 -1.78 -38.71
C GLU G 421 9.35 -2.84 -37.64
N TYR G 422 9.56 -2.34 -36.43
CA TYR G 422 9.95 -3.17 -35.28
C TYR G 422 9.06 -4.42 -35.15
N GLN G 423 7.86 -4.33 -35.67
CA GLN G 423 6.91 -5.45 -35.61
C GLN G 423 7.21 -6.46 -36.71
N GLN G 424 7.84 -5.96 -37.76
CA GLN G 424 8.22 -6.75 -38.93
C GLN G 424 9.11 -7.93 -38.57
N TYR G 425 9.57 -7.92 -37.33
CA TYR G 425 10.48 -8.96 -36.84
C TYR G 425 9.83 -9.77 -35.72
N GLN G 426 8.97 -9.13 -34.97
CA GLN G 426 8.20 -9.81 -33.92
C GLN G 426 7.38 -10.89 -34.62
N ASP G 427 7.32 -10.80 -35.95
CA ASP G 427 6.60 -11.74 -36.80
C ASP G 427 7.51 -12.33 -37.88
CA ARG H 2 65.61 -26.74 -40.19
C ARG H 2 64.63 -26.18 -39.15
N GLU H 3 64.54 -24.85 -39.06
CA GLU H 3 63.65 -24.23 -38.09
C GLU H 3 62.24 -24.05 -38.62
N CYS H 4 61.40 -23.44 -37.79
CA CYS H 4 60.01 -23.17 -38.11
C CYS H 4 59.53 -21.98 -37.29
N ILE H 5 59.46 -20.81 -37.90
CA ILE H 5 58.99 -19.63 -37.18
C ILE H 5 57.54 -19.85 -36.78
N SER H 6 57.02 -18.97 -35.93
CA SER H 6 55.65 -19.07 -35.49
C SER H 6 55.06 -17.68 -35.27
N ILE H 7 53.85 -17.50 -35.77
CA ILE H 7 53.16 -16.23 -35.65
C ILE H 7 51.85 -16.42 -34.92
N HIS H 8 51.84 -16.05 -33.65
CA HIS H 8 50.65 -16.18 -32.82
C HIS H 8 49.77 -14.96 -33.03
N VAL H 9 48.67 -15.15 -33.76
CA VAL H 9 47.77 -14.04 -34.05
C VAL H 9 46.42 -14.11 -33.33
N GLY H 10 46.00 -12.97 -32.80
CA GLY H 10 44.74 -12.86 -32.08
C GLY H 10 44.96 -13.08 -30.60
N GLN H 11 44.22 -12.39 -29.74
CA GLN H 11 44.40 -12.57 -28.31
C GLN H 11 44.57 -14.05 -28.03
N ALA H 12 43.59 -14.84 -28.42
CA ALA H 12 43.65 -16.28 -28.18
C ALA H 12 44.96 -16.90 -28.64
N GLY H 13 45.23 -16.78 -29.94
CA GLY H 13 46.45 -17.34 -30.51
C GLY H 13 47.67 -16.89 -29.73
N VAL H 14 47.49 -15.83 -28.94
CA VAL H 14 48.54 -15.27 -28.13
C VAL H 14 48.53 -15.90 -26.72
N GLN H 15 47.35 -16.20 -26.21
CA GLN H 15 47.20 -16.83 -24.89
C GLN H 15 47.73 -18.25 -25.02
N ILE H 16 47.27 -18.91 -26.07
CA ILE H 16 47.69 -20.26 -26.40
C ILE H 16 49.20 -20.17 -26.64
N GLY H 17 49.61 -19.07 -27.27
CA GLY H 17 51.00 -18.86 -27.56
C GLY H 17 51.82 -18.80 -26.31
N ASN H 18 51.42 -17.96 -25.37
CA ASN H 18 52.14 -17.83 -24.11
C ASN H 18 52.26 -19.21 -23.48
N ALA H 19 51.23 -20.02 -23.66
CA ALA H 19 51.17 -21.38 -23.08
C ALA H 19 52.13 -22.34 -23.75
N CYS H 20 51.97 -22.51 -25.06
CA CYS H 20 52.83 -23.39 -25.84
C CYS H 20 54.25 -22.90 -25.64
N TRP H 21 54.39 -21.58 -25.54
CA TRP H 21 55.71 -21.03 -25.36
C TRP H 21 56.26 -21.32 -23.99
N GLU H 22 55.36 -21.52 -23.04
CA GLU H 22 55.76 -21.84 -21.69
C GLU H 22 56.30 -23.26 -21.67
N LEU H 23 55.42 -24.21 -21.98
CA LEU H 23 55.80 -25.61 -21.98
C LEU H 23 57.20 -25.76 -22.55
N TYR H 24 57.50 -24.96 -23.58
CA TYR H 24 58.81 -25.04 -24.21
C TYR H 24 60.02 -24.96 -23.28
N CYS H 25 60.36 -23.76 -22.87
CA CYS H 25 61.51 -23.58 -22.00
C CYS H 25 61.47 -24.59 -20.87
N LEU H 26 60.26 -24.85 -20.39
CA LEU H 26 60.03 -25.79 -19.29
C LEU H 26 60.68 -27.17 -19.51
N GLU H 27 60.75 -27.60 -20.77
CA GLU H 27 61.33 -28.89 -21.11
C GLU H 27 62.64 -28.71 -21.86
N HIS H 28 63.23 -27.53 -21.73
CA HIS H 28 64.50 -27.23 -22.39
C HIS H 28 65.47 -26.55 -21.42
N GLY H 29 65.08 -26.52 -20.16
CA GLY H 29 65.91 -25.93 -19.11
C GLY H 29 66.33 -24.48 -19.30
N ILE H 30 65.46 -23.68 -19.92
CA ILE H 30 65.75 -22.28 -20.16
C ILE H 30 64.82 -21.37 -19.37
N GLN H 31 65.20 -21.08 -18.13
CA GLN H 31 64.39 -20.23 -17.27
C GLN H 31 63.78 -19.07 -18.05
N PRO H 32 62.78 -18.42 -17.46
CA PRO H 32 62.11 -17.29 -18.10
C PRO H 32 63.09 -16.19 -18.47
N ASP H 33 64.27 -16.20 -17.86
CA ASP H 33 65.29 -15.20 -18.13
C ASP H 33 66.02 -15.42 -19.47
N GLY H 34 65.56 -16.39 -20.23
CA GLY H 34 66.15 -16.74 -21.51
C GLY H 34 67.31 -17.71 -21.40
N GLN H 35 68.06 -17.66 -20.28
CA GLN H 35 69.28 -18.46 -20.11
C GLN H 35 68.94 -19.88 -19.68
N MET H 36 69.62 -20.85 -20.28
CA MET H 36 69.62 -22.25 -19.82
C MET H 36 71.05 -22.57 -19.37
N PRO H 37 71.22 -23.48 -18.41
CA PRO H 37 72.54 -24.06 -18.08
C PRO H 37 72.78 -25.49 -18.58
N ASP H 47 73.13 -27.82 -32.42
CA ASP H 47 71.80 -27.22 -32.59
C ASP H 47 70.65 -27.85 -31.72
N SER H 48 70.23 -29.09 -32.04
CA SER H 48 69.09 -29.80 -31.42
C SER H 48 67.72 -29.09 -31.61
N PHE H 49 67.52 -28.03 -30.81
CA PHE H 49 66.26 -27.30 -30.64
C PHE H 49 66.30 -25.90 -31.22
N ASN H 50 67.44 -25.61 -31.85
CA ASN H 50 67.67 -24.35 -32.55
C ASN H 50 66.62 -24.02 -33.61
N THR H 51 65.80 -25.00 -33.96
CA THR H 51 64.76 -24.79 -34.97
C THR H 51 63.55 -24.09 -34.37
N PHE H 52 63.75 -23.44 -33.23
CA PHE H 52 62.67 -22.72 -32.56
C PHE H 52 63.22 -21.66 -31.61
N PHE H 53 64.54 -21.62 -31.48
CA PHE H 53 65.19 -20.66 -30.59
C PHE H 53 66.54 -20.22 -31.16
N SER H 54 66.74 -18.90 -31.22
CA SER H 54 68.00 -18.34 -31.74
C SER H 54 68.93 -17.93 -30.60
N GLU H 55 70.20 -18.37 -30.67
CA GLU H 55 71.13 -18.18 -29.57
C GLU H 55 71.73 -16.74 -29.49
N THR H 56 70.84 -15.75 -29.56
CA THR H 56 71.21 -14.32 -29.53
C THR H 56 71.98 -13.89 -28.27
N GLY H 57 72.92 -12.97 -28.48
CA GLY H 57 73.87 -12.59 -27.45
C GLY H 57 74.69 -13.80 -27.06
N ALA H 58 75.38 -13.69 -25.94
CA ALA H 58 76.11 -14.84 -25.42
C ALA H 58 75.66 -15.18 -24.00
N GLY H 59 74.35 -15.39 -23.85
CA GLY H 59 73.77 -15.86 -22.61
C GLY H 59 72.32 -16.32 -22.72
N LYS H 60 71.58 -15.77 -23.67
CA LYS H 60 70.13 -16.02 -23.74
C LYS H 60 69.67 -16.84 -24.94
N HIS H 61 68.35 -16.90 -25.13
CA HIS H 61 67.75 -17.68 -26.22
C HIS H 61 66.45 -17.06 -26.73
N VAL H 62 66.50 -15.78 -27.08
CA VAL H 62 65.37 -15.06 -27.65
C VAL H 62 64.47 -15.99 -28.45
N PRO H 63 63.16 -15.87 -28.23
CA PRO H 63 62.19 -16.71 -28.93
C PRO H 63 62.46 -16.76 -30.44
N ARG H 64 61.59 -17.43 -31.18
CA ARG H 64 61.76 -17.55 -32.63
C ARG H 64 60.38 -17.39 -33.22
N ALA H 65 59.64 -16.40 -32.73
CA ALA H 65 58.28 -16.15 -33.19
C ALA H 65 57.87 -14.71 -33.02
N VAL H 66 56.60 -14.44 -33.29
CA VAL H 66 56.09 -13.09 -33.12
C VAL H 66 54.68 -13.10 -32.56
N PHE H 67 54.21 -11.93 -32.12
CA PHE H 67 52.89 -11.80 -31.54
C PHE H 67 52.09 -10.62 -32.11
N VAL H 68 50.96 -10.92 -32.75
CA VAL H 68 50.13 -9.90 -33.37
C VAL H 68 48.73 -9.76 -32.77
N ASP H 69 48.31 -8.47 -31.81
CA ASP H 69 46.92 -8.28 -31.38
C ASP H 69 46.61 -6.81 -31.55
N LEU H 70 45.38 -6.50 -31.91
CA LEU H 70 45.03 -5.11 -32.13
C LEU H 70 44.63 -4.31 -30.84
N GLU H 71 44.22 -5.02 -29.78
CA GLU H 71 44.14 -4.45 -28.42
C GLU H 71 45.41 -4.82 -27.63
N PRO H 72 45.94 -3.89 -26.87
CA PRO H 72 47.18 -4.13 -26.12
C PRO H 72 47.00 -5.10 -24.97
N THR H 73 45.89 -5.01 -24.24
CA THR H 73 45.55 -5.86 -23.08
C THR H 73 46.30 -7.17 -22.92
N VAL H 74 46.26 -7.99 -23.98
CA VAL H 74 46.69 -9.39 -23.93
C VAL H 74 48.18 -9.61 -24.12
N ILE H 75 48.77 -8.88 -25.07
CA ILE H 75 50.20 -8.87 -25.27
C ILE H 75 50.87 -8.12 -24.13
N ASP H 76 50.18 -7.15 -23.58
CA ASP H 76 50.64 -6.44 -22.42
C ASP H 76 50.96 -7.37 -21.25
N GLU H 77 49.98 -8.24 -20.92
CA GLU H 77 50.14 -9.18 -19.83
C GLU H 77 51.40 -10.07 -19.96
N VAL H 78 51.79 -10.43 -21.20
CA VAL H 78 53.05 -11.15 -21.48
C VAL H 78 54.24 -10.38 -20.99
N ARG H 79 54.29 -9.08 -21.28
CA ARG H 79 55.37 -8.22 -20.80
C ARG H 79 55.15 -7.72 -19.38
N THR H 80 54.42 -8.48 -18.57
CA THR H 80 54.35 -8.28 -17.11
C THR H 80 54.87 -9.52 -16.34
N GLY H 81 54.35 -10.69 -16.72
CA GLY H 81 54.60 -11.93 -16.02
C GLY H 81 55.78 -12.69 -16.56
N THR H 82 56.68 -13.08 -15.65
CA THR H 82 57.95 -13.76 -15.96
C THR H 82 57.77 -14.58 -17.22
N TYR H 83 58.73 -14.39 -18.12
CA TYR H 83 58.62 -14.65 -19.56
C TYR H 83 58.72 -13.26 -20.16
N ARG H 84 58.36 -12.27 -19.36
CA ARG H 84 58.59 -10.89 -19.72
C ARG H 84 60.01 -10.76 -20.24
N GLN H 85 60.91 -11.52 -19.65
CA GLN H 85 62.31 -11.49 -20.02
C GLN H 85 62.63 -12.31 -21.27
N LEU H 86 61.67 -13.13 -21.72
CA LEU H 86 61.95 -14.17 -22.71
C LEU H 86 62.00 -13.68 -24.13
N PHE H 87 60.99 -12.95 -24.54
CA PHE H 87 60.94 -12.43 -25.89
C PHE H 87 61.71 -11.14 -26.00
N HIS H 88 61.92 -10.66 -27.22
CA HIS H 88 62.50 -9.34 -27.46
C HIS H 88 61.42 -8.26 -27.42
N PRO H 89 61.70 -7.15 -26.75
CA PRO H 89 60.69 -6.12 -26.59
C PRO H 89 60.08 -5.90 -27.94
N GLU H 90 60.86 -6.09 -29.01
CA GLU H 90 60.33 -5.85 -30.33
C GLU H 90 59.27 -6.84 -30.76
N GLN H 91 59.52 -8.13 -30.65
CA GLN H 91 58.70 -9.11 -31.35
C GLN H 91 57.20 -9.18 -30.99
N LEU H 92 56.77 -8.42 -29.98
CA LEU H 92 55.35 -8.38 -29.57
C LEU H 92 54.65 -7.10 -30.00
N ILE H 93 54.03 -7.33 -31.87
CA ILE H 93 53.32 -6.32 -32.64
C ILE H 93 51.92 -6.04 -32.06
N THR H 94 51.58 -4.76 -31.99
CA THR H 94 50.29 -4.32 -31.48
C THR H 94 49.78 -3.12 -32.26
N GLY H 95 48.46 -3.00 -32.31
CA GLY H 95 47.82 -1.88 -32.99
C GLY H 95 46.86 -1.26 -32.00
N LYS H 96 47.39 -0.42 -31.11
CA LYS H 96 46.62 0.27 -30.07
C LYS H 96 45.17 0.49 -30.44
N GLU H 97 44.93 0.59 -31.74
CA GLU H 97 43.61 0.83 -32.27
C GLU H 97 42.53 -0.10 -31.74
N ASP H 98 41.75 -0.65 -32.66
CA ASP H 98 40.65 -1.50 -32.24
C ASP H 98 40.66 -2.90 -32.84
N ALA H 99 40.32 -3.88 -32.01
CA ALA H 99 40.28 -5.27 -32.42
C ALA H 99 39.11 -5.54 -33.39
N ALA H 100 37.89 -5.45 -32.84
CA ALA H 100 36.66 -5.66 -33.60
C ALA H 100 36.42 -7.10 -33.92
N ASN H 101 35.39 -7.68 -33.33
CA ASN H 101 35.16 -9.09 -33.58
C ASN H 101 34.59 -9.34 -34.95
N ASN H 102 35.17 -8.66 -35.93
CA ASN H 102 34.73 -8.84 -37.29
C ASN H 102 35.87 -8.91 -38.28
N TYR H 103 35.84 -10.01 -39.03
CA TYR H 103 36.79 -10.33 -40.08
C TYR H 103 37.17 -9.06 -40.83
N ALA H 104 36.29 -8.65 -41.74
CA ALA H 104 36.49 -7.44 -42.55
C ALA H 104 37.46 -6.43 -41.98
N ARG H 105 37.03 -5.79 -40.90
CA ARG H 105 37.82 -4.79 -40.22
C ARG H 105 39.22 -5.28 -39.94
N GLY H 106 39.32 -6.48 -39.37
CA GLY H 106 40.64 -7.00 -39.07
C GLY H 106 41.48 -7.35 -40.29
N HIS H 107 40.83 -7.85 -41.34
CA HIS H 107 41.56 -8.22 -42.55
C HIS H 107 41.83 -6.96 -43.34
N TYR H 108 40.77 -6.38 -43.89
CA TYR H 108 40.84 -5.16 -44.70
C TYR H 108 41.17 -3.94 -43.85
N THR H 109 40.24 -2.99 -43.80
CA THR H 109 40.37 -1.75 -43.04
C THR H 109 41.50 -1.67 -42.03
N ILE H 110 41.27 -1.99 -40.78
CA ILE H 110 42.32 -1.86 -39.80
C ILE H 110 43.48 -2.81 -39.97
N GLY H 111 43.26 -4.09 -39.69
CA GLY H 111 44.33 -5.07 -39.81
C GLY H 111 45.38 -4.79 -40.87
N LYS H 112 44.98 -4.14 -41.96
CA LYS H 112 45.89 -3.81 -43.06
C LYS H 112 47.10 -3.00 -42.58
N GLU H 113 46.82 -1.85 -41.99
CA GLU H 113 47.86 -0.97 -41.49
C GLU H 113 49.06 -1.63 -40.83
N ILE H 114 48.79 -2.68 -40.06
CA ILE H 114 49.83 -3.38 -39.31
C ILE H 114 50.63 -4.41 -40.12
N ILE H 115 49.93 -5.16 -40.95
CA ILE H 115 50.51 -6.23 -41.75
C ILE H 115 51.94 -6.00 -42.21
N ASP H 116 52.19 -4.92 -42.95
CA ASP H 116 53.54 -4.61 -43.41
C ASP H 116 54.47 -4.93 -42.25
N LEU H 117 54.41 -4.06 -41.25
CA LEU H 117 55.19 -4.18 -40.05
C LEU H 117 55.25 -5.62 -39.58
N VAL H 118 54.09 -6.28 -39.51
CA VAL H 118 54.04 -7.67 -39.09
C VAL H 118 55.01 -8.46 -39.94
N LEU H 119 54.73 -8.49 -41.24
CA LEU H 119 55.57 -9.19 -42.20
C LEU H 119 57.04 -8.93 -41.91
N ASP H 120 57.39 -7.65 -41.90
CA ASP H 120 58.77 -7.25 -41.66
C ASP H 120 59.48 -8.14 -40.64
N ARG H 121 58.81 -8.50 -39.55
CA ARG H 121 59.44 -9.36 -38.56
C ARG H 121 59.59 -10.78 -39.07
N ILE H 122 58.57 -11.29 -39.75
CA ILE H 122 58.62 -12.65 -40.26
C ILE H 122 59.48 -12.71 -41.52
N ARG H 123 60.18 -11.61 -41.78
CA ARG H 123 61.10 -11.50 -42.92
C ARG H 123 62.46 -11.11 -42.32
N LYS H 124 62.40 -10.52 -41.13
CA LYS H 124 63.58 -10.10 -40.39
C LYS H 124 64.02 -11.26 -39.51
N LEU H 125 63.04 -12.03 -39.05
CA LEU H 125 63.27 -13.20 -38.19
C LEU H 125 63.51 -14.42 -39.10
N ALA H 126 63.01 -14.32 -40.33
CA ALA H 126 63.14 -15.41 -41.30
C ALA H 126 64.50 -15.39 -41.97
N ASP H 127 65.16 -14.24 -41.91
CA ASP H 127 66.47 -14.06 -42.51
C ASP H 127 67.57 -14.52 -41.57
N GLN H 128 67.55 -13.96 -40.37
CA GLN H 128 68.52 -14.27 -39.33
C GLN H 128 68.88 -15.75 -39.19
N CYS H 129 67.89 -16.63 -39.39
CA CYS H 129 68.09 -18.08 -39.25
C CYS H 129 69.00 -18.76 -40.30
N THR H 130 68.91 -20.09 -40.37
CA THR H 130 69.70 -20.90 -41.30
C THR H 130 68.78 -21.93 -41.96
N GLY H 131 68.51 -21.76 -43.25
CA GLY H 131 67.63 -22.68 -43.96
C GLY H 131 66.47 -23.14 -43.08
N LEU H 132 65.39 -22.37 -43.05
CA LEU H 132 64.20 -22.70 -42.26
C LEU H 132 63.29 -23.65 -43.01
N GLN H 133 62.18 -24.03 -42.38
CA GLN H 133 61.23 -24.95 -42.99
C GLN H 133 59.82 -24.36 -43.10
N GLY H 134 59.51 -23.38 -42.27
CA GLY H 134 58.19 -22.79 -42.33
C GLY H 134 57.79 -22.01 -41.09
N PHE H 135 56.54 -21.58 -41.07
CA PHE H 135 55.98 -20.79 -39.95
C PHE H 135 54.77 -21.44 -39.30
N SER H 136 54.92 -21.86 -38.05
CA SER H 136 53.80 -22.44 -37.34
C SER H 136 52.96 -21.23 -36.91
N VAL H 137 51.82 -21.05 -37.55
CA VAL H 137 50.90 -19.95 -37.28
C VAL H 137 49.87 -20.30 -36.20
N PHE H 138 49.61 -19.41 -35.25
CA PHE H 138 48.63 -19.70 -34.19
C PHE H 138 47.49 -18.69 -34.18
N HIS H 139 46.32 -19.09 -34.65
CA HIS H 139 45.17 -18.18 -34.67
C HIS H 139 43.88 -18.84 -34.20
N SER H 140 42.90 -18.01 -33.89
CA SER H 140 41.60 -18.47 -33.40
C SER H 140 40.42 -18.26 -34.33
N PHE H 141 40.46 -18.95 -35.46
CA PHE H 141 39.39 -18.90 -36.45
C PHE H 141 38.31 -17.84 -36.30
N GLY H 142 37.48 -17.95 -35.28
CA GLY H 142 36.38 -17.00 -35.10
C GLY H 142 36.62 -15.74 -34.29
N GLY H 143 37.58 -14.93 -34.71
CA GLY H 143 37.86 -13.70 -34.00
C GLY H 143 37.98 -12.58 -35.01
N GLY H 144 38.46 -11.43 -34.57
CA GLY H 144 38.63 -10.31 -35.48
C GLY H 144 40.07 -10.29 -35.94
N THR H 145 40.99 -10.18 -34.97
CA THR H 145 42.40 -10.14 -35.27
C THR H 145 42.89 -11.53 -35.65
N GLY H 146 42.17 -12.55 -35.20
CA GLY H 146 42.59 -13.90 -35.50
C GLY H 146 42.15 -14.46 -36.84
N SER H 147 40.93 -14.14 -37.24
CA SER H 147 40.40 -14.62 -38.50
C SER H 147 40.91 -13.72 -39.61
N GLY H 148 40.40 -12.49 -39.63
CA GLY H 148 40.77 -11.52 -40.63
C GLY H 148 42.26 -11.40 -40.82
N PHE H 149 42.90 -10.58 -40.00
CA PHE H 149 44.34 -10.37 -40.11
C PHE H 149 45.10 -11.53 -40.73
N THR H 150 45.28 -12.60 -39.96
CA THR H 150 46.01 -13.76 -40.45
C THR H 150 45.65 -14.02 -41.88
N SER H 151 44.36 -14.08 -42.14
CA SER H 151 43.89 -14.31 -43.49
C SER H 151 44.86 -13.68 -44.48
N LEU H 152 45.19 -12.40 -44.27
CA LEU H 152 46.11 -11.77 -45.19
C LEU H 152 47.57 -11.97 -44.82
N LEU H 153 47.84 -12.36 -43.58
CA LEU H 153 49.21 -12.62 -43.16
C LEU H 153 49.67 -13.88 -43.88
N MET H 154 48.92 -14.96 -43.69
CA MET H 154 49.22 -16.21 -44.36
C MET H 154 49.16 -15.92 -45.84
N GLU H 155 48.27 -15.00 -46.19
CA GLU H 155 48.07 -14.62 -47.58
C GLU H 155 49.38 -14.09 -48.11
N ARG H 156 49.90 -13.05 -47.49
CA ARG H 156 51.17 -12.45 -47.92
C ARG H 156 52.39 -13.39 -47.79
N LEU H 157 52.25 -14.49 -47.06
CA LEU H 157 53.34 -15.47 -46.89
C LEU H 157 53.39 -16.42 -48.08
N SER H 158 52.25 -17.02 -48.39
CA SER H 158 52.17 -17.95 -49.51
C SER H 158 52.80 -17.40 -50.77
N VAL H 159 52.98 -16.08 -50.82
CA VAL H 159 53.58 -15.46 -52.01
C VAL H 159 55.04 -15.13 -51.77
N ASP H 160 55.36 -14.71 -50.56
CA ASP H 160 56.73 -14.34 -50.23
C ASP H 160 57.62 -15.54 -49.95
N TYR H 161 57.01 -16.67 -49.63
CA TYR H 161 57.79 -17.87 -49.37
C TYR H 161 57.02 -19.10 -49.82
N GLY H 162 56.41 -19.05 -51.00
CA GLY H 162 55.66 -20.21 -51.46
C GLY H 162 56.44 -21.50 -51.27
N LYS H 163 57.77 -21.34 -51.27
CA LYS H 163 58.71 -22.45 -51.15
C LYS H 163 58.97 -22.91 -49.72
N LYS H 164 57.92 -23.06 -48.92
CA LYS H 164 58.07 -23.52 -47.54
C LYS H 164 56.81 -24.17 -47.00
N SER H 165 56.80 -24.41 -45.71
CA SER H 165 55.65 -25.01 -45.06
C SER H 165 54.82 -23.96 -44.34
N LYS H 166 53.51 -24.09 -44.48
CA LYS H 166 52.57 -23.18 -43.85
C LYS H 166 51.56 -24.01 -43.05
N LEU H 167 51.98 -24.44 -41.88
CA LEU H 167 51.11 -25.21 -41.04
C LEU H 167 50.49 -24.25 -40.04
N GLU H 168 49.19 -24.03 -40.17
CA GLU H 168 48.52 -23.13 -39.26
C GLU H 168 47.74 -23.92 -38.23
N PHE H 169 48.06 -23.65 -36.98
CA PHE H 169 47.42 -24.30 -35.86
C PHE H 169 46.22 -23.49 -35.37
N SER H 170 45.03 -23.92 -35.76
CA SER H 170 43.79 -23.21 -35.41
C SER H 170 42.98 -23.78 -34.24
N ILE H 171 42.10 -22.94 -33.70
CA ILE H 171 41.20 -23.27 -32.60
C ILE H 171 39.85 -22.89 -33.16
N TYR H 172 39.32 -23.75 -34.00
CA TYR H 172 38.06 -23.51 -34.65
C TYR H 172 36.84 -23.64 -33.73
N PRO H 173 35.82 -22.77 -33.95
CA PRO H 173 34.51 -22.57 -33.30
C PRO H 173 33.90 -23.74 -32.55
N ALA H 174 33.65 -23.55 -31.25
CA ALA H 174 33.03 -24.58 -30.42
C ALA H 174 31.70 -24.91 -31.08
N PRO H 175 31.44 -26.20 -31.29
CA PRO H 175 30.21 -26.71 -31.93
C PRO H 175 28.87 -26.17 -31.42
N GLN H 176 28.79 -25.76 -30.16
CA GLN H 176 27.55 -25.24 -29.60
C GLN H 176 27.83 -24.14 -28.61
N VAL H 177 29.06 -24.15 -28.11
CA VAL H 177 29.50 -23.18 -27.13
C VAL H 177 30.38 -22.12 -27.75
N SER H 178 29.87 -21.43 -28.76
CA SER H 178 30.68 -20.38 -29.39
C SER H 178 30.60 -19.18 -28.46
N THR H 179 31.35 -18.13 -28.80
CA THR H 179 31.34 -16.94 -27.98
C THR H 179 30.77 -15.78 -28.79
N ALA H 180 31.59 -15.23 -29.68
CA ALA H 180 31.15 -14.13 -30.53
C ALA H 180 29.81 -14.48 -31.13
N VAL H 181 29.01 -13.46 -31.39
CA VAL H 181 27.71 -13.65 -31.96
C VAL H 181 27.82 -13.96 -33.42
N VAL H 182 28.84 -13.41 -34.04
CA VAL H 182 29.10 -13.59 -35.45
C VAL H 182 30.00 -14.77 -35.83
N GLU H 183 30.88 -15.17 -34.91
CA GLU H 183 31.82 -16.29 -35.09
C GLU H 183 31.88 -16.89 -36.50
N PRO H 184 30.77 -17.51 -36.99
CA PRO H 184 30.81 -18.09 -38.34
C PRO H 184 31.22 -17.11 -39.43
N TYR H 185 30.69 -15.90 -39.40
CA TYR H 185 31.09 -14.93 -40.40
C TYR H 185 32.60 -14.90 -40.41
N ASN H 186 33.19 -14.78 -39.23
CA ASN H 186 34.64 -14.72 -39.09
C ASN H 186 35.40 -15.99 -39.41
N SER H 187 34.72 -17.14 -39.38
CA SER H 187 35.39 -18.41 -39.63
C SER H 187 35.14 -19.00 -40.99
N ILE H 188 34.12 -18.52 -41.68
CA ILE H 188 33.90 -19.04 -43.01
C ILE H 188 34.79 -18.18 -43.86
N LEU H 189 35.20 -17.05 -43.30
CA LEU H 189 36.06 -16.08 -43.99
C LEU H 189 37.53 -16.31 -43.79
N THR H 190 37.92 -16.91 -42.68
CA THR H 190 39.33 -17.16 -42.46
C THR H 190 39.69 -18.47 -43.15
N THR H 191 38.69 -19.30 -43.39
CA THR H 191 38.92 -20.58 -44.03
C THR H 191 39.14 -20.41 -45.54
N HIS H 192 38.27 -19.63 -46.17
CA HIS H 192 38.33 -19.42 -47.62
C HIS H 192 39.52 -18.64 -48.09
N THR H 193 39.98 -17.71 -47.24
CA THR H 193 41.11 -16.86 -47.59
C THR H 193 42.44 -17.54 -47.28
N THR H 194 42.44 -18.43 -46.29
CA THR H 194 43.67 -19.12 -45.91
C THR H 194 43.81 -20.44 -46.67
N LEU H 195 42.68 -21.03 -47.04
CA LEU H 195 42.63 -22.31 -47.74
C LEU H 195 43.63 -22.47 -48.86
N GLU H 196 43.70 -21.43 -49.68
CA GLU H 196 44.59 -21.43 -50.84
C GLU H 196 45.98 -20.91 -50.46
N HIS H 197 46.33 -21.03 -49.19
CA HIS H 197 47.62 -20.54 -48.72
C HIS H 197 48.34 -21.40 -47.68
N SER H 198 47.60 -22.21 -46.94
CA SER H 198 48.21 -23.06 -45.92
C SER H 198 48.70 -24.39 -46.49
N ASP H 199 49.55 -25.04 -45.72
CA ASP H 199 50.11 -26.32 -46.10
C ASP H 199 49.32 -27.42 -45.40
N CYS H 200 49.19 -27.27 -44.09
CA CYS H 200 48.47 -28.20 -43.24
C CYS H 200 47.92 -27.37 -42.10
N ALA H 201 46.62 -27.43 -41.90
CA ALA H 201 46.01 -26.68 -40.82
C ALA H 201 45.59 -27.60 -39.68
N PHE H 202 46.27 -27.50 -38.55
CA PHE H 202 45.91 -28.31 -37.40
C PHE H 202 44.71 -27.69 -36.73
N MET H 203 43.86 -28.53 -36.18
CA MET H 203 42.66 -28.04 -35.53
C MET H 203 42.45 -28.61 -34.15
N VAL H 204 42.14 -27.73 -33.22
CA VAL H 204 41.89 -28.08 -31.83
C VAL H 204 40.61 -27.34 -31.40
N ASP H 205 39.57 -28.11 -31.15
CA ASP H 205 38.26 -27.59 -30.79
C ASP H 205 38.19 -27.18 -29.33
N ASN H 206 37.95 -25.90 -29.07
CA ASN H 206 37.86 -25.41 -27.70
C ASN H 206 36.91 -26.19 -26.80
N GLU H 207 35.69 -26.43 -27.25
CA GLU H 207 34.72 -27.18 -26.44
C GLU H 207 35.12 -28.63 -26.23
N ALA H 208 35.31 -29.36 -27.33
CA ALA H 208 35.70 -30.76 -27.27
C ALA H 208 36.95 -31.00 -26.42
N ILE H 209 37.59 -29.93 -25.96
CA ILE H 209 38.76 -30.04 -25.10
C ILE H 209 38.25 -29.98 -23.67
N TYR H 210 37.15 -29.26 -23.47
CA TYR H 210 36.57 -29.16 -22.15
C TYR H 210 36.13 -30.54 -21.71
N ASP H 211 35.51 -31.27 -22.62
CA ASP H 211 35.06 -32.59 -22.30
C ASP H 211 36.21 -33.33 -21.70
N ILE H 212 37.36 -33.25 -22.37
CA ILE H 212 38.55 -33.93 -21.87
C ILE H 212 38.87 -33.46 -20.45
N CYS H 213 38.57 -32.21 -20.14
CA CYS H 213 38.85 -31.66 -18.81
C CYS H 213 37.81 -32.09 -17.78
N ARG H 214 36.66 -32.51 -18.29
CA ARG H 214 35.58 -32.96 -17.43
C ARG H 214 35.66 -34.47 -17.30
N ARG H 215 35.72 -35.16 -18.44
CA ARG H 215 35.75 -36.61 -18.50
C ARG H 215 37.09 -37.31 -18.33
N ASN H 216 38.18 -36.67 -18.78
CA ASN H 216 39.48 -37.30 -18.67
C ASN H 216 40.48 -36.55 -17.82
N LEU H 217 40.04 -36.04 -16.68
CA LEU H 217 40.94 -35.28 -15.84
C LEU H 217 40.13 -34.76 -14.66
N ASP H 218 38.82 -34.67 -14.88
CA ASP H 218 37.89 -34.23 -13.87
C ASP H 218 38.20 -32.85 -13.27
N ILE H 219 37.44 -31.86 -13.69
CA ILE H 219 37.56 -30.48 -13.23
C ILE H 219 36.53 -29.61 -13.94
N GLU H 220 35.62 -29.01 -13.17
CA GLU H 220 34.61 -28.16 -13.78
C GLU H 220 35.13 -26.72 -13.67
N ARG H 221 36.39 -26.63 -13.27
CA ARG H 221 37.09 -25.36 -13.10
C ARG H 221 38.23 -25.25 -14.15
N PRO H 222 37.89 -25.37 -15.44
CA PRO H 222 38.97 -25.27 -16.42
C PRO H 222 39.13 -23.83 -16.91
N THR H 223 40.22 -23.20 -16.50
CA THR H 223 40.50 -21.84 -16.93
C THR H 223 41.06 -21.93 -18.33
N TYR H 224 40.90 -20.86 -19.11
CA TYR H 224 41.44 -20.84 -20.46
C TYR H 224 42.88 -21.27 -20.33
N THR H 225 43.51 -20.81 -19.26
CA THR H 225 44.90 -21.13 -18.99
C THR H 225 45.18 -22.63 -18.99
N ASN H 226 44.13 -23.45 -19.02
CA ASN H 226 44.32 -24.88 -19.04
C ASN H 226 44.29 -25.40 -20.46
N LEU H 227 43.21 -25.12 -21.16
CA LEU H 227 43.08 -25.57 -22.53
C LEU H 227 44.38 -25.23 -23.21
N ASN H 228 44.93 -24.09 -22.83
CA ASN H 228 46.18 -23.64 -23.41
C ASN H 228 47.34 -24.60 -23.05
N ARG H 229 47.33 -25.08 -21.81
CA ARG H 229 48.37 -26.00 -21.34
C ARG H 229 48.27 -27.27 -22.13
N LEU H 230 47.05 -27.59 -22.53
CA LEU H 230 46.81 -28.79 -23.28
C LEU H 230 47.32 -28.64 -24.68
N ILE H 231 46.74 -27.75 -25.47
CA ILE H 231 47.26 -27.58 -26.83
C ILE H 231 48.75 -27.35 -26.62
N GLY H 232 49.05 -26.60 -25.57
CA GLY H 232 50.42 -26.29 -25.22
C GLY H 232 51.22 -27.56 -25.12
N GLN H 233 50.51 -28.69 -25.04
CA GLN H 233 51.14 -30.00 -24.95
C GLN H 233 51.18 -30.64 -26.33
N ILE H 234 50.00 -30.87 -26.89
CA ILE H 234 49.88 -31.47 -28.21
C ILE H 234 50.81 -30.77 -29.20
N VAL H 235 50.95 -29.45 -29.05
CA VAL H 235 51.81 -28.70 -29.93
C VAL H 235 53.27 -29.03 -29.66
N SER H 236 53.62 -29.21 -28.40
CA SER H 236 54.99 -29.52 -28.06
C SER H 236 55.44 -30.79 -28.73
N SER H 237 54.47 -31.65 -29.01
CA SER H 237 54.71 -32.94 -29.65
C SER H 237 54.94 -32.76 -31.15
N ILE H 238 54.39 -31.69 -31.69
CA ILE H 238 54.54 -31.40 -33.10
C ILE H 238 55.97 -30.91 -33.30
N THR H 239 56.18 -29.61 -33.14
CA THR H 239 57.48 -29.00 -33.35
C THR H 239 58.52 -29.44 -32.33
N ALA H 240 58.55 -28.73 -31.21
CA ALA H 240 59.51 -29.01 -30.14
C ALA H 240 60.28 -30.31 -30.30
N SER H 241 59.72 -31.38 -29.74
CA SER H 241 60.30 -32.72 -29.74
C SER H 241 60.61 -33.33 -31.10
N LEU H 242 59.76 -33.08 -32.08
CA LEU H 242 59.97 -33.67 -33.40
C LEU H 242 61.21 -33.09 -34.08
N ARG H 243 61.32 -31.77 -34.06
CA ARG H 243 62.47 -31.09 -34.64
C ARG H 243 63.67 -31.49 -33.80
N PHE H 244 63.39 -32.29 -32.77
CA PHE H 244 64.37 -32.81 -31.82
C PHE H 244 64.68 -34.27 -32.22
N ASP H 245 65.96 -34.61 -32.27
CA ASP H 245 66.45 -35.96 -32.63
C ASP H 245 65.61 -37.07 -32.03
N GLY H 246 65.66 -38.24 -32.63
CA GLY H 246 64.88 -39.36 -32.14
C GLY H 246 65.11 -40.61 -32.95
N ALA H 247 64.40 -41.68 -32.62
CA ALA H 247 64.55 -42.95 -33.32
C ALA H 247 63.77 -43.04 -34.62
N LEU H 248 62.93 -42.03 -34.89
CA LEU H 248 62.15 -42.00 -36.13
C LEU H 248 61.71 -40.60 -36.56
N ASN H 249 62.63 -39.64 -36.47
CA ASN H 249 62.38 -38.25 -36.82
C ASN H 249 61.33 -38.02 -37.89
N VAL H 250 60.66 -36.88 -37.77
CA VAL H 250 59.61 -36.45 -38.70
C VAL H 250 59.68 -34.94 -38.89
N ASP H 251 60.17 -34.52 -40.04
CA ASP H 251 60.32 -33.11 -40.40
C ASP H 251 58.93 -32.45 -40.59
N LEU H 252 58.88 -31.12 -40.62
CA LEU H 252 57.60 -30.45 -40.82
C LEU H 252 57.08 -30.81 -42.17
N THR H 253 57.92 -30.69 -43.18
CA THR H 253 57.49 -31.05 -44.53
C THR H 253 56.80 -32.39 -44.38
N GLU H 254 57.52 -33.37 -43.82
CA GLU H 254 57.00 -34.72 -43.60
C GLU H 254 55.50 -34.70 -43.43
N PHE H 255 55.05 -33.88 -42.49
CA PHE H 255 53.62 -33.78 -42.22
C PHE H 255 52.85 -33.61 -43.50
N GLN H 256 52.70 -32.36 -43.90
CA GLN H 256 51.96 -32.06 -45.10
C GLN H 256 52.07 -33.16 -46.16
N THR H 257 53.26 -33.74 -46.32
CA THR H 257 53.43 -34.80 -47.30
C THR H 257 52.63 -36.04 -46.88
N ASN H 258 52.98 -36.59 -45.73
CA ASN H 258 52.31 -37.78 -45.22
C ASN H 258 50.92 -37.49 -44.68
N LEU H 259 50.56 -36.21 -44.58
CA LEU H 259 49.26 -35.81 -44.02
C LEU H 259 48.19 -35.18 -44.91
N VAL H 260 48.56 -34.57 -46.02
CA VAL H 260 47.53 -34.01 -46.88
C VAL H 260 47.45 -34.76 -48.20
N PRO H 261 46.27 -35.29 -48.52
CA PRO H 261 46.14 -36.02 -49.76
C PRO H 261 45.87 -35.04 -50.85
N TYR H 262 45.32 -33.89 -50.50
CA TYR H 262 44.98 -32.89 -51.52
C TYR H 262 45.19 -31.42 -51.14
N PRO H 263 45.68 -30.63 -52.11
CA PRO H 263 45.97 -29.21 -52.00
C PRO H 263 45.14 -28.38 -51.05
N ARG H 264 43.88 -28.72 -50.85
CA ARG H 264 43.09 -27.93 -49.91
C ARG H 264 43.97 -27.99 -48.66
N GLY H 265 44.28 -26.83 -48.09
CA GLY H 265 45.13 -26.74 -46.90
C GLY H 265 44.70 -27.65 -45.78
N HIS H 266 44.14 -28.79 -46.20
CA HIS H 266 43.60 -29.81 -45.33
C HIS H 266 43.92 -29.69 -43.87
N PHE H 267 42.88 -29.92 -43.10
CA PHE H 267 42.92 -29.74 -41.68
C PHE H 267 42.85 -31.02 -40.86
N PRO H 268 43.99 -31.50 -40.38
CA PRO H 268 43.89 -32.71 -39.56
C PRO H 268 43.45 -32.29 -38.14
N LEU H 269 43.28 -33.26 -37.23
CA LEU H 269 42.85 -33.00 -35.86
C LEU H 269 43.94 -33.40 -34.88
N ALA H 270 44.11 -32.67 -33.80
CA ALA H 270 45.14 -33.03 -32.82
C ALA H 270 44.55 -33.88 -31.71
N THR H 271 45.31 -34.86 -31.26
CA THR H 271 44.85 -35.78 -30.21
C THR H 271 46.03 -36.13 -29.32
N TYR H 272 45.80 -36.31 -28.05
CA TYR H 272 46.90 -36.66 -27.18
C TYR H 272 46.50 -37.93 -26.42
N ALA H 273 47.46 -38.76 -26.02
CA ALA H 273 47.05 -39.97 -25.33
C ALA H 273 47.01 -39.94 -23.80
N PRO H 274 48.18 -39.92 -23.15
CA PRO H 274 48.10 -39.91 -21.67
C PRO H 274 47.56 -38.62 -21.11
N VAL H 275 45.50 -38.30 -21.11
CA VAL H 275 45.24 -37.04 -20.44
C VAL H 275 44.71 -37.49 -19.13
N ILE H 276 45.58 -37.49 -18.12
CA ILE H 276 45.17 -37.90 -16.79
C ILE H 276 45.68 -36.97 -15.69
N SER H 277 44.78 -36.65 -14.76
CA SER H 277 44.97 -35.59 -13.78
C SER H 277 45.96 -35.91 -12.69
N ALA H 278 46.77 -34.93 -12.29
CA ALA H 278 47.71 -35.10 -11.17
C ALA H 278 46.86 -35.35 -9.95
N GLU H 279 47.37 -36.08 -8.99
CA GLU H 279 46.50 -36.65 -7.97
C GLU H 279 46.17 -38.07 -8.40
N LYS H 280 46.07 -38.28 -9.71
CA LYS H 280 46.08 -39.63 -10.23
C LYS H 280 47.54 -40.02 -10.35
N ALA H 281 48.40 -39.01 -10.28
CA ALA H 281 49.82 -39.10 -10.63
C ALA H 281 50.57 -40.36 -10.21
N TYR H 282 50.08 -41.06 -9.19
CA TYR H 282 50.76 -42.24 -8.68
C TYR H 282 50.30 -43.55 -9.34
N HIS H 283 49.04 -43.61 -9.74
CA HIS H 283 48.46 -44.84 -10.31
C HIS H 283 49.41 -45.52 -11.30
N GLU H 284 49.42 -46.86 -11.35
CA GLU H 284 50.29 -47.63 -12.28
C GLU H 284 50.07 -47.08 -13.70
N GLN H 285 51.15 -46.82 -14.44
CA GLN H 285 51.08 -46.15 -15.75
C GLN H 285 50.30 -46.99 -16.81
N LEU H 286 49.91 -46.37 -17.92
CA LEU H 286 49.20 -47.10 -18.96
C LEU H 286 50.12 -47.73 -19.99
N SER H 287 49.67 -48.86 -20.53
CA SER H 287 50.41 -49.67 -21.48
C SER H 287 50.45 -49.03 -22.86
N VAL H 288 51.49 -49.38 -23.60
CA VAL H 288 51.68 -48.91 -24.96
C VAL H 288 50.45 -49.21 -25.80
N ALA H 289 49.75 -50.28 -25.45
CA ALA H 289 48.56 -50.71 -26.16
C ALA H 289 47.35 -49.84 -25.85
N GLU H 290 47.22 -49.47 -24.58
CA GLU H 290 46.09 -48.66 -24.09
C GLU H 290 46.07 -47.27 -24.70
N ILE H 291 47.22 -46.60 -24.67
CA ILE H 291 47.35 -45.26 -25.17
C ILE H 291 47.09 -45.30 -26.66
N THR H 292 47.74 -46.22 -27.34
CA THR H 292 47.46 -46.44 -28.74
C THR H 292 45.96 -46.53 -28.97
N ASN H 293 45.28 -47.30 -28.14
CA ASN H 293 43.85 -47.49 -28.31
C ASN H 293 43.00 -46.28 -27.99
N ALA H 294 43.41 -45.59 -26.94
CA ALA H 294 42.82 -44.32 -26.58
C ALA H 294 42.77 -43.37 -27.76
N CYS H 295 43.58 -43.62 -28.78
CA CYS H 295 43.70 -42.70 -29.91
C CYS H 295 42.55 -42.90 -30.86
N PHE H 296 41.88 -44.03 -30.72
CA PHE H 296 40.79 -44.29 -31.61
C PHE H 296 39.45 -44.08 -30.94
N GLU H 297 39.50 -43.39 -29.82
CA GLU H 297 38.28 -43.03 -29.12
C GLU H 297 37.86 -41.59 -29.43
N PRO H 298 36.70 -41.43 -30.05
CA PRO H 298 36.17 -40.10 -30.34
C PRO H 298 36.02 -39.22 -29.09
N ALA H 299 36.39 -39.72 -27.47
CA ALA H 299 36.36 -38.86 -26.30
C ALA H 299 37.74 -38.46 -25.86
N ASN H 300 38.60 -38.09 -26.80
CA ASN H 300 39.94 -37.69 -26.39
C ASN H 300 40.67 -37.04 -27.53
N GLN H 301 39.96 -36.26 -28.32
CA GLN H 301 40.60 -35.70 -29.47
C GLN H 301 40.63 -34.21 -29.72
N MET H 302 40.43 -33.42 -28.69
CA MET H 302 40.48 -31.98 -28.87
C MET H 302 39.74 -31.52 -30.12
N VAL H 303 38.56 -32.09 -30.37
CA VAL H 303 37.74 -31.71 -31.52
C VAL H 303 36.40 -32.43 -31.52
N LYS H 304 35.32 -31.65 -31.55
CA LYS H 304 33.97 -32.17 -31.53
C LYS H 304 33.60 -32.72 -32.90
N CYS H 305 34.49 -33.55 -33.44
CA CYS H 305 34.28 -34.13 -34.75
C CYS H 305 34.27 -35.64 -34.62
N ASP H 306 33.72 -36.11 -33.50
CA ASP H 306 33.61 -37.54 -33.21
C ASP H 306 33.56 -38.31 -34.53
N PRO H 307 34.43 -39.32 -34.71
CA PRO H 307 34.44 -40.10 -35.97
C PRO H 307 33.08 -40.73 -36.26
N ARG H 308 32.08 -39.84 -36.38
CA ARG H 308 30.70 -40.17 -36.64
C ARG H 308 30.53 -40.92 -37.95
N HIS H 309 31.60 -40.98 -38.74
CA HIS H 309 31.59 -41.66 -40.03
C HIS H 309 32.89 -41.36 -40.76
N GLY H 310 33.45 -40.20 -40.45
CA GLY H 310 34.68 -39.76 -41.09
C GLY H 310 35.78 -40.79 -41.07
N LYS H 311 36.08 -41.30 -42.26
CA LYS H 311 37.13 -42.30 -42.42
C LYS H 311 38.46 -41.59 -42.35
N TYR H 312 39.36 -42.09 -41.53
CA TYR H 312 40.67 -41.48 -41.46
C TYR H 312 41.25 -41.68 -42.86
N MET H 313 42.24 -40.87 -43.21
CA MET H 313 42.87 -41.00 -44.51
C MET H 313 44.37 -40.82 -44.38
N ALA H 314 44.82 -40.65 -43.14
CA ALA H 314 46.23 -40.48 -42.86
C ALA H 314 46.40 -39.97 -41.43
N CYS H 315 47.20 -40.70 -40.66
CA CYS H 315 47.45 -40.32 -39.28
C CYS H 315 48.95 -40.29 -39.05
N CYS H 316 49.40 -39.32 -38.27
CA CYS H 316 50.81 -39.19 -37.98
C CYS H 316 51.01 -39.44 -36.51
N LEU H 317 51.17 -40.69 -36.14
CA LEU H 317 51.33 -41.02 -34.74
C LEU H 317 52.67 -40.61 -34.19
N LEU H 318 52.72 -39.44 -33.57
CA LEU H 318 53.96 -38.97 -32.96
C LEU H 318 54.03 -39.48 -31.53
N TYR H 319 55.01 -40.34 -31.27
CA TYR H 319 55.21 -40.89 -29.95
C TYR H 319 56.42 -40.20 -29.37
N ARG H 320 56.54 -40.24 -28.06
CA ARG H 320 57.66 -39.63 -27.38
C ARG H 320 57.85 -40.37 -26.07
N GLY H 321 59.10 -40.55 -25.65
CA GLY H 321 59.35 -41.27 -24.42
C GLY H 321 59.87 -42.65 -24.71
N ASP H 322 59.76 -43.56 -23.73
CA ASP H 322 60.24 -44.93 -23.92
C ASP H 322 59.28 -45.80 -24.72
N VAL H 323 59.58 -45.95 -26.01
CA VAL H 323 58.75 -46.73 -26.92
C VAL H 323 59.57 -47.63 -27.87
N VAL H 324 59.27 -48.92 -27.85
CA VAL H 324 59.93 -49.91 -28.69
C VAL H 324 59.22 -49.96 -30.03
N PRO H 325 59.93 -49.66 -31.11
CA PRO H 325 59.38 -49.66 -32.47
C PRO H 325 58.49 -50.85 -32.80
N LYS H 326 58.75 -52.00 -32.18
CA LYS H 326 57.93 -53.18 -32.44
C LYS H 326 56.62 -52.95 -31.72
N ASP H 327 56.71 -52.44 -30.51
CA ASP H 327 55.52 -52.16 -29.72
C ASP H 327 54.55 -51.37 -30.58
N VAL H 328 55.10 -50.42 -31.33
CA VAL H 328 54.31 -49.58 -32.22
C VAL H 328 53.92 -50.38 -33.44
N ASN H 329 54.94 -50.89 -34.14
CA ASN H 329 54.74 -51.68 -35.34
C ASN H 329 54.10 -53.00 -34.90
N ALA H 330 53.02 -52.87 -34.14
CA ALA H 330 52.23 -53.98 -33.62
C ALA H 330 50.96 -53.39 -33.03
N ALA H 331 51.12 -52.39 -32.19
CA ALA H 331 50.00 -51.71 -31.57
C ALA H 331 49.20 -51.08 -32.69
N ILE H 332 49.90 -50.67 -33.74
CA ILE H 332 49.26 -50.07 -34.90
C ILE H 332 48.68 -51.18 -35.77
N ALA H 333 49.39 -52.29 -35.85
CA ALA H 333 48.95 -53.43 -36.65
C ALA H 333 47.61 -53.88 -36.12
N THR H 334 47.52 -54.03 -34.80
CA THR H 334 46.29 -54.44 -34.15
C THR H 334 45.15 -53.50 -34.58
N ILE H 335 45.46 -52.22 -34.63
CA ILE H 335 44.49 -51.21 -35.02
C ILE H 335 44.11 -51.39 -36.48
N LYS H 336 45.09 -51.41 -37.37
CA LYS H 336 44.82 -51.57 -38.79
C LYS H 336 43.80 -52.67 -39.07
N THR H 337 43.59 -53.54 -38.10
CA THR H 337 42.65 -54.64 -38.28
C THR H 337 41.46 -54.63 -37.32
N LYS H 338 41.06 -53.44 -36.89
CA LYS H 338 39.91 -53.30 -35.98
C LYS H 338 38.69 -52.99 -36.84
N ARG H 339 38.96 -52.64 -38.10
CA ARG H 339 37.94 -52.32 -39.10
C ARG H 339 36.90 -51.28 -38.70
N THR H 340 36.41 -51.36 -37.48
CA THR H 340 35.43 -50.39 -37.01
C THR H 340 36.10 -49.01 -37.00
N ILE H 341 37.38 -49.00 -37.39
CA ILE H 341 38.18 -47.78 -37.47
C ILE H 341 38.39 -47.41 -38.94
N GLN H 342 37.63 -48.07 -39.79
CA GLN H 342 37.64 -47.89 -41.25
C GLN H 342 38.45 -46.70 -41.81
N PHE H 343 39.53 -47.02 -42.52
CA PHE H 343 40.39 -46.04 -43.17
C PHE H 343 39.91 -45.88 -44.60
N VAL H 344 40.28 -44.78 -45.25
CA VAL H 344 39.82 -44.61 -46.62
C VAL H 344 40.21 -45.78 -47.49
N ASP H 345 39.56 -45.86 -48.65
CA ASP H 345 39.81 -46.93 -49.63
C ASP H 345 41.15 -46.73 -50.30
N TRP H 346 41.20 -45.68 -51.11
CA TRP H 346 42.40 -45.33 -51.86
C TRP H 346 43.63 -45.21 -51.01
N CYS H 347 43.54 -45.65 -49.78
CA CYS H 347 44.68 -45.55 -48.91
C CYS H 347 44.96 -46.89 -48.24
N PRO H 348 46.01 -47.57 -48.71
CA PRO H 348 46.42 -48.86 -48.16
C PRO H 348 46.80 -48.68 -46.72
N THR H 349 47.93 -48.02 -46.56
CA THR H 349 48.51 -47.71 -45.25
C THR H 349 48.68 -46.19 -45.12
N GLY H 350 48.10 -45.67 -44.06
CA GLY H 350 48.16 -44.24 -43.74
C GLY H 350 48.48 -44.07 -42.26
N PHE H 351 49.69 -44.46 -41.92
CA PHE H 351 50.18 -44.40 -40.55
C PHE H 351 51.66 -44.02 -40.50
N LYS H 352 51.87 -42.74 -40.30
CA LYS H 352 53.22 -42.17 -40.17
C LYS H 352 53.64 -42.25 -38.70
N VAL H 353 54.48 -43.22 -38.42
CA VAL H 353 54.97 -43.46 -37.06
C VAL H 353 56.20 -42.59 -36.77
N GLY H 354 55.97 -41.62 -35.92
CA GLY H 354 57.00 -40.67 -35.48
C GLY H 354 57.38 -40.98 -34.03
N ILE H 355 58.62 -41.38 -33.87
CA ILE H 355 59.17 -41.74 -32.55
C ILE H 355 60.26 -40.76 -32.13
N ASN H 356 60.04 -40.22 -30.95
CA ASN H 356 60.98 -39.31 -30.30
C ASN H 356 61.51 -40.02 -29.06
N TYR H 357 62.51 -39.43 -28.43
CA TYR H 357 63.11 -40.05 -27.25
C TYR H 357 62.55 -39.46 -25.95
N GLU H 358 63.02 -38.26 -25.66
CA GLU H 358 62.62 -37.54 -24.43
C GLU H 358 61.12 -37.66 -24.16
N PRO H 359 60.71 -38.21 -23.01
CA PRO H 359 59.30 -38.32 -22.66
C PRO H 359 58.67 -36.95 -22.59
N PRO H 360 57.33 -36.83 -22.43
CA PRO H 360 56.69 -35.51 -22.34
C PRO H 360 57.22 -34.73 -21.13
N THR H 361 56.71 -33.52 -20.94
CA THR H 361 57.13 -32.69 -19.82
C THR H 361 55.96 -31.87 -19.34
N VAL H 362 55.35 -32.35 -18.26
CA VAL H 362 54.18 -31.73 -17.67
C VAL H 362 54.51 -30.56 -16.75
N VAL H 363 53.62 -29.59 -16.74
CA VAL H 363 53.74 -28.42 -15.90
C VAL H 363 53.98 -28.94 -14.48
N PRO H 364 54.94 -28.33 -13.75
CA PRO H 364 55.30 -28.71 -12.39
C PRO H 364 54.12 -29.08 -11.50
N GLY H 365 53.05 -28.30 -11.59
CA GLY H 365 51.90 -28.56 -10.76
C GLY H 365 50.57 -28.10 -11.30
N GLY H 366 50.33 -28.34 -12.58
CA GLY H 366 49.06 -27.95 -13.17
C GLY H 366 48.03 -29.01 -12.81
N ASP H 367 47.75 -29.90 -13.75
CA ASP H 367 46.80 -30.99 -13.53
C ASP H 367 47.03 -32.13 -14.49
N LEU H 368 48.14 -32.06 -15.24
CA LEU H 368 48.49 -33.10 -16.20
C LEU H 368 49.27 -34.19 -15.48
N ALA H 369 48.79 -35.43 -15.63
CA ALA H 369 49.41 -36.59 -15.00
C ALA H 369 50.93 -36.54 -14.87
N LYS H 370 51.58 -36.82 -16.00
CA LYS H 370 53.04 -36.86 -16.16
C LYS H 370 53.47 -38.32 -16.29
N VAL H 371 53.30 -38.83 -17.50
CA VAL H 371 53.63 -40.21 -17.84
C VAL H 371 55.04 -40.24 -18.44
N GLN H 372 55.49 -41.42 -18.83
CA GLN H 372 56.80 -41.57 -19.45
C GLN H 372 56.65 -42.05 -20.87
N ARG H 373 55.64 -41.50 -21.55
CA ARG H 373 55.37 -41.83 -22.93
C ARG H 373 53.98 -41.32 -23.28
N ALA H 374 53.84 -40.78 -24.49
CA ALA H 374 52.57 -40.23 -24.95
C ALA H 374 52.44 -40.36 -26.45
N VAL H 375 51.21 -40.18 -26.94
CA VAL H 375 50.88 -40.28 -28.36
C VAL H 375 50.07 -39.10 -28.85
N CYS H 376 50.73 -38.17 -29.53
CA CYS H 376 50.07 -36.99 -30.09
C CYS H 376 49.81 -37.33 -31.54
N MET H 377 48.68 -37.99 -31.77
CA MET H 377 48.30 -38.39 -33.10
C MET H 377 47.38 -37.36 -33.69
N LEU H 378 47.70 -36.95 -34.90
CA LEU H 378 46.90 -35.99 -35.61
C LEU H 378 46.52 -36.68 -36.91
N SER H 379 45.46 -36.21 -37.54
CA SER H 379 45.01 -36.84 -38.77
C SER H 379 43.95 -36.11 -39.55
N ASN H 380 43.80 -36.51 -40.79
CA ASN H 380 42.78 -35.95 -41.68
C ASN H 380 41.70 -37.02 -41.63
N THR H 381 40.50 -36.60 -41.26
CA THR H 381 39.37 -37.52 -41.16
C THR H 381 38.21 -36.96 -41.93
N THR H 382 37.59 -37.81 -42.74
CA THR H 382 36.43 -37.41 -43.52
C THR H 382 35.37 -36.91 -42.54
N ALA H 383 35.73 -36.92 -41.28
CA ALA H 383 34.85 -36.51 -40.22
C ALA H 383 34.52 -35.06 -40.28
N ILE H 384 35.52 -34.21 -40.46
CA ILE H 384 35.27 -32.79 -40.50
C ILE H 384 34.19 -32.43 -41.51
N ALA H 385 33.82 -33.38 -42.37
CA ALA H 385 32.75 -33.15 -43.34
C ALA H 385 31.65 -32.56 -42.50
N GLU H 386 31.56 -33.06 -41.27
CA GLU H 386 30.59 -32.58 -40.30
C GLU H 386 30.99 -31.18 -39.91
N ALA H 387 31.81 -31.08 -38.87
CA ALA H 387 32.30 -29.81 -38.33
C ALA H 387 32.23 -28.60 -39.28
N TRP H 388 32.60 -28.79 -40.55
CA TRP H 388 32.54 -27.70 -41.52
C TRP H 388 31.07 -27.45 -41.81
N ALA H 389 30.37 -28.53 -42.13
CA ALA H 389 28.95 -28.47 -42.41
C ALA H 389 28.26 -27.63 -41.35
N ARG H 390 28.20 -28.16 -40.14
CA ARG H 390 27.59 -27.50 -39.00
C ARG H 390 28.01 -26.05 -38.78
N LEU H 391 29.14 -25.66 -39.33
CA LEU H 391 29.65 -24.31 -39.15
C LEU H 391 29.26 -23.44 -40.30
N ASP H 392 29.02 -24.10 -41.43
CA ASP H 392 28.65 -23.41 -42.65
C ASP H 392 27.20 -23.02 -42.51
N HIS H 393 26.38 -24.01 -42.16
CA HIS H 393 24.94 -23.83 -41.95
C HIS H 393 24.74 -22.60 -41.09
N LYS H 394 25.41 -22.56 -39.94
CA LYS H 394 25.36 -21.40 -39.04
C LYS H 394 25.32 -20.13 -39.86
N PHE H 395 26.43 -19.91 -40.55
CA PHE H 395 26.65 -18.77 -41.42
C PHE H 395 25.39 -18.36 -42.19
N ASP H 396 24.91 -19.27 -43.02
CA ASP H 396 23.73 -19.03 -43.83
C ASP H 396 22.62 -18.39 -43.02
N LEU H 397 22.19 -19.09 -42.00
CA LEU H 397 21.12 -18.59 -41.17
C LEU H 397 21.20 -17.08 -41.00
N MET H 398 22.37 -16.59 -40.61
CA MET H 398 22.56 -15.16 -40.39
C MET H 398 22.67 -14.37 -41.68
N TYR H 399 23.49 -14.85 -42.59
CA TYR H 399 23.65 -14.18 -43.87
C TYR H 399 22.27 -14.08 -44.50
N ALA H 400 21.51 -15.15 -44.35
CA ALA H 400 20.17 -15.22 -44.90
C ALA H 400 19.37 -13.97 -44.51
N LYS H 401 19.83 -13.27 -43.49
CA LYS H 401 19.15 -12.06 -43.00
C LYS H 401 20.11 -10.89 -42.91
N ARG H 402 21.32 -11.12 -43.40
CA ARG H 402 22.35 -10.11 -43.41
C ARG H 402 22.86 -9.80 -42.01
N ALA H 403 22.13 -10.26 -41.00
CA ALA H 403 22.50 -10.00 -39.63
C ALA H 403 23.56 -8.91 -39.54
N PHE H 404 24.68 -9.21 -38.90
CA PHE H 404 25.73 -8.21 -38.72
C PHE H 404 26.53 -7.94 -39.97
N VAL H 405 25.86 -7.84 -41.11
CA VAL H 405 26.59 -7.59 -42.33
C VAL H 405 27.06 -6.15 -42.41
N HIS H 406 26.19 -5.22 -42.06
CA HIS H 406 26.59 -3.83 -42.15
C HIS H 406 27.87 -3.53 -41.42
N TRP H 407 28.32 -4.46 -40.58
CA TRP H 407 29.52 -4.23 -39.83
C TRP H 407 30.75 -4.49 -40.63
N TYR H 408 30.62 -5.29 -41.68
CA TYR H 408 31.77 -5.59 -42.50
C TYR H 408 31.80 -4.69 -43.71
N VAL H 409 30.65 -4.59 -44.38
CA VAL H 409 30.54 -3.76 -45.56
C VAL H 409 31.18 -2.43 -45.25
N GLY H 410 30.72 -1.81 -44.17
CA GLY H 410 31.24 -0.53 -43.75
C GLY H 410 32.71 -0.64 -43.37
N GLU H 411 33.31 -1.77 -43.69
CA GLU H 411 34.70 -1.99 -43.37
C GLU H 411 35.47 -2.51 -44.57
N GLY H 412 35.05 -2.11 -45.76
CA GLY H 412 35.77 -2.53 -46.95
C GLY H 412 35.67 -3.99 -47.31
N MET H 413 34.43 -4.43 -47.53
CA MET H 413 34.09 -5.79 -47.92
C MET H 413 32.87 -5.61 -48.80
N GLU H 414 32.28 -6.70 -49.26
CA GLU H 414 31.13 -6.56 -50.12
C GLU H 414 30.27 -7.79 -50.08
N GLU H 415 29.12 -7.73 -50.74
CA GLU H 415 28.23 -8.89 -50.80
C GLU H 415 29.04 -9.98 -51.47
N GLY H 416 30.09 -9.55 -52.17
CA GLY H 416 30.93 -10.50 -52.85
C GLY H 416 31.63 -11.40 -51.86
N GLU H 417 32.65 -10.86 -51.20
CA GLU H 417 33.42 -11.65 -50.24
C GLU H 417 32.63 -12.62 -49.40
N PHE H 418 31.42 -12.27 -48.99
CA PHE H 418 30.65 -13.22 -48.19
C PHE H 418 30.14 -14.31 -49.12
N SER H 419 29.17 -13.97 -49.95
CA SER H 419 28.58 -14.93 -50.89
C SER H 419 29.63 -15.73 -51.64
N GLU H 420 30.74 -15.09 -51.97
CA GLU H 420 31.76 -15.78 -52.73
C GLU H 420 32.72 -16.60 -51.89
N ALA H 421 32.59 -16.53 -50.58
CA ALA H 421 33.44 -17.30 -49.65
C ALA H 421 32.58 -18.40 -49.09
N ARG H 422 31.29 -18.28 -49.34
CA ARG H 422 30.33 -19.25 -48.90
C ARG H 422 30.44 -20.33 -49.96
N GLU H 423 30.30 -19.93 -51.22
CA GLU H 423 30.43 -20.85 -52.34
C GLU H 423 31.74 -21.59 -52.15
N ASP H 424 32.74 -20.87 -51.67
CA ASP H 424 34.08 -21.42 -51.44
C ASP H 424 33.95 -22.69 -50.62
N MET H 425 33.61 -22.52 -49.35
CA MET H 425 33.47 -23.66 -48.47
C MET H 425 32.52 -24.70 -49.01
N ALA H 426 31.50 -24.28 -49.74
CA ALA H 426 30.56 -25.24 -50.30
C ALA H 426 31.35 -26.40 -50.92
N ALA H 427 32.34 -26.07 -51.75
CA ALA H 427 33.19 -27.06 -52.41
C ALA H 427 34.23 -27.63 -51.46
N LEU H 428 34.01 -27.43 -50.17
CA LEU H 428 34.89 -27.96 -49.14
C LEU H 428 34.06 -29.01 -48.42
N GLU H 429 32.75 -28.90 -48.64
CA GLU H 429 31.77 -29.82 -48.07
C GLU H 429 31.64 -30.96 -49.09
N LYS H 430 31.92 -30.65 -50.36
CA LYS H 430 31.85 -31.64 -51.42
C LYS H 430 33.20 -32.32 -51.49
N ASP H 431 34.25 -31.54 -51.28
CA ASP H 431 35.60 -32.07 -51.31
C ASP H 431 35.77 -33.14 -50.24
N TYR H 432 35.57 -32.76 -48.99
CA TYR H 432 35.71 -33.69 -47.87
C TYR H 432 34.72 -34.82 -47.93
N GLU H 433 33.82 -34.75 -48.93
CA GLU H 433 32.80 -35.78 -49.14
C GLU H 433 33.29 -36.73 -50.22
N GLU H 434 33.77 -36.17 -51.32
CA GLU H 434 34.27 -36.96 -52.43
C GLU H 434 35.51 -37.77 -52.11
N VAL H 435 36.49 -37.14 -51.47
CA VAL H 435 37.74 -37.83 -51.13
C VAL H 435 37.47 -38.99 -50.20
N GLY H 436 36.20 -39.21 -49.88
CA GLY H 436 35.84 -40.31 -49.01
C GLY H 436 34.42 -40.76 -49.31
N VAL H 437 33.87 -41.59 -48.43
CA VAL H 437 32.50 -42.10 -48.57
C VAL H 437 32.31 -42.85 -49.90
N ASP H 438 33.28 -42.73 -50.80
CA ASP H 438 33.20 -43.37 -52.11
C ASP H 438 34.44 -44.20 -52.44
N SER H 439 34.26 -45.24 -53.24
CA SER H 439 35.37 -46.13 -53.61
C SER H 439 35.53 -46.27 -55.12
N SER I 7 -21.34 -18.68 -7.34
CA SER I 7 -19.87 -18.86 -7.29
C SER I 7 -19.26 -18.34 -8.54
N ARG I 8 -17.94 -18.51 -8.68
CA ARG I 8 -17.21 -18.05 -9.82
C ARG I 8 -17.75 -18.76 -11.03
N GLN I 9 -18.03 -20.06 -10.88
CA GLN I 9 -18.50 -20.85 -11.97
C GLN I 9 -19.83 -20.34 -12.41
N GLU I 10 -20.74 -20.06 -11.45
CA GLU I 10 -22.06 -19.65 -11.80
C GLU I 10 -22.04 -18.31 -12.45
N LEU I 11 -21.25 -17.37 -11.89
CA LEU I 11 -21.22 -16.04 -12.42
C LEU I 11 -20.67 -16.04 -13.80
N LEU I 12 -19.58 -16.81 -14.02
CA LEU I 12 -18.95 -16.81 -15.30
C LEU I 12 -19.90 -17.34 -16.33
N ALA I 13 -20.67 -18.39 -15.97
CA ALA I 13 -21.58 -18.95 -16.93
C ALA I 13 -22.60 -17.92 -17.30
N TRP I 14 -23.10 -17.16 -16.31
CA TRP I 14 -24.10 -16.16 -16.54
C TRP I 14 -23.55 -15.10 -17.45
N ILE I 15 -22.35 -14.60 -17.14
CA ILE I 15 -21.75 -13.52 -17.87
C ILE I 15 -21.49 -13.94 -19.29
N ASN I 16 -20.97 -15.17 -19.50
CA ASN I 16 -20.62 -15.57 -20.84
C ASN I 16 -21.84 -15.65 -21.69
N GLN I 17 -22.96 -16.16 -21.14
CA GLN I 17 -24.15 -16.27 -21.93
C GLN I 17 -24.68 -14.89 -22.24
N VAL I 18 -24.67 -13.98 -21.25
CA VAL I 18 -25.26 -12.70 -21.48
C VAL I 18 -24.53 -11.90 -22.54
N THR I 19 -23.19 -11.80 -22.41
CA THR I 19 -22.29 -11.09 -23.28
C THR I 19 -21.84 -11.91 -24.46
N SER I 20 -22.08 -13.22 -24.47
CA SER I 20 -21.53 -14.03 -25.53
C SER I 20 -20.03 -13.96 -25.48
N LEU I 21 -19.46 -14.18 -24.28
CA LEU I 21 -18.03 -14.18 -24.07
C LEU I 21 -17.56 -15.56 -23.73
N GLY I 22 -16.25 -15.76 -23.96
CA GLY I 22 -15.38 -16.90 -23.75
C GLY I 22 -14.89 -17.13 -22.34
N LEU I 23 -14.91 -16.11 -21.47
CA LEU I 23 -14.24 -16.04 -20.18
C LEU I 23 -14.09 -17.35 -19.48
N THR I 24 -12.82 -17.74 -19.26
CA THR I 24 -12.43 -18.88 -18.48
C THR I 24 -12.45 -18.58 -17.01
N ARG I 25 -11.96 -17.38 -16.60
CA ARG I 25 -11.85 -17.10 -15.20
C ARG I 25 -12.27 -15.70 -14.90
N ILE I 26 -12.57 -15.47 -13.60
CA ILE I 26 -13.07 -14.23 -13.10
C ILE I 26 -12.07 -13.14 -13.31
N GLU I 27 -10.77 -13.48 -13.22
CA GLU I 27 -9.69 -12.53 -13.29
C GLU I 27 -9.79 -11.76 -14.59
N ASP I 28 -10.34 -12.37 -15.65
CA ASP I 28 -10.41 -11.79 -16.96
C ASP I 28 -11.20 -10.51 -16.92
N CYS I 29 -12.13 -10.39 -15.96
CA CYS I 29 -13.00 -9.25 -15.79
C CYS I 29 -12.22 -8.02 -15.42
N GLY I 30 -10.96 -8.20 -14.98
CA GLY I 30 -10.12 -7.13 -14.51
C GLY I 30 -9.95 -6.06 -15.56
N LYS I 31 -10.06 -6.43 -16.85
CA LYS I 31 -9.86 -5.54 -17.97
C LYS I 31 -10.85 -4.41 -17.95
N GLY I 32 -12.07 -4.66 -17.43
CA GLY I 32 -13.03 -3.60 -17.31
C GLY I 32 -13.92 -3.57 -18.53
N TYR I 33 -13.62 -4.34 -19.59
CA TYR I 33 -14.52 -4.24 -20.72
C TYR I 33 -15.86 -4.75 -20.35
N ALA I 34 -15.92 -5.95 -19.75
CA ALA I 34 -17.15 -6.63 -19.53
C ALA I 34 -18.02 -5.80 -18.65
N MET I 35 -17.41 -5.15 -17.65
CA MET I 35 -18.17 -4.35 -16.74
C MET I 35 -18.85 -3.26 -17.50
N ILE I 36 -18.14 -2.62 -18.46
CA ILE I 36 -18.76 -1.56 -19.21
C ILE I 36 -19.91 -2.07 -20.01
N GLN I 37 -19.76 -3.25 -20.66
CA GLN I 37 -20.81 -3.77 -21.49
C GLN I 37 -22.01 -4.15 -20.68
N ILE I 38 -21.81 -4.63 -19.44
CA ILE I 38 -22.93 -4.99 -18.63
C ILE I 38 -23.74 -3.75 -18.42
N PHE I 39 -23.07 -2.62 -18.15
CA PHE I 39 -23.75 -1.37 -17.94
C PHE I 39 -24.43 -0.98 -19.22
N ASP I 40 -23.82 -1.27 -20.37
CA ASP I 40 -24.40 -0.91 -21.64
C ASP I 40 -25.69 -1.64 -21.82
N SER I 41 -25.76 -2.92 -21.42
CA SER I 41 -26.98 -3.64 -21.63
C SER I 41 -28.08 -2.94 -20.89
N ILE I 42 -27.79 -2.43 -19.68
CA ILE I 42 -28.81 -1.76 -18.92
C ILE I 42 -29.16 -0.40 -19.45
N TYR I 43 -28.16 0.50 -19.55
CA TYR I 43 -28.30 1.87 -19.98
C TYR I 43 -28.34 2.10 -21.47
N GLN I 44 -27.44 1.40 -22.21
CA GLN I 44 -27.24 1.54 -23.64
C GLN I 44 -26.67 2.90 -24.00
N ASP I 45 -26.18 3.66 -23.01
CA ASP I 45 -25.53 4.94 -23.19
C ASP I 45 -24.03 4.88 -23.43
N ILE I 46 -23.37 3.74 -23.15
CA ILE I 46 -21.91 3.65 -23.13
C ILE I 46 -21.29 3.77 -24.50
N PRO I 47 -20.20 4.50 -24.56
CA PRO I 47 -19.46 4.57 -25.79
C PRO I 47 -18.72 3.28 -25.99
N LEU I 48 -19.37 2.31 -26.65
CA LEU I 48 -18.80 1.00 -26.82
C LEU I 48 -17.62 1.03 -27.74
N LYS I 49 -17.64 1.89 -28.76
CA LYS I 49 -16.56 1.89 -29.70
C LYS I 49 -15.29 2.23 -28.99
N LYS I 50 -15.39 3.11 -27.98
CA LYS I 50 -14.27 3.57 -27.19
C LYS I 50 -13.73 2.49 -26.30
N VAL I 51 -14.58 1.57 -25.83
CA VAL I 51 -14.10 0.61 -24.87
C VAL I 51 -13.20 -0.38 -25.55
N ASN I 52 -12.06 -0.70 -24.90
CA ASN I 52 -11.13 -1.65 -25.46
C ASN I 52 -11.57 -2.99 -24.99
N PHE I 53 -12.38 -3.65 -25.81
CA PHE I 53 -12.97 -4.93 -25.53
C PHE I 53 -11.91 -5.99 -25.37
N GLU I 54 -11.00 -6.06 -26.35
CA GLU I 54 -9.94 -7.03 -26.52
C GLU I 54 -8.77 -6.86 -25.59
N CYS I 55 -8.57 -5.63 -25.10
CA CYS I 55 -7.50 -5.10 -24.28
C CYS I 55 -6.50 -6.09 -23.76
N ASN I 56 -5.24 -5.93 -24.26
CA ASN I 56 -4.07 -6.60 -23.82
C ASN I 56 -3.33 -5.86 -22.72
N ASN I 57 -3.24 -4.52 -22.81
CA ASN I 57 -2.35 -3.77 -21.96
C ASN I 57 -3.11 -2.99 -20.92
N GLU I 58 -2.43 -2.68 -19.79
CA GLU I 58 -3.02 -2.04 -18.65
C GLU I 58 -3.52 -0.67 -18.99
N TYR I 59 -2.80 0.07 -19.85
CA TYR I 59 -3.17 1.43 -20.10
C TYR I 59 -4.55 1.40 -20.68
N GLN I 60 -4.85 0.37 -21.49
CA GLN I 60 -6.13 0.23 -22.11
C GLN I 60 -7.18 -0.01 -21.05
N TYR I 61 -6.83 -0.77 -20.00
CA TYR I 61 -7.78 -1.09 -18.97
C TYR I 61 -8.24 0.18 -18.34
N ILE I 62 -7.30 1.13 -18.15
CA ILE I 62 -7.62 2.32 -17.44
C ILE I 62 -8.70 3.06 -18.17
N ASN I 63 -8.66 3.07 -19.52
CA ASN I 63 -9.66 3.77 -20.26
C ASN I 63 -11.00 3.15 -20.02
N ASN I 64 -11.05 1.81 -19.94
CA ASN I 64 -12.32 1.16 -19.73
C ASN I 64 -12.87 1.58 -18.41
N TRP I 65 -12.00 1.70 -17.38
CA TRP I 65 -12.40 2.05 -16.05
C TRP I 65 -12.96 3.44 -16.05
N LYS I 66 -12.31 4.36 -16.79
CA LYS I 66 -12.76 5.72 -16.82
C LYS I 66 -14.13 5.77 -17.39
N VAL I 67 -14.37 4.97 -18.45
CA VAL I 67 -15.64 4.94 -19.10
C VAL I 67 -16.65 4.43 -18.12
N LEU I 68 -16.29 3.40 -17.35
CA LEU I 68 -17.19 2.82 -16.39
C LEU I 68 -17.49 3.85 -15.35
N GLN I 69 -16.47 4.59 -14.89
CA GLN I 69 -16.66 5.56 -13.86
C GLN I 69 -17.62 6.61 -14.34
N GLN I 70 -17.48 7.03 -15.62
CA GLN I 70 -18.32 8.07 -16.12
C GLN I 70 -19.74 7.62 -16.13
N VAL I 71 -19.99 6.35 -16.49
CA VAL I 71 -21.35 5.90 -16.57
C VAL I 71 -21.96 5.97 -15.20
N PHE I 72 -21.21 5.57 -14.16
CA PHE I 72 -21.73 5.61 -12.82
C PHE I 72 -22.10 7.01 -12.48
N LEU I 73 -21.21 7.97 -12.79
CA LEU I 73 -21.45 9.35 -12.44
C LEU I 73 -22.64 9.87 -13.18
N LYS I 74 -22.76 9.56 -14.49
CA LYS I 74 -23.82 10.13 -15.26
C LYS I 74 -25.13 9.69 -14.66
N LYS I 75 -25.25 8.39 -14.38
CA LYS I 75 -26.44 7.80 -13.83
C LYS I 75 -26.66 8.18 -12.41
N GLY I 76 -25.59 8.52 -11.65
CA GLY I 76 -25.83 8.84 -10.27
C GLY I 76 -25.79 7.57 -9.49
N ILE I 77 -24.96 6.61 -9.93
CA ILE I 77 -24.85 5.34 -9.26
C ILE I 77 -23.84 5.52 -8.17
N ASP I 78 -24.31 5.27 -6.93
CA ASP I 78 -23.59 5.45 -5.69
C ASP I 78 -22.48 4.44 -5.52
N LYS I 79 -22.67 3.21 -6.05
CA LYS I 79 -21.78 2.11 -5.82
C LYS I 79 -20.36 2.52 -6.08
N VAL I 80 -19.42 2.05 -5.21
CA VAL I 80 -18.03 2.40 -5.30
C VAL I 80 -17.33 1.53 -6.29
N VAL I 81 -16.33 2.09 -7.00
CA VAL I 81 -15.55 1.32 -7.93
C VAL I 81 -14.11 1.61 -7.64
N ASP I 82 -13.37 0.60 -7.11
CA ASP I 82 -11.99 0.83 -6.81
C ASP I 82 -11.17 0.25 -7.92
N PRO I 83 -10.91 1.08 -8.90
CA PRO I 83 -10.17 0.68 -10.08
C PRO I 83 -8.84 0.10 -9.73
N GLU I 84 -8.15 0.64 -8.70
CA GLU I 84 -6.82 0.19 -8.44
C GLU I 84 -6.84 -1.26 -8.13
N ARG I 85 -7.85 -1.71 -7.37
CA ARG I 85 -7.96 -3.10 -6.99
C ARG I 85 -8.30 -3.97 -8.17
N LEU I 86 -9.30 -3.56 -8.97
CA LEU I 86 -9.82 -4.35 -10.06
C LEU I 86 -8.86 -4.49 -11.22
N SER I 87 -8.14 -3.40 -11.57
CA SER I 87 -7.30 -3.39 -12.74
C SER I 87 -6.19 -4.39 -12.63
N ARG I 88 -5.87 -4.83 -11.41
CA ARG I 88 -4.84 -5.80 -11.11
C ARG I 88 -5.26 -7.13 -11.64
N CYS I 89 -6.57 -7.33 -11.85
CA CYS I 89 -7.10 -8.59 -12.30
C CYS I 89 -6.99 -9.62 -11.22
N LYS I 90 -7.07 -9.18 -9.94
CA LYS I 90 -7.07 -10.09 -8.83
C LYS I 90 -8.44 -10.71 -8.75
N MET I 91 -8.51 -12.00 -8.36
CA MET I 91 -9.77 -12.70 -8.36
C MET I 91 -10.78 -12.18 -7.39
N GLN I 92 -10.40 -11.92 -6.12
CA GLN I 92 -11.37 -11.57 -5.12
C GLN I 92 -12.07 -10.29 -5.43
N ASP I 93 -11.31 -9.26 -5.83
CA ASP I 93 -11.89 -7.95 -6.05
C ASP I 93 -12.88 -8.04 -7.17
N ASN I 94 -12.51 -8.71 -8.26
CA ASN I 94 -13.37 -8.81 -9.42
C ASN I 94 -14.57 -9.64 -9.12
N LEU I 95 -14.40 -10.68 -8.29
CA LEU I 95 -15.50 -11.54 -7.99
C LEU I 95 -16.56 -10.72 -7.33
N GLU I 96 -16.15 -9.88 -6.37
CA GLU I 96 -17.07 -9.10 -5.59
C GLU I 96 -17.79 -8.11 -6.47
N PHE I 97 -17.06 -7.44 -7.38
CA PHE I 97 -17.63 -6.41 -8.21
C PHE I 97 -18.64 -7.03 -9.14
N VAL I 98 -18.30 -8.20 -9.72
CA VAL I 98 -19.16 -8.86 -10.66
C VAL I 98 -20.43 -9.25 -9.97
N GLN I 99 -20.34 -9.69 -8.71
CA GLN I 99 -21.52 -10.12 -8.02
C GLN I 99 -22.46 -8.96 -7.89
N TRP I 100 -21.94 -7.77 -7.55
CA TRP I 100 -22.77 -6.62 -7.40
C TRP I 100 -23.40 -6.26 -8.72
N ALA I 101 -22.61 -6.34 -9.80
CA ALA I 101 -23.09 -5.94 -11.10
C ALA I 101 -24.25 -6.79 -11.49
N LYS I 102 -24.19 -8.11 -11.20
CA LYS I 102 -25.25 -8.97 -11.59
C LYS I 102 -26.51 -8.53 -10.93
N ARG I 103 -26.42 -8.14 -9.64
CA ARG I 103 -27.59 -7.74 -8.91
C ARG I 103 -28.16 -6.52 -9.55
N PHE I 104 -27.27 -5.59 -9.96
CA PHE I 104 -27.65 -4.34 -10.53
C PHE I 104 -28.40 -4.62 -11.80
N TRP I 105 -27.87 -5.56 -12.62
CA TRP I 105 -28.46 -5.90 -13.88
C TRP I 105 -29.81 -6.48 -13.66
N ASP I 106 -29.95 -7.38 -12.66
CA ASP I 106 -31.20 -8.04 -12.47
C ASP I 106 -32.25 -7.03 -12.21
N GLN I 107 -32.00 -6.07 -11.31
CA GLN I 107 -33.05 -5.13 -11.03
C GLN I 107 -33.31 -4.18 -12.18
N TYR I 108 -32.24 -3.57 -12.74
CA TYR I 108 -32.31 -2.53 -13.75
C TYR I 108 -32.68 -2.98 -15.15
N TYR I 109 -32.19 -4.14 -15.60
CA TYR I 109 -32.34 -4.50 -17.00
C TYR I 109 -33.79 -4.53 -17.39
N PRO I 110 -34.07 -3.84 -18.48
CA PRO I 110 -35.40 -3.75 -19.04
C PRO I 110 -35.70 -4.91 -19.93
N GLY I 111 -36.95 -4.96 -20.44
CA GLY I 111 -37.46 -6.00 -21.30
C GLY I 111 -36.75 -6.03 -22.63
N GLY I 112 -36.34 -4.85 -23.14
CA GLY I 112 -35.79 -4.75 -24.47
C GLY I 112 -34.65 -5.72 -24.61
N ASP I 113 -34.52 -6.28 -25.83
CA ASP I 113 -33.48 -7.23 -26.11
C ASP I 113 -32.20 -6.49 -26.33
N TYR I 114 -31.07 -7.16 -26.06
CA TYR I 114 -29.79 -6.54 -26.18
C TYR I 114 -28.94 -7.41 -27.05
N ASP I 115 -28.23 -6.80 -28.03
CA ASP I 115 -27.39 -7.56 -28.92
C ASP I 115 -25.98 -7.18 -28.59
N ALA I 116 -25.31 -8.03 -27.78
CA ALA I 116 -23.98 -7.78 -27.30
C ALA I 116 -23.00 -7.72 -28.43
N LEU I 117 -23.13 -8.62 -29.42
CA LEU I 117 -22.19 -8.69 -30.49
C LEU I 117 -22.23 -7.43 -31.31
N ALA I 118 -23.45 -6.98 -31.68
CA ALA I 118 -23.62 -5.83 -32.53
C ALA I 118 -23.09 -4.62 -31.84
N ARG I 119 -23.35 -4.49 -30.53
CA ARG I 119 -22.97 -3.33 -29.78
C ARG I 119 -21.47 -3.20 -29.81
N ARG I 120 -20.77 -4.34 -29.74
CA ARG I 120 -19.35 -4.43 -29.80
C ARG I 120 -18.84 -4.16 -31.17
N GLY I 121 -19.68 -4.40 -32.20
CA GLY I 121 -19.14 -4.24 -33.51
C GLY I 121 -18.48 -5.52 -33.85
N ASN I 122 -18.98 -6.61 -33.21
CA ASN I 122 -18.51 -7.94 -33.44
C ASN I 122 -17.06 -8.05 -33.07
N ARG I 123 -16.64 -7.41 -31.96
CA ARG I 123 -15.26 -7.53 -31.60
C ARG I 123 -15.09 -8.60 -30.53
N GLY I 124 -14.61 -9.72 -30.91
#